data_9IJF
#
_entry.id   9IJF
#
_cell.length_a   94.163
_cell.length_b   101.068
_cell.length_c   157.411
_cell.angle_alpha   76.310
_cell.angle_beta   88.051
_cell.angle_gamma   62.283
#
_symmetry.space_group_name_H-M   'P 1'
#
loop_
_entity.id
_entity.type
_entity.pdbx_description
1 polymer 'Putative AMP-binding enzyme'
2 water water
#
_entity_poly.entity_id   1
_entity_poly.type   'polypeptide(L)'
_entity_poly.pdbx_seq_one_letter_code
;MNHKVHHHHHHIEGRHMITKEERAQINADPELGAGNVLHRLRAYGRPTDRPVLWTDGTWRAPDGSHPEVITLGELYEYVE
TYAGFYHGKGIRPRDVVGVLTASSTEFAINFMAINSLGAIPSFANAKLRPEIAREYIRRQGASGAVTDTERHEVLAGGEL
GFVVTAEDIRPEHRAQLPQGWPYRHDPTDPIIISHSSGTTGMPKAVPHTHQTLLYAQLHRLKLSVGGSMGRLLVALPGNH
NAAMSVMMFGLLLDSPVYLQSSQRGSDVLDAIEKFKPTTVFGFSGTYGQIATSDLSTRDMSSIEAYYNTGDAAHEAHIRV
LVAQGSHEEIGPDFKPVRVPGSVFTDGLGSSETGYSIFHNGHKPGSASFGRCIGKPMSFAQAAVLSEDGRPLPAGEVGRL
GVRSPTLTPGYWNDSLTWHKLRLGGYWLTGDLAMQDAEGNFYHLDRAPDAIRTEAGIVFSTRTEELLLASLPELADCTVT
AIAEEGVRADWDGDGVAEAYVLLQFTDGAREPGDLTGWVNEVLAGQGFPPVTRALRMDSTDVSTGVTGKVLKRVMRERAR
ELVARADQG
;
_entity_poly.pdbx_strand_id   A,B,D,E,F,G,H,I
#
# COMPACT_ATOMS: atom_id res chain seq x y z
N ILE A 18 25.18 53.23 20.42
CA ILE A 18 25.01 51.86 19.95
C ILE A 18 23.53 51.50 19.87
N THR A 19 23.11 51.08 18.68
CA THR A 19 21.70 51.07 18.30
C THR A 19 20.96 49.88 18.91
N LYS A 20 19.63 49.95 18.81
CA LYS A 20 18.79 48.83 19.21
C LYS A 20 18.98 47.63 18.27
N GLU A 21 19.30 47.88 16.99
CA GLU A 21 19.57 46.76 16.09
C GLU A 21 20.89 46.09 16.42
N GLU A 22 21.90 46.88 16.76
CA GLU A 22 23.18 46.30 17.19
C GLU A 22 23.02 45.51 18.47
N ARG A 23 22.38 46.13 19.48
CA ARG A 23 22.12 45.45 20.75
C ARG A 23 21.36 44.14 20.54
N ALA A 24 20.53 44.05 19.50
CA ALA A 24 19.86 42.80 19.18
C ALA A 24 20.76 41.84 18.41
N GLN A 25 21.67 42.38 17.59
CA GLN A 25 22.71 41.55 16.98
C GLN A 25 23.50 40.80 18.06
N ILE A 26 23.98 41.52 19.09
CA ILE A 26 24.68 40.89 20.20
C ILE A 26 23.79 39.87 20.89
N ASN A 27 22.59 40.31 21.31
CA ASN A 27 21.76 39.53 22.24
C ASN A 27 21.20 38.26 21.63
N ALA A 28 21.27 38.09 20.30
CA ALA A 28 20.80 36.90 19.61
C ALA A 28 21.94 36.14 18.92
N ASP A 29 23.17 36.25 19.46
CA ASP A 29 24.37 35.67 18.87
C ASP A 29 24.80 34.45 19.68
N PRO A 30 24.37 33.24 19.31
CA PRO A 30 24.59 32.09 20.20
C PRO A 30 26.06 31.73 20.35
N GLU A 31 26.91 32.27 19.47
CA GLU A 31 28.33 31.96 19.43
C GLU A 31 29.19 32.92 20.24
N LEU A 32 28.67 34.08 20.60
CA LEU A 32 29.47 35.12 21.24
C LEU A 32 29.85 34.74 22.67
N GLY A 33 31.14 34.84 22.99
CA GLY A 33 31.59 34.58 24.34
C GLY A 33 32.97 35.18 24.56
N ALA A 34 33.52 34.93 25.75
CA ALA A 34 34.74 35.61 26.14
C ALA A 34 35.97 35.11 25.37
N GLY A 35 35.82 34.06 24.57
CA GLY A 35 36.90 33.60 23.72
C GLY A 35 36.85 34.08 22.29
N ASN A 36 35.88 34.92 21.93
CA ASN A 36 35.74 35.33 20.53
C ASN A 36 35.05 36.68 20.34
N VAL A 37 34.98 37.55 21.35
CA VAL A 37 34.39 38.89 21.19
C VAL A 37 34.96 39.62 19.98
N LEU A 38 36.28 39.57 19.78
CA LEU A 38 36.90 40.28 18.65
C LEU A 38 36.40 39.74 17.30
N HIS A 39 36.29 38.43 17.15
CA HIS A 39 35.85 37.90 15.88
C HIS A 39 34.35 38.11 15.66
N ARG A 40 33.58 38.33 16.73
CA ARG A 40 32.18 38.67 16.53
C ARG A 40 32.00 40.11 16.06
N LEU A 41 32.86 41.03 16.52
CA LEU A 41 32.89 42.36 15.95
C LEU A 41 33.05 42.30 14.43
N ARG A 42 34.00 41.47 13.95
CA ARG A 42 34.21 41.32 12.52
C ARG A 42 32.98 40.72 11.83
N ALA A 43 32.38 39.68 12.44
CA ALA A 43 31.12 39.18 11.92
C ALA A 43 30.07 40.29 11.85
N TYR A 44 30.00 41.15 12.87
CA TYR A 44 28.97 42.18 12.92
C TYR A 44 29.17 43.28 11.87
N GLY A 45 30.40 43.44 11.37
CA GLY A 45 30.70 44.49 10.43
C GLY A 45 31.05 45.82 11.03
N ARG A 46 31.41 45.88 12.31
CA ARG A 46 31.80 47.13 12.95
C ARG A 46 32.85 47.85 12.11
N PRO A 47 32.74 49.17 11.94
CA PRO A 47 33.76 49.90 11.20
C PRO A 47 35.14 49.57 11.73
N THR A 48 36.09 49.26 10.84
CA THR A 48 37.42 48.94 11.31
C THR A 48 38.37 50.14 11.29
N ASP A 49 37.89 51.33 10.96
CA ASP A 49 38.71 52.53 11.08
C ASP A 49 38.50 53.21 12.43
N ARG A 50 37.54 52.75 13.20
CA ARG A 50 37.16 53.36 14.47
C ARG A 50 38.14 52.98 15.57
N PRO A 51 38.66 53.95 16.31
CA PRO A 51 39.46 53.64 17.50
C PRO A 51 38.62 52.96 18.58
N VAL A 52 39.15 51.87 19.14
CA VAL A 52 38.40 51.07 20.10
C VAL A 52 39.16 50.91 21.39
N LEU A 53 40.50 50.94 21.33
CA LEU A 53 41.31 50.59 22.49
C LEU A 53 42.40 51.64 22.70
N TRP A 54 42.49 52.17 23.93
CA TRP A 54 43.43 53.23 24.29
C TRP A 54 44.42 52.71 25.34
N THR A 55 45.71 53.00 25.18
CA THR A 55 46.72 52.40 26.04
C THR A 55 47.64 53.46 26.66
N ASP A 56 48.52 52.95 27.53
CA ASP A 56 49.61 53.71 28.16
C ASP A 56 50.95 53.46 27.48
N GLY A 57 50.94 52.98 26.23
CA GLY A 57 52.14 52.81 25.45
C GLY A 57 53.13 51.83 26.02
N THR A 58 52.76 51.02 27.01
CA THR A 58 53.70 50.07 27.59
C THR A 58 53.83 48.78 26.79
N TRP A 59 53.06 48.63 25.70
CA TRP A 59 53.09 47.42 24.91
C TRP A 59 53.73 47.69 23.55
N ARG A 60 54.70 46.85 23.19
CA ARG A 60 55.41 46.94 21.93
C ARG A 60 54.66 46.13 20.86
N ALA A 61 54.20 46.82 19.82
CA ALA A 61 53.52 46.18 18.71
C ALA A 61 54.52 45.35 17.88
N PRO A 62 54.05 44.53 16.93
CA PRO A 62 55.00 43.70 16.18
C PRO A 62 55.96 44.49 15.32
N ASP A 63 55.62 45.72 14.93
CA ASP A 63 56.43 46.53 14.05
C ASP A 63 57.42 47.42 14.80
N GLY A 64 57.44 47.37 16.13
CA GLY A 64 58.32 48.20 16.94
C GLY A 64 57.64 49.38 17.60
N SER A 65 56.49 49.82 17.08
CA SER A 65 55.83 50.98 17.64
C SER A 65 55.18 50.66 18.98
N HIS A 66 54.79 51.71 19.72
CA HIS A 66 54.12 51.56 21.00
C HIS A 66 52.78 52.28 20.91
N PRO A 67 51.78 51.65 20.31
CA PRO A 67 50.54 52.37 19.97
C PRO A 67 49.76 52.83 21.20
N GLU A 68 49.39 54.10 21.20
CA GLU A 68 48.58 54.65 22.28
C GLU A 68 47.10 54.54 21.97
N VAL A 69 46.74 54.56 20.70
CA VAL A 69 45.36 54.32 20.24
C VAL A 69 45.40 53.23 19.20
N ILE A 70 44.44 52.31 19.26
CA ILE A 70 44.41 51.18 18.34
C ILE A 70 43.03 51.09 17.73
N THR A 71 42.98 51.07 16.39
CA THR A 71 41.74 50.85 15.69
C THR A 71 41.34 49.38 15.77
N LEU A 72 40.03 49.15 15.66
CA LEU A 72 39.49 47.80 15.55
C LEU A 72 40.20 46.97 14.49
N GLY A 73 40.52 47.60 13.35
CA GLY A 73 41.25 46.89 12.31
C GLY A 73 42.71 46.63 12.68
N GLU A 74 43.36 47.59 13.34
CA GLU A 74 44.73 47.38 13.82
C GLU A 74 44.77 46.25 14.86
N LEU A 75 43.78 46.22 15.75
CA LEU A 75 43.59 45.10 16.66
C LEU A 75 43.58 43.77 15.91
N TYR A 76 42.67 43.61 14.91
CA TYR A 76 42.65 42.38 14.10
C TYR A 76 44.04 42.00 13.63
N GLU A 77 44.83 42.99 13.26
CA GLU A 77 46.15 42.73 12.72
C GLU A 77 47.09 42.25 13.82
N TYR A 78 47.05 42.89 14.99
CA TYR A 78 47.94 42.49 16.07
C TYR A 78 47.63 41.06 16.53
N VAL A 79 46.34 40.74 16.70
CA VAL A 79 45.95 39.43 17.20
C VAL A 79 46.24 38.35 16.16
N GLU A 80 46.00 38.64 14.87
CA GLU A 80 46.32 37.66 13.81
C GLU A 80 47.82 37.36 13.79
N THR A 81 48.65 38.40 13.99
CA THR A 81 50.09 38.24 14.00
C THR A 81 50.54 37.43 15.20
N TYR A 82 49.96 37.70 16.38
CA TYR A 82 50.32 36.93 17.57
C TYR A 82 49.84 35.49 17.46
N ALA A 83 48.61 35.28 16.97
CA ALA A 83 48.10 33.92 16.86
C ALA A 83 48.91 33.15 15.83
N GLY A 84 49.30 33.81 14.73
CA GLY A 84 50.19 33.17 13.78
C GLY A 84 51.54 32.81 14.37
N PHE A 85 52.09 33.70 15.21
CA PHE A 85 53.31 33.39 15.95
C PHE A 85 53.15 32.14 16.80
N TYR A 86 52.13 32.13 17.67
CA TYR A 86 51.99 31.04 18.64
C TYR A 86 51.72 29.70 17.97
N HIS A 87 50.84 29.69 16.95
CA HIS A 87 50.69 28.48 16.12
C HIS A 87 52.03 28.04 15.54
N GLY A 88 52.86 29.00 15.11
CA GLY A 88 54.19 28.66 14.63
C GLY A 88 55.06 28.03 15.70
N LYS A 89 55.07 28.61 16.92
CA LYS A 89 55.86 27.98 17.99
C LYS A 89 55.26 26.60 18.47
N GLY A 90 54.28 25.92 17.85
CA GLY A 90 53.74 24.67 18.35
C GLY A 90 52.45 24.72 19.16
N ILE A 91 51.90 25.91 19.46
CA ILE A 91 50.71 26.03 20.32
C ILE A 91 49.44 25.54 19.62
N ARG A 92 48.64 24.76 20.34
CA ARG A 92 47.51 24.02 19.81
C ARG A 92 46.31 24.23 20.72
N PRO A 93 45.08 23.96 20.25
CA PRO A 93 43.93 24.10 21.15
C PRO A 93 44.16 23.27 22.42
N ARG A 94 43.76 23.84 23.56
CA ARG A 94 43.81 23.26 24.90
C ARG A 94 45.19 23.33 25.55
N ASP A 95 46.24 23.76 24.82
CA ASP A 95 47.51 24.08 25.46
C ASP A 95 47.40 25.34 26.31
N VAL A 96 48.24 25.42 27.35
CA VAL A 96 48.31 26.55 28.27
C VAL A 96 49.59 27.33 27.97
N VAL A 97 49.48 28.66 27.87
CA VAL A 97 50.60 29.57 27.65
C VAL A 97 50.57 30.62 28.74
N GLY A 98 51.65 30.71 29.52
CA GLY A 98 51.73 31.71 30.59
C GLY A 98 51.98 33.10 30.04
N VAL A 99 51.47 34.10 30.75
CA VAL A 99 51.62 35.50 30.39
C VAL A 99 52.03 36.22 31.67
N LEU A 100 53.30 36.60 31.76
CA LEU A 100 53.88 37.24 32.95
C LEU A 100 54.33 38.64 32.54
N THR A 101 53.52 39.65 32.85
CA THR A 101 53.76 41.00 32.35
C THR A 101 53.13 42.02 33.28
N ALA A 102 53.67 43.24 33.22
CA ALA A 102 53.10 44.36 33.97
C ALA A 102 52.12 45.16 33.13
N SER A 103 52.17 45.01 31.82
CA SER A 103 51.40 45.84 30.88
C SER A 103 49.99 45.27 30.68
N SER A 104 48.97 46.09 30.92
CA SER A 104 47.60 45.63 30.69
C SER A 104 47.33 45.42 29.20
N THR A 105 47.92 46.24 28.33
CA THR A 105 47.71 46.05 26.89
C THR A 105 48.35 44.75 26.42
N GLU A 106 49.49 44.41 26.99
CA GLU A 106 50.15 43.15 26.64
C GLU A 106 49.32 41.95 27.09
N PHE A 107 48.73 42.02 28.30
CA PHE A 107 47.79 41.00 28.73
C PHE A 107 46.63 40.87 27.76
N ALA A 108 46.15 42.00 27.23
CA ALA A 108 44.98 41.98 26.36
C ALA A 108 45.31 41.38 24.99
N ILE A 109 46.44 41.77 24.38
CA ILE A 109 46.78 41.24 23.06
C ILE A 109 47.00 39.74 23.15
N ASN A 110 47.68 39.28 24.20
CA ASN A 110 48.01 37.87 24.26
C ASN A 110 46.78 37.05 24.61
N PHE A 111 45.93 37.59 25.48
CA PHE A 111 44.66 36.95 25.78
C PHE A 111 43.88 36.66 24.49
N MET A 112 43.64 37.69 23.69
CA MET A 112 42.82 37.51 22.49
C MET A 112 43.50 36.59 21.48
N ALA A 113 44.83 36.72 21.34
CA ALA A 113 45.58 35.93 20.37
C ALA A 113 45.70 34.45 20.78
N ILE A 114 46.01 34.17 22.04
CA ILE A 114 46.11 32.78 22.50
C ILE A 114 44.72 32.11 22.49
N ASN A 115 43.68 32.81 22.94
CA ASN A 115 42.29 32.37 22.74
C ASN A 115 42.02 31.90 21.33
N SER A 116 42.38 32.72 20.34
CA SER A 116 41.93 32.46 18.97
C SER A 116 42.39 31.10 18.43
N LEU A 117 43.31 30.42 19.13
CA LEU A 117 43.78 29.10 18.75
C LEU A 117 43.17 27.98 19.57
N GLY A 118 42.23 28.26 20.46
CA GLY A 118 41.77 27.29 21.44
C GLY A 118 42.73 27.10 22.60
N ALA A 119 43.89 27.72 22.55
CA ALA A 119 44.85 27.66 23.62
C ALA A 119 44.33 28.46 24.79
N ILE A 120 44.90 28.22 25.97
CA ILE A 120 44.44 28.82 27.21
C ILE A 120 45.51 29.80 27.70
N PRO A 121 45.28 31.10 27.63
CA PRO A 121 46.25 32.05 28.19
C PRO A 121 46.14 32.04 29.71
N SER A 122 47.31 32.08 30.36
CA SER A 122 47.39 31.86 31.81
C SER A 122 48.10 33.03 32.49
N PHE A 123 47.32 33.94 33.07
CA PHE A 123 47.86 35.19 33.57
C PHE A 123 48.57 34.99 34.90
N ALA A 124 49.65 35.78 35.10
CA ALA A 124 50.45 35.75 36.33
C ALA A 124 50.89 37.16 36.69
N ASN A 125 50.73 37.54 37.95
CA ASN A 125 51.05 38.90 38.38
C ASN A 125 52.56 39.16 38.28
N ALA A 126 52.94 40.31 37.73
CA ALA A 126 54.37 40.46 37.48
C ALA A 126 55.17 40.58 38.77
N LYS A 127 54.53 40.81 39.91
CA LYS A 127 55.20 41.01 41.19
C LYS A 127 55.42 39.72 42.00
N LEU A 128 54.87 38.59 41.57
CA LEU A 128 55.07 37.33 42.28
C LEU A 128 56.56 37.06 42.47
N ARG A 129 56.93 36.59 43.66
CA ARG A 129 58.28 36.09 43.86
C ARG A 129 58.63 35.12 42.73
N PRO A 130 59.82 35.22 42.15
CA PRO A 130 60.13 34.41 40.96
C PRO A 130 60.05 32.91 41.19
N GLU A 131 60.54 32.41 42.32
CA GLU A 131 60.43 30.98 42.57
C GLU A 131 58.98 30.53 42.58
N ILE A 132 58.06 31.43 42.99
CA ILE A 132 56.63 31.12 43.03
C ILE A 132 55.99 31.23 41.64
N ALA A 133 56.34 32.28 40.87
CA ALA A 133 55.78 32.39 39.54
C ALA A 133 56.20 31.22 38.65
N ARG A 134 57.46 30.76 38.78
CA ARG A 134 57.93 29.59 38.06
C ARG A 134 57.10 28.35 38.40
N GLU A 135 56.86 28.14 39.69
CA GLU A 135 56.15 26.93 40.10
C GLU A 135 54.67 27.04 39.78
N TYR A 136 54.08 28.23 39.96
CA TYR A 136 52.69 28.46 39.57
C TYR A 136 52.48 28.14 38.10
N ILE A 137 53.40 28.59 37.23
CA ILE A 137 53.27 28.28 35.80
C ILE A 137 53.53 26.81 35.54
N ARG A 138 54.53 26.24 36.21
CA ARG A 138 54.93 24.86 35.92
C ARG A 138 53.83 23.87 36.33
N ARG A 139 53.12 24.14 37.43
CA ARG A 139 52.07 23.22 37.90
C ARG A 139 50.91 23.07 36.91
N GLN A 140 50.59 24.12 36.14
CA GLN A 140 49.52 24.10 35.14
C GLN A 140 49.89 23.30 33.90
N GLY A 141 51.17 23.04 33.68
CA GLY A 141 51.61 22.28 32.53
C GLY A 141 51.68 23.12 31.29
N ALA A 142 52.05 24.39 31.41
CA ALA A 142 52.10 25.30 30.27
C ALA A 142 53.10 24.81 29.23
N SER A 143 52.81 25.12 27.97
CA SER A 143 53.72 24.80 26.88
C SER A 143 54.80 25.84 26.67
N GLY A 144 54.61 27.02 27.25
CA GLY A 144 55.47 28.16 27.03
C GLY A 144 54.86 29.36 27.72
N ALA A 145 55.64 30.44 27.74
CA ALA A 145 55.18 31.68 28.32
C ALA A 145 55.63 32.83 27.44
N VAL A 146 55.07 33.99 27.70
CA VAL A 146 55.58 35.26 27.18
C VAL A 146 55.70 36.22 28.35
N THR A 147 56.78 37.00 28.36
CA THR A 147 57.02 37.94 29.43
C THR A 147 57.28 39.33 28.85
N ASP A 148 57.08 40.34 29.69
CA ASP A 148 57.77 41.59 29.41
C ASP A 148 59.26 41.39 29.77
N THR A 149 60.09 42.37 29.41
CA THR A 149 61.53 42.12 29.42
C THR A 149 62.08 42.01 30.84
N GLU A 150 61.49 42.71 31.83
CA GLU A 150 62.01 42.61 33.19
C GLU A 150 61.80 41.20 33.76
N ARG A 151 60.71 40.53 33.41
CA ARG A 151 60.40 39.25 34.03
C ARG A 151 60.78 38.08 33.15
N HIS A 152 61.47 38.32 32.04
CA HIS A 152 61.92 37.20 31.20
C HIS A 152 62.82 36.27 31.97
N GLU A 153 63.76 36.82 32.74
CA GLU A 153 64.68 36.01 33.52
C GLU A 153 63.97 35.18 34.59
N VAL A 154 62.70 35.48 34.90
CA VAL A 154 61.96 34.70 35.90
C VAL A 154 61.65 33.30 35.39
N LEU A 155 61.36 33.17 34.09
CA LEU A 155 60.85 31.93 33.54
C LEU A 155 61.79 31.26 32.54
N ALA A 156 62.89 31.93 32.17
CA ALA A 156 63.85 31.36 31.23
C ALA A 156 64.78 30.38 31.93
N GLY A 157 65.28 29.42 31.15
CA GLY A 157 66.21 28.43 31.65
C GLY A 157 65.60 27.33 32.50
N GLY A 158 64.29 27.19 32.49
CA GLY A 158 63.65 26.09 33.18
C GLY A 158 63.07 25.08 32.20
N GLU A 159 61.93 24.48 32.54
CA GLU A 159 61.33 23.46 31.69
C GLU A 159 60.45 23.99 30.56
N LEU A 160 60.08 25.28 30.56
CA LEU A 160 59.13 25.77 29.57
C LEU A 160 59.66 25.54 28.16
N GLY A 161 58.75 25.17 27.25
CA GLY A 161 59.15 24.93 25.87
C GLY A 161 59.68 26.18 25.18
N PHE A 162 59.16 27.35 25.54
CA PHE A 162 59.66 28.60 25.00
C PHE A 162 59.33 29.73 25.96
N VAL A 163 60.27 30.68 26.09
CA VAL A 163 60.02 31.91 26.86
C VAL A 163 60.33 33.09 25.94
N VAL A 164 59.29 33.72 25.41
CA VAL A 164 59.42 34.76 24.40
C VAL A 164 59.02 36.11 25.02
N THR A 165 59.26 37.19 24.27
CA THR A 165 58.85 38.55 24.59
C THR A 165 58.35 39.17 23.30
N ALA A 166 57.79 40.40 23.41
CA ALA A 166 57.21 41.06 22.24
C ALA A 166 58.23 41.25 21.11
N GLU A 167 59.51 41.40 21.44
CA GLU A 167 60.52 41.55 20.39
C GLU A 167 60.52 40.38 19.42
N ASP A 168 60.09 39.19 19.87
CA ASP A 168 60.17 38.00 19.03
C ASP A 168 59.01 37.90 18.05
N ILE A 169 57.93 38.59 18.32
CA ILE A 169 56.78 38.58 17.43
C ILE A 169 56.96 39.71 16.40
N ARG A 170 56.81 39.38 15.13
CA ARG A 170 57.12 40.30 14.04
C ARG A 170 56.09 40.16 12.94
N PRO A 171 55.89 41.20 12.13
CA PRO A 171 54.79 41.19 11.15
C PRO A 171 54.70 39.94 10.29
N GLU A 172 55.84 39.34 9.92
CA GLU A 172 55.78 38.21 9.00
C GLU A 172 55.18 36.95 9.62
N HIS A 173 54.97 36.91 10.94
CA HIS A 173 54.31 35.78 11.56
C HIS A 173 52.80 35.77 11.32
N ARG A 174 52.24 36.88 10.83
CA ARG A 174 50.83 36.86 10.41
C ARG A 174 50.57 35.84 9.31
N ALA A 175 51.51 35.69 8.36
CA ALA A 175 51.37 34.67 7.33
C ALA A 175 51.24 33.26 7.91
N GLN A 176 51.80 33.03 9.10
CA GLN A 176 51.66 31.71 9.72
C GLN A 176 50.25 31.44 10.27
N LEU A 177 49.29 32.35 10.09
CA LEU A 177 47.97 32.13 10.66
C LEU A 177 47.40 30.81 10.15
N PRO A 178 46.88 29.95 11.01
CA PRO A 178 46.46 28.62 10.57
C PRO A 178 45.16 28.65 9.79
N GLN A 179 44.86 27.51 9.15
CA GLN A 179 43.62 27.40 8.40
C GLN A 179 42.42 27.32 9.35
N GLY A 180 41.31 27.90 8.92
CA GLY A 180 40.12 27.91 9.76
C GLY A 180 40.24 28.73 11.03
N TRP A 181 41.27 29.54 11.16
CA TRP A 181 41.29 30.52 12.23
C TRP A 181 40.11 31.47 12.05
N PRO A 182 39.43 31.88 13.15
CA PRO A 182 39.77 31.70 14.57
C PRO A 182 39.05 30.52 15.22
N TYR A 183 39.40 30.14 16.44
CA TYR A 183 38.84 28.96 17.08
C TYR A 183 37.36 29.12 17.43
N ARG A 184 36.60 28.07 17.20
CA ARG A 184 35.20 28.02 17.57
C ARG A 184 35.09 27.42 18.97
N HIS A 185 34.78 28.25 19.98
CA HIS A 185 34.70 27.75 21.36
C HIS A 185 33.32 27.20 21.68
N ASP A 186 33.32 26.05 22.37
CA ASP A 186 32.14 25.63 23.10
C ASP A 186 32.01 26.49 24.35
N PRO A 187 30.78 26.73 24.84
CA PRO A 187 30.62 27.47 26.11
C PRO A 187 31.51 26.98 27.24
N THR A 188 31.70 25.68 27.37
CA THR A 188 32.43 25.13 28.49
C THR A 188 33.96 25.12 28.28
N ASP A 189 34.46 25.73 27.20
CA ASP A 189 35.89 25.67 26.88
C ASP A 189 36.70 26.74 27.64
N PRO A 190 37.78 26.34 28.33
CA PRO A 190 38.65 27.32 29.01
C PRO A 190 39.24 28.35 28.06
N ILE A 191 39.17 29.63 28.45
CA ILE A 191 39.70 30.71 27.63
C ILE A 191 40.67 31.60 28.42
N ILE A 192 40.75 31.39 29.73
CA ILE A 192 41.75 32.10 30.53
C ILE A 192 41.94 31.32 31.81
N ILE A 193 43.15 31.36 32.33
CA ILE A 193 43.47 31.08 33.73
C ILE A 193 44.09 32.35 34.32
N SER A 194 43.78 32.63 35.58
CA SER A 194 44.37 33.77 36.28
C SER A 194 44.34 33.45 37.77
N HIS A 195 44.91 34.34 38.59
CA HIS A 195 44.95 34.13 40.03
C HIS A 195 44.68 35.44 40.77
N SER A 196 44.15 35.35 41.98
CA SER A 196 44.09 36.57 42.79
C SER A 196 45.45 36.89 43.42
N SER A 197 45.62 38.13 43.83
CA SER A 197 46.87 38.48 44.48
C SER A 197 46.59 39.03 45.89
N GLY A 198 47.62 38.98 46.72
CA GLY A 198 47.50 39.29 48.13
C GLY A 198 47.84 38.12 49.04
N THR A 199 48.36 37.06 48.42
CA THR A 199 48.68 35.79 49.06
C THR A 199 50.17 35.72 49.33
N THR A 200 50.54 35.01 50.40
CA THR A 200 51.96 34.82 50.68
C THR A 200 52.56 33.71 49.79
N GLY A 201 51.90 32.56 49.72
CA GLY A 201 52.42 31.40 49.02
C GLY A 201 51.85 31.23 47.63
N MET A 202 51.71 29.98 47.21
CA MET A 202 51.22 29.57 45.90
C MET A 202 49.79 30.02 45.64
N PRO A 203 49.57 30.97 44.72
CA PRO A 203 48.19 31.33 44.37
C PRO A 203 47.43 30.18 43.74
N LYS A 204 46.13 30.14 44.01
CA LYS A 204 45.25 29.18 43.35
C LYS A 204 44.97 29.66 41.92
N ALA A 205 45.16 28.77 40.96
CA ALA A 205 44.93 29.08 39.55
C ALA A 205 43.44 28.89 39.23
N VAL A 206 42.79 29.95 38.78
CA VAL A 206 41.36 29.97 38.49
C VAL A 206 41.15 30.01 36.98
N PRO A 207 40.55 28.99 36.37
CA PRO A 207 40.10 29.09 34.98
C PRO A 207 38.68 29.62 34.81
N HIS A 208 38.45 30.30 33.69
CA HIS A 208 37.09 30.63 33.28
C HIS A 208 36.86 30.23 31.83
N THR A 209 35.60 29.92 31.53
CA THR A 209 35.26 29.42 30.21
C THR A 209 34.69 30.52 29.33
N HIS A 210 34.63 30.21 28.06
CA HIS A 210 33.98 31.01 27.05
C HIS A 210 32.63 31.55 27.55
N GLN A 211 31.92 30.76 28.34
CA GLN A 211 30.64 31.24 28.83
C GLN A 211 30.74 31.98 30.17
N THR A 212 31.58 31.54 31.12
CA THR A 212 31.51 32.13 32.46
C THR A 212 32.07 33.55 32.47
N LEU A 213 33.12 33.82 31.70
CA LEU A 213 33.84 35.06 31.92
C LEU A 213 32.99 36.26 31.52
N LEU A 214 32.07 36.09 30.58
CA LEU A 214 31.18 37.16 30.18
C LEU A 214 29.72 36.89 30.50
N TYR A 215 29.41 35.94 31.40
CA TYR A 215 28.02 35.59 31.62
C TYR A 215 27.23 36.79 32.15
N ALA A 216 27.70 37.38 33.26
CA ALA A 216 26.96 38.48 33.88
C ALA A 216 26.82 39.66 32.92
N GLN A 217 27.91 40.01 32.22
CA GLN A 217 27.87 41.10 31.24
C GLN A 217 26.80 40.87 30.17
N LEU A 218 26.82 39.72 29.52
CA LEU A 218 25.76 39.39 28.56
C LEU A 218 24.38 39.38 29.21
N HIS A 219 24.29 39.04 30.50
CA HIS A 219 22.99 38.78 31.10
C HIS A 219 22.32 40.05 31.59
N ARG A 220 23.09 40.97 32.19
CA ARG A 220 22.57 42.31 32.43
C ARG A 220 22.08 42.93 31.13
N LEU A 221 22.86 42.75 30.05
CA LEU A 221 22.58 43.40 28.76
C LEU A 221 21.30 42.90 28.09
N LYS A 222 20.82 41.70 28.44
CA LYS A 222 19.55 41.20 27.93
C LYS A 222 18.36 41.77 28.69
N LEU A 223 18.59 42.64 29.68
CA LEU A 223 17.55 43.50 30.20
C LEU A 223 17.99 44.97 30.12
N SER A 224 19.17 45.30 30.66
CA SER A 224 19.70 46.66 30.60
C SER A 224 21.12 46.75 31.17
N VAL A 225 22.11 47.03 30.31
CA VAL A 225 23.44 47.42 30.78
C VAL A 225 23.35 48.63 31.71
N GLY A 226 22.31 49.46 31.57
CA GLY A 226 22.42 50.85 31.95
C GLY A 226 23.56 51.43 31.12
N GLY A 227 23.35 51.59 29.82
CA GLY A 227 24.39 51.93 28.86
C GLY A 227 25.24 53.13 29.21
N SER A 228 25.08 53.63 30.43
CA SER A 228 25.75 54.83 30.93
C SER A 228 27.18 54.55 31.37
N MET A 229 27.83 53.59 30.71
CA MET A 229 29.28 53.40 30.81
C MET A 229 29.92 53.80 29.49
N GLY A 230 29.97 55.11 29.24
CA GLY A 230 30.39 55.64 27.96
C GLY A 230 31.83 55.37 27.61
N ARG A 231 32.76 56.00 28.33
CA ARG A 231 34.19 55.79 28.17
C ARG A 231 34.71 55.15 29.45
N LEU A 232 35.49 54.08 29.31
CA LEU A 232 35.81 53.16 30.41
C LEU A 232 37.29 53.21 30.73
N LEU A 233 37.63 53.68 31.92
CA LEU A 233 38.99 53.60 32.42
C LEU A 233 39.16 52.30 33.19
N VAL A 234 40.00 51.40 32.68
CA VAL A 234 40.27 50.12 33.32
C VAL A 234 41.63 50.23 34.01
N ALA A 235 41.62 50.50 35.31
CA ALA A 235 42.83 50.53 36.12
C ALA A 235 42.90 49.35 37.07
N LEU A 236 42.16 48.28 36.78
CA LEU A 236 42.35 47.00 37.44
C LEU A 236 43.73 46.44 37.06
N PRO A 237 44.37 45.71 37.97
CA PRO A 237 45.61 45.03 37.60
C PRO A 237 45.37 44.12 36.41
N GLY A 238 46.24 44.24 35.40
CA GLY A 238 46.04 43.51 34.17
C GLY A 238 46.03 42.02 34.34
N ASN A 239 46.64 41.49 35.42
CA ASN A 239 46.66 40.05 35.63
C ASN A 239 45.30 39.53 36.06
N HIS A 240 44.42 40.42 36.52
CA HIS A 240 43.11 40.02 36.99
C HIS A 240 42.12 39.80 35.84
N ASN A 241 41.31 38.74 35.94
CA ASN A 241 40.38 38.44 34.86
C ASN A 241 39.27 39.49 34.74
N ALA A 242 39.04 40.30 35.78
CA ALA A 242 38.07 41.37 35.65
C ALA A 242 38.53 42.43 34.65
N ALA A 243 39.85 42.59 34.49
CA ALA A 243 40.34 43.55 33.51
C ALA A 243 39.95 43.16 32.08
N MET A 244 40.07 41.87 31.74
CA MET A 244 39.64 41.43 30.42
C MET A 244 38.12 41.41 30.31
N SER A 245 37.44 41.14 31.42
CA SER A 245 35.98 41.16 31.45
C SER A 245 35.44 42.53 31.07
N VAL A 246 35.92 43.57 31.75
CA VAL A 246 35.45 44.91 31.49
C VAL A 246 35.86 45.37 30.10
N MET A 247 37.02 44.93 29.64
CA MET A 247 37.52 45.39 28.36
C MET A 247 36.74 44.79 27.20
N MET A 248 36.39 43.50 27.30
CA MET A 248 35.63 42.86 26.23
C MET A 248 34.20 43.35 26.19
N PHE A 249 33.56 43.49 27.36
CA PHE A 249 32.25 44.13 27.42
C PHE A 249 32.31 45.55 26.85
N GLY A 250 33.40 46.25 27.13
CA GLY A 250 33.65 47.55 26.53
C GLY A 250 33.66 47.47 25.02
N LEU A 251 34.56 46.65 24.45
CA LEU A 251 34.60 46.51 22.99
C LEU A 251 33.24 46.14 22.41
N LEU A 252 32.45 45.36 23.15
CA LEU A 252 31.17 44.89 22.63
C LEU A 252 30.12 45.99 22.60
N LEU A 253 30.17 46.94 23.53
CA LEU A 253 29.20 48.03 23.52
C LEU A 253 29.65 49.21 22.66
N ASP A 254 30.77 49.05 21.95
CA ASP A 254 31.42 50.10 21.15
C ASP A 254 31.85 51.27 22.02
N SER A 255 32.08 50.99 23.31
CA SER A 255 32.62 51.97 24.25
C SER A 255 34.14 51.99 24.16
N PRO A 256 34.76 53.17 24.05
CA PRO A 256 36.22 53.22 24.14
C PRO A 256 36.70 52.66 25.48
N VAL A 257 37.86 52.01 25.44
CA VAL A 257 38.43 51.35 26.61
C VAL A 257 39.88 51.80 26.74
N TYR A 258 40.23 52.35 27.89
CA TYR A 258 41.61 52.73 28.17
C TYR A 258 42.21 51.71 29.13
N LEU A 259 43.35 51.12 28.72
CA LEU A 259 44.02 50.07 29.50
C LEU A 259 45.16 50.69 30.30
N GLN A 260 44.98 50.80 31.63
CA GLN A 260 45.87 51.55 32.52
C GLN A 260 46.63 50.58 33.43
N SER A 261 47.93 50.42 33.18
CA SER A 261 48.72 49.40 33.90
C SER A 261 48.98 49.81 35.34
N SER A 262 49.40 51.05 35.57
CA SER A 262 49.77 51.48 36.91
C SER A 262 48.52 51.75 37.75
N GLN A 263 48.59 51.36 39.02
CA GLN A 263 47.51 51.56 39.96
C GLN A 263 47.88 52.61 41.00
N ARG A 264 48.93 53.37 40.74
CA ARG A 264 49.22 54.59 41.49
C ARG A 264 48.11 55.63 41.23
N GLY A 265 47.50 56.14 42.31
CA GLY A 265 46.48 57.16 42.15
C GLY A 265 46.90 58.27 41.21
N SER A 266 48.15 58.74 41.34
CA SER A 266 48.64 59.84 40.51
C SER A 266 48.61 59.48 39.03
N ASP A 267 49.00 58.24 38.70
CA ASP A 267 49.01 57.83 37.31
C ASP A 267 47.60 57.57 36.80
N VAL A 268 46.71 57.12 37.68
CA VAL A 268 45.32 56.96 37.30
C VAL A 268 44.67 58.32 37.04
N LEU A 269 44.96 59.31 37.90
CA LEU A 269 44.38 60.64 37.69
C LEU A 269 44.91 61.27 36.40
N ASP A 270 46.21 61.09 36.10
CA ASP A 270 46.77 61.49 34.81
C ASP A 270 45.98 60.86 33.66
N ALA A 271 45.57 59.61 33.83
CA ALA A 271 44.73 58.95 32.84
C ALA A 271 43.33 59.54 32.81
N ILE A 272 42.75 59.78 33.99
CA ILE A 272 41.39 60.35 34.05
C ILE A 272 41.34 61.68 33.31
N GLU A 273 42.43 62.44 33.39
CA GLU A 273 42.44 63.77 32.79
C GLU A 273 42.64 63.71 31.27
N LYS A 274 43.47 62.79 30.79
CA LYS A 274 43.71 62.68 29.34
C LYS A 274 42.60 61.92 28.64
N PHE A 275 42.12 60.82 29.23
CA PHE A 275 41.12 59.96 28.60
C PHE A 275 39.72 60.46 28.88
N LYS A 276 39.52 61.20 29.95
CA LYS A 276 38.21 61.74 30.30
C LYS A 276 37.19 60.60 30.30
N PRO A 277 37.32 59.65 31.23
CA PRO A 277 36.39 58.51 31.29
C PRO A 277 35.06 58.84 31.96
N THR A 278 34.05 58.04 31.62
CA THR A 278 32.75 58.11 32.27
C THR A 278 32.58 57.06 33.36
N THR A 279 33.27 55.93 33.27
CA THR A 279 33.33 54.92 34.31
C THR A 279 34.79 54.54 34.53
N VAL A 280 35.14 54.24 35.78
CA VAL A 280 36.52 53.93 36.17
C VAL A 280 36.49 52.67 37.02
N PHE A 281 37.34 51.70 36.67
CA PHE A 281 37.39 50.41 37.35
C PHE A 281 38.72 50.31 38.09
N GLY A 282 38.67 49.91 39.37
CA GLY A 282 39.88 49.85 40.17
C GLY A 282 39.68 49.03 41.43
N PHE A 283 40.78 48.90 42.18
CA PHE A 283 40.83 48.24 43.47
C PHE A 283 40.76 49.26 44.61
N SER A 284 40.48 48.76 45.82
CA SER A 284 40.32 49.64 46.97
C SER A 284 41.54 50.52 47.18
N GLY A 285 42.73 50.05 46.78
CA GLY A 285 43.94 50.77 47.09
C GLY A 285 44.12 52.02 46.26
N THR A 286 43.99 51.88 44.93
CA THR A 286 44.07 53.04 44.03
C THR A 286 43.09 54.12 44.45
N TYR A 287 41.86 53.73 44.76
CA TYR A 287 40.84 54.69 45.16
C TYR A 287 41.28 55.50 46.37
N GLY A 288 41.78 54.81 47.41
CA GLY A 288 42.31 55.50 48.58
C GLY A 288 43.37 56.53 48.23
N GLN A 289 44.28 56.19 47.32
CA GLN A 289 45.26 57.15 46.84
C GLN A 289 44.60 58.37 46.17
N ILE A 290 43.58 58.14 45.35
CA ILE A 290 42.90 59.24 44.68
C ILE A 290 42.12 60.08 45.70
N ALA A 291 41.45 59.42 46.63
CA ALA A 291 40.62 60.15 47.58
C ALA A 291 41.40 60.78 48.74
N THR A 292 42.73 60.62 48.77
CA THR A 292 43.55 61.42 49.66
C THR A 292 44.37 62.49 48.95
N SER A 293 44.73 62.30 47.68
CA SER A 293 45.49 63.34 46.98
C SER A 293 44.60 64.53 46.63
N ASP A 294 45.24 65.70 46.53
CA ASP A 294 44.60 66.98 46.20
C ASP A 294 43.86 66.93 44.87
N LEU A 295 42.53 66.99 44.92
CA LEU A 295 41.69 66.91 43.73
C LEU A 295 41.28 68.27 43.18
N SER A 296 41.54 69.35 43.92
CA SER A 296 41.24 70.69 43.42
C SER A 296 41.99 71.00 42.14
N THR A 297 43.20 70.44 41.98
CA THR A 297 43.98 70.63 40.76
C THR A 297 43.54 69.71 39.63
N ARG A 298 42.71 68.69 39.90
CA ARG A 298 42.41 67.63 38.93
C ARG A 298 41.02 67.78 38.32
N ASP A 299 40.93 67.61 37.00
CA ASP A 299 39.65 67.61 36.29
C ASP A 299 39.11 66.19 36.30
N MET A 300 38.02 65.98 37.04
CA MET A 300 37.33 64.71 37.12
C MET A 300 35.87 64.84 36.74
N SER A 301 35.51 65.87 35.97
CA SER A 301 34.13 66.16 35.66
C SER A 301 33.49 65.18 34.69
N SER A 302 34.30 64.36 34.00
CA SER A 302 33.76 63.36 33.09
C SER A 302 33.26 62.11 33.83
N ILE A 303 33.79 61.87 35.04
CA ILE A 303 33.40 60.68 35.80
C ILE A 303 31.91 60.75 36.15
N GLU A 304 31.20 59.66 35.85
CA GLU A 304 29.84 59.43 36.32
C GLU A 304 29.73 58.25 37.28
N ALA A 305 30.68 57.32 37.28
CA ALA A 305 30.61 56.09 38.06
C ALA A 305 31.98 55.47 38.24
N TYR A 306 32.18 54.82 39.38
CA TYR A 306 33.34 53.98 39.65
C TYR A 306 32.88 52.60 40.10
N TYR A 307 33.59 51.56 39.68
CA TYR A 307 33.37 50.22 40.21
C TYR A 307 34.60 49.80 40.98
N ASN A 308 34.40 49.20 42.14
CA ASN A 308 35.47 48.71 42.99
C ASN A 308 35.41 47.19 43.02
N THR A 309 36.55 46.56 42.76
CA THR A 309 36.68 45.10 42.73
C THR A 309 37.55 44.68 43.89
N GLY A 310 37.27 43.49 44.43
CA GLY A 310 38.05 42.99 45.55
C GLY A 310 37.61 43.59 46.87
N ASP A 311 38.57 43.75 47.78
CA ASP A 311 38.29 44.35 49.08
C ASP A 311 37.57 45.68 48.90
N ALA A 312 36.56 45.91 49.73
CA ALA A 312 35.71 47.07 49.53
C ALA A 312 36.46 48.35 49.95
N ALA A 313 35.91 49.48 49.53
CA ALA A 313 36.57 50.76 49.65
C ALA A 313 36.10 51.49 50.91
N HIS A 314 36.99 52.33 51.46
CA HIS A 314 36.73 52.97 52.74
C HIS A 314 35.64 54.02 52.62
N GLU A 315 34.76 54.06 53.64
CA GLU A 315 33.66 55.03 53.68
C GLU A 315 34.14 56.46 53.48
N ALA A 316 35.32 56.78 54.02
CA ALA A 316 35.89 58.11 53.88
C ALA A 316 36.23 58.43 52.43
N HIS A 317 36.89 57.49 51.74
CA HIS A 317 37.29 57.73 50.37
C HIS A 317 36.09 57.79 49.44
N ILE A 318 35.04 57.03 49.73
CA ILE A 318 33.85 57.04 48.88
C ILE A 318 33.23 58.43 48.84
N ARG A 319 33.20 59.12 49.99
CA ARG A 319 32.59 60.45 50.06
C ARG A 319 33.30 61.43 49.12
N VAL A 320 34.63 61.40 49.11
CA VAL A 320 35.41 62.31 48.27
C VAL A 320 35.17 62.03 46.79
N LEU A 321 35.00 60.75 46.43
CA LEU A 321 34.98 60.44 45.01
C LEU A 321 33.61 60.70 44.39
N VAL A 322 32.54 60.36 45.10
CA VAL A 322 31.20 60.62 44.60
C VAL A 322 30.88 62.11 44.58
N ALA A 323 31.74 62.93 45.20
CA ALA A 323 31.62 64.36 45.11
C ALA A 323 31.91 64.89 43.70
N GLN A 324 32.69 64.14 42.90
CA GLN A 324 33.14 64.53 41.56
C GLN A 324 32.13 64.12 40.49
N GLY A 325 32.20 64.81 39.35
CA GLY A 325 31.38 64.51 38.19
C GLY A 325 29.89 64.69 38.43
N SER A 326 29.11 64.15 37.48
CA SER A 326 27.65 64.22 37.48
C SER A 326 27.07 62.94 36.93
N HIS A 327 25.79 62.68 37.22
CA HIS A 327 25.11 61.52 36.66
C HIS A 327 23.63 61.81 36.43
N GLU A 328 23.00 60.95 35.62
CA GLU A 328 21.59 61.08 35.28
C GLU A 328 20.72 60.33 36.28
N GLU A 329 19.49 60.81 36.44
CA GLU A 329 18.48 60.19 37.29
C GLU A 329 17.14 60.27 36.57
N ILE A 330 16.09 59.71 37.19
CA ILE A 330 14.73 59.87 36.69
C ILE A 330 14.11 61.07 37.40
N GLY A 331 13.44 61.93 36.64
CA GLY A 331 12.83 63.11 37.21
C GLY A 331 11.39 62.88 37.63
N PRO A 332 10.67 63.96 37.89
CA PRO A 332 9.24 63.82 38.16
C PRO A 332 8.50 63.69 36.84
N ASP A 333 9.08 64.26 35.79
CA ASP A 333 8.57 64.09 34.44
C ASP A 333 9.01 62.77 33.79
N PHE A 334 9.70 61.89 34.54
CA PHE A 334 10.16 60.54 34.14
C PHE A 334 11.27 60.60 33.10
N LYS A 335 11.76 61.78 32.77
CA LYS A 335 12.86 61.95 31.85
C LYS A 335 14.18 61.99 32.61
N PRO A 336 15.31 61.83 31.92
CA PRO A 336 16.61 61.92 32.61
C PRO A 336 16.91 63.35 33.01
N VAL A 337 17.27 63.54 34.28
CA VAL A 337 17.69 64.83 34.81
C VAL A 337 19.08 64.64 35.40
N ARG A 338 20.06 65.41 34.88
CA ARG A 338 21.40 65.28 35.43
C ARG A 338 21.47 65.94 36.81
N VAL A 339 22.21 65.31 37.71
CA VAL A 339 22.42 65.84 39.07
C VAL A 339 23.93 65.82 39.33
N PRO A 340 24.40 66.55 40.34
CA PRO A 340 25.83 66.55 40.63
C PRO A 340 26.29 65.23 41.22
N GLY A 341 27.60 65.00 41.16
CA GLY A 341 28.19 63.86 41.80
C GLY A 341 28.05 62.59 40.98
N SER A 342 28.59 61.51 41.54
CA SER A 342 28.77 60.27 40.81
C SER A 342 28.49 59.09 41.72
N VAL A 343 28.24 57.93 41.11
CA VAL A 343 27.87 56.72 41.82
C VAL A 343 29.09 55.82 41.95
N PHE A 344 29.38 55.38 43.17
CA PHE A 344 30.51 54.50 43.45
C PHE A 344 29.93 53.14 43.83
N THR A 345 30.04 52.16 42.94
CA THR A 345 29.48 50.83 43.17
C THR A 345 30.59 49.92 43.70
N ASP A 346 30.45 49.48 44.95
CA ASP A 346 31.25 48.38 45.47
C ASP A 346 30.67 47.05 45.00
N GLY A 347 31.52 46.03 44.93
CA GLY A 347 31.05 44.71 44.55
C GLY A 347 31.79 43.60 45.26
N LEU A 348 31.06 42.70 45.93
CA LEU A 348 31.69 41.51 46.48
C LEU A 348 31.79 40.48 45.37
N GLY A 349 33.02 40.20 44.94
CA GLY A 349 33.31 39.16 44.00
C GLY A 349 34.73 38.67 44.20
N SER A 350 35.16 37.81 43.30
CA SER A 350 36.48 37.21 43.37
C SER A 350 36.91 36.80 41.97
N SER A 351 38.15 36.32 41.86
CA SER A 351 38.57 35.71 40.60
C SER A 351 37.65 34.55 40.22
N GLU A 352 37.18 33.80 41.22
CA GLU A 352 36.30 32.65 40.98
C GLU A 352 34.93 33.07 40.49
N THR A 353 34.33 34.11 41.08
CA THR A 353 32.92 34.37 40.78
C THR A 353 32.72 35.11 39.47
N GLY A 354 33.78 35.33 38.68
CA GLY A 354 33.66 35.85 37.32
C GLY A 354 33.15 37.27 37.18
N TYR A 355 32.76 37.91 38.28
CA TYR A 355 31.92 39.11 38.28
C TYR A 355 31.57 39.47 39.72
N SER A 356 30.93 40.61 39.94
CA SER A 356 30.40 40.90 41.27
C SER A 356 29.08 40.17 41.50
N ILE A 357 29.01 39.44 42.60
CA ILE A 357 27.76 38.77 42.96
C ILE A 357 26.82 39.73 43.72
N PHE A 358 27.36 40.58 44.57
CA PHE A 358 26.57 41.57 45.29
C PHE A 358 27.02 42.98 44.91
N HIS A 359 26.05 43.88 44.72
CA HIS A 359 26.34 45.28 44.44
C HIS A 359 25.92 46.19 45.60
N ASN A 360 26.60 47.34 45.71
CA ASN A 360 26.44 48.31 46.79
C ASN A 360 26.69 49.71 46.21
N GLY A 361 25.65 50.29 45.61
CA GLY A 361 25.78 51.61 45.00
C GLY A 361 25.68 52.79 45.97
N HIS A 362 26.71 53.64 45.98
CA HIS A 362 26.73 54.85 46.80
C HIS A 362 26.57 56.08 45.91
N LYS A 363 25.66 56.95 46.30
CA LYS A 363 25.32 58.21 45.66
C LYS A 363 25.72 59.36 46.59
N PRO A 364 25.81 60.59 46.09
CA PRO A 364 25.94 61.74 46.99
C PRO A 364 24.83 61.78 48.03
N GLY A 365 25.24 61.88 49.30
CA GLY A 365 24.31 61.91 50.41
C GLY A 365 23.58 60.63 50.71
N SER A 366 24.04 59.48 50.20
CA SER A 366 23.30 58.23 50.34
C SER A 366 23.45 57.63 51.74
N ALA A 367 22.52 56.74 52.08
CA ALA A 367 22.54 56.11 53.39
C ALA A 367 23.76 55.21 53.53
N SER A 368 24.39 55.25 54.71
CA SER A 368 25.44 54.29 55.00
C SER A 368 24.83 52.90 55.16
N PHE A 369 25.31 51.96 54.36
CA PHE A 369 24.87 50.58 54.44
C PHE A 369 25.32 49.95 55.75
N GLY A 370 26.43 50.43 56.30
CA GLY A 370 27.11 49.69 57.34
C GLY A 370 27.61 48.39 56.74
N ARG A 371 27.23 47.28 57.36
CA ARG A 371 27.64 45.94 56.97
C ARG A 371 26.80 45.34 55.84
N CYS A 372 25.62 45.89 55.57
CA CYS A 372 24.74 45.35 54.54
C CYS A 372 25.42 45.35 53.17
N ILE A 373 25.33 44.20 52.48
CA ILE A 373 25.79 44.06 51.11
C ILE A 373 24.67 43.77 50.14
N GLY A 374 23.41 43.74 50.60
CA GLY A 374 22.28 43.58 49.73
C GLY A 374 21.92 42.14 49.39
N LYS A 375 21.27 41.94 48.20
CA LYS A 375 20.92 40.64 47.67
C LYS A 375 21.81 40.27 46.48
N PRO A 376 21.99 38.97 46.20
CA PRO A 376 22.80 38.58 45.03
C PRO A 376 22.12 39.01 43.75
N MET A 377 22.93 39.16 42.68
CA MET A 377 22.37 39.35 41.35
C MET A 377 21.39 38.23 41.05
N SER A 378 20.43 38.50 40.15
CA SER A 378 19.34 37.54 39.92
C SER A 378 19.84 36.16 39.49
N PHE A 379 20.97 36.09 38.74
CA PHE A 379 21.48 34.84 38.20
C PHE A 379 22.19 33.99 39.25
N ALA A 380 22.68 34.60 40.32
CA ALA A 380 23.34 33.91 41.42
C ALA A 380 22.35 33.60 42.53
N GLN A 381 22.78 32.73 43.45
CA GLN A 381 22.09 32.49 44.70
C GLN A 381 23.13 32.28 45.80
N ALA A 382 22.93 32.90 46.95
CA ALA A 382 23.90 32.88 48.03
C ALA A 382 23.28 32.28 49.30
N ALA A 383 24.10 32.07 50.32
CA ALA A 383 23.61 31.45 51.55
C ALA A 383 24.63 31.63 52.65
N VAL A 384 24.16 31.65 53.89
CA VAL A 384 25.01 31.59 55.07
C VAL A 384 24.92 30.16 55.63
N LEU A 385 26.06 29.53 55.82
CA LEU A 385 26.11 28.08 56.00
C LEU A 385 26.69 27.71 57.35
N SER A 386 26.12 26.69 57.97
CA SER A 386 26.71 26.03 59.12
C SER A 386 27.89 25.19 58.68
N GLU A 387 28.73 24.80 59.65
CA GLU A 387 29.90 23.99 59.34
C GLU A 387 29.55 22.73 58.56
N ASP A 388 28.33 22.21 58.73
CA ASP A 388 27.88 21.01 58.03
C ASP A 388 27.02 21.34 56.82
N GLY A 389 27.23 22.50 56.21
CA GLY A 389 26.56 22.81 54.96
C GLY A 389 25.09 23.14 55.03
N ARG A 390 24.52 23.32 56.24
CA ARG A 390 23.11 23.65 56.45
C ARG A 390 22.90 25.15 56.35
N PRO A 391 21.97 25.64 55.51
CA PRO A 391 21.70 27.08 55.44
C PRO A 391 21.05 27.61 56.71
N LEU A 392 21.78 28.45 57.45
CA LEU A 392 21.30 28.94 58.73
C LEU A 392 20.17 29.97 58.54
N PRO A 393 19.10 29.89 59.35
CA PRO A 393 18.14 31.00 59.40
C PRO A 393 18.73 32.30 59.92
N ALA A 394 17.93 33.36 59.91
CA ALA A 394 18.41 34.72 60.09
C ALA A 394 19.05 34.92 61.47
N GLY A 395 19.95 35.89 61.53
CA GLY A 395 20.63 36.24 62.75
C GLY A 395 21.94 35.52 62.96
N GLU A 396 22.06 34.31 62.44
CA GLU A 396 23.18 33.44 62.78
C GLU A 396 24.38 33.72 61.86
N VAL A 397 25.57 33.59 62.44
CA VAL A 397 26.82 33.80 61.72
C VAL A 397 27.32 32.48 61.16
N GLY A 398 27.69 32.50 59.87
CA GLY A 398 28.23 31.31 59.22
C GLY A 398 29.05 31.69 58.01
N ARG A 399 29.40 30.68 57.23
CA ARG A 399 30.20 30.88 56.02
C ARG A 399 29.33 31.31 54.83
N LEU A 400 29.85 32.25 54.04
CA LEU A 400 29.15 32.73 52.85
C LEU A 400 29.51 31.85 51.65
N GLY A 401 28.53 31.16 51.09
CA GLY A 401 28.71 30.44 49.84
C GLY A 401 27.90 31.05 48.71
N VAL A 402 28.39 30.92 47.49
CA VAL A 402 27.62 31.38 46.34
C VAL A 402 27.55 30.27 45.29
N ARG A 403 26.45 30.31 44.53
CA ARG A 403 26.26 29.53 43.32
C ARG A 403 26.08 30.49 42.16
N SER A 404 26.72 30.20 41.02
CA SER A 404 26.45 31.10 39.91
C SER A 404 26.91 30.55 38.57
N PRO A 405 26.17 30.82 37.48
CA PRO A 405 26.72 30.56 36.15
C PRO A 405 27.97 31.39 35.84
N THR A 406 28.36 32.32 36.71
CA THR A 406 29.61 33.03 36.51
C THR A 406 30.76 32.31 37.16
N LEU A 407 30.48 31.23 37.91
CA LEU A 407 31.46 30.62 38.79
C LEU A 407 32.39 29.71 38.01
N THR A 408 33.65 29.67 38.45
CA THR A 408 34.68 28.89 37.80
C THR A 408 34.33 27.40 37.82
N PRO A 409 34.79 26.61 36.83
CA PRO A 409 34.65 25.14 36.93
C PRO A 409 35.58 24.50 37.94
N GLY A 410 36.52 25.25 38.51
CA GLY A 410 37.32 24.73 39.59
C GLY A 410 38.81 24.96 39.40
N TYR A 411 39.60 24.90 40.47
CA TYR A 411 40.99 25.37 40.38
C TYR A 411 41.79 24.51 39.41
N TRP A 412 42.58 25.15 38.57
CA TRP A 412 43.34 24.41 37.57
C TRP A 412 44.27 23.39 38.22
N ASN A 413 44.15 22.12 37.80
CA ASN A 413 44.99 21.02 38.28
C ASN A 413 44.98 20.89 39.80
N ASP A 414 43.89 21.32 40.46
CA ASP A 414 43.86 21.25 41.91
C ASP A 414 42.41 20.99 42.33
N SER A 415 41.98 19.76 42.07
CA SER A 415 40.64 19.35 42.46
C SER A 415 40.51 19.31 43.97
N LEU A 416 41.57 18.90 44.67
CA LEU A 416 41.47 18.73 46.12
C LEU A 416 41.11 20.04 46.80
N THR A 417 41.84 21.10 46.48
CA THR A 417 41.52 22.40 47.07
C THR A 417 40.14 22.87 46.63
N TRP A 418 39.76 22.60 45.40
CA TRP A 418 38.46 23.04 44.91
C TRP A 418 37.35 22.48 45.77
N HIS A 419 37.34 21.16 45.96
CA HIS A 419 36.25 20.56 46.71
C HIS A 419 36.35 20.80 48.21
N LYS A 420 37.54 21.11 48.74
CA LYS A 420 37.61 21.59 50.12
C LYS A 420 37.01 22.99 50.30
N LEU A 421 36.83 23.74 49.20
CA LEU A 421 36.23 25.06 49.24
C LEU A 421 34.80 25.03 48.70
N ARG A 422 34.12 23.90 48.80
CA ARG A 422 32.74 23.78 48.38
C ARG A 422 31.94 23.11 49.48
N LEU A 423 30.75 23.67 49.75
CA LEU A 423 29.92 23.18 50.84
C LEU A 423 28.47 23.35 50.42
N GLY A 424 27.66 22.31 50.65
CA GLY A 424 26.29 22.25 50.19
C GLY A 424 26.07 22.60 48.72
N GLY A 425 27.09 22.45 47.87
CA GLY A 425 26.99 22.87 46.49
C GLY A 425 27.23 24.34 46.23
N TYR A 426 27.47 25.14 47.26
CA TYR A 426 28.03 26.48 47.13
C TYR A 426 29.56 26.45 47.20
N TRP A 427 30.20 27.41 46.52
CA TRP A 427 31.62 27.73 46.74
C TRP A 427 31.80 28.75 47.87
N LEU A 428 32.62 28.41 48.85
CA LEU A 428 32.89 29.27 50.00
C LEU A 428 33.78 30.45 49.63
N THR A 429 33.32 31.67 49.90
CA THR A 429 34.03 32.86 49.42
C THR A 429 35.15 33.28 50.36
N GLY A 430 35.28 32.65 51.52
CA GLY A 430 36.21 33.10 52.54
C GLY A 430 35.63 34.08 53.55
N ASP A 431 34.45 34.62 53.28
CA ASP A 431 33.85 35.63 54.14
C ASP A 431 32.90 34.98 55.14
N LEU A 432 32.69 35.68 56.26
CA LEU A 432 31.69 35.32 57.24
C LEU A 432 30.55 36.32 57.12
N ALA A 433 29.32 35.85 57.33
CA ALA A 433 28.19 36.68 57.01
C ALA A 433 26.98 36.22 57.81
N MET A 434 25.86 36.91 57.58
CA MET A 434 24.59 36.68 58.24
C MET A 434 23.51 37.35 57.40
N GLN A 435 22.26 36.95 57.67
CA GLN A 435 21.10 37.43 56.93
C GLN A 435 20.08 38.05 57.89
N ASP A 436 19.23 38.92 57.33
CA ASP A 436 18.06 39.44 58.02
C ASP A 436 16.78 38.90 57.39
N ALA A 437 15.64 39.24 58.01
CA ALA A 437 14.37 38.64 57.62
C ALA A 437 14.09 38.84 56.14
N GLU A 438 14.25 40.07 55.63
CA GLU A 438 14.01 40.32 54.22
C GLU A 438 15.04 39.65 53.31
N GLY A 439 16.02 38.93 53.87
CA GLY A 439 17.00 38.20 53.08
C GLY A 439 18.23 38.98 52.64
N ASN A 440 18.40 40.22 53.13
CA ASN A 440 19.63 40.94 52.86
C ASN A 440 20.79 40.27 53.57
N PHE A 441 21.96 40.27 52.91
CA PHE A 441 23.16 39.72 53.50
C PHE A 441 23.98 40.83 54.16
N TYR A 442 24.57 40.52 55.31
CA TYR A 442 25.52 41.41 55.97
C TYR A 442 26.86 40.71 56.00
N HIS A 443 27.92 41.43 55.70
CA HIS A 443 29.26 40.87 55.58
C HIS A 443 30.01 41.15 56.88
N LEU A 444 30.27 40.10 57.67
CA LEU A 444 30.94 40.34 58.94
C LEU A 444 32.42 40.60 58.75
N ASP A 445 33.15 39.64 58.18
CA ASP A 445 34.61 39.65 58.20
C ASP A 445 35.11 38.54 57.30
N ARG A 446 36.40 38.58 56.98
CA ARG A 446 37.07 37.40 56.48
C ARG A 446 37.18 36.37 57.59
N ALA A 447 37.11 35.10 57.21
CA ALA A 447 37.28 34.02 58.17
C ALA A 447 38.63 34.05 58.88
N PRO A 448 39.77 34.25 58.20
CA PRO A 448 41.05 34.28 58.91
C PRO A 448 41.27 35.52 59.76
N ASP A 449 40.29 36.43 59.84
CA ASP A 449 40.39 37.62 60.69
C ASP A 449 39.47 37.54 61.90
N ALA A 450 38.98 36.35 62.24
CA ALA A 450 38.15 36.16 63.42
C ALA A 450 38.96 35.50 64.53
N ILE A 451 38.81 36.01 65.75
CA ILE A 451 39.49 35.50 66.93
C ILE A 451 38.44 34.96 67.90
N ARG A 452 38.87 34.17 68.89
CA ARG A 452 37.90 33.42 69.71
C ARG A 452 37.72 33.93 71.14
N THR A 453 38.52 34.91 71.60
CA THR A 453 38.37 35.57 72.91
C THR A 453 38.09 34.64 74.08
N GLU A 454 36.82 34.61 74.53
CA GLU A 454 36.34 33.81 75.64
C GLU A 454 34.82 33.91 75.76
N ALA A 455 34.29 35.11 75.48
CA ALA A 455 32.86 35.38 75.55
C ALA A 455 32.24 35.57 74.17
N GLY A 456 32.83 34.92 73.16
CA GLY A 456 32.37 35.04 71.79
C GLY A 456 33.50 35.22 70.81
N ILE A 457 33.24 35.95 69.72
CA ILE A 457 34.18 36.11 68.62
C ILE A 457 34.38 37.60 68.38
N VAL A 458 35.63 38.03 68.35
CA VAL A 458 35.96 39.39 67.91
C VAL A 458 36.17 39.35 66.40
N PHE A 459 35.45 40.20 65.68
CA PHE A 459 35.66 40.39 64.26
C PHE A 459 36.66 41.52 64.12
N SER A 460 37.93 41.15 63.97
CA SER A 460 39.03 42.10 64.06
C SER A 460 38.87 43.27 63.09
N THR A 461 38.28 43.05 61.91
CA THR A 461 38.11 44.18 61.00
C THR A 461 36.99 45.10 61.47
N ARG A 462 35.88 44.53 61.93
CA ARG A 462 34.81 45.36 62.48
C ARG A 462 35.29 46.13 63.70
N THR A 463 35.89 45.42 64.67
CA THR A 463 36.39 46.06 65.88
C THR A 463 37.35 47.21 65.56
N GLU A 464 38.22 47.03 64.56
CA GLU A 464 39.14 48.10 64.18
C GLU A 464 38.37 49.32 63.68
N GLU A 465 37.45 49.14 62.73
CA GLU A 465 36.73 50.28 62.16
C GLU A 465 35.93 51.05 63.20
N LEU A 466 35.42 50.35 64.22
CA LEU A 466 34.65 50.99 65.28
C LEU A 466 35.52 51.90 66.14
N LEU A 467 36.58 51.32 66.74
CA LEU A 467 37.49 52.10 67.58
C LEU A 467 38.09 53.26 66.81
N LEU A 468 38.49 53.02 65.56
CA LEU A 468 39.06 54.08 64.73
C LEU A 468 38.02 55.13 64.32
N ALA A 469 36.74 54.93 64.63
CA ALA A 469 35.69 55.86 64.22
C ALA A 469 35.20 56.70 65.40
N SER A 470 34.71 56.06 66.46
CA SER A 470 34.21 56.72 67.65
C SER A 470 35.33 57.11 68.63
N LEU A 471 36.55 57.39 68.11
CA LEU A 471 37.71 57.86 68.87
C LEU A 471 38.74 58.42 67.90
N PRO A 472 38.78 59.75 67.71
CA PRO A 472 39.80 60.35 66.83
C PRO A 472 41.19 60.42 67.46
N GLU A 473 41.31 60.15 68.77
CA GLU A 473 42.60 60.11 69.45
C GLU A 473 43.51 58.99 68.94
N LEU A 474 42.96 58.07 68.15
CA LEU A 474 43.68 56.91 67.63
C LEU A 474 43.94 57.08 66.13
N ALA A 475 45.14 56.67 65.71
CA ALA A 475 45.58 56.72 64.32
C ALA A 475 45.44 55.38 63.59
N ASP A 476 45.77 54.26 64.25
CA ASP A 476 45.47 52.93 63.73
C ASP A 476 45.56 51.93 64.88
N CYS A 477 45.13 50.70 64.59
CA CYS A 477 45.23 49.63 65.57
C CYS A 477 45.04 48.30 64.87
N THR A 478 45.61 47.26 65.44
CA THR A 478 45.53 45.90 64.91
C THR A 478 44.93 45.01 65.99
N VAL A 479 43.96 44.20 65.60
CA VAL A 479 43.36 43.25 66.54
C VAL A 479 43.89 41.85 66.24
N THR A 480 45.15 41.61 66.61
CA THR A 480 45.79 40.35 66.26
C THR A 480 45.57 39.31 67.36
N ALA A 481 45.31 38.07 66.96
CA ALA A 481 45.16 36.99 67.91
C ALA A 481 46.51 36.66 68.55
N ILE A 482 46.45 35.98 69.71
CA ILE A 482 47.66 35.50 70.39
C ILE A 482 47.43 34.05 70.80
N ALA A 483 48.30 33.15 70.31
CA ALA A 483 48.10 31.70 70.39
C ALA A 483 49.23 31.03 71.17
N GLU A 484 48.88 29.87 71.75
CA GLU A 484 49.73 29.14 72.69
C GLU A 484 50.64 28.13 72.01
N GLU A 485 50.85 26.96 72.65
CA GLU A 485 51.70 25.88 72.15
C GLU A 485 51.17 25.33 70.82
N GLY A 486 51.01 26.21 69.82
CA GLY A 486 50.53 25.85 68.50
C GLY A 486 49.02 25.74 68.38
N VAL A 487 48.30 26.85 68.57
CA VAL A 487 46.84 26.86 68.56
C VAL A 487 46.36 27.69 67.37
N ARG A 488 45.40 27.15 66.63
CA ARG A 488 44.75 27.84 65.52
C ARG A 488 43.60 28.69 66.06
N ALA A 489 43.68 30.01 65.83
CA ALA A 489 42.73 30.95 66.41
C ALA A 489 41.63 31.40 65.44
N ASP A 490 41.84 31.25 64.13
CA ASP A 490 40.87 31.65 63.10
C ASP A 490 39.50 31.03 63.30
N TRP A 491 38.55 31.41 62.44
CA TRP A 491 37.21 30.84 62.50
C TRP A 491 37.25 29.32 62.49
N ASP A 492 37.88 28.75 61.47
CA ASP A 492 37.88 27.29 61.30
C ASP A 492 38.82 26.59 62.27
N GLY A 493 39.60 27.34 63.07
CA GLY A 493 40.33 26.74 64.15
C GLY A 493 39.41 26.09 65.17
N ASP A 494 39.95 25.10 65.88
CA ASP A 494 39.28 24.41 66.97
C ASP A 494 39.58 25.02 68.34
N GLY A 495 40.39 26.07 68.39
CA GLY A 495 40.88 26.56 69.66
C GLY A 495 40.51 28.01 69.95
N VAL A 496 40.58 28.36 71.24
CA VAL A 496 40.35 29.72 71.71
C VAL A 496 41.69 30.45 71.76
N ALA A 497 41.62 31.78 71.87
CA ALA A 497 42.82 32.60 71.94
C ALA A 497 42.43 33.92 72.59
N GLU A 498 43.44 34.73 72.88
CA GLU A 498 43.23 36.06 73.43
C GLU A 498 43.54 37.10 72.36
N ALA A 499 42.78 38.18 72.39
CA ALA A 499 42.67 39.11 71.28
C ALA A 499 43.06 40.51 71.75
N TYR A 500 44.14 41.04 71.20
CA TYR A 500 44.76 42.27 71.70
C TYR A 500 44.63 43.38 70.68
N VAL A 501 44.19 44.56 71.14
CA VAL A 501 44.19 45.76 70.31
C VAL A 501 45.48 46.53 70.56
N LEU A 502 46.16 46.91 69.49
CA LEU A 502 47.43 47.60 69.60
C LEU A 502 47.23 49.05 69.16
N LEU A 503 47.24 49.96 70.14
CA LEU A 503 46.80 51.33 69.95
C LEU A 503 47.96 52.19 69.45
N GLN A 504 47.92 52.50 68.15
CA GLN A 504 48.78 53.52 67.57
C GLN A 504 48.09 54.85 67.77
N PHE A 505 48.70 55.74 68.55
CA PHE A 505 48.07 56.99 68.97
C PHE A 505 48.38 58.12 68.01
N THR A 506 47.34 58.90 67.67
CA THR A 506 47.51 60.06 66.81
C THR A 506 48.22 61.17 67.59
N ASP A 507 48.98 62.00 66.87
CA ASP A 507 49.94 62.90 67.49
C ASP A 507 49.23 64.01 68.26
N GLY A 508 49.63 64.21 69.52
CA GLY A 508 49.02 65.19 70.39
C GLY A 508 47.70 64.73 71.00
N ALA A 509 47.62 63.50 71.46
CA ALA A 509 46.37 62.91 71.92
C ALA A 509 46.49 62.51 73.37
N ARG A 510 45.54 62.98 74.18
CA ARG A 510 45.41 62.53 75.55
C ARG A 510 45.26 61.01 75.56
N GLU A 511 46.16 60.33 76.26
CA GLU A 511 46.10 58.88 76.32
C GLU A 511 45.54 58.45 77.67
N PRO A 512 44.42 57.73 77.71
CA PRO A 512 43.93 57.20 78.99
C PRO A 512 44.96 56.32 79.68
N GLY A 513 44.70 56.05 80.95
CA GLY A 513 45.60 55.29 81.79
C GLY A 513 45.26 53.81 81.77
N ASP A 514 43.98 53.50 81.61
CA ASP A 514 43.51 52.12 81.46
C ASP A 514 43.00 51.95 80.02
N LEU A 515 43.92 51.67 79.10
CA LEU A 515 43.58 51.59 77.69
C LEU A 515 42.70 50.38 77.39
N THR A 516 42.81 49.31 78.20
CA THR A 516 42.02 48.10 78.01
C THR A 516 40.53 48.36 78.21
N GLY A 517 40.16 48.92 79.36
CA GLY A 517 38.77 49.28 79.60
C GLY A 517 38.31 50.49 78.80
N TRP A 518 39.25 51.30 78.28
CA TRP A 518 38.89 52.49 77.51
C TRP A 518 38.29 52.13 76.17
N VAL A 519 38.90 51.17 75.46
CA VAL A 519 38.29 50.70 74.22
C VAL A 519 37.10 49.82 74.55
N ASN A 520 37.23 48.93 75.55
CA ASN A 520 36.16 48.08 76.02
C ASN A 520 34.89 48.86 76.36
N GLU A 521 34.99 50.17 76.56
CA GLU A 521 33.82 51.01 76.74
C GLU A 521 33.17 51.33 75.39
N VAL A 522 33.98 51.61 74.37
CA VAL A 522 33.45 51.77 73.02
C VAL A 522 32.87 50.46 72.51
N LEU A 523 33.58 49.35 72.76
CA LEU A 523 33.09 48.01 72.48
C LEU A 523 31.76 47.77 73.16
N ALA A 524 31.79 47.46 74.47
CA ALA A 524 30.57 47.05 75.19
C ALA A 524 29.42 48.01 74.96
N GLY A 525 29.73 49.27 74.67
CA GLY A 525 28.69 50.24 74.34
C GLY A 525 27.96 49.96 73.04
N GLN A 526 28.59 49.22 72.12
CA GLN A 526 27.95 48.79 70.89
C GLN A 526 27.65 47.29 70.88
N GLY A 527 27.87 46.60 72.01
CA GLY A 527 27.61 45.17 72.10
C GLY A 527 28.78 44.28 71.72
N PHE A 528 29.85 44.84 71.15
CA PHE A 528 30.97 44.04 70.69
C PHE A 528 31.63 43.33 71.85
N PRO A 529 32.05 42.07 71.69
CA PRO A 529 32.80 41.38 72.76
C PRO A 529 34.08 42.14 73.10
N PRO A 530 34.69 41.87 74.25
CA PRO A 530 35.80 42.71 74.70
C PRO A 530 37.16 42.17 74.28
N VAL A 531 38.11 43.09 74.13
CA VAL A 531 39.50 42.68 74.01
C VAL A 531 39.99 42.15 75.35
N THR A 532 41.08 41.38 75.31
CA THR A 532 41.75 40.96 76.54
C THR A 532 42.67 42.04 77.07
N ARG A 533 43.47 42.66 76.19
CA ARG A 533 44.27 43.82 76.55
C ARG A 533 44.25 44.81 75.39
N ALA A 534 44.62 46.05 75.71
CA ALA A 534 44.90 47.09 74.73
C ALA A 534 46.13 47.87 75.20
N LEU A 535 47.15 47.97 74.35
CA LEU A 535 48.41 48.63 74.69
C LEU A 535 48.92 49.48 73.51
N ARG A 536 50.00 50.22 73.76
CA ARG A 536 50.50 51.29 72.88
C ARG A 536 51.86 50.92 72.28
N MET A 537 51.87 49.91 71.41
CA MET A 537 53.03 49.43 70.63
C MET A 537 54.41 49.40 71.31
N ASP A 538 54.46 49.19 72.63
CA ASP A 538 55.68 48.75 73.31
C ASP A 538 55.70 47.24 73.41
N SER A 539 55.28 46.57 72.34
CA SER A 539 55.14 45.12 72.34
C SER A 539 56.50 44.44 72.42
N THR A 540 56.53 43.33 73.17
CA THR A 540 57.72 42.52 73.37
C THR A 540 57.25 41.07 73.47
N ASP A 541 58.03 40.14 72.88
CA ASP A 541 57.82 38.69 72.89
C ASP A 541 56.85 38.24 71.79
N VAL A 542 55.93 37.34 72.13
CA VAL A 542 54.88 36.91 71.21
C VAL A 542 54.03 38.08 70.75
N SER A 543 54.21 39.26 71.36
CA SER A 543 53.50 40.47 70.96
C SER A 543 54.05 41.06 69.65
N THR A 544 55.29 41.58 69.69
CA THR A 544 55.92 42.09 68.47
C THR A 544 56.07 41.00 67.41
N GLY A 545 56.26 39.74 67.84
CA GLY A 545 56.37 38.64 66.89
C GLY A 545 55.14 38.44 66.03
N VAL A 546 53.97 38.87 66.52
CA VAL A 546 52.71 38.74 65.78
C VAL A 546 52.15 40.09 65.32
N THR A 547 52.83 41.20 65.58
CA THR A 547 52.48 42.45 64.89
C THR A 547 53.11 42.46 63.51
N GLY A 548 54.45 42.47 63.46
CA GLY A 548 55.14 42.43 62.18
C GLY A 548 54.72 41.25 61.32
N LYS A 549 54.35 40.13 61.93
CA LYS A 549 53.89 38.96 61.18
C LYS A 549 52.62 39.27 60.40
N VAL A 550 51.59 39.77 61.08
CA VAL A 550 50.34 40.01 60.36
C VAL A 550 50.38 41.36 59.64
N LEU A 551 51.11 42.33 60.18
CA LEU A 551 51.44 43.51 59.38
C LEU A 551 52.27 43.15 58.16
N LYS A 552 52.69 41.88 58.01
CA LYS A 552 53.40 41.45 56.83
C LYS A 552 52.46 41.10 55.69
N ARG A 553 51.53 40.19 55.95
CA ARG A 553 50.59 39.74 54.94
C ARG A 553 49.86 40.91 54.28
N VAL A 554 50.05 42.14 54.78
CA VAL A 554 49.48 43.34 54.17
C VAL A 554 50.27 43.72 52.91
N MET A 555 51.60 43.66 52.96
CA MET A 555 52.39 43.86 51.74
C MET A 555 52.51 42.56 50.95
N MET B 17 5.73 27.49 66.14
CA MET B 17 7.14 27.80 65.93
C MET B 17 7.89 26.53 65.59
N ILE B 18 7.73 26.07 64.35
CA ILE B 18 8.31 24.79 63.95
C ILE B 18 9.81 24.79 64.17
N THR B 19 10.32 23.68 64.70
CA THR B 19 11.74 23.48 64.94
C THR B 19 12.53 23.58 63.64
N LYS B 20 13.86 23.49 63.75
CA LYS B 20 14.65 23.42 62.53
C LYS B 20 14.59 22.05 61.88
N GLU B 21 14.26 21.00 62.65
CA GLU B 21 14.00 19.69 62.04
C GLU B 21 12.65 19.66 61.34
N GLU B 22 11.67 20.40 61.86
CA GLU B 22 10.39 20.50 61.18
C GLU B 22 10.56 21.20 59.83
N ARG B 23 11.17 22.39 59.83
CA ARG B 23 11.48 23.07 58.58
C ARG B 23 12.28 22.15 57.66
N ALA B 24 13.05 21.24 58.23
CA ALA B 24 13.74 20.26 57.40
C ALA B 24 12.76 19.26 56.80
N GLN B 25 11.79 18.80 57.59
CA GLN B 25 10.76 17.88 57.10
C GLN B 25 10.03 18.47 55.90
N ILE B 26 9.59 19.72 56.02
CA ILE B 26 8.82 20.38 54.96
C ILE B 26 9.64 20.43 53.67
N ASN B 27 10.84 20.98 53.74
CA ASN B 27 11.63 21.21 52.54
C ASN B 27 12.14 19.92 51.91
N ALA B 28 12.21 18.82 52.65
CA ALA B 28 12.59 17.54 52.07
C ALA B 28 11.44 16.81 51.40
N ASP B 29 10.24 17.41 51.34
CA ASP B 29 9.02 16.71 50.95
C ASP B 29 8.64 17.03 49.50
N PRO B 30 9.03 16.17 48.54
CA PRO B 30 8.72 16.47 47.14
C PRO B 30 7.23 16.45 46.83
N GLU B 31 6.41 15.84 47.69
CA GLU B 31 4.97 15.71 47.51
C GLU B 31 4.18 16.92 48.00
N LEU B 32 4.74 17.73 48.91
CA LEU B 32 4.03 18.85 49.49
C LEU B 32 3.72 19.94 48.47
N GLY B 33 2.45 20.36 48.44
CA GLY B 33 1.99 21.48 47.63
C GLY B 33 0.60 21.92 48.08
N ALA B 34 0.09 22.93 47.37
CA ALA B 34 -1.17 23.59 47.71
C ALA B 34 -2.38 22.66 47.65
N GLY B 35 -2.25 21.48 47.05
CA GLY B 35 -3.35 20.55 47.14
C GLY B 35 -3.31 19.51 48.25
N ASN B 36 -2.32 19.55 49.19
CA ASN B 36 -2.28 18.50 50.20
C ASN B 36 -1.63 18.93 51.51
N VAL B 37 -1.59 20.24 51.82
CA VAL B 37 -0.89 20.75 53.00
C VAL B 37 -1.45 20.13 54.26
N LEU B 38 -2.77 19.92 54.27
CA LEU B 38 -3.44 19.32 55.43
C LEU B 38 -3.04 17.86 55.60
N HIS B 39 -2.92 17.11 54.50
CA HIS B 39 -2.53 15.72 54.57
C HIS B 39 -1.03 15.56 54.79
N ARG B 40 -0.26 16.59 54.47
CA ARG B 40 1.15 16.57 54.81
C ARG B 40 1.34 16.71 56.31
N LEU B 41 0.52 17.53 56.96
CA LEU B 41 0.60 17.64 58.43
C LEU B 41 0.31 16.29 59.08
N ARG B 42 -0.67 15.56 58.53
CA ARG B 42 -0.95 14.22 59.04
C ARG B 42 0.27 13.32 58.92
N ALA B 43 0.99 13.41 57.79
CA ALA B 43 2.19 12.61 57.57
C ALA B 43 3.34 13.04 58.48
N TYR B 44 3.48 14.34 58.76
CA TYR B 44 4.52 14.78 59.69
C TYR B 44 4.22 14.32 61.11
N GLY B 45 2.94 14.13 61.43
CA GLY B 45 2.52 13.86 62.79
C GLY B 45 2.31 15.11 63.64
N ARG B 46 1.89 16.22 63.05
CA ARG B 46 1.74 17.43 63.81
C ARG B 46 0.67 17.18 64.88
N PRO B 47 0.78 17.85 66.04
CA PRO B 47 -0.11 17.50 67.18
C PRO B 47 -1.58 17.64 66.83
N THR B 48 -2.30 16.53 67.00
CA THR B 48 -3.64 16.41 66.45
C THR B 48 -4.68 17.20 67.23
N ASP B 49 -4.33 17.68 68.42
CA ASP B 49 -5.26 18.37 69.31
C ASP B 49 -4.94 19.85 69.49
N ARG B 50 -3.87 20.34 68.92
CA ARG B 50 -3.65 21.76 69.15
C ARG B 50 -4.56 22.56 68.22
N PRO B 51 -5.00 23.74 68.65
CA PRO B 51 -5.84 24.56 67.78
C PRO B 51 -5.00 25.19 66.69
N VAL B 52 -5.40 24.95 65.45
CA VAL B 52 -4.65 25.43 64.29
C VAL B 52 -5.40 26.47 63.48
N LEU B 53 -6.69 26.65 63.69
CA LEU B 53 -7.49 27.52 62.82
C LEU B 53 -8.54 28.26 63.63
N TRP B 54 -8.53 29.59 63.55
CA TRP B 54 -9.49 30.46 64.23
C TRP B 54 -10.47 31.05 63.21
N THR B 55 -11.73 31.20 63.60
CA THR B 55 -12.74 31.68 62.67
C THR B 55 -13.52 32.83 63.30
N ASP B 56 -14.31 33.50 62.46
CA ASP B 56 -15.31 34.45 62.91
C ASP B 56 -16.70 33.81 63.04
N GLY B 57 -16.76 32.49 63.21
CA GLY B 57 -18.01 31.76 63.38
C GLY B 57 -19.04 31.96 62.29
N THR B 58 -18.60 32.24 61.06
CA THR B 58 -19.52 32.38 59.92
C THR B 58 -19.82 31.06 59.22
N TRP B 59 -19.16 29.96 59.59
CA TRP B 59 -19.31 28.69 58.89
C TRP B 59 -19.93 27.65 59.83
N ARG B 60 -20.94 26.94 59.33
CA ARG B 60 -21.63 25.92 60.10
C ARG B 60 -21.11 24.53 59.75
N ALA B 61 -20.67 23.80 60.77
CA ALA B 61 -20.11 22.47 60.57
C ALA B 61 -21.23 21.48 60.22
N PRO B 62 -20.86 20.28 59.76
CA PRO B 62 -21.87 19.21 59.63
C PRO B 62 -22.76 19.07 60.85
N ASP B 63 -22.16 19.00 62.05
CA ASP B 63 -22.94 18.86 63.27
C ASP B 63 -23.84 20.06 63.56
N GLY B 64 -23.78 21.14 62.76
CA GLY B 64 -24.63 22.30 62.93
C GLY B 64 -24.02 23.45 63.71
N SER B 65 -22.94 23.21 64.46
CA SER B 65 -22.32 24.25 65.26
C SER B 65 -21.47 25.17 64.38
N HIS B 66 -21.07 26.30 64.96
CA HIS B 66 -20.31 27.34 64.26
C HIS B 66 -18.98 27.58 64.96
N PRO B 67 -18.03 26.64 64.83
CA PRO B 67 -16.82 26.69 65.68
C PRO B 67 -16.01 27.93 65.40
N GLU B 68 -15.41 28.48 66.46
CA GLU B 68 -14.54 29.63 66.34
C GLU B 68 -13.08 29.29 66.62
N VAL B 69 -12.82 28.05 67.04
CA VAL B 69 -11.48 27.52 67.24
C VAL B 69 -11.55 26.07 66.78
N ILE B 70 -10.88 25.75 65.67
CA ILE B 70 -10.88 24.41 65.08
C ILE B 70 -9.54 23.77 65.37
N THR B 71 -9.60 22.54 65.86
CA THR B 71 -8.40 21.75 66.14
C THR B 71 -7.95 21.06 64.87
N LEU B 72 -6.64 20.83 64.76
CA LEU B 72 -6.12 20.08 63.62
C LEU B 72 -6.92 18.79 63.38
N GLY B 73 -7.12 18.01 64.44
CA GLY B 73 -7.92 16.80 64.33
C GLY B 73 -9.36 17.08 63.92
N GLU B 74 -9.92 18.20 64.38
CA GLU B 74 -11.28 18.58 63.96
C GLU B 74 -11.30 18.96 62.49
N LEU B 75 -10.20 19.56 62.00
CA LEU B 75 -10.11 19.97 60.60
C LEU B 75 -10.00 18.76 59.69
N TYR B 76 -9.19 17.76 60.09
CA TYR B 76 -9.21 16.48 59.39
C TYR B 76 -10.65 15.98 59.28
N GLU B 77 -11.39 16.10 60.39
CA GLU B 77 -12.72 15.52 60.47
C GLU B 77 -13.70 16.27 59.58
N TYR B 78 -13.62 17.62 59.58
CA TYR B 78 -14.49 18.40 58.72
C TYR B 78 -14.19 18.15 57.24
N VAL B 79 -12.90 18.00 56.88
CA VAL B 79 -12.50 17.89 55.48
C VAL B 79 -12.87 16.52 54.91
N GLU B 80 -12.59 15.45 55.66
CA GLU B 80 -13.05 14.12 55.29
C GLU B 80 -14.57 14.08 55.08
N THR B 81 -15.31 14.80 55.93
CA THR B 81 -16.77 14.74 55.85
C THR B 81 -17.28 15.48 54.61
N TYR B 82 -16.70 16.65 54.31
CA TYR B 82 -17.03 17.31 53.06
C TYR B 82 -16.59 16.49 51.86
N ALA B 83 -15.45 15.81 51.97
CA ALA B 83 -14.96 15.00 50.87
C ALA B 83 -15.89 13.83 50.59
N GLY B 84 -16.21 13.03 51.61
CA GLY B 84 -17.18 11.96 51.43
C GLY B 84 -18.47 12.44 50.80
N PHE B 85 -19.00 13.58 51.28
CA PHE B 85 -20.20 14.16 50.70
C PHE B 85 -20.06 14.38 49.20
N TYR B 86 -19.09 15.19 48.81
CA TYR B 86 -18.89 15.46 47.39
C TYR B 86 -18.56 14.20 46.61
N HIS B 87 -17.95 13.21 47.26
CA HIS B 87 -17.77 11.97 46.55
C HIS B 87 -19.12 11.32 46.24
N GLY B 88 -20.04 11.41 47.20
CA GLY B 88 -21.39 10.90 46.98
C GLY B 88 -22.19 11.71 46.00
N LYS B 89 -21.92 13.01 45.89
CA LYS B 89 -22.55 13.83 44.88
C LYS B 89 -22.02 13.56 43.47
N GLY B 90 -21.06 12.65 43.30
CA GLY B 90 -20.54 12.29 41.99
C GLY B 90 -19.28 13.04 41.55
N ILE B 91 -18.64 13.78 42.45
CA ILE B 91 -17.46 14.57 42.10
C ILE B 91 -16.22 13.68 41.96
N ARG B 92 -15.65 13.65 40.77
CA ARG B 92 -14.47 12.88 40.40
C ARG B 92 -13.23 13.79 40.26
N PRO B 93 -12.04 13.22 40.11
CA PRO B 93 -10.86 14.06 39.78
C PRO B 93 -11.14 14.90 38.55
N ARG B 94 -10.69 16.16 38.60
CA ARG B 94 -10.79 17.16 37.52
C ARG B 94 -12.23 17.67 37.26
N ASP B 95 -13.18 17.43 38.15
CA ASP B 95 -14.44 18.16 38.03
C ASP B 95 -14.29 19.52 38.72
N VAL B 96 -15.17 20.43 38.36
CA VAL B 96 -15.16 21.79 38.90
C VAL B 96 -16.36 21.98 39.81
N VAL B 97 -16.12 22.52 41.00
CA VAL B 97 -17.18 22.79 41.97
C VAL B 97 -17.10 24.26 42.32
N GLY B 98 -18.10 25.03 41.88
CA GLY B 98 -18.21 26.41 42.31
C GLY B 98 -18.35 26.52 43.81
N VAL B 99 -17.84 27.62 44.36
CA VAL B 99 -17.99 27.94 45.77
C VAL B 99 -18.28 29.43 45.84
N LEU B 100 -19.56 29.80 46.06
CA LEU B 100 -20.05 31.19 46.10
C LEU B 100 -20.49 31.53 47.51
N THR B 101 -19.64 32.22 48.26
CA THR B 101 -19.91 32.43 49.68
C THR B 101 -19.20 33.70 50.16
N ALA B 102 -19.53 34.11 51.39
CA ALA B 102 -18.87 35.21 52.07
C ALA B 102 -18.11 34.77 53.30
N SER B 103 -18.19 33.50 53.66
CA SER B 103 -17.47 32.99 54.82
C SER B 103 -16.06 32.61 54.38
N SER B 104 -15.07 33.20 55.04
CA SER B 104 -13.71 32.86 54.63
C SER B 104 -13.33 31.47 55.11
N THR B 105 -13.73 31.11 56.32
CA THR B 105 -13.39 29.77 56.72
C THR B 105 -14.25 28.72 56.03
N GLU B 106 -15.29 29.13 55.29
CA GLU B 106 -16.12 28.19 54.53
C GLU B 106 -15.50 27.93 53.16
N PHE B 107 -15.07 28.99 52.47
CA PHE B 107 -14.11 28.89 51.36
C PHE B 107 -12.94 27.95 51.67
N ALA B 108 -12.41 28.04 52.90
CA ALA B 108 -11.23 27.24 53.23
C ALA B 108 -11.56 25.76 53.29
N ILE B 109 -12.65 25.39 53.97
CA ILE B 109 -12.97 23.97 54.15
C ILE B 109 -13.26 23.33 52.81
N ASN B 110 -14.09 23.99 52.00
CA ASN B 110 -14.42 23.43 50.70
C ASN B 110 -13.21 23.38 49.77
N PHE B 111 -12.32 24.37 49.87
CA PHE B 111 -11.06 24.33 49.11
C PHE B 111 -10.34 23.01 49.36
N MET B 112 -10.09 22.68 50.62
CA MET B 112 -9.29 21.50 50.93
C MET B 112 -10.02 20.23 50.56
N ALA B 113 -11.31 20.13 50.92
CA ALA B 113 -12.06 18.90 50.68
C ALA B 113 -12.25 18.64 49.19
N ILE B 114 -12.55 19.67 48.41
CA ILE B 114 -12.69 19.48 46.97
C ILE B 114 -11.35 19.14 46.35
N ASN B 115 -10.27 19.82 46.76
CA ASN B 115 -8.89 19.40 46.45
C ASN B 115 -8.64 17.92 46.72
N SER B 116 -9.06 17.42 47.89
CA SER B 116 -8.66 16.09 48.34
C SER B 116 -9.24 15.00 47.45
N LEU B 117 -10.21 15.32 46.61
CA LEU B 117 -10.77 14.42 45.62
C LEU B 117 -10.14 14.58 44.25
N GLY B 118 -9.15 15.44 44.11
CA GLY B 118 -8.65 15.77 42.80
C GLY B 118 -9.54 16.69 42.01
N ALA B 119 -10.56 17.28 42.64
CA ALA B 119 -11.48 18.19 41.99
C ALA B 119 -11.04 19.63 42.26
N ILE B 120 -11.59 20.55 41.48
CA ILE B 120 -11.11 21.93 41.44
C ILE B 120 -12.12 22.89 42.07
N PRO B 121 -11.91 23.40 43.28
CA PRO B 121 -12.80 24.46 43.81
C PRO B 121 -12.66 25.74 42.98
N SER B 122 -13.80 26.32 42.62
CA SER B 122 -13.84 27.54 41.81
C SER B 122 -14.44 28.65 42.67
N PHE B 123 -13.58 29.53 43.20
CA PHE B 123 -14.04 30.59 44.09
C PHE B 123 -14.71 31.71 43.28
N ALA B 124 -15.91 32.12 43.72
CA ALA B 124 -16.60 33.30 43.19
C ALA B 124 -16.98 34.23 44.34
N ASN B 125 -16.79 35.53 44.10
CA ASN B 125 -17.07 36.55 45.10
C ASN B 125 -18.58 36.68 45.36
N ALA B 126 -18.97 36.64 46.63
CA ALA B 126 -20.39 36.55 46.99
C ALA B 126 -21.18 37.77 46.51
N LYS B 127 -20.53 38.91 46.29
CA LYS B 127 -21.22 40.11 45.85
C LYS B 127 -21.13 40.31 44.34
N LEU B 128 -20.97 39.23 43.59
CA LEU B 128 -21.02 39.30 42.14
C LEU B 128 -22.47 39.44 41.70
N ARG B 129 -22.69 40.34 40.75
CA ARG B 129 -24.00 40.51 40.13
C ARG B 129 -24.60 39.15 39.79
N PRO B 130 -25.82 38.84 40.24
CA PRO B 130 -26.29 37.44 40.22
C PRO B 130 -26.32 36.81 38.84
N GLU B 131 -26.59 37.57 37.78
CA GLU B 131 -26.54 36.95 36.46
C GLU B 131 -25.10 36.74 35.99
N ILE B 132 -24.15 37.52 36.51
CA ILE B 132 -22.74 37.35 36.16
C ILE B 132 -22.17 36.10 36.83
N ALA B 133 -22.40 35.94 38.12
CA ALA B 133 -21.88 34.75 38.78
C ALA B 133 -22.59 33.48 38.33
N ARG B 134 -23.72 33.60 37.62
CA ARG B 134 -24.30 32.42 37.01
C ARG B 134 -23.55 32.07 35.74
N GLU B 135 -23.22 33.08 34.94
CA GLU B 135 -22.53 32.84 33.67
C GLU B 135 -21.03 32.60 33.90
N TYR B 136 -20.49 33.13 34.99
CA TYR B 136 -19.11 32.87 35.33
C TYR B 136 -18.89 31.40 35.65
N ILE B 137 -19.76 30.81 36.49
CA ILE B 137 -19.58 29.40 36.82
C ILE B 137 -19.96 28.51 35.65
N ARG B 138 -20.99 28.89 34.89
CA ARG B 138 -21.43 28.06 33.77
C ARG B 138 -20.30 27.83 32.78
N ARG B 139 -19.57 28.90 32.45
CA ARG B 139 -18.54 28.87 31.39
C ARG B 139 -17.42 27.89 31.69
N GLN B 140 -17.25 27.54 32.95
CA GLN B 140 -16.18 26.69 33.43
C GLN B 140 -16.49 25.21 33.33
N GLY B 141 -17.77 24.87 33.10
CA GLY B 141 -18.21 23.48 33.11
C GLY B 141 -18.33 22.87 34.50
N ALA B 142 -18.67 23.67 35.51
CA ALA B 142 -18.80 23.13 36.86
C ALA B 142 -19.88 22.03 36.92
N SER B 143 -19.72 21.13 37.90
CA SER B 143 -20.61 20.00 38.11
C SER B 143 -21.74 20.30 39.09
N GLY B 144 -21.69 21.45 39.73
CA GLY B 144 -22.45 21.72 40.93
C GLY B 144 -21.74 22.81 41.69
N ALA B 145 -22.39 23.27 42.76
CA ALA B 145 -21.83 24.38 43.52
C ALA B 145 -22.27 24.31 44.97
N VAL B 146 -21.59 25.08 45.79
CA VAL B 146 -21.95 25.28 47.19
C VAL B 146 -22.02 26.78 47.42
N THR B 147 -22.97 27.22 48.23
CA THR B 147 -23.14 28.64 48.56
C THR B 147 -23.32 28.81 50.06
N ASP B 148 -23.28 30.05 50.51
CA ASP B 148 -23.81 30.36 51.83
C ASP B 148 -25.32 30.63 51.67
N THR B 149 -26.00 30.94 52.77
CA THR B 149 -27.46 30.92 52.73
C THR B 149 -28.00 32.02 51.82
N GLU B 150 -27.43 33.22 51.90
CA GLU B 150 -27.97 34.35 51.16
C GLU B 150 -27.65 34.31 49.67
N ARG B 151 -26.68 33.49 49.27
CA ARG B 151 -26.30 33.39 47.87
C ARG B 151 -26.91 32.17 47.21
N HIS B 152 -27.63 31.34 47.98
CA HIS B 152 -28.19 30.10 47.45
C HIS B 152 -29.20 30.35 46.35
N GLU B 153 -29.95 31.46 46.43
CA GLU B 153 -30.91 31.77 45.37
C GLU B 153 -30.22 32.03 44.04
N VAL B 154 -28.95 32.43 44.05
CA VAL B 154 -28.28 32.89 42.83
C VAL B 154 -28.11 31.74 41.83
N LEU B 155 -27.92 30.52 42.33
CA LEU B 155 -27.66 29.37 41.47
C LEU B 155 -28.79 28.35 41.45
N ALA B 156 -29.61 28.30 42.50
CA ALA B 156 -30.64 27.28 42.60
C ALA B 156 -31.78 27.54 41.62
N GLY B 157 -32.24 26.48 40.96
CA GLY B 157 -33.13 26.59 39.84
C GLY B 157 -32.42 26.62 38.49
N GLY B 158 -31.11 26.73 38.48
CA GLY B 158 -30.35 26.77 37.24
C GLY B 158 -30.16 25.39 36.67
N GLU B 159 -29.14 25.28 35.82
CA GLU B 159 -28.81 24.02 35.16
C GLU B 159 -27.48 23.48 35.72
N LEU B 160 -27.33 23.50 37.04
CA LEU B 160 -26.17 22.88 37.66
C LEU B 160 -26.59 21.52 38.21
N GLY B 161 -25.70 20.55 38.09
CA GLY B 161 -25.97 19.22 38.63
C GLY B 161 -26.44 19.23 40.06
N PHE B 162 -25.96 20.19 40.86
CA PHE B 162 -26.48 20.37 42.20
C PHE B 162 -26.09 21.77 42.67
N VAL B 163 -26.72 22.20 43.74
CA VAL B 163 -26.44 23.46 44.40
C VAL B 163 -26.67 23.18 45.88
N VAL B 164 -25.61 23.10 46.67
CA VAL B 164 -25.77 22.72 48.07
C VAL B 164 -25.35 23.86 49.00
N THR B 165 -25.52 23.65 50.32
CA THR B 165 -25.07 24.57 51.36
C THR B 165 -24.60 23.73 52.55
N ALA B 166 -24.03 24.39 53.56
CA ALA B 166 -23.46 23.66 54.70
C ALA B 166 -24.48 22.72 55.34
N GLU B 167 -25.76 23.11 55.34
CA GLU B 167 -26.80 22.26 55.90
C GLU B 167 -26.81 20.87 55.26
N ASP B 168 -26.54 20.81 53.95
CA ASP B 168 -26.58 19.54 53.22
C ASP B 168 -25.45 18.59 53.59
N ILE B 169 -24.38 19.08 54.22
CA ILE B 169 -23.32 18.22 54.72
C ILE B 169 -23.70 17.77 56.13
N ARG B 170 -23.82 16.46 56.31
CA ARG B 170 -24.20 15.82 57.56
C ARG B 170 -23.08 14.89 58.00
N PRO B 171 -22.87 14.73 59.30
CA PRO B 171 -21.72 13.91 59.76
C PRO B 171 -21.62 12.58 59.04
N GLU B 172 -22.76 11.92 58.80
CA GLU B 172 -22.76 10.58 58.22
C GLU B 172 -22.01 10.49 56.88
N HIS B 173 -21.82 11.61 56.17
CA HIS B 173 -21.20 11.56 54.85
C HIS B 173 -19.73 11.16 54.89
N ARG B 174 -19.08 11.31 56.06
CA ARG B 174 -17.71 10.88 56.23
C ARG B 174 -17.52 9.41 55.87
N ALA B 175 -18.59 8.62 56.02
CA ALA B 175 -18.53 7.21 55.64
C ALA B 175 -18.45 7.02 54.13
N GLN B 176 -18.77 8.04 53.34
CA GLN B 176 -18.68 7.94 51.89
C GLN B 176 -17.27 8.20 51.35
N LEU B 177 -16.29 8.40 52.24
CA LEU B 177 -14.92 8.70 51.82
C LEU B 177 -14.37 7.59 50.93
N PRO B 178 -13.88 7.90 49.73
CA PRO B 178 -13.52 6.85 48.77
C PRO B 178 -12.23 6.14 49.16
N GLN B 179 -11.98 5.03 48.46
CA GLN B 179 -10.77 4.27 48.71
C GLN B 179 -9.56 4.95 48.07
N GLY B 180 -8.47 5.03 48.82
CA GLY B 180 -7.30 5.70 48.31
C GLY B 180 -7.31 7.20 48.51
N TRP B 181 -8.11 7.66 49.40
CA TRP B 181 -8.13 9.06 49.76
C TRP B 181 -6.96 9.35 50.70
N PRO B 182 -6.30 10.50 50.56
CA PRO B 182 -6.58 11.63 49.65
C PRO B 182 -5.82 11.58 48.32
N TYR B 183 -6.08 12.55 47.44
CA TYR B 183 -5.53 12.55 46.08
C TYR B 183 -4.04 12.91 46.06
N ARG B 184 -3.27 12.26 45.19
CA ARG B 184 -1.86 12.62 44.99
C ARG B 184 -1.78 13.51 43.75
N HIS B 185 -1.55 14.80 43.97
CA HIS B 185 -1.49 15.74 42.87
C HIS B 185 -0.13 15.70 42.18
N ASP B 186 -0.15 15.78 40.85
CA ASP B 186 1.05 16.21 40.18
C ASP B 186 1.28 17.68 40.47
N PRO B 187 2.56 18.16 40.47
CA PRO B 187 2.82 19.61 40.44
C PRO B 187 1.84 20.39 39.57
N THR B 188 1.53 19.83 38.41
CA THR B 188 0.80 20.52 37.36
C THR B 188 -0.72 20.39 37.48
N ASP B 189 -1.23 19.73 38.51
CA ASP B 189 -2.67 19.46 38.61
C ASP B 189 -3.39 20.69 39.16
N PRO B 190 -4.47 21.15 38.52
CA PRO B 190 -5.19 22.32 39.04
C PRO B 190 -5.85 22.02 40.37
N ILE B 191 -5.66 22.93 41.32
CA ILE B 191 -6.20 22.77 42.66
C ILE B 191 -7.09 23.92 43.10
N ILE B 192 -7.24 24.96 42.28
CA ILE B 192 -8.17 26.03 42.60
C ILE B 192 -8.42 26.86 41.35
N ILE B 193 -9.60 27.45 41.27
CA ILE B 193 -9.87 28.55 40.35
C ILE B 193 -10.35 29.72 41.18
N SER B 194 -9.86 30.92 40.86
CA SER B 194 -10.16 32.13 41.61
C SER B 194 -10.26 33.26 40.59
N HIS B 195 -10.79 34.41 41.00
CA HIS B 195 -10.89 35.55 40.10
C HIS B 195 -10.53 36.81 40.87
N SER B 196 -10.22 37.87 40.13
CA SER B 196 -9.70 39.10 40.74
C SER B 196 -10.83 40.08 41.06
N SER B 197 -10.54 40.96 42.03
CA SER B 197 -11.49 41.97 42.53
C SER B 197 -11.56 43.17 41.59
N GLY B 198 -12.43 44.12 41.93
CA GLY B 198 -12.51 45.37 41.20
C GLY B 198 -12.86 45.20 39.73
N THR B 199 -13.72 44.24 39.44
CA THR B 199 -14.16 43.95 38.09
C THR B 199 -15.57 44.48 37.88
N THR B 200 -15.87 44.92 36.65
CA THR B 200 -17.21 45.40 36.33
C THR B 200 -18.00 44.41 35.48
N GLY B 201 -17.34 43.70 34.56
CA GLY B 201 -18.02 42.75 33.71
C GLY B 201 -17.79 41.32 34.12
N MET B 202 -17.50 40.44 33.14
CA MET B 202 -17.21 39.02 33.34
C MET B 202 -15.79 38.81 33.82
N PRO B 203 -15.58 38.38 35.07
CA PRO B 203 -14.22 38.16 35.54
C PRO B 203 -13.58 37.02 34.78
N LYS B 204 -12.24 36.99 34.84
CA LYS B 204 -11.44 35.94 34.23
C LYS B 204 -11.11 34.87 35.26
N ALA B 205 -11.39 33.61 34.91
CA ALA B 205 -11.11 32.52 35.83
C ALA B 205 -9.61 32.19 35.80
N VAL B 206 -8.96 32.24 36.95
CA VAL B 206 -7.52 32.03 37.05
C VAL B 206 -7.28 30.73 37.82
N PRO B 207 -6.87 29.66 37.16
CA PRO B 207 -6.51 28.44 37.89
C PRO B 207 -5.10 28.55 38.48
N HIS B 208 -4.92 27.87 39.60
CA HIS B 208 -3.58 27.63 40.11
C HIS B 208 -3.45 26.15 40.43
N THR B 209 -2.20 25.67 40.33
CA THR B 209 -1.93 24.24 40.38
C THR B 209 -1.30 23.88 41.72
N HIS B 210 -0.90 22.63 41.81
CA HIS B 210 -0.32 22.13 43.05
C HIS B 210 0.96 22.87 43.41
N GLN B 211 1.75 23.31 42.42
CA GLN B 211 2.99 24.00 42.74
C GLN B 211 2.86 25.51 42.68
N THR B 212 2.06 26.04 41.75
CA THR B 212 2.04 27.49 41.54
C THR B 212 1.57 28.24 42.77
N LEU B 213 0.61 27.70 43.53
CA LEU B 213 -0.03 28.51 44.55
C LEU B 213 0.85 28.69 45.78
N LEU B 214 1.64 27.68 46.14
CA LEU B 214 2.53 27.77 47.28
C LEU B 214 4.00 27.88 46.88
N TYR B 215 4.30 28.16 45.61
CA TYR B 215 5.70 28.16 45.20
C TYR B 215 6.50 29.18 45.98
N ALA B 216 6.08 30.45 45.92
CA ALA B 216 6.76 31.53 46.61
C ALA B 216 7.08 31.12 48.05
N GLN B 217 6.03 30.96 48.87
CA GLN B 217 6.18 30.51 50.24
C GLN B 217 7.23 29.40 50.44
N LEU B 218 7.13 28.30 49.67
CA LEU B 218 8.06 27.20 49.88
C LEU B 218 9.49 27.60 49.52
N HIS B 219 9.64 28.56 48.60
CA HIS B 219 10.96 29.08 48.28
C HIS B 219 11.53 29.89 49.44
N ARG B 220 10.67 30.60 50.17
CA ARG B 220 11.01 31.19 51.46
C ARG B 220 11.63 30.15 52.39
N LEU B 221 10.82 29.18 52.84
CA LEU B 221 11.25 28.18 53.81
C LEU B 221 12.55 27.48 53.38
N LYS B 222 12.72 27.23 52.08
CA LYS B 222 13.85 26.44 51.60
C LYS B 222 15.20 27.07 51.96
N LEU B 223 15.23 28.33 52.38
CA LEU B 223 16.48 28.92 52.83
C LEU B 223 16.26 29.87 54.00
N SER B 224 15.52 30.96 53.78
CA SER B 224 15.29 31.95 54.83
C SER B 224 14.55 31.32 56.00
N VAL B 225 14.38 32.12 57.06
CA VAL B 225 13.69 31.72 58.29
C VAL B 225 12.19 31.89 58.11
N GLY B 226 11.41 31.41 59.08
CA GLY B 226 10.00 31.69 59.20
C GLY B 226 9.65 32.85 60.13
N GLY B 227 10.66 33.50 60.75
CA GLY B 227 10.48 34.68 61.56
C GLY B 227 9.42 34.55 62.65
N SER B 228 9.00 35.68 63.23
CA SER B 228 7.84 35.70 64.12
C SER B 228 6.61 36.20 63.39
N MET B 229 6.33 35.57 62.24
CA MET B 229 5.00 35.58 61.64
C MET B 229 4.12 34.53 62.33
N GLY B 230 3.94 34.71 63.64
CA GLY B 230 3.41 33.65 64.48
C GLY B 230 1.93 33.71 64.84
N ARG B 231 1.25 34.80 64.48
CA ARG B 231 -0.19 34.88 64.61
C ARG B 231 -0.71 35.66 63.40
N LEU B 232 -1.36 34.95 62.47
CA LEU B 232 -1.73 35.56 61.19
C LEU B 232 -3.21 35.96 61.20
N LEU B 233 -3.47 37.23 60.91
CA LEU B 233 -4.82 37.71 60.64
C LEU B 233 -4.99 37.80 59.13
N VAL B 234 -5.81 36.93 58.58
CA VAL B 234 -6.09 36.90 57.14
C VAL B 234 -7.37 37.69 56.95
N ALA B 235 -7.24 38.98 56.70
CA ALA B 235 -8.39 39.79 56.34
C ALA B 235 -8.50 40.01 54.85
N LEU B 236 -7.93 39.08 54.08
CA LEU B 236 -8.10 39.11 52.65
C LEU B 236 -9.51 38.64 52.28
N PRO B 237 -10.09 39.15 51.20
CA PRO B 237 -11.35 38.60 50.71
C PRO B 237 -11.23 37.11 50.49
N GLY B 238 -12.23 36.35 50.96
CA GLY B 238 -12.14 34.89 50.93
C GLY B 238 -11.99 34.30 49.54
N ASN B 239 -12.63 34.90 48.53
CA ASN B 239 -12.61 34.42 47.15
C ASN B 239 -11.28 34.60 46.44
N HIS B 240 -10.31 35.27 47.08
CA HIS B 240 -9.02 35.59 46.48
C HIS B 240 -8.03 34.48 46.81
N ASN B 241 -7.25 34.03 45.79
CA ASN B 241 -6.29 32.94 46.00
C ASN B 241 -5.21 33.31 47.01
N ALA B 242 -4.95 34.61 47.21
CA ALA B 242 -4.02 35.05 48.25
C ALA B 242 -4.45 34.57 49.63
N ALA B 243 -5.76 34.41 49.86
CA ALA B 243 -6.23 34.08 51.19
C ALA B 243 -6.00 32.62 51.53
N MET B 244 -6.03 31.74 50.54
CA MET B 244 -5.70 30.35 50.80
C MET B 244 -4.19 30.13 50.88
N SER B 245 -3.42 30.92 50.13
CA SER B 245 -1.96 30.81 50.17
C SER B 245 -1.43 31.11 51.57
N VAL B 246 -1.84 32.23 52.14
CA VAL B 246 -1.42 32.57 53.49
C VAL B 246 -1.96 31.58 54.51
N MET B 247 -3.17 31.07 54.30
CA MET B 247 -3.73 30.13 55.25
C MET B 247 -2.89 28.86 55.35
N MET B 248 -2.70 28.18 54.22
CA MET B 248 -1.91 26.96 54.23
C MET B 248 -0.46 27.22 54.59
N PHE B 249 0.07 28.39 54.21
CA PHE B 249 1.40 28.76 54.67
C PHE B 249 1.44 28.78 56.19
N GLY B 250 0.44 29.45 56.80
CA GLY B 250 0.33 29.47 58.23
C GLY B 250 0.05 28.12 58.84
N LEU B 251 -0.59 27.21 58.11
CA LEU B 251 -0.76 25.87 58.67
C LEU B 251 0.53 25.09 58.61
N LEU B 252 1.42 25.42 57.66
CA LEU B 252 2.70 24.72 57.53
C LEU B 252 3.63 25.07 58.69
N LEU B 253 3.82 26.36 58.94
CA LEU B 253 4.42 26.81 60.20
C LEU B 253 3.38 26.65 61.30
N ASP B 254 3.78 26.26 62.49
CA ASP B 254 2.60 26.05 63.35
C ASP B 254 1.88 27.39 63.78
N SER B 255 2.08 28.49 63.07
CA SER B 255 1.50 29.77 63.42
C SER B 255 -0.02 29.76 63.26
N PRO B 256 -0.79 30.09 64.32
CA PRO B 256 -2.25 30.06 64.20
C PRO B 256 -2.77 31.09 63.20
N VAL B 257 -3.97 30.81 62.66
CA VAL B 257 -4.57 31.61 61.59
C VAL B 257 -6.01 31.97 61.96
N TYR B 258 -6.35 33.24 61.84
CA TYR B 258 -7.72 33.71 61.98
C TYR B 258 -8.24 34.15 60.62
N LEU B 259 -9.39 33.62 60.22
CA LEU B 259 -9.96 33.86 58.90
C LEU B 259 -11.08 34.87 59.07
N GLN B 260 -10.74 36.14 58.84
CA GLN B 260 -11.70 37.24 58.92
C GLN B 260 -12.46 37.36 57.61
N SER B 261 -13.79 37.30 57.68
CA SER B 261 -14.57 37.40 56.44
C SER B 261 -14.93 38.83 56.08
N SER B 262 -15.18 39.70 57.06
CA SER B 262 -15.54 41.07 56.74
C SER B 262 -14.30 41.92 56.50
N GLN B 263 -14.27 42.61 55.35
CA GLN B 263 -13.24 43.58 55.03
C GLN B 263 -13.50 44.96 55.63
N ARG B 264 -14.38 45.08 56.65
CA ARG B 264 -14.70 46.36 57.23
C ARG B 264 -13.70 46.69 58.34
N GLY B 265 -13.13 47.90 58.27
CA GLY B 265 -12.12 48.36 59.21
C GLY B 265 -12.43 48.05 60.66
N SER B 266 -13.59 48.51 61.14
CA SER B 266 -14.03 48.16 62.49
C SER B 266 -13.99 46.65 62.71
N ASP B 267 -14.49 45.88 61.73
CA ASP B 267 -14.59 44.43 61.90
C ASP B 267 -13.21 43.78 62.02
N VAL B 268 -12.22 44.30 61.30
CA VAL B 268 -10.88 43.75 61.38
C VAL B 268 -10.16 44.23 62.64
N LEU B 269 -10.31 45.52 62.98
CA LEU B 269 -9.76 46.02 64.25
C LEU B 269 -10.31 45.22 65.44
N ASP B 270 -11.61 44.89 65.40
CA ASP B 270 -12.16 44.01 66.42
C ASP B 270 -11.39 42.69 66.48
N ALA B 271 -11.26 42.02 65.33
CA ALA B 271 -10.53 40.75 65.28
C ALA B 271 -9.05 40.92 65.58
N ILE B 272 -8.49 42.12 65.39
CA ILE B 272 -7.13 42.40 65.82
C ILE B 272 -7.01 42.31 67.33
N GLU B 273 -7.91 43.02 68.05
CA GLU B 273 -7.87 43.02 69.51
C GLU B 273 -8.16 41.64 70.09
N LYS B 274 -9.10 40.90 69.50
CA LYS B 274 -9.47 39.59 70.02
C LYS B 274 -8.35 38.57 69.79
N PHE B 275 -7.82 38.51 68.57
CA PHE B 275 -6.89 37.46 68.15
C PHE B 275 -5.45 37.80 68.51
N LYS B 276 -5.07 39.08 68.43
CA LYS B 276 -3.71 39.60 68.65
C LYS B 276 -2.74 39.10 67.59
N PRO B 277 -2.86 39.58 66.34
CA PRO B 277 -1.96 39.11 65.28
C PRO B 277 -0.61 39.81 65.29
N THR B 278 0.45 39.05 65.00
CA THR B 278 1.75 39.61 64.64
C THR B 278 1.77 40.12 63.20
N THR B 279 1.01 39.49 62.31
CA THR B 279 0.96 39.91 60.91
C THR B 279 -0.48 39.96 60.45
N VAL B 280 -0.75 40.91 59.53
CA VAL B 280 -2.10 41.23 59.08
C VAL B 280 -2.09 41.38 57.56
N PHE B 281 -2.95 40.63 56.88
CA PHE B 281 -3.05 40.68 55.43
C PHE B 281 -4.38 41.31 55.06
N GLY B 282 -4.41 42.04 53.94
CA GLY B 282 -5.62 42.76 53.58
C GLY B 282 -5.47 43.52 52.29
N PHE B 283 -6.56 44.18 51.91
CA PHE B 283 -6.61 45.06 50.75
C PHE B 283 -6.37 46.50 51.16
N SER B 284 -6.28 47.38 50.16
CA SER B 284 -6.03 48.78 50.50
C SER B 284 -7.24 49.40 51.19
N GLY B 285 -8.45 49.10 50.69
CA GLY B 285 -9.67 49.64 51.29
C GLY B 285 -9.77 49.37 52.78
N THR B 286 -9.50 48.13 53.18
CA THR B 286 -9.49 47.79 54.60
C THR B 286 -8.47 48.61 55.38
N TYR B 287 -7.27 48.77 54.83
CA TYR B 287 -6.22 49.49 55.55
C TYR B 287 -6.54 50.97 55.65
N GLY B 288 -7.19 51.54 54.62
CA GLY B 288 -7.66 52.92 54.72
C GLY B 288 -8.61 53.12 55.88
N GLN B 289 -9.64 52.27 55.99
CA GLN B 289 -10.65 52.42 57.03
C GLN B 289 -10.08 52.28 58.43
N ILE B 290 -8.95 51.62 58.57
CA ILE B 290 -8.31 51.48 59.87
C ILE B 290 -7.39 52.68 60.17
N ALA B 291 -6.77 53.25 59.12
CA ALA B 291 -5.94 54.43 59.31
C ALA B 291 -6.79 55.66 59.59
N THR B 292 -7.88 55.84 58.84
CA THR B 292 -8.85 56.91 59.08
C THR B 292 -9.86 56.43 60.12
N SER B 293 -9.39 56.35 61.36
CA SER B 293 -10.22 55.79 62.41
C SER B 293 -9.57 56.12 63.75
N ASP B 294 -10.43 56.28 64.77
CA ASP B 294 -9.93 56.42 66.13
C ASP B 294 -9.31 55.11 66.56
N LEU B 295 -8.01 55.14 66.85
CA LEU B 295 -7.31 53.96 67.33
C LEU B 295 -6.85 54.11 68.78
N SER B 296 -7.40 55.09 69.51
CA SER B 296 -6.99 55.29 70.89
C SER B 296 -7.59 54.25 71.82
N THR B 297 -8.78 53.73 71.50
CA THR B 297 -9.30 52.57 72.22
C THR B 297 -8.54 51.30 71.83
N ARG B 298 -8.01 51.25 70.61
CA ARG B 298 -7.51 50.00 70.04
C ARG B 298 -6.19 49.55 70.67
N ASP B 299 -6.14 48.28 71.05
CA ASP B 299 -4.93 47.63 71.55
C ASP B 299 -3.80 47.75 70.54
N MET B 300 -3.84 46.95 69.47
CA MET B 300 -3.00 47.05 68.28
C MET B 300 -1.50 46.83 68.52
N SER B 301 -1.07 46.57 69.75
CA SER B 301 0.36 46.51 70.01
C SER B 301 0.95 45.13 69.72
N SER B 302 0.15 44.20 69.20
CA SER B 302 0.64 42.88 68.88
C SER B 302 1.23 42.81 67.48
N ILE B 303 0.85 43.71 66.58
CA ILE B 303 1.24 43.59 65.19
C ILE B 303 2.69 44.06 65.03
N GLU B 304 3.45 43.29 64.22
CA GLU B 304 4.79 43.67 63.80
C GLU B 304 4.85 44.04 62.32
N ALA B 305 3.82 43.68 61.54
CA ALA B 305 3.83 43.78 60.09
C ALA B 305 2.41 43.71 59.53
N TYR B 306 2.11 44.55 58.55
CA TYR B 306 0.96 44.34 57.70
C TYR B 306 1.40 43.91 56.30
N TYR B 307 0.50 43.21 55.60
CA TYR B 307 0.68 42.90 54.18
C TYR B 307 -0.52 43.37 53.38
N ASN B 308 -0.23 44.07 52.29
CA ASN B 308 -1.21 44.57 51.35
C ASN B 308 -1.10 43.77 50.06
N THR B 309 -2.22 43.31 49.54
CA THR B 309 -2.23 42.79 48.18
C THR B 309 -3.20 43.63 47.36
N GLY B 310 -2.98 43.66 46.07
CA GLY B 310 -3.86 44.43 45.22
C GLY B 310 -3.31 45.81 44.97
N ASP B 311 -4.19 46.81 44.98
CA ASP B 311 -3.74 48.19 44.81
C ASP B 311 -2.94 48.63 46.02
N ALA B 312 -1.78 49.24 45.77
CA ALA B 312 -0.96 49.77 46.84
C ALA B 312 -1.77 50.71 47.73
N ALA B 313 -1.56 50.58 49.04
CA ALA B 313 -2.15 51.55 49.96
C ALA B 313 -1.56 52.93 49.71
N HIS B 314 -2.32 53.96 50.05
CA HIS B 314 -1.82 55.33 49.89
C HIS B 314 -0.90 55.69 51.05
N GLU B 315 0.20 56.38 50.73
CA GLU B 315 1.26 56.60 51.70
C GLU B 315 0.74 57.25 52.96
N ALA B 316 -0.33 58.04 52.85
CA ALA B 316 -0.96 58.63 54.02
C ALA B 316 -1.33 57.55 55.04
N HIS B 317 -2.13 56.57 54.62
CA HIS B 317 -2.58 55.52 55.53
C HIS B 317 -1.42 54.66 56.02
N ILE B 318 -0.45 54.39 55.14
CA ILE B 318 0.70 53.56 55.51
C ILE B 318 1.35 54.09 56.78
N ARG B 319 1.64 55.40 56.80
CA ARG B 319 2.42 55.99 57.89
C ARG B 319 1.64 55.98 59.21
N VAL B 320 0.32 56.22 59.16
CA VAL B 320 -0.51 56.01 60.35
C VAL B 320 -0.34 54.59 60.87
N LEU B 321 -0.38 53.63 59.94
CA LEU B 321 -0.40 52.22 60.32
C LEU B 321 0.95 51.75 60.88
N VAL B 322 2.05 52.17 60.27
CA VAL B 322 3.37 51.68 60.67
C VAL B 322 3.75 52.20 62.06
N ALA B 323 2.83 52.93 62.70
CA ALA B 323 3.14 53.57 63.96
C ALA B 323 2.94 52.65 65.16
N GLN B 324 1.97 51.73 65.12
CA GLN B 324 1.68 50.87 66.26
C GLN B 324 2.57 49.63 66.22
N GLY B 325 2.53 48.88 67.32
CA GLY B 325 3.32 47.66 67.43
C GLY B 325 4.83 47.93 67.49
N SER B 326 5.59 46.84 67.32
CA SER B 326 7.03 46.86 67.46
C SER B 326 7.61 45.73 66.61
N HIS B 327 8.77 45.97 65.98
CA HIS B 327 9.37 44.94 65.14
C HIS B 327 10.84 44.71 65.48
N GLU B 328 11.26 43.47 65.24
CA GLU B 328 12.68 43.13 65.18
C GLU B 328 13.40 44.01 64.16
N GLU B 329 14.60 44.46 64.52
CA GLU B 329 15.50 45.07 63.55
C GLU B 329 16.90 44.55 63.83
N ILE B 330 17.83 44.93 62.95
CA ILE B 330 19.19 44.42 63.03
C ILE B 330 19.98 45.33 63.97
N GLY B 331 20.39 44.78 65.11
CA GLY B 331 21.12 45.55 66.10
C GLY B 331 22.57 45.75 65.71
N PRO B 332 23.11 46.95 66.02
CA PRO B 332 24.54 47.22 65.75
C PRO B 332 25.52 46.16 66.26
N ASP B 333 25.13 45.30 67.21
CA ASP B 333 25.98 44.17 67.59
C ASP B 333 25.63 42.89 66.81
N PHE B 334 24.91 43.02 65.70
CA PHE B 334 24.50 41.92 64.83
C PHE B 334 23.63 40.90 65.55
N LYS B 335 22.95 41.35 66.61
CA LYS B 335 21.96 40.60 67.38
C LYS B 335 20.60 41.29 67.31
N PRO B 336 19.51 40.56 67.57
CA PRO B 336 18.16 41.14 67.37
C PRO B 336 17.77 42.10 68.49
N VAL B 337 17.22 43.26 68.10
CA VAL B 337 16.68 44.24 69.02
C VAL B 337 15.32 44.70 68.51
N ARG B 338 14.38 44.89 69.44
CA ARG B 338 13.02 45.33 69.10
C ARG B 338 12.97 46.85 69.08
N VAL B 339 13.08 47.44 67.89
CA VAL B 339 12.82 48.88 67.74
C VAL B 339 11.30 49.04 67.80
N PRO B 340 10.76 50.26 67.89
CA PRO B 340 9.30 50.40 67.88
C PRO B 340 8.77 50.70 66.49
N GLY B 341 7.50 50.44 66.27
CA GLY B 341 6.89 50.59 64.96
C GLY B 341 6.65 49.24 64.29
N SER B 342 6.09 49.33 63.09
CA SER B 342 5.68 48.14 62.36
C SER B 342 5.97 48.34 60.88
N VAL B 343 6.19 47.24 60.18
CA VAL B 343 6.55 47.25 58.76
C VAL B 343 5.30 47.00 57.93
N PHE B 344 5.11 47.80 56.88
CA PHE B 344 3.95 47.69 56.01
C PHE B 344 4.43 47.42 54.59
N THR B 345 4.21 46.20 54.10
CA THR B 345 4.68 45.79 52.78
C THR B 345 3.55 45.85 51.76
N ASP B 346 3.76 46.62 50.69
CA ASP B 346 2.93 46.59 49.50
C ASP B 346 3.41 45.46 48.59
N GLY B 347 2.73 44.31 48.64
CA GLY B 347 2.93 43.30 47.61
C GLY B 347 2.30 43.76 46.32
N LEU B 348 3.08 43.82 45.25
CA LEU B 348 2.55 44.14 43.92
C LEU B 348 2.45 42.83 43.16
N GLY B 349 1.24 42.34 42.98
CA GLY B 349 1.00 41.09 42.29
C GLY B 349 -0.42 41.04 41.78
N SER B 350 -0.96 39.83 41.67
CA SER B 350 -2.30 39.65 41.12
C SER B 350 -2.69 38.19 41.28
N SER B 351 -3.95 37.92 40.97
CA SER B 351 -4.45 36.54 40.90
C SER B 351 -3.57 35.68 40.00
N GLU B 352 -3.15 36.22 38.86
CA GLU B 352 -2.31 35.46 37.92
C GLU B 352 -0.94 35.15 38.52
N THR B 353 -0.17 36.18 38.90
CA THR B 353 1.17 35.86 39.38
C THR B 353 1.15 35.25 40.75
N GLY B 354 -0.03 35.07 41.35
CA GLY B 354 -0.19 34.11 42.41
C GLY B 354 0.69 34.36 43.61
N TYR B 355 1.05 35.62 43.85
CA TYR B 355 1.82 36.03 45.02
C TYR B 355 2.10 37.51 44.97
N SER B 356 3.39 37.84 44.85
CA SER B 356 3.88 39.20 44.93
C SER B 356 5.29 39.16 44.35
N ILE B 357 5.39 39.49 43.07
CA ILE B 357 6.68 39.56 42.42
C ILE B 357 7.51 40.69 43.03
N PHE B 358 6.87 41.83 43.31
CA PHE B 358 7.54 43.04 43.77
C PHE B 358 7.07 43.39 45.18
N HIS B 359 7.99 43.92 45.98
CA HIS B 359 7.76 44.16 47.41
C HIS B 359 8.30 45.54 47.78
N ASN B 360 7.40 46.50 48.03
CA ASN B 360 7.74 47.83 48.55
C ASN B 360 7.61 47.82 50.07
N GLY B 361 8.76 47.88 50.78
CA GLY B 361 8.74 47.88 52.25
C GLY B 361 8.70 49.25 52.94
N HIS B 362 7.66 49.49 53.75
CA HIS B 362 7.52 50.70 54.53
C HIS B 362 7.74 50.43 56.02
N LYS B 363 8.51 51.30 56.67
CA LYS B 363 8.77 51.25 58.10
C LYS B 363 8.71 52.68 58.62
N PRO B 364 8.74 52.93 59.94
CA PRO B 364 8.58 54.30 60.43
C PRO B 364 9.58 55.28 59.80
N GLY B 365 9.04 56.41 59.34
CA GLY B 365 9.83 57.45 58.72
C GLY B 365 10.38 57.14 57.34
N SER B 366 10.14 55.93 56.82
CA SER B 366 10.64 55.56 55.49
C SER B 366 10.19 56.56 54.44
N ALA B 367 11.01 56.70 53.39
CA ALA B 367 10.76 57.71 52.37
C ALA B 367 9.60 57.30 51.48
N SER B 368 9.13 58.26 50.68
CA SER B 368 8.18 57.92 49.63
C SER B 368 8.85 57.00 48.62
N PHE B 369 8.15 55.93 48.26
CA PHE B 369 8.65 55.11 47.15
C PHE B 369 8.41 55.80 45.81
N GLY B 370 7.39 56.64 45.73
CA GLY B 370 7.08 57.28 44.46
C GLY B 370 6.56 56.25 43.49
N ARG B 371 7.13 56.22 42.30
CA ARG B 371 6.68 55.21 41.35
C ARG B 371 7.54 53.94 41.36
N CYS B 372 8.54 53.86 42.24
CA CYS B 372 9.44 52.72 42.30
C CYS B 372 8.76 51.51 42.95
N ILE B 373 8.81 50.36 42.27
CA ILE B 373 8.32 49.10 42.82
C ILE B 373 9.44 48.15 43.16
N GLY B 374 10.68 48.56 42.94
CA GLY B 374 11.83 47.76 43.30
C GLY B 374 12.11 46.66 42.31
N LYS B 375 12.51 45.51 42.84
CA LYS B 375 13.08 44.44 42.05
C LYS B 375 12.23 43.18 42.23
N PRO B 376 12.18 42.32 41.23
CA PRO B 376 11.39 41.10 41.39
C PRO B 376 12.10 40.12 42.31
N MET B 377 11.30 39.29 42.96
CA MET B 377 11.85 38.17 43.73
C MET B 377 12.75 37.30 42.85
N SER B 378 13.72 36.65 43.49
CA SER B 378 14.70 35.81 42.79
C SER B 378 14.03 34.83 41.82
N PHE B 379 12.97 34.16 42.26
CA PHE B 379 12.35 33.09 41.47
C PHE B 379 11.66 33.62 40.23
N ALA B 380 11.40 34.92 40.16
CA ALA B 380 10.61 35.51 39.10
C ALA B 380 11.49 36.39 38.23
N GLN B 381 10.98 36.70 37.05
CA GLN B 381 11.71 37.46 36.05
C GLN B 381 10.77 38.50 35.46
N ALA B 382 11.22 39.76 35.41
CA ALA B 382 10.42 40.88 34.94
C ALA B 382 11.13 41.57 33.77
N ALA B 383 10.37 42.04 32.81
CA ALA B 383 10.98 42.81 31.74
C ALA B 383 10.06 43.96 31.36
N VAL B 384 10.67 45.02 30.87
CA VAL B 384 9.97 46.13 30.29
C VAL B 384 10.00 45.85 28.80
N LEU B 385 8.89 45.33 28.27
CA LEU B 385 8.85 44.84 26.89
C LEU B 385 8.52 45.94 25.91
N SER B 386 9.23 45.93 24.77
CA SER B 386 8.84 46.69 23.59
C SER B 386 7.61 46.07 22.95
N GLU B 387 7.24 46.55 21.76
CA GLU B 387 6.01 46.02 21.18
C GLU B 387 6.23 44.68 20.49
N ASP B 388 7.45 44.39 20.03
CA ASP B 388 7.75 43.07 19.49
C ASP B 388 8.21 42.08 20.56
N GLY B 389 8.01 42.41 21.84
CA GLY B 389 8.28 41.47 22.92
C GLY B 389 9.69 41.49 23.47
N ARG B 390 10.57 42.35 22.96
CA ARG B 390 11.95 42.35 23.45
C ARG B 390 12.11 43.33 24.61
N PRO B 391 12.85 42.96 25.66
CA PRO B 391 13.10 43.92 26.75
C PRO B 391 13.90 45.13 26.28
N LEU B 392 13.64 46.29 26.89
CA LEU B 392 14.19 47.56 26.43
C LEU B 392 15.36 48.04 27.30
N PRO B 393 16.21 48.93 26.75
CA PRO B 393 17.19 49.67 27.58
C PRO B 393 16.56 50.36 28.77
N ALA B 394 17.35 50.61 29.82
CA ALA B 394 16.79 51.02 31.11
C ALA B 394 15.85 52.24 30.98
N GLY B 395 16.32 53.33 30.39
CA GLY B 395 15.51 54.54 30.52
C GLY B 395 14.22 54.58 29.72
N GLU B 396 13.83 53.51 29.03
CA GLU B 396 12.72 53.57 28.09
C GLU B 396 11.47 52.91 28.65
N VAL B 397 10.30 53.29 28.07
CA VAL B 397 8.98 52.90 28.55
C VAL B 397 8.46 51.75 27.69
N GLY B 398 7.88 50.75 28.34
CA GLY B 398 7.23 49.67 27.61
C GLY B 398 6.38 48.85 28.55
N ARG B 399 5.76 47.79 28.02
CA ARG B 399 4.81 47.01 28.81
C ARG B 399 5.51 46.14 29.84
N LEU B 400 5.11 46.27 31.09
CA LEU B 400 5.63 45.39 32.13
C LEU B 400 5.08 43.96 31.92
N GLY B 401 5.96 43.01 31.62
CA GLY B 401 5.55 41.62 31.62
C GLY B 401 6.36 40.88 32.67
N VAL B 402 5.85 39.77 33.20
CA VAL B 402 6.66 38.94 34.07
C VAL B 402 6.56 37.47 33.67
N ARG B 403 7.57 36.71 34.08
CA ARG B 403 7.57 35.25 34.06
C ARG B 403 7.82 34.75 35.48
N SER B 404 7.22 33.62 35.83
CA SER B 404 7.40 33.14 37.18
C SER B 404 6.86 31.71 37.33
N PRO B 405 7.49 30.88 38.18
CA PRO B 405 6.93 29.56 38.47
C PRO B 405 5.78 29.65 39.46
N THR B 406 5.35 30.87 39.71
CA THR B 406 4.07 31.11 40.38
C THR B 406 2.98 31.51 39.40
N LEU B 407 3.31 31.68 38.13
CA LEU B 407 2.33 32.15 37.15
C LEU B 407 1.34 31.05 36.78
N THR B 408 0.07 31.44 36.62
CA THR B 408 -0.93 30.47 36.26
C THR B 408 -0.63 29.87 34.89
N PRO B 409 -1.10 28.65 34.64
CA PRO B 409 -1.05 28.11 33.27
C PRO B 409 -2.00 28.81 32.31
N GLY B 410 -2.95 29.59 32.79
CA GLY B 410 -3.75 30.43 31.91
C GLY B 410 -5.24 30.37 32.22
N TYR B 411 -5.97 31.39 31.74
CA TYR B 411 -7.35 31.59 32.15
C TYR B 411 -8.18 30.38 31.76
N TRP B 412 -9.03 29.96 32.70
CA TRP B 412 -9.78 28.72 32.56
C TRP B 412 -10.82 28.86 31.44
N ASN B 413 -10.80 27.91 30.52
CA ASN B 413 -11.65 27.90 29.32
C ASN B 413 -11.61 29.23 28.58
N ASP B 414 -10.44 29.89 28.58
CA ASP B 414 -10.34 31.10 27.76
C ASP B 414 -8.88 31.26 27.33
N SER B 415 -8.49 30.45 26.36
CA SER B 415 -7.19 30.59 25.72
C SER B 415 -7.09 31.93 24.99
N LEU B 416 -8.16 32.33 24.29
CA LEU B 416 -8.10 33.53 23.45
C LEU B 416 -7.65 34.75 24.25
N THR B 417 -8.16 34.91 25.47
CA THR B 417 -7.75 36.05 26.28
C THR B 417 -6.35 35.84 26.86
N TRP B 418 -6.08 34.66 27.41
CA TRP B 418 -4.76 34.37 27.96
C TRP B 418 -3.63 34.75 27.01
N HIS B 419 -3.76 34.46 25.72
CA HIS B 419 -2.65 34.80 24.84
C HIS B 419 -2.68 36.25 24.41
N LYS B 420 -3.83 36.90 24.46
CA LYS B 420 -3.84 38.34 24.25
C LYS B 420 -3.09 39.07 25.35
N LEU B 421 -2.94 38.44 26.52
CA LEU B 421 -2.30 39.04 27.67
C LEU B 421 -0.87 38.50 27.87
N ARG B 422 -0.27 37.96 26.80
CA ARG B 422 1.11 37.51 26.81
C ARG B 422 1.89 38.17 25.67
N LEU B 423 3.16 38.46 25.93
CA LEU B 423 4.04 39.08 24.94
C LEU B 423 5.49 38.65 25.19
N GLY B 424 6.21 38.34 24.11
CA GLY B 424 7.60 37.89 24.16
C GLY B 424 7.95 36.89 25.26
N GLY B 425 6.98 36.06 25.64
CA GLY B 425 7.20 35.04 26.62
C GLY B 425 6.73 35.38 28.02
N TYR B 426 6.29 36.63 28.24
CA TYR B 426 5.86 37.10 29.56
C TYR B 426 4.33 37.26 29.58
N TRP B 427 3.79 37.33 30.79
CA TRP B 427 2.39 37.68 30.99
C TRP B 427 2.30 39.19 31.23
N LEU B 428 1.57 39.90 30.37
CA LEU B 428 1.35 41.34 30.53
C LEU B 428 0.48 41.64 31.76
N THR B 429 1.05 42.35 32.75
CA THR B 429 0.31 42.78 33.94
C THR B 429 -0.73 43.86 33.66
N GLY B 430 -0.65 44.51 32.50
CA GLY B 430 -1.46 45.67 32.20
C GLY B 430 -0.75 47.00 32.39
N ASP B 431 0.51 47.00 32.81
CA ASP B 431 1.16 48.25 33.14
C ASP B 431 2.22 48.65 32.12
N LEU B 432 2.52 49.94 32.13
CA LEU B 432 3.69 50.50 31.47
C LEU B 432 4.71 50.81 32.55
N ALA B 433 5.98 50.65 32.21
CA ALA B 433 7.03 50.75 33.23
C ALA B 433 8.35 51.13 32.58
N MET B 434 9.34 51.33 33.45
CA MET B 434 10.67 51.72 33.04
C MET B 434 11.62 51.32 34.15
N GLN B 435 12.90 51.24 33.78
CA GLN B 435 13.93 50.85 34.71
C GLN B 435 14.95 51.95 34.89
N ASP B 436 15.57 52.00 36.07
CA ASP B 436 16.75 52.82 36.26
C ASP B 436 18.00 52.04 35.85
N ALA B 437 19.17 52.69 35.94
CA ALA B 437 20.41 52.06 35.48
C ALA B 437 20.70 50.75 36.20
N GLU B 438 20.25 50.63 37.45
CA GLU B 438 20.48 49.45 38.26
C GLU B 438 19.29 48.50 38.28
N GLY B 439 18.41 48.60 37.28
CA GLY B 439 17.37 47.62 37.08
C GLY B 439 16.24 47.59 38.08
N ASN B 440 16.09 48.62 38.93
CA ASN B 440 14.84 48.78 39.64
C ASN B 440 13.75 49.16 38.64
N PHE B 441 12.51 48.80 38.96
CA PHE B 441 11.38 49.12 38.10
C PHE B 441 10.56 50.29 38.66
N TYR B 442 9.98 51.06 37.75
CA TYR B 442 9.13 52.18 38.12
C TYR B 442 7.80 52.02 37.38
N HIS B 443 6.71 51.92 38.15
CA HIS B 443 5.37 51.79 37.57
C HIS B 443 4.89 53.14 37.06
N LEU B 444 4.53 53.24 35.78
CA LEU B 444 4.09 54.52 35.22
C LEU B 444 2.57 54.65 35.20
N ASP B 445 1.88 53.80 34.44
CA ASP B 445 0.43 53.86 34.32
C ASP B 445 -0.05 52.49 33.86
N ARG B 446 -1.37 52.35 33.70
CA ARG B 446 -1.92 51.25 32.94
C ARG B 446 -1.78 51.58 31.46
N ALA B 447 -1.51 50.56 30.66
CA ALA B 447 -1.24 50.80 29.24
C ALA B 447 -2.40 51.47 28.49
N PRO B 448 -3.68 51.18 28.76
CA PRO B 448 -4.76 51.91 28.06
C PRO B 448 -4.90 53.38 28.48
N ASP B 449 -4.36 53.76 29.64
CA ASP B 449 -4.37 55.14 30.11
C ASP B 449 -3.23 55.97 29.53
N ALA B 450 -2.59 55.59 28.43
CA ALA B 450 -1.47 56.33 27.90
C ALA B 450 -1.87 56.93 26.57
N ILE B 451 -1.66 58.23 26.41
CA ILE B 451 -2.10 58.92 25.21
C ILE B 451 -0.88 59.46 24.47
N ARG B 452 -0.79 59.15 23.19
CA ARG B 452 0.27 59.64 22.32
C ARG B 452 -0.17 61.00 21.79
N THR B 453 0.40 62.05 22.36
CA THR B 453 0.17 63.39 21.86
C THR B 453 1.49 63.94 21.33
N GLU B 454 1.37 65.09 20.67
CA GLU B 454 2.53 65.76 20.08
C GLU B 454 3.60 66.06 21.13
N ALA B 455 3.19 66.62 22.26
CA ALA B 455 4.14 67.08 23.27
C ALA B 455 4.56 65.98 24.24
N GLY B 456 4.51 64.71 23.82
CA GLY B 456 4.94 63.58 24.62
C GLY B 456 3.83 62.58 24.88
N ILE B 457 4.14 61.60 25.71
CA ILE B 457 3.14 60.65 26.22
C ILE B 457 2.49 61.28 27.43
N VAL B 458 1.17 61.42 27.42
CA VAL B 458 0.40 61.77 28.62
C VAL B 458 0.00 60.48 29.34
N PHE B 459 0.42 60.35 30.60
CA PHE B 459 -0.01 59.25 31.47
C PHE B 459 -1.23 59.69 32.26
N SER B 460 -2.41 59.28 31.80
CA SER B 460 -3.66 59.81 32.31
C SER B 460 -3.74 59.82 33.83
N THR B 461 -3.45 58.67 34.46
CA THR B 461 -3.67 58.55 35.91
C THR B 461 -2.68 59.37 36.74
N ARG B 462 -1.42 59.50 36.27
CA ARG B 462 -0.48 60.38 36.97
C ARG B 462 -0.91 61.83 36.81
N THR B 463 -1.33 62.21 35.60
CA THR B 463 -1.88 63.54 35.35
C THR B 463 -3.03 63.83 36.30
N GLU B 464 -4.08 63.01 36.24
CA GLU B 464 -5.22 63.15 37.15
C GLU B 464 -4.78 63.28 38.61
N GLU B 465 -3.82 62.48 39.04
CA GLU B 465 -3.49 62.56 40.46
C GLU B 465 -2.67 63.80 40.79
N LEU B 466 -1.83 64.25 39.87
CA LEU B 466 -1.14 65.51 40.07
C LEU B 466 -2.13 66.65 40.25
N LEU B 467 -3.05 66.82 39.28
CA LEU B 467 -4.06 67.86 39.33
C LEU B 467 -4.84 67.85 40.65
N LEU B 468 -5.40 66.69 41.03
CA LEU B 468 -6.18 66.63 42.26
C LEU B 468 -5.33 66.93 43.49
N ALA B 469 -4.10 66.42 43.54
CA ALA B 469 -3.20 66.79 44.62
C ALA B 469 -2.89 68.28 44.62
N SER B 470 -2.93 68.93 43.44
CA SER B 470 -2.58 70.34 43.35
C SER B 470 -3.78 71.27 43.48
N LEU B 471 -4.93 70.88 42.93
CA LEU B 471 -6.11 71.75 42.82
C LEU B 471 -7.22 71.21 43.68
N PRO B 472 -7.32 71.63 44.95
CA PRO B 472 -8.42 71.17 45.82
C PRO B 472 -9.79 71.68 45.42
N GLU B 473 -9.88 72.62 44.47
CA GLU B 473 -11.17 72.97 43.88
C GLU B 473 -11.84 71.76 43.24
N LEU B 474 -11.02 70.82 42.75
CA LEU B 474 -11.50 69.68 41.99
C LEU B 474 -11.97 68.59 42.92
N ALA B 475 -13.06 67.93 42.55
CA ALA B 475 -13.51 66.72 43.23
C ALA B 475 -13.02 65.45 42.54
N ASP B 476 -12.98 65.45 41.20
CA ASP B 476 -12.36 64.40 40.40
C ASP B 476 -11.93 65.00 39.07
N CYS B 477 -11.32 64.16 38.23
CA CYS B 477 -11.07 64.48 36.83
C CYS B 477 -10.62 63.24 36.08
N THR B 478 -10.71 63.34 34.76
CA THR B 478 -10.58 62.23 33.84
C THR B 478 -9.81 62.76 32.63
N VAL B 479 -8.54 62.37 32.49
CA VAL B 479 -7.84 62.70 31.25
C VAL B 479 -8.31 61.75 30.16
N THR B 480 -8.37 62.24 28.94
CA THR B 480 -9.10 61.52 27.91
C THR B 480 -8.46 61.81 26.56
N ALA B 481 -8.55 60.85 25.66
CA ALA B 481 -7.92 60.94 24.35
C ALA B 481 -8.93 61.46 23.33
N ILE B 482 -8.55 62.48 22.58
CA ILE B 482 -9.39 63.07 21.56
C ILE B 482 -8.61 62.99 20.24
N ALA B 483 -9.10 62.18 19.32
CA ALA B 483 -8.38 61.89 18.09
C ALA B 483 -9.31 61.99 16.89
N GLU B 484 -8.72 62.25 15.72
CA GLU B 484 -9.40 62.17 14.44
C GLU B 484 -9.88 60.75 14.17
N GLU B 485 -10.44 60.53 12.98
CA GLU B 485 -10.97 59.22 12.64
C GLU B 485 -9.86 58.27 12.24
N GLY B 486 -9.95 57.02 12.71
CA GLY B 486 -9.02 55.97 12.35
C GLY B 486 -7.58 56.11 12.85
N VAL B 487 -7.21 57.29 13.36
CA VAL B 487 -5.88 57.43 13.97
C VAL B 487 -5.87 56.65 15.27
N ARG B 488 -4.96 55.67 15.35
CA ARG B 488 -4.74 54.93 16.58
C ARG B 488 -3.59 55.60 17.32
N ALA B 489 -3.90 56.15 18.51
CA ALA B 489 -2.95 56.94 19.28
C ALA B 489 -2.76 56.42 20.70
N ASP B 490 -3.23 55.22 20.99
CA ASP B 490 -2.99 54.59 22.29
C ASP B 490 -1.56 54.03 22.29
N TRP B 491 -1.21 53.21 23.27
CA TRP B 491 0.19 52.83 23.43
C TRP B 491 0.72 52.11 22.18
N ASP B 492 -0.08 51.19 21.63
CA ASP B 492 0.38 50.37 20.51
C ASP B 492 0.28 51.06 19.16
N GLY B 493 -0.30 52.24 19.09
CA GLY B 493 -0.56 52.89 17.82
C GLY B 493 0.61 53.74 17.34
N ASP B 494 0.46 54.21 16.11
CA ASP B 494 1.48 54.99 15.42
C ASP B 494 1.12 56.47 15.31
N GLY B 495 -0.03 56.86 15.84
CA GLY B 495 -0.58 58.18 15.65
C GLY B 495 -0.50 59.06 16.88
N VAL B 496 -1.08 60.25 16.72
CA VAL B 496 -1.04 61.29 17.73
C VAL B 496 -2.47 61.69 18.06
N ALA B 497 -2.67 62.10 19.31
CA ALA B 497 -3.97 62.55 19.78
C ALA B 497 -3.81 63.84 20.57
N GLU B 498 -4.94 64.28 21.12
CA GLU B 498 -5.01 65.42 22.00
C GLU B 498 -5.55 64.93 23.33
N ALA B 499 -4.89 65.30 24.43
CA ALA B 499 -5.42 64.99 25.75
C ALA B 499 -6.38 66.08 26.20
N TYR B 500 -7.54 65.68 26.72
CA TYR B 500 -8.49 66.59 27.37
C TYR B 500 -8.67 66.19 28.83
N VAL B 501 -8.71 67.17 29.74
CA VAL B 501 -9.19 66.89 31.11
C VAL B 501 -10.66 67.20 31.18
N LEU B 502 -11.42 66.31 31.79
CA LEU B 502 -12.81 66.56 32.16
C LEU B 502 -12.81 66.83 33.66
N LEU B 503 -12.91 68.11 34.02
CA LEU B 503 -12.81 68.57 35.40
C LEU B 503 -14.15 68.50 36.12
N GLN B 504 -14.16 67.84 37.27
CA GLN B 504 -15.35 67.75 38.10
C GLN B 504 -15.09 68.55 39.38
N PHE B 505 -15.75 69.70 39.48
CA PHE B 505 -15.51 70.60 40.60
C PHE B 505 -16.32 70.18 41.82
N THR B 506 -15.72 70.40 42.99
CA THR B 506 -16.50 70.23 44.21
C THR B 506 -17.50 71.39 44.37
N ASP B 507 -18.61 71.09 45.03
CA ASP B 507 -19.69 72.06 45.19
C ASP B 507 -19.22 73.35 45.86
N GLY B 508 -19.48 74.48 45.20
CA GLY B 508 -19.10 75.76 45.76
C GLY B 508 -17.66 76.16 45.59
N ALA B 509 -16.87 75.41 44.83
CA ALA B 509 -15.45 75.75 44.67
C ALA B 509 -15.29 76.84 43.61
N ARG B 510 -14.26 77.66 43.80
CA ARG B 510 -13.97 78.76 42.88
C ARG B 510 -13.48 78.19 41.55
N GLU B 511 -14.22 78.45 40.49
CA GLU B 511 -13.83 77.95 39.18
C GLU B 511 -13.08 79.02 38.40
N PRO B 512 -11.81 78.83 38.08
CA PRO B 512 -11.11 79.82 37.24
C PRO B 512 -11.72 79.88 35.85
N GLY B 513 -11.52 81.03 35.20
CA GLY B 513 -12.17 81.27 33.92
C GLY B 513 -11.46 80.59 32.77
N ASP B 514 -10.14 80.45 32.88
CA ASP B 514 -9.30 79.76 31.90
C ASP B 514 -8.95 78.40 32.48
N LEU B 515 -9.87 77.45 32.31
CA LEU B 515 -9.67 76.13 32.90
C LEU B 515 -8.42 75.43 32.34
N THR B 516 -8.10 75.65 31.07
CA THR B 516 -6.94 74.99 30.46
C THR B 516 -5.61 75.55 30.96
N GLY B 517 -5.46 76.88 30.93
CA GLY B 517 -4.25 77.46 31.48
C GLY B 517 -4.04 77.10 32.93
N TRP B 518 -5.14 76.98 33.68
CA TRP B 518 -5.06 76.72 35.12
C TRP B 518 -4.47 75.35 35.39
N VAL B 519 -4.93 74.35 34.62
CA VAL B 519 -4.48 72.97 34.75
C VAL B 519 -3.05 72.84 34.22
N ASN B 520 -2.79 73.35 33.02
CA ASN B 520 -1.46 73.20 32.40
C ASN B 520 -0.38 73.91 33.20
N GLU B 521 -0.76 74.90 34.00
CA GLU B 521 0.20 75.52 34.89
C GLU B 521 0.72 74.50 35.90
N VAL B 522 -0.18 73.65 36.42
CA VAL B 522 0.26 72.59 37.32
C VAL B 522 1.16 71.61 36.59
N LEU B 523 0.72 71.15 35.42
CA LEU B 523 1.47 70.13 34.70
C LEU B 523 2.90 70.59 34.43
N ALA B 524 3.05 71.78 33.84
CA ALA B 524 4.39 72.27 33.52
C ALA B 524 5.28 72.34 34.76
N GLY B 525 4.74 72.76 35.89
CA GLY B 525 5.53 72.83 37.10
C GLY B 525 6.13 71.50 37.51
N GLN B 526 5.65 70.40 36.93
CA GLN B 526 6.21 69.08 37.14
C GLN B 526 6.77 68.51 35.85
N GLY B 527 6.88 69.31 34.79
CA GLY B 527 7.38 68.82 33.53
C GLY B 527 6.43 67.96 32.72
N PHE B 528 5.28 67.55 33.28
CA PHE B 528 4.38 66.68 32.54
C PHE B 528 3.98 67.34 31.24
N PRO B 529 3.61 66.54 30.23
CA PRO B 529 3.04 67.12 29.00
C PRO B 529 1.74 67.85 29.30
N PRO B 530 1.53 69.02 28.69
CA PRO B 530 0.26 69.72 28.87
C PRO B 530 -0.89 69.01 28.19
N VAL B 531 -2.11 69.22 28.70
CA VAL B 531 -3.33 68.81 28.01
C VAL B 531 -3.60 69.82 26.90
N THR B 532 -4.51 69.48 25.99
CA THR B 532 -4.91 70.42 24.94
C THR B 532 -6.07 71.31 25.38
N ARG B 533 -6.96 70.81 26.23
CA ARG B 533 -8.12 71.57 26.66
C ARG B 533 -8.64 70.94 27.94
N ALA B 534 -9.00 71.80 28.89
CA ALA B 534 -9.73 71.41 30.10
C ALA B 534 -11.19 71.84 29.95
N LEU B 535 -12.10 70.94 30.29
CA LEU B 535 -13.53 71.15 30.13
C LEU B 535 -14.20 70.85 31.45
N ARG B 536 -15.10 71.74 31.91
CA ARG B 536 -15.90 71.43 33.08
C ARG B 536 -16.94 70.38 32.70
N MET B 537 -17.14 69.40 33.58
CA MET B 537 -18.27 68.50 33.43
C MET B 537 -19.32 68.88 34.46
N ASP B 538 -20.53 68.33 34.30
CA ASP B 538 -21.66 68.72 35.14
C ASP B 538 -21.70 68.00 36.47
N SER B 539 -20.60 67.34 36.85
CA SER B 539 -20.50 66.42 37.98
C SER B 539 -21.37 65.17 37.73
N MET C 17 11.28 -7.15 41.51
CA MET C 17 10.60 -7.91 42.54
C MET C 17 10.27 -7.02 43.75
N ILE C 18 10.61 -5.74 43.66
CA ILE C 18 10.40 -4.79 44.75
C ILE C 18 8.98 -4.25 44.68
N THR C 19 8.36 -4.07 45.86
CA THR C 19 6.97 -3.61 45.92
C THR C 19 6.84 -2.17 45.42
N LYS C 20 5.60 -1.79 45.11
CA LYS C 20 5.38 -0.46 44.57
C LYS C 20 5.44 0.60 45.65
N GLU C 21 5.32 0.19 46.92
CA GLU C 21 5.44 1.13 48.04
C GLU C 21 6.90 1.48 48.28
N GLU C 22 7.80 0.50 48.14
CA GLU C 22 9.23 0.76 48.27
C GLU C 22 9.78 1.48 47.04
N ARG C 23 9.26 1.17 45.84
CA ARG C 23 9.70 1.92 44.67
C ARG C 23 9.33 3.39 44.81
N ALA C 24 8.10 3.66 45.24
CA ALA C 24 7.66 5.03 45.46
C ALA C 24 8.58 5.76 46.44
N GLN C 25 8.92 5.09 47.56
CA GLN C 25 9.89 5.60 48.52
C GLN C 25 11.18 6.07 47.84
N ILE C 26 11.84 5.13 47.14
CA ILE C 26 13.06 5.47 46.41
C ILE C 26 12.85 6.65 45.48
N ASN C 27 11.81 6.58 44.63
CA ASN C 27 11.59 7.63 43.64
C ASN C 27 11.16 8.95 44.25
N ALA C 28 10.78 8.98 45.52
CA ALA C 28 10.43 10.22 46.20
C ALA C 28 11.48 10.64 47.22
N ASP C 29 12.74 10.23 47.03
CA ASP C 29 13.78 10.61 47.97
C ASP C 29 14.78 11.57 47.34
N PRO C 30 14.64 12.87 47.58
CA PRO C 30 15.62 13.82 47.01
C PRO C 30 17.01 13.72 47.63
N GLU C 31 17.18 13.01 48.74
CA GLU C 31 18.50 12.87 49.33
C GLU C 31 19.31 11.70 48.78
N LEU C 32 18.72 10.79 48.01
CA LEU C 32 19.37 9.52 47.69
C LEU C 32 20.37 9.67 46.54
N GLY C 33 21.57 9.13 46.74
CA GLY C 33 22.59 9.17 45.73
C GLY C 33 23.71 8.21 46.07
N ALA C 34 24.78 8.28 45.29
CA ALA C 34 25.85 7.31 45.51
C ALA C 34 26.56 7.48 46.86
N GLY C 35 26.34 8.58 47.58
CA GLY C 35 26.97 8.69 48.88
C GLY C 35 26.18 8.19 50.08
N ASN C 36 24.98 7.60 49.91
CA ASN C 36 24.19 7.26 51.09
C ASN C 36 23.15 6.16 50.86
N VAL C 37 23.21 5.36 49.79
CA VAL C 37 22.23 4.30 49.57
C VAL C 37 22.01 3.51 50.85
N LEU C 38 23.10 3.14 51.52
CA LEU C 38 22.99 2.31 52.71
C LEU C 38 22.14 2.98 53.79
N HIS C 39 22.20 4.31 53.89
CA HIS C 39 21.51 5.02 54.96
C HIS C 39 20.08 5.33 54.58
N ARG C 40 19.83 5.51 53.28
CA ARG C 40 18.46 5.60 52.80
C ARG C 40 17.73 4.29 53.05
N LEU C 41 18.41 3.15 52.88
CA LEU C 41 17.79 1.87 53.20
C LEU C 41 17.37 1.82 54.67
N ARG C 42 18.25 2.28 55.56
CA ARG C 42 17.93 2.38 56.98
C ARG C 42 16.72 3.26 57.21
N ALA C 43 16.71 4.47 56.62
CA ALA C 43 15.56 5.36 56.75
C ALA C 43 14.28 4.69 56.26
N TYR C 44 14.33 4.03 55.10
CA TYR C 44 13.16 3.32 54.59
C TYR C 44 12.69 2.24 55.55
N GLY C 45 13.57 1.74 56.41
CA GLY C 45 13.19 0.66 57.29
C GLY C 45 13.25 -0.73 56.70
N ARG C 46 14.21 -0.97 55.80
CA ARG C 46 14.41 -2.33 55.29
C ARG C 46 14.71 -3.28 56.45
N PRO C 47 14.22 -4.50 56.41
CA PRO C 47 14.58 -5.48 57.45
C PRO C 47 16.09 -5.73 57.50
N THR C 48 16.61 -5.83 58.72
CA THR C 48 18.05 -5.95 58.91
C THR C 48 18.55 -7.39 58.93
N ASP C 49 17.66 -8.38 59.01
CA ASP C 49 18.06 -9.76 59.14
C ASP C 49 18.07 -10.53 57.83
N ARG C 50 17.61 -9.94 56.71
CA ARG C 50 17.73 -10.68 55.47
C ARG C 50 19.13 -10.52 54.91
N PRO C 51 19.67 -11.56 54.27
CA PRO C 51 20.95 -11.40 53.56
C PRO C 51 20.79 -10.48 52.36
N VAL C 52 21.77 -9.59 52.16
CA VAL C 52 21.75 -8.66 51.04
C VAL C 52 23.04 -8.66 50.24
N LEU C 53 24.12 -9.23 50.75
CA LEU C 53 25.42 -9.17 50.08
C LEU C 53 26.12 -10.50 50.28
N TRP C 54 26.57 -11.09 49.19
CA TRP C 54 27.28 -12.36 49.20
C TRP C 54 28.70 -12.09 48.74
N THR C 55 29.68 -12.69 49.40
CA THR C 55 31.07 -12.42 49.10
C THR C 55 31.76 -13.72 48.69
N ASP C 56 33.03 -13.57 48.28
CA ASP C 56 33.93 -14.69 48.04
C ASP C 56 34.94 -14.87 49.18
N GLY C 57 34.59 -14.42 50.38
CA GLY C 57 35.40 -14.63 51.57
C GLY C 57 36.79 -14.02 51.57
N THR C 58 37.09 -13.09 50.65
CA THR C 58 38.41 -12.45 50.54
C THR C 58 38.62 -11.27 51.50
N TRP C 59 37.57 -10.81 52.18
CA TRP C 59 37.64 -9.65 53.06
C TRP C 59 37.54 -10.08 54.52
N ARG C 60 38.43 -9.55 55.35
CA ARG C 60 38.41 -9.77 56.79
C ARG C 60 37.50 -8.75 57.46
N ALA C 61 36.54 -9.23 58.27
CA ALA C 61 35.67 -8.32 59.02
C ALA C 61 36.34 -7.88 60.32
N PRO C 62 35.85 -6.81 60.95
CA PRO C 62 36.46 -6.34 62.21
C PRO C 62 36.71 -7.43 63.26
N ASP C 63 35.74 -8.35 63.48
CA ASP C 63 35.85 -9.40 64.50
C ASP C 63 36.88 -10.47 64.14
N GLY C 64 37.50 -10.38 62.97
CA GLY C 64 38.47 -11.34 62.52
C GLY C 64 37.96 -12.36 61.52
N SER C 65 36.64 -12.49 61.37
CA SER C 65 36.05 -13.46 60.46
C SER C 65 36.04 -12.95 59.03
N HIS C 66 35.82 -13.89 58.09
CA HIS C 66 35.67 -13.62 56.67
C HIS C 66 34.25 -13.95 56.22
N PRO C 67 33.29 -13.04 56.40
CA PRO C 67 31.88 -13.37 56.15
C PRO C 67 31.61 -13.66 54.68
N GLU C 68 30.96 -14.81 54.42
CA GLU C 68 30.58 -15.18 53.07
C GLU C 68 29.20 -14.65 52.69
N VAL C 69 28.38 -14.27 53.67
CA VAL C 69 27.04 -13.75 53.41
C VAL C 69 26.68 -12.79 54.54
N ILE C 70 26.21 -11.59 54.17
CA ILE C 70 26.11 -10.44 55.07
C ILE C 70 24.66 -9.95 55.11
N THR C 71 24.14 -9.74 56.30
CA THR C 71 22.80 -9.17 56.40
C THR C 71 22.85 -7.63 56.36
N LEU C 72 21.66 -7.03 56.28
CA LEU C 72 21.60 -5.58 56.30
C LEU C 72 22.10 -5.01 57.62
N GLY C 73 21.69 -5.64 58.75
CA GLY C 73 22.19 -5.22 60.04
C GLY C 73 23.70 -5.31 60.13
N GLU C 74 24.28 -6.38 59.60
CA GLU C 74 25.73 -6.58 59.63
C GLU C 74 26.44 -5.54 58.77
N LEU C 75 25.85 -5.18 57.63
CA LEU C 75 26.46 -4.18 56.76
C LEU C 75 26.56 -2.83 57.48
N TYR C 76 25.43 -2.36 58.02
CA TYR C 76 25.43 -1.17 58.90
C TYR C 76 26.55 -1.21 59.93
N GLU C 77 26.71 -2.35 60.60
CA GLU C 77 27.66 -2.44 61.71
C GLU C 77 29.10 -2.47 61.20
N TYR C 78 29.33 -3.16 60.07
CA TYR C 78 30.65 -3.14 59.45
C TYR C 78 31.02 -1.75 58.95
N VAL C 79 30.04 -1.01 58.43
CA VAL C 79 30.32 0.30 57.87
C VAL C 79 30.53 1.33 58.98
N GLU C 80 29.73 1.26 60.05
CA GLU C 80 29.92 2.17 61.18
C GLU C 80 31.29 1.98 61.81
N THR C 81 31.68 0.72 62.03
CA THR C 81 33.00 0.40 62.58
C THR C 81 34.12 1.03 61.73
N TYR C 82 34.05 0.83 60.41
CA TYR C 82 35.04 1.45 59.53
C TYR C 82 34.94 2.98 59.55
N ALA C 83 33.71 3.51 59.56
CA ALA C 83 33.56 4.96 59.53
C ALA C 83 34.15 5.61 60.79
N GLY C 84 33.89 5.00 61.96
CA GLY C 84 34.46 5.52 63.19
C GLY C 84 35.97 5.31 63.25
N PHE C 85 36.45 4.23 62.63
CA PHE C 85 37.90 4.07 62.49
C PHE C 85 38.50 5.25 61.75
N TYR C 86 38.01 5.51 60.54
CA TYR C 86 38.61 6.58 59.75
C TYR C 86 38.40 7.93 60.41
N HIS C 87 37.30 8.10 61.15
CA HIS C 87 37.14 9.35 61.87
C HIS C 87 38.23 9.52 62.93
N GLY C 88 38.73 8.42 63.52
CA GLY C 88 39.79 8.49 64.51
C GLY C 88 41.17 8.71 63.91
N LYS C 89 41.41 8.15 62.72
CA LYS C 89 42.62 8.48 62.00
C LYS C 89 42.67 9.94 61.57
N GLY C 90 41.63 10.73 61.84
CA GLY C 90 41.61 12.12 61.45
C GLY C 90 40.99 12.45 60.11
N ILE C 91 40.19 11.55 59.53
CA ILE C 91 39.68 11.72 58.17
C ILE C 91 38.43 12.60 58.17
N ARG C 92 38.48 13.68 57.42
CA ARG C 92 37.41 14.67 57.47
C ARG C 92 36.82 14.85 56.08
N PRO C 93 35.65 15.49 55.93
CA PRO C 93 35.05 15.62 54.58
C PRO C 93 36.02 16.26 53.62
N ARG C 94 36.12 15.69 52.43
CA ARG C 94 36.96 16.07 51.29
C ARG C 94 38.40 15.56 51.41
N ASP C 95 38.74 14.79 52.45
CA ASP C 95 40.01 14.09 52.38
C ASP C 95 39.90 12.93 51.39
N VAL C 96 41.01 12.64 50.70
CA VAL C 96 41.09 11.48 49.84
C VAL C 96 41.78 10.35 50.58
N VAL C 97 41.22 9.16 50.49
CA VAL C 97 41.78 7.96 51.06
C VAL C 97 41.92 6.93 49.95
N GLY C 98 43.15 6.51 49.69
CA GLY C 98 43.39 5.41 48.77
C GLY C 98 42.85 4.09 49.31
N VAL C 99 42.43 3.24 48.38
CA VAL C 99 41.98 1.89 48.68
C VAL C 99 42.64 0.99 47.63
N LEU C 100 43.64 0.24 48.02
CA LEU C 100 44.46 -0.54 47.10
C LEU C 100 44.31 -2.00 47.52
N THR C 101 43.46 -2.75 46.82
CA THR C 101 43.15 -4.10 47.26
C THR C 101 42.69 -4.93 46.07
N ALA C 102 42.75 -6.24 46.25
CA ALA C 102 42.18 -7.14 45.29
C ALA C 102 40.75 -7.55 45.64
N SER C 103 40.30 -7.33 46.87
CA SER C 103 39.01 -7.82 47.36
C SER C 103 37.87 -6.88 46.95
N SER C 104 36.90 -7.39 46.19
CA SER C 104 35.74 -6.57 45.86
C SER C 104 34.95 -6.18 47.10
N THR C 105 34.74 -7.13 48.03
CA THR C 105 34.02 -6.79 49.24
C THR C 105 34.74 -5.71 50.07
N GLU C 106 36.08 -5.71 50.03
CA GLU C 106 36.86 -4.69 50.72
C GLU C 106 36.75 -3.33 50.02
N PHE C 107 36.78 -3.30 48.69
CA PHE C 107 36.43 -2.07 47.99
C PHE C 107 35.06 -1.56 48.43
N ALA C 108 34.08 -2.45 48.53
CA ALA C 108 32.73 -2.01 48.87
C ALA C 108 32.67 -1.44 50.28
N ILE C 109 33.16 -2.18 51.30
CA ILE C 109 33.01 -1.72 52.68
C ILE C 109 33.73 -0.39 52.87
N ASN C 110 34.96 -0.28 52.36
CA ASN C 110 35.68 0.98 52.48
C ASN C 110 35.01 2.10 51.70
N PHE C 111 34.41 1.77 50.55
CA PHE C 111 33.73 2.78 49.73
C PHE C 111 32.58 3.42 50.50
N MET C 112 31.75 2.61 51.14
CA MET C 112 30.62 3.17 51.88
C MET C 112 31.08 3.86 53.16
N ALA C 113 32.06 3.29 53.86
CA ALA C 113 32.53 3.89 55.11
C ALA C 113 33.16 5.26 54.89
N ILE C 114 34.06 5.36 53.91
CA ILE C 114 34.75 6.63 53.64
C ILE C 114 33.76 7.70 53.15
N ASN C 115 32.85 7.35 52.22
CA ASN C 115 31.67 8.16 51.92
C ASN C 115 31.01 8.76 53.14
N SER C 116 30.70 7.93 54.13
CA SER C 116 29.80 8.38 55.17
C SER C 116 30.42 9.48 56.01
N LEU C 117 31.72 9.69 55.92
CA LEU C 117 32.37 10.83 56.52
C LEU C 117 32.48 12.01 55.55
N GLY C 118 31.92 11.90 54.36
CA GLY C 118 32.12 12.98 53.39
C GLY C 118 33.50 12.98 52.76
N ALA C 119 34.23 11.90 52.91
CA ALA C 119 35.56 11.78 52.39
C ALA C 119 35.47 11.03 51.07
N ILE C 120 36.56 11.03 50.32
CA ILE C 120 36.56 10.52 48.96
C ILE C 120 37.40 9.24 48.91
N PRO C 121 36.76 8.07 48.80
CA PRO C 121 37.54 6.81 48.65
C PRO C 121 38.08 6.74 47.22
N SER C 122 39.39 6.51 47.10
CA SER C 122 40.02 6.52 45.78
C SER C 122 40.55 5.13 45.48
N PHE C 123 39.92 4.44 44.54
CA PHE C 123 40.31 3.09 44.18
C PHE C 123 41.53 3.07 43.28
N ALA C 124 42.38 2.06 43.46
CA ALA C 124 43.52 1.76 42.60
C ALA C 124 43.61 0.25 42.42
N ASN C 125 44.05 -0.17 41.23
CA ASN C 125 44.10 -1.59 40.90
C ASN C 125 45.29 -2.24 41.59
N ALA C 126 45.03 -3.37 42.27
CA ALA C 126 46.08 -4.01 43.07
C ALA C 126 47.25 -4.55 42.25
N LYS C 127 47.06 -4.82 40.95
CA LYS C 127 48.11 -5.40 40.13
C LYS C 127 48.91 -4.35 39.39
N LEU C 128 48.66 -3.09 39.71
CA LEU C 128 49.43 -1.98 39.20
C LEU C 128 50.84 -2.03 39.78
N ARG C 129 51.84 -1.88 38.91
CA ARG C 129 53.25 -1.66 39.24
C ARG C 129 53.33 -0.73 40.46
N PRO C 130 54.15 -1.03 41.47
CA PRO C 130 54.06 -0.23 42.71
C PRO C 130 54.62 1.17 42.58
N GLU C 131 55.65 1.39 41.76
CA GLU C 131 56.08 2.75 41.55
C GLU C 131 54.98 3.58 40.91
N ILE C 132 54.16 2.95 40.06
CA ILE C 132 53.04 3.65 39.45
C ILE C 132 51.88 3.82 40.44
N ALA C 133 51.65 2.82 41.29
CA ALA C 133 50.60 2.92 42.31
C ALA C 133 50.92 3.98 43.36
N ARG C 134 52.19 4.09 43.80
CA ARG C 134 52.55 5.15 44.74
C ARG C 134 52.37 6.54 44.12
N GLU C 135 52.72 6.70 42.85
CA GLU C 135 52.60 8.01 42.23
C GLU C 135 51.13 8.35 41.92
N TYR C 136 50.33 7.37 41.47
CA TYR C 136 48.91 7.64 41.25
C TYR C 136 48.21 8.08 42.54
N ILE C 137 48.61 7.55 43.69
CA ILE C 137 47.99 7.98 44.96
C ILE C 137 48.65 9.26 45.50
N ARG C 138 49.94 9.49 45.23
CA ARG C 138 50.56 10.74 45.64
C ARG C 138 49.96 11.94 44.90
N ARG C 139 49.63 11.79 43.60
CA ARG C 139 49.13 12.91 42.82
C ARG C 139 47.78 13.41 43.31
N GLN C 140 46.99 12.57 43.95
CA GLN C 140 45.67 12.94 44.37
C GLN C 140 45.67 13.75 45.65
N GLY C 141 46.78 13.73 46.40
CA GLY C 141 46.84 14.43 47.66
C GLY C 141 46.21 13.64 48.77
N ALA C 142 46.21 12.31 48.67
CA ALA C 142 45.50 11.49 49.64
C ALA C 142 46.04 11.71 51.05
N SER C 143 45.17 11.50 52.04
CA SER C 143 45.52 11.58 53.44
C SER C 143 46.05 10.26 53.99
N GLY C 144 45.77 9.17 53.31
CA GLY C 144 46.08 7.84 53.82
C GLY C 144 45.48 6.83 52.88
N ALA C 145 45.78 5.57 53.14
CA ALA C 145 45.31 4.50 52.30
C ALA C 145 45.03 3.25 53.13
N VAL C 146 44.13 2.42 52.65
CA VAL C 146 43.97 1.06 53.17
C VAL C 146 44.34 0.08 52.07
N THR C 147 44.98 -1.02 52.45
CA THR C 147 45.36 -2.05 51.48
C THR C 147 45.01 -3.41 52.02
N ASP C 148 45.05 -4.40 51.13
CA ASP C 148 45.11 -5.78 51.53
C ASP C 148 46.54 -6.09 51.93
N THR C 149 46.73 -7.17 52.71
CA THR C 149 48.05 -7.43 53.27
C THR C 149 49.12 -7.58 52.20
N GLU C 150 48.75 -8.03 51.00
CA GLU C 150 49.76 -8.22 49.97
C GLU C 150 50.26 -6.92 49.37
N ARG C 151 49.49 -5.82 49.43
CA ARG C 151 49.96 -4.55 48.89
C ARG C 151 50.27 -3.52 49.96
N HIS C 152 50.21 -3.89 51.23
CA HIS C 152 50.58 -2.94 52.28
C HIS C 152 51.95 -2.32 52.00
N GLU C 153 52.90 -3.13 51.55
CA GLU C 153 54.25 -2.67 51.25
C GLU C 153 54.33 -1.77 50.01
N VAL C 154 53.28 -1.72 49.19
CA VAL C 154 53.30 -0.82 48.06
C VAL C 154 53.25 0.63 48.53
N LEU C 155 52.43 0.94 49.52
CA LEU C 155 52.31 2.32 50.00
C LEU C 155 52.91 2.55 51.37
N ALA C 156 53.37 1.49 52.04
CA ALA C 156 53.81 1.67 53.42
C ALA C 156 55.16 2.39 53.46
N GLY C 157 55.42 3.04 54.59
CA GLY C 157 56.68 3.73 54.75
C GLY C 157 56.96 4.79 53.71
N GLY C 158 55.93 5.50 53.25
CA GLY C 158 56.14 6.64 52.38
C GLY C 158 55.69 7.90 53.07
N GLU C 159 55.08 8.81 52.33
CA GLU C 159 54.57 10.03 52.93
C GLU C 159 53.15 9.91 53.49
N LEU C 160 52.35 8.91 53.08
CA LEU C 160 50.94 8.96 53.45
C LEU C 160 50.77 8.95 54.97
N GLY C 161 49.95 9.86 55.47
CA GLY C 161 49.53 9.86 56.86
C GLY C 161 49.30 8.49 57.49
N PHE C 162 48.63 7.58 56.79
CA PHE C 162 48.54 6.22 57.31
C PHE C 162 48.40 5.24 56.16
N VAL C 163 48.82 4.00 56.40
CA VAL C 163 48.60 2.87 55.51
C VAL C 163 48.18 1.70 56.39
N VAL C 164 46.93 1.29 56.28
CA VAL C 164 46.39 0.30 57.21
C VAL C 164 45.82 -0.85 56.39
N THR C 165 45.51 -1.96 57.09
CA THR C 165 44.78 -3.08 56.51
C THR C 165 43.61 -3.42 57.43
N ALA C 166 42.84 -4.43 57.02
CA ALA C 166 41.67 -4.84 57.78
C ALA C 166 42.01 -5.32 59.20
N GLU C 167 43.23 -5.84 59.41
CA GLU C 167 43.65 -6.22 60.77
C GLU C 167 43.59 -5.03 61.73
N ASP C 168 43.74 -3.81 61.22
CA ASP C 168 43.87 -2.61 62.03
C ASP C 168 42.53 -2.04 62.46
N ILE C 169 41.43 -2.48 61.84
CA ILE C 169 40.06 -2.03 62.14
C ILE C 169 39.40 -3.11 62.97
N ARG C 170 38.71 -2.73 64.04
CA ARG C 170 38.30 -3.67 65.08
C ARG C 170 36.97 -3.23 65.67
N PRO C 171 36.20 -4.15 66.24
CA PRO C 171 34.85 -3.79 66.70
C PRO C 171 34.79 -2.53 67.55
N GLU C 172 35.84 -2.25 68.32
CA GLU C 172 35.83 -1.12 69.24
C GLU C 172 35.81 0.20 68.50
N HIS C 173 36.28 0.26 67.26
CA HIS C 173 36.33 1.53 66.56
C HIS C 173 34.94 2.08 66.22
N ARG C 174 33.90 1.25 66.25
CA ARG C 174 32.54 1.74 66.02
C ARG C 174 32.16 2.85 66.99
N ALA C 175 32.78 2.89 68.18
CA ALA C 175 32.39 3.90 69.17
C ALA C 175 32.88 5.31 68.83
N GLN C 176 33.85 5.46 67.92
CA GLN C 176 34.34 6.78 67.52
C GLN C 176 33.47 7.42 66.46
N LEU C 177 32.35 6.79 66.11
CA LEU C 177 31.46 7.34 65.10
C LEU C 177 31.13 8.78 65.46
N PRO C 178 31.31 9.71 64.54
CA PRO C 178 31.09 11.13 64.88
C PRO C 178 29.62 11.47 65.05
N GLN C 179 29.35 12.43 65.92
CA GLN C 179 27.99 12.91 66.06
C GLN C 179 27.58 13.57 64.76
N GLY C 180 26.34 13.34 64.32
CA GLY C 180 25.87 13.86 63.06
C GLY C 180 26.15 12.97 61.87
N TRP C 181 26.66 11.77 62.09
CA TRP C 181 26.89 10.75 61.07
C TRP C 181 25.54 10.14 60.66
N PRO C 182 25.34 9.85 59.35
CA PRO C 182 26.29 9.90 58.25
C PRO C 182 26.23 11.23 57.54
N TYR C 183 27.05 11.38 56.52
CA TYR C 183 27.26 12.66 55.88
C TYR C 183 26.14 12.99 54.92
N ARG C 184 25.78 14.27 54.83
CA ARG C 184 24.72 14.70 53.91
C ARG C 184 25.36 15.28 52.66
N HIS C 185 25.52 14.43 51.64
CA HIS C 185 26.15 14.86 50.41
C HIS C 185 25.27 15.81 49.65
N ASP C 186 25.83 16.93 49.25
CA ASP C 186 25.26 17.66 48.13
C ASP C 186 25.42 16.80 46.86
N PRO C 187 24.48 16.87 45.94
CA PRO C 187 24.62 16.10 44.69
C PRO C 187 25.96 16.25 44.00
N THR C 188 26.63 17.41 44.10
CA THR C 188 27.87 17.66 43.37
C THR C 188 29.12 17.28 44.16
N ASP C 189 28.96 16.61 45.30
CA ASP C 189 30.07 16.25 46.16
C ASP C 189 30.71 14.94 45.69
N PRO C 190 32.04 14.90 45.54
CA PRO C 190 32.69 13.64 45.16
C PRO C 190 32.42 12.54 46.17
N ILE C 191 32.11 11.35 45.66
CA ILE C 191 31.99 10.16 46.50
C ILE C 191 32.92 9.03 46.09
N ILE C 192 33.66 9.14 44.99
CA ILE C 192 34.66 8.14 44.65
C ILE C 192 35.64 8.74 43.67
N ILE C 193 36.82 8.12 43.57
CA ILE C 193 37.75 8.29 42.48
C ILE C 193 38.16 6.88 42.07
N SER C 194 38.36 6.69 40.77
CA SER C 194 38.81 5.39 40.27
C SER C 194 39.42 5.63 38.90
N HIS C 195 39.98 4.55 38.29
CA HIS C 195 40.68 4.66 37.02
C HIS C 195 40.36 3.47 36.09
N SER C 196 40.71 3.64 34.81
CA SER C 196 40.60 2.60 33.78
C SER C 196 41.96 1.91 33.55
N SER C 197 41.93 0.83 32.73
CA SER C 197 43.10 -0.04 32.73
C SER C 197 43.61 -0.49 31.37
N GLY C 198 43.09 -0.01 30.26
CA GLY C 198 43.96 -0.48 29.18
C GLY C 198 45.20 0.36 28.90
N THR C 199 45.61 1.20 29.84
CA THR C 199 46.20 2.50 29.52
C THR C 199 47.73 2.48 29.50
N THR C 200 48.30 3.24 28.57
CA THR C 200 49.66 3.73 28.72
C THR C 200 49.59 5.19 29.19
N GLY C 201 50.63 5.63 29.87
CA GLY C 201 50.57 6.89 30.60
C GLY C 201 49.94 6.68 31.95
N MET C 202 50.24 7.60 32.88
CA MET C 202 49.69 7.51 34.23
C MET C 202 48.18 7.41 34.15
N PRO C 203 47.55 6.48 34.87
CA PRO C 203 46.09 6.37 34.80
C PRO C 203 45.43 7.67 35.22
N LYS C 204 44.48 8.11 34.40
CA LYS C 204 43.66 9.25 34.75
C LYS C 204 42.76 8.89 35.93
N ALA C 205 42.78 9.73 36.95
CA ALA C 205 41.91 9.59 38.11
C ALA C 205 40.56 10.23 37.80
N VAL C 206 39.48 9.46 37.92
CA VAL C 206 38.15 9.84 37.47
C VAL C 206 37.25 9.97 38.70
N PRO C 207 36.85 11.17 39.07
CA PRO C 207 35.93 11.31 40.20
C PRO C 207 34.49 11.24 39.72
N HIS C 208 33.64 10.67 40.58
CA HIS C 208 32.20 10.78 40.41
C HIS C 208 31.62 11.35 41.68
N THR C 209 30.45 11.97 41.54
CA THR C 209 29.82 12.64 42.66
C THR C 209 28.59 11.88 43.14
N HIS C 210 27.98 12.43 44.18
CA HIS C 210 26.76 11.86 44.75
C HIS C 210 25.67 11.53 43.71
N GLN C 211 25.63 12.27 42.59
CA GLN C 211 24.56 12.13 41.61
C GLN C 211 25.01 11.57 40.27
N THR C 212 26.27 11.72 39.89
CA THR C 212 26.69 11.10 38.64
C THR C 212 26.67 9.58 38.75
N LEU C 213 27.24 9.04 39.84
CA LEU C 213 27.53 7.60 39.88
C LEU C 213 26.27 6.72 39.85
N LEU C 214 25.11 7.24 40.27
CA LEU C 214 23.92 6.41 40.30
C LEU C 214 22.80 6.95 39.42
N TYR C 215 23.09 7.94 38.58
CA TYR C 215 22.05 8.65 37.86
C TYR C 215 21.27 7.72 36.93
N ALA C 216 21.97 7.00 36.06
CA ALA C 216 21.31 6.12 35.09
C ALA C 216 20.36 5.15 35.79
N GLN C 217 20.87 4.46 36.82
CA GLN C 217 20.05 3.53 37.60
C GLN C 217 18.80 4.21 38.14
N LEU C 218 18.95 5.32 38.85
CA LEU C 218 17.78 5.98 39.39
C LEU C 218 16.82 6.42 38.29
N HIS C 219 17.35 6.83 37.13
CA HIS C 219 16.48 7.17 36.00
C HIS C 219 15.62 5.96 35.58
N ARG C 220 16.26 4.84 35.30
CA ARG C 220 15.47 3.67 34.88
C ARG C 220 14.58 3.07 36.03
N LEU C 221 14.49 3.79 37.16
CA LEU C 221 13.62 3.40 38.26
C LEU C 221 12.47 4.36 38.49
N LYS C 222 12.68 5.64 38.21
CA LYS C 222 11.60 6.62 38.31
C LYS C 222 10.66 6.48 37.12
N LEU C 223 11.18 6.05 35.97
CA LEU C 223 10.37 5.67 34.83
C LEU C 223 10.05 4.18 34.83
N SER C 224 10.43 3.47 35.89
CA SER C 224 10.10 2.06 36.14
C SER C 224 10.54 1.13 35.02
N VAL C 225 11.42 1.59 34.13
CA VAL C 225 11.84 0.82 32.96
C VAL C 225 12.93 -0.19 33.31
N GLY C 226 12.85 -0.80 34.49
CA GLY C 226 13.76 -1.87 34.86
C GLY C 226 13.18 -3.23 34.51
N GLY C 227 13.37 -4.22 35.38
CA GLY C 227 12.75 -5.51 35.21
C GLY C 227 13.19 -6.55 36.23
N SER C 228 13.13 -7.81 35.84
CA SER C 228 13.73 -8.86 36.66
C SER C 228 15.24 -8.77 36.58
N MET C 229 15.87 -8.05 37.51
CA MET C 229 17.32 -8.18 37.65
C MET C 229 17.67 -9.39 38.52
N GLY C 230 16.92 -9.63 39.57
CA GLY C 230 17.06 -10.90 40.25
C GLY C 230 18.35 -10.98 41.04
N ARG C 231 19.14 -12.02 40.78
CA ARG C 231 20.38 -12.28 41.51
C ARG C 231 21.55 -11.78 40.70
N LEU C 232 22.36 -10.89 41.28
CA LEU C 232 23.37 -10.12 40.56
C LEU C 232 24.74 -10.66 40.89
N LEU C 233 25.43 -11.23 39.90
CA LEU C 233 26.83 -11.59 40.06
C LEU C 233 27.66 -10.44 39.48
N VAL C 234 28.33 -9.70 40.35
CA VAL C 234 29.22 -8.62 39.94
C VAL C 234 30.62 -9.21 39.84
N ALA C 235 31.02 -9.60 38.62
CA ALA C 235 32.40 -10.00 38.32
C ALA C 235 33.16 -8.91 37.55
N LEU C 236 32.76 -7.65 37.71
CA LEU C 236 33.60 -6.54 37.31
C LEU C 236 34.76 -6.41 38.30
N PRO C 237 35.92 -5.92 37.84
CA PRO C 237 37.00 -5.58 38.77
C PRO C 237 36.53 -4.64 39.88
N GLY C 238 36.96 -4.94 41.12
CA GLY C 238 36.48 -4.17 42.26
C GLY C 238 36.85 -2.72 42.18
N ASN C 239 38.00 -2.42 41.57
CA ASN C 239 38.53 -1.07 41.51
C ASN C 239 37.82 -0.21 40.47
N HIS C 240 36.92 -0.79 39.67
CA HIS C 240 36.17 -0.02 38.70
C HIS C 240 34.89 0.54 39.33
N ASN C 241 34.55 1.79 38.99
CA ASN C 241 33.38 2.39 39.63
C ASN C 241 32.09 1.61 39.30
N ALA C 242 32.00 0.99 38.12
CA ALA C 242 30.82 0.22 37.75
C ALA C 242 30.52 -0.87 38.76
N ALA C 243 31.57 -1.52 39.30
CA ALA C 243 31.38 -2.52 40.33
C ALA C 243 30.70 -1.93 41.58
N MET C 244 31.11 -0.74 42.02
CA MET C 244 30.35 -0.07 43.08
C MET C 244 28.94 0.27 42.59
N SER C 245 28.84 0.82 41.39
CA SER C 245 27.56 1.23 40.79
C SER C 245 26.54 0.08 40.82
N VAL C 246 26.95 -1.08 40.33
CA VAL C 246 26.04 -2.20 40.21
C VAL C 246 25.67 -2.72 41.58
N MET C 247 26.61 -2.74 42.52
CA MET C 247 26.29 -3.26 43.84
C MET C 247 25.27 -2.37 44.56
N MET C 248 25.47 -1.06 44.51
CA MET C 248 24.53 -0.16 45.16
C MET C 248 23.14 -0.26 44.51
N PHE C 249 23.09 -0.48 43.20
CA PHE C 249 21.82 -0.68 42.54
C PHE C 249 21.14 -1.94 43.05
N GLY C 250 21.93 -3.01 43.25
CA GLY C 250 21.38 -4.22 43.83
C GLY C 250 20.76 -4.00 45.18
N LEU C 251 21.46 -3.29 46.06
CA LEU C 251 20.91 -3.01 47.39
C LEU C 251 19.58 -2.26 47.29
N LEU C 252 19.54 -1.20 46.48
CA LEU C 252 18.30 -0.44 46.33
C LEU C 252 17.16 -1.32 45.83
N LEU C 253 17.43 -2.20 44.86
CA LEU C 253 16.38 -3.04 44.29
C LEU C 253 16.08 -4.27 45.13
N ASP C 254 16.79 -4.47 46.24
CA ASP C 254 16.62 -5.65 47.08
C ASP C 254 16.88 -6.92 46.28
N SER C 255 18.11 -7.05 45.84
CA SER C 255 18.53 -8.08 44.88
C SER C 255 19.83 -8.67 45.39
N PRO C 256 19.84 -9.93 45.81
CA PRO C 256 21.09 -10.57 46.23
C PRO C 256 22.26 -10.23 45.31
N VAL C 257 23.30 -9.61 45.85
CA VAL C 257 24.48 -9.20 45.10
C VAL C 257 25.66 -10.04 45.57
N TYR C 258 26.40 -10.60 44.63
CA TYR C 258 27.60 -11.39 44.90
C TYR C 258 28.83 -10.63 44.39
N LEU C 259 29.76 -10.34 45.30
CA LEU C 259 30.98 -9.62 44.91
C LEU C 259 32.08 -10.62 44.58
N GLN C 260 32.31 -10.84 43.28
CA GLN C 260 33.29 -11.80 42.79
C GLN C 260 34.58 -11.03 42.49
N SER C 261 35.63 -11.29 43.26
CA SER C 261 36.89 -10.58 43.05
C SER C 261 37.58 -11.04 41.76
N SER C 262 37.76 -12.34 41.59
CA SER C 262 38.57 -12.82 40.48
C SER C 262 37.82 -12.71 39.17
N GLN C 263 38.53 -12.31 38.09
CA GLN C 263 37.94 -12.21 36.77
C GLN C 263 38.23 -13.41 35.89
N ARG C 264 39.04 -14.36 36.38
CA ARG C 264 39.26 -15.62 35.67
C ARG C 264 37.92 -16.26 35.34
N GLY C 265 37.76 -16.65 34.07
CA GLY C 265 36.59 -17.42 33.67
C GLY C 265 36.32 -18.61 34.58
N SER C 266 37.34 -19.46 34.77
CA SER C 266 37.23 -20.57 35.72
C SER C 266 36.54 -20.15 37.01
N ASP C 267 36.97 -19.02 37.59
CA ASP C 267 36.49 -18.56 38.89
C ASP C 267 35.08 -17.97 38.82
N VAL C 268 34.72 -17.32 37.71
CA VAL C 268 33.37 -16.80 37.56
C VAL C 268 32.38 -17.96 37.40
N LEU C 269 32.76 -18.98 36.63
CA LEU C 269 31.90 -20.15 36.49
C LEU C 269 31.67 -20.86 37.82
N ASP C 270 32.70 -20.90 38.66
CA ASP C 270 32.50 -21.42 40.02
C ASP C 270 31.39 -20.66 40.74
N ALA C 271 31.37 -19.35 40.56
CA ALA C 271 30.46 -18.53 41.35
C ALA C 271 29.07 -18.53 40.73
N ILE C 272 29.00 -18.57 39.40
CA ILE C 272 27.73 -18.82 38.72
C ILE C 272 27.05 -20.05 39.29
N GLU C 273 27.80 -21.16 39.41
CA GLU C 273 27.20 -22.39 39.93
C GLU C 273 26.83 -22.26 41.40
N LYS C 274 27.69 -21.62 42.20
CA LYS C 274 27.42 -21.55 43.65
C LYS C 274 26.23 -20.63 43.96
N PHE C 275 26.26 -19.41 43.44
CA PHE C 275 25.33 -18.35 43.81
C PHE C 275 24.12 -18.26 42.91
N LYS C 276 24.18 -18.88 41.71
CA LYS C 276 23.03 -18.98 40.81
C LYS C 276 22.53 -17.59 40.39
N PRO C 277 23.34 -16.80 39.69
CA PRO C 277 22.87 -15.47 39.26
C PRO C 277 21.85 -15.56 38.13
N THR C 278 20.93 -14.59 38.11
CA THR C 278 20.10 -14.33 36.94
C THR C 278 20.67 -13.24 36.03
N THR C 279 21.49 -12.32 36.55
CA THR C 279 22.19 -11.35 35.71
C THR C 279 23.65 -11.34 36.10
N VAL C 280 24.53 -11.35 35.10
CA VAL C 280 25.97 -11.33 35.31
C VAL C 280 26.52 -10.03 34.72
N PHE C 281 27.42 -9.39 35.46
CA PHE C 281 28.10 -8.19 35.02
C PHE C 281 29.59 -8.49 34.87
N GLY C 282 30.21 -7.96 33.82
CA GLY C 282 31.60 -8.32 33.59
C GLY C 282 32.22 -7.55 32.44
N PHE C 283 33.49 -7.87 32.18
CA PHE C 283 34.27 -7.29 31.09
C PHE C 283 34.56 -8.35 30.01
N SER C 284 34.80 -7.87 28.79
CA SER C 284 35.05 -8.70 27.61
C SER C 284 35.86 -9.96 27.92
N GLY C 285 37.12 -9.78 28.29
CA GLY C 285 38.03 -10.90 28.48
C GLY C 285 37.57 -11.93 29.48
N THR C 286 36.69 -11.56 30.43
CA THR C 286 36.06 -12.58 31.26
C THR C 286 35.06 -13.40 30.44
N TYR C 287 34.29 -12.72 29.59
CA TYR C 287 33.27 -13.39 28.80
C TYR C 287 33.90 -14.28 27.73
N GLY C 288 34.93 -13.77 27.05
CA GLY C 288 35.70 -14.63 26.17
C GLY C 288 36.19 -15.88 26.87
N GLN C 289 36.58 -15.75 28.14
CA GLN C 289 37.11 -16.90 28.86
C GLN C 289 36.03 -17.94 29.10
N ILE C 290 34.84 -17.51 29.55
CA ILE C 290 33.77 -18.47 29.80
C ILE C 290 33.38 -19.16 28.51
N ALA C 291 33.30 -18.40 27.42
CA ALA C 291 32.77 -18.88 26.13
C ALA C 291 33.72 -19.87 25.48
N THR C 292 34.78 -20.24 26.19
CA THR C 292 35.81 -21.10 25.67
C THR C 292 36.12 -22.28 26.58
N SER C 293 35.64 -22.28 27.83
CA SER C 293 35.73 -23.48 28.65
C SER C 293 34.76 -24.54 28.13
N ASP C 294 34.90 -25.78 28.64
CA ASP C 294 33.89 -26.80 28.38
C ASP C 294 32.70 -26.52 29.30
N LEU C 295 31.76 -25.71 28.79
CA LEU C 295 30.58 -25.36 29.57
C LEU C 295 29.64 -26.53 29.77
N SER C 296 29.89 -27.67 29.13
CA SER C 296 29.02 -28.83 29.28
C SER C 296 29.05 -29.36 30.71
N THR C 297 30.20 -29.25 31.38
CA THR C 297 30.36 -29.62 32.79
C THR C 297 29.64 -28.66 33.74
N ARG C 298 29.11 -27.54 33.26
CA ARG C 298 28.72 -26.43 34.10
C ARG C 298 27.21 -26.20 34.03
N ASP C 299 26.65 -25.77 35.17
CA ASP C 299 25.25 -25.38 35.28
C ASP C 299 25.15 -23.87 35.19
N MET C 300 24.84 -23.35 34.01
CA MET C 300 24.53 -21.94 33.85
C MET C 300 23.03 -21.68 33.73
N SER C 301 22.20 -22.58 34.25
CA SER C 301 20.78 -22.52 33.92
C SER C 301 20.12 -21.31 34.55
N SER C 302 20.67 -20.78 35.65
CA SER C 302 20.00 -19.70 36.38
C SER C 302 20.11 -18.37 35.66
N ILE C 303 21.00 -18.26 34.66
CA ILE C 303 21.30 -16.99 34.02
C ILE C 303 20.16 -16.61 33.09
N GLU C 304 19.90 -15.31 32.99
CA GLU C 304 19.02 -14.75 31.98
C GLU C 304 19.61 -13.60 31.21
N ALA C 305 20.73 -13.04 31.66
CA ALA C 305 21.29 -11.80 31.12
C ALA C 305 22.77 -11.71 31.44
N TYR C 306 23.53 -11.19 30.50
CA TYR C 306 24.88 -10.73 30.74
C TYR C 306 24.97 -9.25 30.36
N TYR C 307 25.67 -8.47 31.16
CA TYR C 307 26.03 -7.10 30.80
C TYR C 307 27.53 -7.06 30.68
N ASN C 308 28.01 -6.48 29.59
CA ASN C 308 29.43 -6.32 29.33
C ASN C 308 29.62 -4.82 29.33
N THR C 309 29.98 -4.28 30.47
CA THR C 309 30.29 -2.88 30.49
C THR C 309 31.69 -2.69 29.88
N GLY C 310 31.98 -1.46 29.48
CA GLY C 310 33.30 -1.17 28.95
C GLY C 310 33.50 -1.49 27.49
N ASP C 311 34.45 -2.37 27.19
CA ASP C 311 34.76 -2.71 25.80
C ASP C 311 33.57 -3.38 25.11
N ALA C 312 33.78 -3.80 23.87
CA ALA C 312 32.78 -4.58 23.14
C ALA C 312 33.19 -6.05 23.18
N ALA C 313 32.19 -6.92 23.30
CA ALA C 313 32.47 -8.33 23.44
C ALA C 313 32.57 -8.97 22.06
N HIS C 314 33.40 -10.01 21.97
CA HIS C 314 33.56 -10.70 20.70
C HIS C 314 32.25 -11.38 20.30
N GLU C 315 31.86 -11.16 19.03
CA GLU C 315 30.60 -11.67 18.53
C GLU C 315 30.53 -13.19 18.61
N ALA C 316 31.62 -13.88 18.31
CA ALA C 316 31.63 -15.34 18.35
C ALA C 316 31.50 -15.87 19.77
N HIS C 317 31.96 -15.13 20.77
CA HIS C 317 31.78 -15.57 22.16
C HIS C 317 30.33 -15.39 22.61
N ILE C 318 29.73 -14.27 22.24
CA ILE C 318 28.34 -13.99 22.60
C ILE C 318 27.43 -15.13 22.17
N ARG C 319 27.65 -15.65 20.95
CA ARG C 319 26.90 -16.80 20.47
C ARG C 319 26.95 -17.96 21.46
N VAL C 320 28.11 -18.20 22.07
CA VAL C 320 28.22 -19.31 23.02
C VAL C 320 27.42 -19.03 24.29
N LEU C 321 27.36 -17.76 24.71
CA LEU C 321 26.80 -17.43 26.02
C LEU C 321 25.28 -17.32 25.98
N VAL C 322 24.74 -16.55 25.03
CA VAL C 322 23.30 -16.42 24.89
C VAL C 322 22.62 -17.76 24.66
N ALA C 323 23.40 -18.82 24.40
CA ALA C 323 22.84 -20.16 24.32
C ALA C 323 22.54 -20.76 25.69
N GLN C 324 23.17 -20.26 26.77
CA GLN C 324 22.88 -20.79 28.08
C GLN C 324 21.63 -20.12 28.67
N GLY C 325 21.06 -20.79 29.67
CA GLY C 325 19.93 -20.26 30.42
C GLY C 325 18.63 -20.11 29.63
N SER C 326 17.74 -19.36 30.26
CA SER C 326 16.47 -18.95 29.68
C SER C 326 16.21 -17.49 30.06
N HIS C 327 15.51 -16.77 29.20
CA HIS C 327 14.95 -15.47 29.57
C HIS C 327 13.45 -15.49 29.26
N GLU C 328 12.79 -14.35 29.51
CA GLU C 328 11.33 -14.30 29.53
C GLU C 328 10.88 -13.20 28.57
N GLU C 329 10.14 -13.58 27.52
CA GLU C 329 9.59 -12.66 26.53
C GLU C 329 8.08 -12.53 26.68
N ILE C 330 7.52 -11.57 25.98
CA ILE C 330 6.10 -11.30 26.04
C ILE C 330 5.37 -12.11 24.99
N GLY C 331 4.30 -12.79 25.40
CA GLY C 331 3.62 -13.73 24.55
C GLY C 331 2.44 -13.10 23.84
N PRO C 332 1.74 -13.91 23.03
CA PRO C 332 0.59 -13.38 22.28
C PRO C 332 -0.60 -13.00 23.16
N ASP C 333 -0.67 -13.53 24.37
CA ASP C 333 -1.65 -13.12 25.35
C ASP C 333 -1.21 -11.90 26.15
N PHE C 334 -0.03 -11.35 25.82
CA PHE C 334 0.56 -10.17 26.50
C PHE C 334 0.87 -10.46 27.96
N LYS C 335 1.14 -11.73 28.26
CA LYS C 335 1.71 -12.20 29.52
C LYS C 335 3.05 -12.84 29.24
N PRO C 336 3.96 -12.89 30.21
CA PRO C 336 5.31 -13.37 29.92
C PRO C 336 5.35 -14.88 29.67
N VAL C 337 6.22 -15.27 28.75
CA VAL C 337 6.48 -16.67 28.41
C VAL C 337 7.99 -16.87 28.41
N ARG C 338 8.45 -17.93 29.08
CA ARG C 338 9.90 -18.18 29.16
C ARG C 338 10.39 -18.81 27.86
N VAL C 339 11.47 -18.26 27.32
CA VAL C 339 12.11 -18.67 26.08
C VAL C 339 13.51 -19.21 26.40
N PRO C 340 14.03 -20.20 25.68
CA PRO C 340 15.43 -20.60 25.88
C PRO C 340 16.40 -19.49 25.47
N GLY C 341 17.58 -19.54 26.10
CA GLY C 341 18.63 -18.58 25.86
C GLY C 341 18.55 -17.35 26.77
N SER C 342 19.54 -16.48 26.63
CA SER C 342 19.65 -15.30 27.47
C SER C 342 20.01 -14.08 26.63
N VAL C 343 19.87 -12.91 27.23
CA VAL C 343 20.20 -11.63 26.59
C VAL C 343 21.59 -11.19 27.04
N PHE C 344 22.38 -10.70 26.10
CA PHE C 344 23.73 -10.20 26.36
C PHE C 344 23.77 -8.75 25.90
N THR C 345 23.85 -7.81 26.84
CA THR C 345 23.88 -6.40 26.48
C THR C 345 25.29 -5.87 26.56
N ASP C 346 25.80 -5.37 25.44
CA ASP C 346 27.09 -4.69 25.34
C ASP C 346 26.87 -3.24 25.72
N GLY C 347 27.21 -2.88 26.96
CA GLY C 347 27.30 -1.48 27.33
C GLY C 347 28.61 -0.92 26.80
N LEU C 348 28.54 0.29 26.27
CA LEU C 348 29.80 0.85 25.80
C LEU C 348 30.17 2.01 26.71
N GLY C 349 30.42 1.71 27.98
CA GLY C 349 30.73 2.74 28.95
C GLY C 349 32.22 2.80 29.28
N SER C 350 32.57 3.81 30.05
CA SER C 350 33.92 3.99 30.51
C SER C 350 33.87 4.43 31.97
N SER C 351 35.05 4.61 32.56
CA SER C 351 35.07 5.16 33.90
C SER C 351 34.46 6.56 33.91
N GLU C 352 34.72 7.35 32.86
CA GLU C 352 34.17 8.70 32.77
C GLU C 352 32.64 8.74 32.78
N THR C 353 31.97 7.75 32.19
CA THR C 353 30.57 7.94 31.87
C THR C 353 29.60 7.13 32.74
N GLY C 354 30.06 6.19 33.57
CA GLY C 354 29.15 5.17 34.12
C GLY C 354 28.75 4.18 33.02
N TYR C 355 28.34 2.96 33.37
CA TYR C 355 28.52 1.86 32.41
C TYR C 355 27.48 1.81 31.29
N SER C 356 26.42 2.62 31.32
CA SER C 356 25.35 2.52 30.33
C SER C 356 25.22 3.80 29.53
N ILE C 357 25.93 3.90 28.40
CA ILE C 357 25.64 4.92 27.40
C ILE C 357 24.92 4.33 26.19
N PHE C 358 25.36 3.15 25.77
CA PHE C 358 24.74 2.40 24.69
C PHE C 358 24.34 1.02 25.19
N HIS C 359 23.08 0.68 25.01
CA HIS C 359 22.67 -0.71 25.01
C HIS C 359 23.08 -1.37 23.68
N ASN C 360 22.88 -2.68 23.59
CA ASN C 360 23.20 -3.48 22.43
C ASN C 360 22.86 -4.92 22.77
N GLY C 361 21.57 -5.24 22.74
CA GLY C 361 21.13 -6.56 23.12
C GLY C 361 21.42 -7.60 22.06
N HIS C 362 21.82 -8.79 22.51
CA HIS C 362 22.00 -9.96 21.67
C HIS C 362 21.18 -11.11 22.26
N LYS C 363 20.18 -11.53 21.51
CA LYS C 363 19.30 -12.64 21.86
C LYS C 363 19.77 -13.89 21.13
N PRO C 364 19.24 -15.07 21.49
CA PRO C 364 19.50 -16.24 20.64
C PRO C 364 18.94 -15.98 19.26
N GLY C 365 19.77 -16.21 18.25
CA GLY C 365 19.46 -15.81 16.89
C GLY C 365 19.36 -14.30 16.73
N SER C 366 20.31 -13.55 17.30
CA SER C 366 20.41 -12.15 16.94
C SER C 366 21.12 -12.04 15.60
N ALA C 367 20.90 -10.92 14.93
CA ALA C 367 21.71 -10.60 13.76
C ALA C 367 23.08 -10.11 14.21
N SER C 368 24.05 -10.21 13.28
CA SER C 368 25.30 -9.51 13.46
C SER C 368 25.02 -8.01 13.51
N PHE C 369 25.48 -7.34 14.57
CA PHE C 369 25.43 -5.89 14.57
C PHE C 369 26.43 -5.30 13.60
N GLY C 370 27.45 -6.07 13.21
CA GLY C 370 28.56 -5.46 12.52
C GLY C 370 29.13 -4.36 13.41
N ARG C 371 29.31 -3.18 12.83
CA ARG C 371 29.88 -2.05 13.57
C ARG C 371 28.83 -1.18 14.24
N CYS C 372 27.55 -1.51 14.10
CA CYS C 372 26.48 -0.72 14.72
C CYS C 372 26.45 -0.88 16.23
N ILE C 373 26.20 0.23 16.92
CA ILE C 373 26.07 0.24 18.38
C ILE C 373 24.75 0.89 18.81
N GLY C 374 23.82 1.08 17.86
CA GLY C 374 22.51 1.57 18.24
C GLY C 374 22.50 3.05 18.59
N LYS C 375 21.54 3.44 19.42
CA LYS C 375 21.42 4.80 19.90
C LYS C 375 21.80 4.90 21.37
N PRO C 376 22.15 6.09 21.85
CA PRO C 376 22.45 6.25 23.28
C PRO C 376 21.17 6.22 24.11
N MET C 377 21.35 6.01 25.41
CA MET C 377 20.25 6.10 26.37
C MET C 377 19.67 7.49 26.33
N SER C 378 18.39 7.59 26.71
CA SER C 378 17.67 8.85 26.54
C SER C 378 18.28 9.98 27.37
N PHE C 379 18.88 9.68 28.51
CA PHE C 379 19.48 10.73 29.33
C PHE C 379 20.77 11.29 28.73
N ALA C 380 21.49 10.51 27.91
CA ALA C 380 22.72 10.99 27.28
C ALA C 380 22.46 11.43 25.84
N GLN C 381 23.38 12.24 25.35
CA GLN C 381 23.39 12.77 24.01
C GLN C 381 24.75 12.45 23.40
N ALA C 382 24.78 11.95 22.17
CA ALA C 382 26.03 11.61 21.53
C ALA C 382 26.03 12.13 20.11
N ALA C 383 27.22 12.38 19.59
CA ALA C 383 27.37 13.00 18.29
C ALA C 383 28.71 12.56 17.71
N VAL C 384 28.78 12.62 16.38
CA VAL C 384 29.99 12.32 15.61
C VAL C 384 30.61 13.67 15.23
N LEU C 385 31.72 14.02 15.87
CA LEU C 385 32.23 15.38 15.84
C LEU C 385 33.25 15.59 14.73
N SER C 386 33.11 16.71 14.03
CA SER C 386 34.16 17.29 13.20
C SER C 386 35.21 17.95 14.08
N GLU C 387 36.35 18.26 13.48
CA GLU C 387 37.52 18.74 14.22
C GLU C 387 37.30 20.06 14.94
N ASP C 388 36.11 20.64 14.81
CA ASP C 388 35.75 21.85 15.54
C ASP C 388 34.49 21.63 16.37
N GLY C 389 34.23 20.39 16.77
CA GLY C 389 33.17 20.09 17.72
C GLY C 389 31.75 20.28 17.22
N ARG C 390 31.51 20.09 15.91
CA ARG C 390 30.20 20.23 15.34
C ARG C 390 29.67 18.88 14.90
N PRO C 391 28.47 18.48 15.31
CA PRO C 391 27.90 17.20 14.86
C PRO C 391 27.87 17.07 13.34
N LEU C 392 28.57 16.05 12.82
CA LEU C 392 28.61 15.80 11.40
C LEU C 392 27.32 15.15 10.92
N PRO C 393 26.99 15.27 9.64
CA PRO C 393 25.78 14.62 9.11
C PRO C 393 26.02 13.14 8.83
N ALA C 394 24.92 12.38 8.86
CA ALA C 394 24.98 10.92 8.66
C ALA C 394 25.82 10.56 7.45
N GLY C 395 26.67 9.55 7.60
CA GLY C 395 27.50 9.09 6.52
C GLY C 395 28.94 9.56 6.53
N GLU C 396 29.27 10.60 7.31
CA GLU C 396 30.65 11.06 7.47
C GLU C 396 31.28 10.56 8.77
N VAL C 397 32.60 10.46 8.75
CA VAL C 397 33.41 9.92 9.84
C VAL C 397 33.88 11.06 10.73
N GLY C 398 33.75 10.88 12.03
CA GLY C 398 34.33 11.83 12.96
C GLY C 398 34.62 11.17 14.29
N ARG C 399 34.86 11.99 15.29
CA ARG C 399 35.18 11.51 16.63
C ARG C 399 33.88 11.33 17.42
N LEU C 400 33.81 10.29 18.22
CA LEU C 400 32.63 10.04 19.03
C LEU C 400 32.72 10.85 20.32
N GLY C 401 31.74 11.73 20.54
CA GLY C 401 31.65 12.51 21.76
C GLY C 401 30.36 12.21 22.50
N VAL C 402 30.40 12.34 23.82
CA VAL C 402 29.27 12.00 24.68
C VAL C 402 29.06 13.11 25.70
N ARG C 403 27.81 13.58 25.80
CA ARG C 403 27.31 14.48 26.83
C ARG C 403 26.34 13.72 27.72
N SER C 404 26.48 13.86 29.02
CA SER C 404 25.58 13.06 29.83
C SER C 404 25.55 13.49 31.29
N PRO C 405 24.39 13.47 31.94
CA PRO C 405 24.37 13.76 33.38
C PRO C 405 25.10 12.70 34.20
N THR C 406 25.54 11.61 33.59
CA THR C 406 26.32 10.59 34.28
C THR C 406 27.83 10.80 34.11
N LEU C 407 28.24 11.85 33.40
CA LEU C 407 29.64 12.12 33.13
C LEU C 407 30.31 12.75 34.36
N THR C 408 31.60 12.43 34.52
CA THR C 408 32.40 12.95 35.61
C THR C 408 32.56 14.46 35.46
N PRO C 409 32.78 15.17 36.58
CA PRO C 409 33.17 16.59 36.48
C PRO C 409 34.61 16.84 36.05
N GLY C 410 35.43 15.81 35.77
CA GLY C 410 36.74 16.02 35.17
C GLY C 410 37.90 15.32 35.90
N TYR C 411 39.02 15.07 35.21
CA TYR C 411 40.04 14.22 35.84
C TYR C 411 40.59 14.88 37.12
N TRP C 412 40.71 14.08 38.17
CA TRP C 412 41.15 14.60 39.46
C TRP C 412 42.57 15.20 39.43
N ASN C 413 42.67 16.51 39.65
CA ASN C 413 43.96 17.23 39.73
C ASN C 413 44.67 17.27 38.41
N ASP C 414 43.91 17.21 37.31
CA ASP C 414 44.52 17.25 35.98
C ASP C 414 43.48 17.85 35.04
N SER C 415 43.38 19.18 35.08
CA SER C 415 42.48 19.90 34.19
C SER C 415 42.99 19.92 32.76
N LEU C 416 44.32 19.92 32.60
CA LEU C 416 44.91 20.00 31.27
C LEU C 416 44.53 18.79 30.43
N THR C 417 44.60 17.59 31.01
CA THR C 417 44.20 16.39 30.28
C THR C 417 42.68 16.33 30.11
N TRP C 418 41.95 16.70 31.14
CA TRP C 418 40.49 16.74 31.00
C TRP C 418 40.08 17.56 29.77
N HIS C 419 40.56 18.80 29.67
CA HIS C 419 40.09 19.63 28.57
C HIS C 419 40.71 19.24 27.24
N LYS C 420 41.83 18.50 27.25
CA LYS C 420 42.33 17.95 26.00
C LYS C 420 41.46 16.80 25.50
N LEU C 421 40.57 16.26 26.33
CA LEU C 421 39.65 15.20 25.92
C LEU C 421 38.21 15.71 25.71
N ARG C 422 38.01 17.03 25.60
CA ARG C 422 36.69 17.52 25.26
C ARG C 422 36.74 18.28 23.94
N LEU C 423 35.61 18.20 23.22
CA LEU C 423 35.48 18.94 21.97
C LEU C 423 33.99 19.27 21.80
N GLY C 424 33.70 20.48 21.32
CA GLY C 424 32.35 21.03 21.31
C GLY C 424 31.43 20.65 22.46
N GLY C 425 31.96 20.65 23.69
CA GLY C 425 31.17 20.35 24.86
C GLY C 425 30.96 18.88 25.14
N TYR C 426 31.45 18.01 24.26
CA TYR C 426 31.42 16.57 24.44
C TYR C 426 32.73 16.09 25.05
N TRP C 427 32.64 15.03 25.85
CA TRP C 427 33.81 14.28 26.23
C TRP C 427 34.17 13.28 25.13
N LEU C 428 35.42 13.33 24.67
CA LEU C 428 35.90 12.39 23.66
C LEU C 428 36.13 11.00 24.25
N THR C 429 35.49 9.98 23.67
CA THR C 429 35.60 8.59 24.10
C THR C 429 36.83 7.92 23.51
N GLY C 430 37.49 8.55 22.55
CA GLY C 430 38.65 7.98 21.91
C GLY C 430 38.32 7.31 20.61
N ASP C 431 37.03 7.13 20.31
CA ASP C 431 36.59 6.34 19.17
C ASP C 431 36.30 7.22 17.96
N LEU C 432 36.55 6.64 16.78
CA LEU C 432 36.04 7.20 15.54
C LEU C 432 34.73 6.50 15.22
N ALA C 433 33.79 7.24 14.64
CA ALA C 433 32.45 6.69 14.48
C ALA C 433 31.74 7.35 13.31
N MET C 434 30.49 6.93 13.11
CA MET C 434 29.68 7.26 11.96
C MET C 434 28.22 7.00 12.31
N GLN C 435 27.32 7.70 11.62
CA GLN C 435 25.89 7.55 11.81
C GLN C 435 25.16 7.21 10.50
N ASP C 436 23.96 6.66 10.67
CA ASP C 436 23.05 6.39 9.56
C ASP C 436 21.88 7.38 9.61
N ALA C 437 20.93 7.23 8.68
CA ALA C 437 19.85 8.22 8.58
C ALA C 437 18.98 8.23 9.83
N GLU C 438 18.73 7.06 10.43
CA GLU C 438 17.98 7.02 11.68
C GLU C 438 18.80 7.51 12.88
N GLY C 439 20.12 7.69 12.72
CA GLY C 439 20.96 8.14 13.80
C GLY C 439 21.50 7.06 14.71
N ASN C 440 21.57 5.82 14.23
CA ASN C 440 22.38 4.81 14.91
C ASN C 440 23.84 5.10 14.67
N PHE C 441 24.64 4.87 15.71
CA PHE C 441 26.08 5.07 15.64
C PHE C 441 26.79 3.79 15.22
N TYR C 442 27.89 3.95 14.48
CA TYR C 442 28.73 2.85 14.03
C TYR C 442 30.16 3.10 14.50
N HIS C 443 30.73 2.10 15.15
CA HIS C 443 32.09 2.21 15.67
C HIS C 443 33.08 1.80 14.58
N LEU C 444 33.93 2.72 14.16
CA LEU C 444 34.92 2.45 13.10
C LEU C 444 36.26 2.00 13.67
N ASP C 445 36.86 2.83 14.53
CA ASP C 445 38.07 2.40 15.21
C ASP C 445 38.33 3.33 16.37
N ARG C 446 39.34 2.97 17.17
CA ARG C 446 39.97 3.95 18.02
C ARG C 446 40.78 4.93 17.16
N ALA C 447 40.76 6.20 17.56
CA ALA C 447 41.39 7.24 16.73
C ALA C 447 42.86 6.98 16.42
N PRO C 448 43.72 6.51 17.34
CA PRO C 448 45.11 6.24 16.95
C PRO C 448 45.29 5.03 16.04
N ASP C 449 44.32 4.13 15.98
CA ASP C 449 44.41 2.97 15.10
C ASP C 449 44.02 3.27 13.66
N ALA C 450 43.85 4.54 13.32
CA ALA C 450 43.44 4.93 11.99
C ALA C 450 44.66 5.51 11.29
N ILE C 451 44.83 5.17 10.02
CA ILE C 451 46.04 5.53 9.28
C ILE C 451 45.64 6.40 8.09
N ARG C 452 46.20 7.60 8.02
CA ARG C 452 45.94 8.52 6.92
C ARG C 452 46.74 8.11 5.69
N THR C 453 46.03 8.00 4.56
CA THR C 453 46.50 7.25 3.41
C THR C 453 45.65 7.65 2.20
N GLU C 454 46.31 7.75 1.05
CA GLU C 454 45.64 7.99 -0.22
C GLU C 454 44.93 6.74 -0.68
N ALA C 455 43.83 6.94 -1.40
CA ALA C 455 42.74 5.97 -1.55
C ALA C 455 42.02 5.71 -0.23
N GLY C 456 42.39 6.40 0.84
CA GLY C 456 41.51 6.54 1.99
C GLY C 456 42.16 6.20 3.32
N ILE C 457 41.42 6.49 4.37
CA ILE C 457 41.78 6.13 5.74
C ILE C 457 41.76 4.62 5.88
N VAL C 458 42.83 4.06 6.43
CA VAL C 458 42.86 2.66 6.83
C VAL C 458 42.45 2.56 8.29
N PHE C 459 41.36 1.87 8.56
CA PHE C 459 41.01 1.52 9.93
C PHE C 459 41.71 0.21 10.21
N SER C 460 42.81 0.27 10.95
CA SER C 460 43.69 -0.89 11.04
C SER C 460 42.97 -2.09 11.65
N THR C 461 42.21 -1.87 12.71
CA THR C 461 41.58 -2.99 13.41
C THR C 461 40.54 -3.69 12.54
N ARG C 462 39.76 -2.92 11.76
CA ARG C 462 38.80 -3.50 10.83
C ARG C 462 39.48 -4.30 9.73
N THR C 463 40.56 -3.73 9.17
CA THR C 463 41.41 -4.41 8.19
C THR C 463 41.98 -5.71 8.74
N GLU C 464 42.52 -5.68 9.95
CA GLU C 464 42.98 -6.91 10.58
C GLU C 464 41.85 -7.93 10.66
N GLU C 465 40.69 -7.53 11.20
CA GLU C 465 39.62 -8.49 11.43
C GLU C 465 39.03 -9.00 10.12
N LEU C 466 38.97 -8.16 9.10
CA LEU C 466 38.50 -8.62 7.80
C LEU C 466 39.37 -9.77 7.28
N LEU C 467 40.69 -9.54 7.20
CA LEU C 467 41.61 -10.57 6.72
C LEU C 467 41.56 -11.82 7.60
N LEU C 468 41.64 -11.64 8.92
CA LEU C 468 41.58 -12.78 9.84
C LEU C 468 40.38 -13.66 9.55
N ALA C 469 39.31 -13.07 9.02
CA ALA C 469 38.05 -13.75 8.80
C ALA C 469 37.93 -14.32 7.40
N SER C 470 38.60 -13.71 6.43
CA SER C 470 38.57 -14.13 5.04
C SER C 470 39.69 -15.10 4.69
N LEU C 471 40.70 -15.23 5.54
CA LEU C 471 41.92 -15.98 5.24
C LEU C 471 42.24 -16.83 6.46
N PRO C 472 41.60 -18.01 6.59
CA PRO C 472 41.88 -18.88 7.75
C PRO C 472 43.29 -19.46 7.77
N GLU C 473 44.06 -19.31 6.69
CA GLU C 473 45.48 -19.65 6.71
C GLU C 473 46.26 -18.72 7.64
N LEU C 474 45.76 -17.50 7.83
CA LEU C 474 46.31 -16.56 8.79
C LEU C 474 45.90 -16.92 10.21
N ALA C 475 46.86 -16.86 11.13
CA ALA C 475 46.54 -16.99 12.54
C ALA C 475 46.32 -15.63 13.19
N ASP C 476 46.95 -14.58 12.67
CA ASP C 476 46.90 -13.21 13.20
C ASP C 476 47.56 -12.30 12.18
N CYS C 477 47.25 -11.00 12.28
CA CYS C 477 48.01 -10.03 11.50
C CYS C 477 47.93 -8.68 12.20
N THR C 478 48.72 -7.74 11.68
CA THR C 478 48.88 -6.43 12.30
C THR C 478 49.05 -5.40 11.20
N VAL C 479 48.10 -4.49 11.08
CA VAL C 479 48.24 -3.38 10.13
C VAL C 479 48.95 -2.26 10.86
N THR C 480 49.95 -1.67 10.21
CA THR C 480 50.73 -0.67 10.90
C THR C 480 51.22 0.34 9.88
N ALA C 481 51.60 1.51 10.39
CA ALA C 481 51.87 2.65 9.54
C ALA C 481 53.37 2.94 9.53
N ILE C 482 53.90 3.13 8.33
CA ILE C 482 55.29 3.50 8.12
C ILE C 482 55.29 4.82 7.35
N ALA C 483 55.96 5.84 7.90
CA ALA C 483 56.19 7.08 7.18
C ALA C 483 57.39 7.78 7.79
N GLU C 484 58.00 8.67 7.00
CA GLU C 484 59.33 9.18 7.31
C GLU C 484 59.33 9.91 8.66
N GLU C 485 60.53 10.14 9.18
CA GLU C 485 60.71 10.80 10.46
C GLU C 485 60.17 12.24 10.38
N GLY C 486 59.44 12.64 11.42
CA GLY C 486 58.77 13.92 11.40
C GLY C 486 57.41 13.92 10.73
N VAL C 487 56.66 12.83 10.85
CA VAL C 487 55.30 12.75 10.33
C VAL C 487 54.44 12.02 11.37
N ARG C 488 53.24 12.55 11.62
CA ARG C 488 52.22 11.89 12.40
C ARG C 488 51.01 11.68 11.50
N ALA C 489 50.67 10.42 11.22
CA ALA C 489 49.65 10.12 10.21
C ALA C 489 48.43 9.42 10.76
N ASP C 490 48.29 9.30 12.10
CA ASP C 490 47.04 8.84 12.70
C ASP C 490 45.96 9.91 12.54
N TRP C 491 44.86 9.80 13.29
CA TRP C 491 43.73 10.68 13.04
C TRP C 491 44.01 12.12 13.44
N ASP C 492 44.78 12.32 14.51
CA ASP C 492 45.02 13.66 15.05
C ASP C 492 46.21 14.38 14.41
N GLY C 493 47.08 13.65 13.69
CA GLY C 493 48.07 14.28 12.85
C GLY C 493 47.48 14.75 11.52
N ASP C 494 48.27 15.55 10.79
CA ASP C 494 47.89 16.01 9.46
C ASP C 494 48.65 15.30 8.33
N GLY C 495 49.72 14.57 8.67
CA GLY C 495 50.56 13.90 7.68
C GLY C 495 50.02 12.55 7.24
N VAL C 496 50.78 11.91 6.34
CA VAL C 496 50.37 10.69 5.65
C VAL C 496 51.36 9.57 5.90
N ALA C 497 50.91 8.32 5.67
CA ALA C 497 51.74 7.14 5.87
C ALA C 497 51.32 6.04 4.91
N GLU C 498 52.17 5.01 4.81
CA GLU C 498 51.89 3.79 4.08
C GLU C 498 51.42 2.73 5.07
N ALA C 499 50.39 1.99 4.70
CA ALA C 499 49.91 0.89 5.52
C ALA C 499 50.63 -0.40 5.10
N TYR C 500 51.31 -1.01 6.05
CA TYR C 500 51.84 -2.36 5.88
C TYR C 500 51.02 -3.30 6.74
N VAL C 501 50.80 -4.53 6.26
CA VAL C 501 50.26 -5.59 7.10
C VAL C 501 51.38 -6.60 7.34
N LEU C 502 51.39 -7.18 8.54
CA LEU C 502 52.40 -8.14 8.97
C LEU C 502 51.69 -9.47 9.21
N LEU C 503 51.78 -10.37 8.24
CA LEU C 503 50.96 -11.59 8.27
C LEU C 503 51.63 -12.69 9.10
N GLN C 504 50.85 -13.33 9.95
CA GLN C 504 51.32 -14.43 10.79
C GLN C 504 50.52 -15.68 10.42
N PHE C 505 51.12 -16.54 9.60
CA PHE C 505 50.43 -17.73 9.11
C PHE C 505 50.29 -18.77 10.20
N THR C 506 49.18 -19.51 10.13
CA THR C 506 49.00 -20.68 10.96
C THR C 506 49.82 -21.83 10.38
N ASP C 507 50.12 -22.82 11.22
CA ASP C 507 51.21 -23.76 10.95
C ASP C 507 51.04 -24.55 9.65
N GLY C 508 52.08 -24.52 8.81
CA GLY C 508 52.15 -25.36 7.64
C GLY C 508 51.32 -24.91 6.46
N ALA C 509 50.39 -23.98 6.64
CA ALA C 509 49.50 -23.57 5.56
C ALA C 509 50.29 -23.02 4.37
N ARG C 510 49.66 -23.03 3.20
CA ARG C 510 50.33 -22.64 1.97
C ARG C 510 50.45 -21.12 1.87
N GLU C 511 51.64 -20.66 1.49
CA GLU C 511 51.93 -19.23 1.44
C GLU C 511 51.86 -18.75 0.00
N PRO C 512 50.92 -17.86 -0.36
CA PRO C 512 50.88 -17.33 -1.72
C PRO C 512 52.17 -16.65 -2.15
N GLY C 513 52.34 -16.54 -3.46
CA GLY C 513 53.53 -15.95 -4.02
C GLY C 513 53.44 -14.46 -4.23
N ASP C 514 52.30 -13.83 -3.90
CA ASP C 514 52.16 -12.38 -3.89
C ASP C 514 51.30 -12.04 -2.68
N LEU C 515 51.94 -12.02 -1.50
CA LEU C 515 51.24 -11.70 -0.26
C LEU C 515 50.59 -10.32 -0.32
N THR C 516 51.28 -9.34 -0.93
CA THR C 516 50.70 -8.02 -1.11
C THR C 516 49.39 -8.09 -1.89
N GLY C 517 49.42 -8.72 -3.07
CA GLY C 517 48.21 -8.83 -3.86
C GLY C 517 47.18 -9.75 -3.24
N TRP C 518 47.63 -10.72 -2.44
CA TRP C 518 46.72 -11.69 -1.84
C TRP C 518 45.82 -11.04 -0.77
N VAL C 519 46.36 -10.09 0.00
CA VAL C 519 45.53 -9.38 0.97
C VAL C 519 44.74 -8.27 0.27
N ASN C 520 45.36 -7.57 -0.67
CA ASN C 520 44.60 -6.55 -1.37
C ASN C 520 43.53 -7.14 -2.29
N GLU C 521 43.46 -8.46 -2.43
CA GLU C 521 42.29 -9.06 -3.06
C GLU C 521 41.09 -8.99 -2.11
N VAL C 522 41.25 -9.44 -0.87
CA VAL C 522 40.14 -9.37 0.07
C VAL C 522 39.85 -7.93 0.47
N LEU C 523 40.87 -7.08 0.52
CA LEU C 523 40.66 -5.70 0.94
C LEU C 523 39.81 -4.95 -0.09
N ALA C 524 40.23 -4.95 -1.36
CA ALA C 524 39.48 -4.21 -2.38
C ALA C 524 38.10 -4.82 -2.64
N GLY C 525 37.96 -6.14 -2.50
CA GLY C 525 36.66 -6.76 -2.64
C GLY C 525 35.62 -6.18 -1.69
N GLN C 526 35.99 -6.00 -0.42
CA GLN C 526 35.14 -5.35 0.56
C GLN C 526 35.08 -3.83 0.40
N GLY C 527 35.92 -3.25 -0.47
CA GLY C 527 35.97 -1.81 -0.64
C GLY C 527 36.98 -1.10 0.21
N PHE C 528 37.68 -1.81 1.12
CA PHE C 528 38.67 -1.18 1.98
C PHE C 528 39.83 -0.66 1.14
N PRO C 529 40.47 0.42 1.58
CA PRO C 529 41.74 0.84 0.98
C PRO C 529 42.77 -0.27 1.01
N PRO C 530 43.77 -0.18 0.17
CA PRO C 530 44.73 -1.28 0.06
C PRO C 530 46.04 -1.02 0.78
N VAL C 531 46.75 -2.08 1.16
CA VAL C 531 48.05 -1.92 1.82
C VAL C 531 49.13 -1.65 0.76
N THR C 532 50.21 -0.99 1.18
CA THR C 532 51.39 -0.85 0.32
C THR C 532 52.11 -2.18 0.14
N ARG C 533 52.55 -2.77 1.25
CA ARG C 533 53.28 -4.04 1.26
C ARG C 533 52.64 -4.96 2.28
N ALA C 534 52.59 -6.25 1.97
CA ALA C 534 52.42 -7.29 2.96
C ALA C 534 53.78 -7.93 3.24
N LEU C 535 53.97 -8.40 4.47
CA LEU C 535 55.21 -9.04 4.88
C LEU C 535 54.87 -10.26 5.71
N ARG C 536 55.86 -11.15 5.83
CA ARG C 536 55.71 -12.37 6.62
C ARG C 536 56.27 -12.11 8.01
N MET C 537 55.54 -12.56 9.02
CA MET C 537 55.97 -12.48 10.42
C MET C 537 55.96 -13.91 10.96
N ASP C 538 57.12 -14.35 11.48
CA ASP C 538 57.32 -15.79 11.69
C ASP C 538 56.55 -16.30 12.91
N SER C 539 56.52 -15.53 14.00
CA SER C 539 55.75 -15.82 15.24
C SER C 539 56.07 -14.74 16.30
N MET D 17 18.97 18.03 0.64
CA MET D 17 20.30 18.13 1.29
C MET D 17 20.80 19.57 1.37
N ILE D 18 21.63 19.79 2.39
CA ILE D 18 22.04 21.10 2.86
C ILE D 18 23.53 21.01 3.21
N THR D 19 24.31 22.03 2.88
CA THR D 19 25.71 21.97 3.26
C THR D 19 25.86 22.14 4.78
N LYS D 20 27.07 21.86 5.27
CA LYS D 20 27.32 22.00 6.71
C LYS D 20 27.33 23.47 7.12
N GLU D 21 27.78 24.37 6.24
CA GLU D 21 27.79 25.81 6.55
C GLU D 21 26.40 26.33 6.80
N GLU D 22 25.41 25.83 6.04
CA GLU D 22 24.05 26.34 6.13
C GLU D 22 23.14 25.51 7.02
N ARG D 23 23.53 24.28 7.36
CA ARG D 23 22.91 23.64 8.51
C ARG D 23 23.35 24.34 9.79
N ALA D 24 24.64 24.66 9.91
CA ALA D 24 25.11 25.41 11.05
C ALA D 24 24.34 26.70 11.20
N GLN D 25 24.06 27.36 10.07
CA GLN D 25 23.33 28.62 10.09
C GLN D 25 21.92 28.43 10.62
N ILE D 26 21.22 27.38 10.18
CA ILE D 26 19.89 27.10 10.71
C ILE D 26 19.96 26.79 12.20
N ASN D 27 20.90 25.94 12.61
CA ASN D 27 20.97 25.61 14.02
C ASN D 27 21.34 26.83 14.86
N ALA D 28 22.07 27.78 14.27
CA ALA D 28 22.49 28.98 15.00
C ALA D 28 21.38 30.02 15.11
N ASP D 29 20.20 29.76 14.55
CA ASP D 29 19.14 30.78 14.47
C ASP D 29 18.13 30.64 15.61
N PRO D 30 18.26 31.41 16.68
CA PRO D 30 17.31 31.28 17.78
C PRO D 30 15.90 31.74 17.45
N GLU D 31 15.69 32.56 16.41
CA GLU D 31 14.34 32.98 16.03
C GLU D 31 13.57 31.90 15.27
N LEU D 32 14.26 31.03 14.54
CA LEU D 32 13.58 30.08 13.67
C LEU D 32 12.56 29.22 14.42
N GLY D 33 11.35 29.17 13.89
CA GLY D 33 10.31 28.34 14.43
C GLY D 33 9.18 28.18 13.42
N ALA D 34 8.05 27.66 13.89
CA ALA D 34 6.94 27.36 12.98
C ALA D 34 6.20 28.62 12.52
N GLY D 35 6.38 29.75 13.20
CA GLY D 35 5.73 30.93 12.68
C GLY D 35 6.59 31.80 11.79
N ASN D 36 7.79 31.35 11.37
CA ASN D 36 8.57 32.21 10.47
C ASN D 36 9.55 31.46 9.56
N VAL D 37 9.41 30.15 9.37
CA VAL D 37 10.31 29.41 8.49
C VAL D 37 10.48 30.15 7.17
N LEU D 38 9.36 30.54 6.55
CA LEU D 38 9.44 31.21 5.26
C LEU D 38 10.29 32.49 5.34
N HIS D 39 10.24 33.18 6.48
CA HIS D 39 10.88 34.47 6.61
C HIS D 39 12.36 34.35 6.91
N ARG D 40 12.76 33.25 7.53
CA ARG D 40 14.17 32.97 7.76
C ARG D 40 14.90 32.53 6.49
N LEU D 41 14.22 31.91 5.52
CA LEU D 41 14.92 31.50 4.31
C LEU D 41 15.49 32.71 3.57
N ARG D 42 14.76 33.84 3.64
CA ARG D 42 15.31 35.12 3.16
C ARG D 42 16.62 35.43 3.86
N ALA D 43 16.57 35.59 5.18
CA ALA D 43 17.76 35.81 6.01
C ALA D 43 18.93 34.92 5.61
N TYR D 44 18.66 33.70 5.14
CA TYR D 44 19.69 32.77 4.68
C TYR D 44 20.10 33.04 3.24
N GLY D 45 19.47 34.04 2.60
CA GLY D 45 19.64 34.25 1.15
C GLY D 45 19.42 33.02 0.32
N ARG D 46 18.36 32.28 0.59
CA ARG D 46 18.03 31.19 -0.31
C ARG D 46 17.50 31.79 -1.62
N PRO D 47 17.70 31.11 -2.75
CA PRO D 47 17.26 31.66 -4.04
C PRO D 47 15.75 31.89 -4.10
N THR D 48 15.37 32.95 -4.80
CA THR D 48 13.96 33.30 -4.93
C THR D 48 13.36 32.90 -6.27
N ASP D 49 14.16 32.43 -7.23
CA ASP D 49 13.71 32.23 -8.61
C ASP D 49 13.63 30.76 -9.02
N ARG D 50 13.79 29.82 -8.09
CA ARG D 50 13.75 28.39 -8.36
C ARG D 50 12.53 27.77 -7.70
N PRO D 51 12.03 26.66 -8.25
CA PRO D 51 10.77 26.10 -7.75
C PRO D 51 10.97 25.39 -6.43
N VAL D 52 10.06 25.65 -5.50
CA VAL D 52 10.15 25.02 -4.18
C VAL D 52 8.87 24.28 -3.79
N LEU D 53 7.72 24.61 -4.35
CA LEU D 53 6.44 24.10 -3.87
C LEU D 53 5.60 23.72 -5.07
N TRP D 54 5.18 22.45 -5.15
CA TRP D 54 4.34 21.97 -6.24
C TRP D 54 2.93 21.72 -5.70
N THR D 55 1.92 21.89 -6.56
CA THR D 55 0.55 21.75 -6.08
C THR D 55 -0.26 20.85 -7.00
N ASP D 56 -1.50 20.62 -6.60
CA ASP D 56 -2.47 19.84 -7.34
C ASP D 56 -3.50 20.72 -8.04
N GLY D 57 -3.28 22.04 -8.04
CA GLY D 57 -4.08 22.96 -8.80
C GLY D 57 -5.37 23.44 -8.17
N THR D 58 -5.57 23.21 -6.87
CA THR D 58 -6.85 23.43 -6.21
C THR D 58 -6.99 24.76 -5.53
N TRP D 59 -5.99 25.64 -5.64
CA TRP D 59 -6.00 26.94 -4.97
C TRP D 59 -5.83 28.06 -5.97
N ARG D 60 -6.60 29.14 -5.77
CA ARG D 60 -6.62 30.30 -6.67
C ARG D 60 -5.63 31.36 -6.19
N ALA D 61 -4.52 31.53 -6.94
CA ALA D 61 -3.61 32.64 -6.67
C ALA D 61 -4.36 33.97 -6.80
N PRO D 62 -3.91 35.04 -6.13
CA PRO D 62 -4.67 36.30 -6.21
C PRO D 62 -4.87 36.80 -7.64
N ASP D 63 -3.93 36.50 -8.55
CA ASP D 63 -4.04 36.92 -9.93
C ASP D 63 -5.04 36.08 -10.71
N GLY D 64 -5.70 35.13 -10.06
CA GLY D 64 -6.73 34.34 -10.67
C GLY D 64 -6.28 33.02 -11.25
N SER D 65 -4.97 32.81 -11.43
CA SER D 65 -4.45 31.54 -11.95
C SER D 65 -4.40 30.49 -10.85
N HIS D 66 -4.14 29.24 -11.26
CA HIS D 66 -4.07 28.09 -10.36
C HIS D 66 -2.67 27.50 -10.48
N PRO D 67 -1.71 28.08 -9.76
CA PRO D 67 -0.30 27.74 -10.01
C PRO D 67 0.03 26.35 -9.51
N GLU D 68 0.81 25.63 -10.29
CA GLU D 68 1.17 24.27 -9.92
C GLU D 68 2.64 24.12 -9.58
N VAL D 69 3.49 25.07 -9.97
CA VAL D 69 4.90 25.05 -9.63
C VAL D 69 5.32 26.43 -9.16
N ILE D 70 5.50 26.58 -7.84
CA ILE D 70 5.71 27.87 -7.19
C ILE D 70 7.20 28.05 -6.83
N THR D 71 7.75 29.23 -7.16
CA THR D 71 9.10 29.55 -6.71
C THR D 71 9.08 30.08 -5.28
N LEU D 72 10.26 30.24 -4.70
CA LEU D 72 10.30 30.84 -3.37
C LEU D 72 9.72 32.26 -3.41
N GLY D 73 10.22 33.08 -4.33
CA GLY D 73 9.77 34.47 -4.39
C GLY D 73 8.29 34.59 -4.66
N GLU D 74 7.75 33.70 -5.50
CA GLU D 74 6.30 33.67 -5.70
C GLU D 74 5.58 33.35 -4.39
N LEU D 75 6.14 32.44 -3.60
CA LEU D 75 5.55 32.08 -2.33
C LEU D 75 5.57 33.26 -1.34
N TYR D 76 6.68 34.01 -1.31
CA TYR D 76 6.67 35.29 -0.57
C TYR D 76 5.58 36.18 -1.08
N GLU D 77 5.40 36.22 -2.40
CA GLU D 77 4.38 37.07 -3.01
C GLU D 77 2.98 36.72 -2.49
N TYR D 78 2.62 35.43 -2.52
CA TYR D 78 1.29 35.02 -2.04
C TYR D 78 1.13 35.27 -0.54
N VAL D 79 2.14 34.92 0.26
CA VAL D 79 2.02 35.14 1.69
C VAL D 79 1.89 36.63 2.01
N GLU D 80 2.71 37.47 1.38
CA GLU D 80 2.62 38.91 1.62
C GLU D 80 1.26 39.46 1.18
N THR D 81 0.80 39.06 -0.01
CA THR D 81 -0.53 39.46 -0.49
C THR D 81 -1.61 39.08 0.51
N TYR D 82 -1.66 37.80 0.88
CA TYR D 82 -2.65 37.38 1.87
C TYR D 82 -2.48 38.13 3.20
N ALA D 83 -1.23 38.38 3.62
CA ALA D 83 -1.03 39.05 4.91
C ALA D 83 -1.56 40.48 4.88
N GLY D 84 -1.39 41.18 3.76
CA GLY D 84 -1.98 42.51 3.64
C GLY D 84 -3.49 42.48 3.72
N PHE D 85 -4.11 41.49 3.05
CA PHE D 85 -5.56 41.34 3.05
C PHE D 85 -6.11 41.14 4.47
N TYR D 86 -5.61 40.13 5.17
CA TYR D 86 -6.11 39.91 6.54
C TYR D 86 -5.78 41.10 7.44
N HIS D 87 -4.66 41.77 7.22
CA HIS D 87 -4.35 42.94 8.03
C HIS D 87 -5.33 44.07 7.73
N GLY D 88 -5.72 44.19 6.46
CA GLY D 88 -6.71 45.17 6.07
C GLY D 88 -8.08 44.91 6.64
N LYS D 89 -8.42 43.63 6.86
CA LYS D 89 -9.69 43.30 7.52
C LYS D 89 -9.62 43.44 9.04
N GLY D 90 -8.51 43.93 9.59
CA GLY D 90 -8.41 44.12 11.02
C GLY D 90 -7.97 42.93 11.84
N ILE D 91 -7.10 42.08 11.30
CA ILE D 91 -6.58 40.92 12.01
C ILE D 91 -5.34 41.33 12.79
N ARG D 92 -5.37 41.17 14.11
CA ARG D 92 -4.28 41.56 14.99
C ARG D 92 -3.58 40.34 15.57
N PRO D 93 -2.36 40.51 16.10
CA PRO D 93 -1.76 39.41 16.85
C PRO D 93 -2.74 38.86 17.87
N ARG D 94 -2.76 37.53 17.97
CA ARG D 94 -3.53 36.70 18.88
C ARG D 94 -4.97 36.53 18.44
N ASP D 95 -5.38 37.14 17.32
CA ASP D 95 -6.70 36.85 16.76
C ASP D 95 -6.71 35.48 16.08
N VAL D 96 -7.89 34.89 15.99
CA VAL D 96 -8.08 33.57 15.40
C VAL D 96 -8.78 33.72 14.06
N VAL D 97 -8.27 33.08 13.03
CA VAL D 97 -8.86 33.10 11.71
C VAL D 97 -9.11 31.64 11.34
N GLY D 98 -10.38 31.27 11.21
CA GLY D 98 -10.71 29.95 10.71
C GLY D 98 -10.31 29.78 9.26
N VAL D 99 -9.99 28.54 8.90
CA VAL D 99 -9.55 28.15 7.56
C VAL D 99 -10.23 26.83 7.26
N LEU D 100 -11.25 26.87 6.41
CA LEU D 100 -12.12 25.72 6.11
C LEU D 100 -12.06 25.46 4.61
N THR D 101 -11.20 24.52 4.21
CA THR D 101 -11.01 24.22 2.81
C THR D 101 -10.62 22.77 2.68
N ALA D 102 -10.58 22.32 1.42
CA ALA D 102 -10.13 20.99 1.05
C ALA D 102 -8.83 21.02 0.26
N SER D 103 -8.30 22.20 -0.01
CA SER D 103 -7.03 22.34 -0.70
C SER D 103 -5.86 22.36 0.30
N SER D 104 -4.84 21.53 0.05
CA SER D 104 -3.67 21.58 0.93
C SER D 104 -2.90 22.86 0.72
N THR D 105 -2.71 23.25 -0.56
CA THR D 105 -2.05 24.51 -0.87
C THR D 105 -2.79 25.68 -0.26
N GLU D 106 -4.12 25.66 -0.30
CA GLU D 106 -4.87 26.75 0.28
C GLU D 106 -4.67 26.80 1.79
N PHE D 107 -4.57 25.62 2.43
CA PHE D 107 -4.23 25.58 3.86
C PHE D 107 -2.85 26.18 4.10
N ALA D 108 -1.88 25.86 3.23
CA ALA D 108 -0.52 26.29 3.50
C ALA D 108 -0.39 27.81 3.37
N ILE D 109 -0.91 28.38 2.28
CA ILE D 109 -0.84 29.82 2.05
C ILE D 109 -1.43 30.57 3.24
N ASN D 110 -2.67 30.23 3.63
CA ASN D 110 -3.30 30.91 4.75
C ASN D 110 -2.56 30.68 6.06
N PHE D 111 -2.06 29.46 6.27
CA PHE D 111 -1.25 29.18 7.46
C PHE D 111 -0.14 30.22 7.62
N MET D 112 0.72 30.38 6.61
CA MET D 112 1.86 31.27 6.79
C MET D 112 1.45 32.73 6.86
N ALA D 113 0.44 33.12 6.08
CA ALA D 113 0.07 34.53 6.05
C ALA D 113 -0.62 34.96 7.34
N ILE D 114 -1.40 34.09 7.97
CA ILE D 114 -1.95 34.43 9.28
C ILE D 114 -0.89 34.32 10.40
N ASN D 115 0.05 33.36 10.28
CA ASN D 115 1.28 33.36 11.08
C ASN D 115 1.91 34.73 11.13
N SER D 116 2.15 35.29 9.93
CA SER D 116 3.02 36.43 9.75
C SER D 116 2.50 37.68 10.44
N LEU D 117 1.20 37.72 10.76
CA LEU D 117 0.60 38.79 11.53
C LEU D 117 0.61 38.51 13.03
N GLY D 118 1.01 37.32 13.44
CA GLY D 118 0.91 36.93 14.84
C GLY D 118 -0.47 36.49 15.24
N ALA D 119 -1.34 36.23 14.27
CA ALA D 119 -2.66 35.67 14.47
C ALA D 119 -2.59 34.15 14.38
N ILE D 120 -3.71 33.48 14.63
CA ILE D 120 -3.70 32.04 14.85
C ILE D 120 -4.65 31.37 13.85
N PRO D 121 -4.11 30.77 12.77
CA PRO D 121 -4.98 30.07 11.83
C PRO D 121 -5.58 28.83 12.47
N SER D 122 -6.86 28.63 12.25
CA SER D 122 -7.56 27.48 12.81
C SER D 122 -8.05 26.62 11.65
N PHE D 123 -7.41 25.47 11.47
CA PHE D 123 -7.78 24.53 10.42
C PHE D 123 -9.04 23.75 10.82
N ALA D 124 -9.96 23.58 9.88
CA ALA D 124 -11.14 22.73 10.08
C ALA D 124 -11.35 21.82 8.87
N ASN D 125 -11.67 20.55 9.12
CA ASN D 125 -11.85 19.63 8.00
C ASN D 125 -13.11 19.97 7.19
N ALA D 126 -12.95 20.06 5.86
CA ALA D 126 -14.04 20.52 5.00
C ALA D 126 -15.27 19.63 5.09
N LYS D 127 -15.08 18.31 5.30
CA LYS D 127 -16.16 17.34 5.40
C LYS D 127 -16.76 17.25 6.80
N LEU D 128 -16.52 18.22 7.68
CA LEU D 128 -17.26 18.27 8.94
C LEU D 128 -18.70 18.63 8.67
N ARG D 129 -19.61 18.12 9.49
CA ARG D 129 -21.02 18.44 9.32
C ARG D 129 -21.20 19.94 9.50
N PRO D 130 -21.93 20.61 8.62
CA PRO D 130 -22.00 22.08 8.70
C PRO D 130 -22.35 22.63 10.06
N GLU D 131 -23.29 22.05 10.80
CA GLU D 131 -23.60 22.62 12.11
C GLU D 131 -22.42 22.44 13.06
N ILE D 132 -21.59 21.41 12.82
CA ILE D 132 -20.47 21.16 13.71
C ILE D 132 -19.34 22.13 13.43
N ALA D 133 -18.93 22.27 12.17
CA ALA D 133 -17.85 23.19 11.84
C ALA D 133 -18.20 24.61 12.27
N ARG D 134 -19.47 24.99 12.18
CA ARG D 134 -19.90 26.32 12.57
C ARG D 134 -19.67 26.56 14.06
N GLU D 135 -20.03 25.58 14.88
CA GLU D 135 -19.89 25.72 16.33
C GLU D 135 -18.45 25.52 16.80
N TYR D 136 -17.68 24.69 16.08
CA TYR D 136 -16.27 24.49 16.41
C TYR D 136 -15.48 25.78 16.22
N ILE D 137 -15.73 26.49 15.11
CA ILE D 137 -15.10 27.80 14.92
C ILE D 137 -15.64 28.80 15.95
N ARG D 138 -16.97 28.85 16.11
CA ARG D 138 -17.59 29.80 17.04
C ARG D 138 -16.95 29.73 18.42
N ARG D 139 -16.70 28.52 18.92
CA ARG D 139 -16.25 28.36 20.29
C ARG D 139 -14.82 28.85 20.50
N GLN D 140 -14.02 28.91 19.43
CA GLN D 140 -12.66 29.39 19.56
C GLN D 140 -12.58 30.90 19.62
N GLY D 141 -13.67 31.61 19.32
CA GLY D 141 -13.66 33.05 19.29
C GLY D 141 -13.08 33.64 18.03
N ALA D 142 -13.25 32.99 16.88
CA ALA D 142 -12.58 33.47 15.69
C ALA D 142 -13.14 34.82 15.23
N SER D 143 -12.24 35.64 14.67
CA SER D 143 -12.54 36.94 14.05
C SER D 143 -13.08 36.82 12.62
N GLY D 144 -12.85 35.70 11.96
CA GLY D 144 -13.09 35.64 10.53
C GLY D 144 -12.80 34.24 10.05
N ALA D 145 -12.83 34.06 8.74
CA ALA D 145 -12.63 32.72 8.19
C ALA D 145 -12.51 32.80 6.69
N VAL D 146 -11.62 31.99 6.12
CA VAL D 146 -11.47 31.81 4.69
C VAL D 146 -11.98 30.40 4.36
N THR D 147 -12.55 30.24 3.16
CA THR D 147 -13.06 28.93 2.78
C THR D 147 -12.84 28.69 1.29
N ASP D 148 -12.95 27.43 0.89
CA ASP D 148 -13.09 27.21 -0.54
C ASP D 148 -14.55 27.43 -0.91
N THR D 149 -14.79 27.64 -2.21
CA THR D 149 -16.10 28.08 -2.67
C THR D 149 -17.19 27.10 -2.26
N GLU D 150 -16.86 25.81 -2.21
CA GLU D 150 -17.82 24.80 -1.81
C GLU D 150 -18.27 24.98 -0.37
N ARG D 151 -17.38 25.42 0.53
CA ARG D 151 -17.73 25.46 1.95
C ARG D 151 -18.11 26.85 2.46
N HIS D 152 -18.09 27.88 1.59
CA HIS D 152 -18.53 29.23 1.99
C HIS D 152 -19.90 29.21 2.65
N GLU D 153 -20.79 28.36 2.15
CA GLU D 153 -22.15 28.26 2.64
C GLU D 153 -22.22 27.90 4.12
N VAL D 154 -21.18 27.27 4.67
CA VAL D 154 -21.24 26.74 6.04
C VAL D 154 -21.03 27.82 7.09
N LEU D 155 -20.11 28.76 6.84
CA LEU D 155 -19.75 29.80 7.82
C LEU D 155 -20.32 31.17 7.46
N ALA D 156 -20.80 31.34 6.22
CA ALA D 156 -21.46 32.58 5.81
C ALA D 156 -22.79 32.74 6.54
N GLY D 157 -23.33 33.96 6.49
CA GLY D 157 -24.55 34.28 7.20
C GLY D 157 -24.50 33.97 8.68
N GLY D 158 -23.35 34.16 9.32
CA GLY D 158 -23.23 33.89 10.73
C GLY D 158 -22.76 35.13 11.43
N GLU D 159 -22.04 34.97 12.54
CA GLU D 159 -21.49 36.11 13.25
C GLU D 159 -20.01 36.36 12.98
N LEU D 160 -19.31 35.44 12.31
CA LEU D 160 -17.93 35.69 11.91
C LEU D 160 -17.81 37.03 11.20
N GLY D 161 -17.00 37.93 11.77
CA GLY D 161 -16.71 39.21 11.17
C GLY D 161 -16.51 39.20 9.67
N PHE D 162 -15.98 38.11 9.10
CA PHE D 162 -15.83 38.03 7.67
C PHE D 162 -15.65 36.57 7.27
N VAL D 163 -16.27 36.19 6.15
CA VAL D 163 -16.07 34.90 5.52
C VAL D 163 -15.73 35.21 4.07
N VAL D 164 -14.56 34.79 3.63
CA VAL D 164 -14.02 35.17 2.33
C VAL D 164 -13.47 33.92 1.67
N THR D 165 -13.14 34.04 0.40
CA THR D 165 -12.51 32.95 -0.35
C THR D 165 -11.32 33.52 -1.11
N ALA D 166 -10.56 32.64 -1.79
CA ALA D 166 -9.39 33.08 -2.55
C ALA D 166 -9.72 34.25 -3.49
N GLU D 167 -10.96 34.35 -3.96
CA GLU D 167 -11.31 35.39 -4.92
C GLU D 167 -11.29 36.79 -4.27
N ASP D 168 -11.58 36.88 -2.97
CA ASP D 168 -11.56 38.17 -2.30
C ASP D 168 -10.16 38.74 -2.11
N ILE D 169 -9.11 38.02 -2.52
CA ILE D 169 -7.72 38.42 -2.32
C ILE D 169 -7.12 38.72 -3.70
N ARG D 170 -6.53 39.90 -3.84
CA ARG D 170 -6.07 40.37 -5.14
C ARG D 170 -4.69 40.98 -4.96
N PRO D 171 -3.88 41.05 -6.04
CA PRO D 171 -2.49 41.47 -5.89
C PRO D 171 -2.28 42.89 -5.36
N GLU D 172 -3.37 43.62 -5.14
CA GLU D 172 -3.27 44.96 -4.59
C GLU D 172 -3.04 44.93 -3.09
N HIS D 173 -3.54 43.89 -2.41
CA HIS D 173 -3.40 43.86 -0.96
C HIS D 173 -1.96 43.62 -0.52
N ARG D 174 -1.09 43.12 -1.43
CA ARG D 174 0.34 43.05 -1.10
C ARG D 174 0.92 44.41 -0.69
N ALA D 175 0.29 45.52 -1.07
CA ALA D 175 0.74 46.82 -0.61
C ALA D 175 0.17 47.22 0.75
N GLN D 176 -0.90 46.54 1.24
CA GLN D 176 -1.47 46.82 2.56
C GLN D 176 -0.65 46.23 3.73
N LEU D 177 0.59 45.78 3.47
CA LEU D 177 1.43 45.13 4.47
C LEU D 177 1.77 46.08 5.62
N PRO D 178 1.48 45.73 6.88
CA PRO D 178 1.78 46.64 7.99
C PRO D 178 3.27 46.86 8.15
N GLN D 179 3.62 47.99 8.78
CA GLN D 179 5.02 48.30 8.99
C GLN D 179 5.58 47.42 10.10
N GLY D 180 6.75 46.84 9.85
CA GLY D 180 7.39 45.94 10.78
C GLY D 180 7.13 44.47 10.53
N TRP D 181 6.38 44.13 9.47
CA TRP D 181 6.14 42.75 9.09
C TRP D 181 7.47 42.05 8.80
N PRO D 182 7.56 40.74 9.08
CA PRO D 182 6.54 39.87 9.68
C PRO D 182 6.71 39.75 11.18
N TYR D 183 5.66 39.31 11.85
CA TYR D 183 5.66 39.15 13.30
C TYR D 183 6.89 38.43 13.81
N ARG D 184 7.38 38.84 14.99
CA ARG D 184 8.47 38.13 15.67
C ARG D 184 7.84 37.26 16.75
N HIS D 185 7.78 35.95 16.49
CA HIS D 185 7.14 35.04 17.45
C HIS D 185 8.06 34.71 18.62
N ASP D 186 7.49 34.73 19.81
CA ASP D 186 8.09 34.01 20.92
C ASP D 186 7.88 32.49 20.79
N PRO D 187 8.85 31.70 21.26
CA PRO D 187 8.65 30.24 21.32
C PRO D 187 7.28 29.79 21.77
N THR D 188 6.64 30.53 22.68
CA THR D 188 5.40 30.13 23.32
C THR D 188 4.18 30.72 22.63
N ASP D 189 4.35 31.33 21.47
CA ASP D 189 3.20 31.97 20.88
C ASP D 189 2.47 31.00 19.95
N PRO D 190 1.14 31.02 20.00
CA PRO D 190 0.36 30.08 19.18
C PRO D 190 0.44 30.43 17.70
N ILE D 191 0.74 29.42 16.89
CA ILE D 191 0.87 29.60 15.44
C ILE D 191 -0.13 28.77 14.65
N ILE D 192 -0.82 27.82 15.26
CA ILE D 192 -1.85 27.05 14.57
C ILE D 192 -2.78 26.44 15.61
N ILE D 193 -4.04 26.25 15.21
CA ILE D 193 -5.00 25.37 15.85
C ILE D 193 -5.46 24.37 14.79
N SER D 194 -5.70 23.13 15.23
CA SER D 194 -6.18 22.10 14.31
C SER D 194 -6.77 20.99 15.17
N HIS D 195 -7.52 20.08 14.53
CA HIS D 195 -8.18 19.02 15.26
C HIS D 195 -7.88 17.66 14.64
N SER D 196 -8.06 16.62 15.45
CA SER D 196 -7.88 15.24 14.98
C SER D 196 -9.11 14.80 14.19
N SER D 197 -8.86 14.21 13.04
CA SER D 197 -9.95 13.92 12.12
C SER D 197 -10.42 12.47 12.18
N GLY D 198 -9.84 11.66 13.07
CA GLY D 198 -10.52 10.45 13.48
C GLY D 198 -11.64 10.79 14.45
N THR D 199 -12.80 10.16 14.26
CA THR D 199 -13.90 10.10 15.22
C THR D 199 -14.70 11.41 15.33
N THR D 200 -16.03 11.29 15.49
CA THR D 200 -16.96 12.40 15.46
C THR D 200 -17.30 12.90 16.86
N GLY D 201 -18.43 13.61 16.99
CA GLY D 201 -18.65 14.52 18.11
C GLY D 201 -18.12 15.91 17.81
N MET D 202 -18.18 16.78 18.82
CA MET D 202 -17.48 18.07 18.75
C MET D 202 -15.98 17.84 18.86
N PRO D 203 -15.20 18.00 17.79
CA PRO D 203 -13.77 17.68 17.87
C PRO D 203 -13.03 18.67 18.75
N LYS D 204 -11.94 18.18 19.34
CA LYS D 204 -11.18 18.99 20.26
C LYS D 204 -10.07 19.74 19.54
N ALA D 205 -9.96 21.02 19.90
CA ALA D 205 -9.14 22.03 19.23
C ALA D 205 -7.74 22.07 19.87
N VAL D 206 -6.73 21.82 19.06
CA VAL D 206 -5.35 21.61 19.49
C VAL D 206 -4.48 22.75 18.96
N PRO D 207 -4.05 23.68 19.80
CA PRO D 207 -3.07 24.67 19.39
C PRO D 207 -1.66 24.12 19.43
N HIS D 208 -0.83 24.65 18.54
CA HIS D 208 0.61 24.48 18.63
C HIS D 208 1.29 25.83 18.54
N THR D 209 2.42 25.95 19.28
CA THR D 209 3.17 27.19 19.36
C THR D 209 4.33 27.22 18.36
N HIS D 210 4.96 28.38 18.29
CA HIS D 210 6.10 28.61 17.41
C HIS D 210 7.21 27.57 17.62
N GLN D 211 7.31 27.05 18.86
CA GLN D 211 8.33 26.09 19.23
C GLN D 211 7.86 24.64 19.26
N THR D 212 6.57 24.37 19.50
CA THR D 212 6.17 22.97 19.62
C THR D 212 6.05 22.31 18.27
N LEU D 213 5.57 23.01 17.24
CA LEU D 213 5.17 22.28 16.04
C LEU D 213 6.36 21.68 15.30
N LEU D 214 7.55 22.25 15.45
CA LEU D 214 8.74 21.73 14.78
C LEU D 214 9.80 21.24 15.75
N TYR D 215 9.47 21.04 17.03
CA TYR D 215 10.50 20.80 18.02
C TYR D 215 11.32 19.55 17.68
N ALA D 216 10.63 18.44 17.43
CA ALA D 216 11.29 17.18 17.09
C ALA D 216 12.29 17.36 15.94
N GLN D 217 11.88 18.06 14.88
CA GLN D 217 12.74 18.16 13.70
C GLN D 217 13.93 19.07 13.96
N LEU D 218 13.71 20.20 14.60
CA LEU D 218 14.81 21.10 14.90
C LEU D 218 15.80 20.43 15.85
N HIS D 219 15.31 19.52 16.68
CA HIS D 219 16.14 18.82 17.64
C HIS D 219 17.00 17.76 16.95
N ARG D 220 16.39 16.98 16.05
CA ARG D 220 17.19 16.07 15.22
C ARG D 220 18.20 16.86 14.41
N LEU D 221 17.73 17.94 13.78
CA LEU D 221 18.63 18.81 13.01
C LEU D 221 19.80 19.31 13.85
N LYS D 222 19.56 19.65 15.12
CA LYS D 222 20.64 20.16 15.96
C LYS D 222 21.72 19.08 16.16
N LEU D 223 21.29 17.83 16.33
CA LEU D 223 22.20 16.69 16.40
C LEU D 223 22.61 16.18 15.02
N SER D 224 22.16 16.82 13.93
CA SER D 224 22.48 16.41 12.54
C SER D 224 22.09 14.96 12.26
N VAL D 225 20.89 14.59 12.69
CA VAL D 225 20.37 13.26 12.45
C VAL D 225 19.43 13.36 11.25
N GLY D 226 19.74 12.62 10.19
CA GLY D 226 19.24 13.01 8.89
C GLY D 226 18.99 11.96 7.84
N GLY D 227 19.63 12.11 6.69
CA GLY D 227 19.21 11.44 5.46
C GLY D 227 18.53 12.40 4.49
N SER D 228 18.92 12.39 3.20
CA SER D 228 18.43 13.34 2.19
C SER D 228 16.97 13.06 1.86
N MET D 229 16.06 13.93 2.28
CA MET D 229 14.66 13.63 2.00
C MET D 229 14.29 13.77 0.53
N GLY D 230 15.14 14.41 -0.27
CA GLY D 230 14.88 14.51 -1.69
C GLY D 230 13.56 15.22 -1.90
N ARG D 231 12.73 14.69 -2.79
CA ARG D 231 11.44 15.25 -3.11
C ARG D 231 10.36 14.72 -2.17
N LEU D 232 9.58 15.62 -1.58
CA LEU D 232 8.62 15.32 -0.51
C LEU D 232 7.20 15.37 -1.04
N LEU D 233 6.53 14.23 -1.11
CA LEU D 233 5.11 14.20 -1.39
C LEU D 233 4.38 14.22 -0.07
N VAL D 234 3.59 15.27 0.16
CA VAL D 234 2.76 15.40 1.34
C VAL D 234 1.33 15.04 0.94
N ALA D 235 0.96 13.78 1.20
CA ALA D 235 -0.39 13.29 0.98
C ALA D 235 -1.18 13.24 2.28
N LEU D 236 -0.64 13.79 3.34
CA LEU D 236 -1.38 14.01 4.57
C LEU D 236 -2.57 14.95 4.37
N PRO D 237 -3.63 14.79 5.16
CA PRO D 237 -4.78 15.70 5.07
C PRO D 237 -4.40 17.12 5.45
N GLY D 238 -4.70 18.06 4.56
CA GLY D 238 -4.27 19.44 4.75
C GLY D 238 -4.70 20.06 6.07
N ASN D 239 -5.86 19.67 6.58
CA ASN D 239 -6.30 20.27 7.83
C ASN D 239 -5.52 19.74 9.05
N HIS D 240 -4.70 18.71 8.89
CA HIS D 240 -3.98 18.16 10.03
C HIS D 240 -2.63 18.86 10.21
N ASN D 241 -2.30 19.19 11.47
CA ASN D 241 -1.15 20.05 11.72
C ASN D 241 0.14 19.41 11.20
N ALA D 242 0.17 18.06 11.14
CA ALA D 242 1.30 17.34 10.59
C ALA D 242 1.60 17.77 9.14
N ALA D 243 0.57 18.05 8.36
CA ALA D 243 0.78 18.47 6.97
C ALA D 243 1.55 19.79 6.92
N MET D 244 1.30 20.66 7.89
CA MET D 244 2.03 21.92 7.96
C MET D 244 3.46 21.72 8.48
N SER D 245 3.63 20.85 9.50
CA SER D 245 4.98 20.54 10.00
C SER D 245 5.87 20.06 8.89
N VAL D 246 5.41 19.03 8.16
CA VAL D 246 6.22 18.38 7.14
C VAL D 246 6.55 19.36 6.05
N MET D 247 5.58 20.21 5.70
CA MET D 247 5.79 21.18 4.64
C MET D 247 6.82 22.22 5.05
N MET D 248 6.64 22.83 6.24
CA MET D 248 7.64 23.78 6.77
C MET D 248 9.03 23.17 6.75
N PHE D 249 9.18 22.01 7.37
CA PHE D 249 10.48 21.37 7.47
C PHE D 249 11.07 21.05 6.11
N GLY D 250 10.21 20.63 5.17
CA GLY D 250 10.68 20.40 3.81
C GLY D 250 11.23 21.66 3.19
N LEU D 251 10.50 22.77 3.35
CA LEU D 251 10.98 24.05 2.83
C LEU D 251 12.32 24.41 3.46
N LEU D 252 12.42 24.30 4.79
CA LEU D 252 13.63 24.66 5.52
C LEU D 252 14.84 23.83 5.08
N LEU D 253 14.63 22.60 4.63
CA LEU D 253 15.75 21.74 4.26
C LEU D 253 16.02 21.70 2.77
N ASP D 254 15.38 22.58 1.98
CA ASP D 254 15.56 22.60 0.53
C ASP D 254 15.02 21.33 -0.13
N SER D 255 13.93 20.77 0.41
CA SER D 255 13.22 19.67 -0.21
C SER D 255 12.07 20.19 -1.06
N PRO D 256 12.03 19.90 -2.35
CA PRO D 256 10.81 20.18 -3.13
C PRO D 256 9.55 19.58 -2.49
N VAL D 257 8.57 20.37 -2.13
CA VAL D 257 7.35 19.83 -1.52
C VAL D 257 6.21 19.80 -2.53
N TYR D 258 5.46 18.72 -2.55
CA TYR D 258 4.23 18.58 -3.34
C TYR D 258 3.09 18.43 -2.35
N LEU D 259 2.10 19.30 -2.45
CA LEU D 259 0.96 19.26 -1.55
C LEU D 259 -0.20 18.55 -2.25
N GLN D 260 -0.45 17.29 -1.85
CA GLN D 260 -1.46 16.43 -2.47
C GLN D 260 -2.72 16.40 -1.59
N SER D 261 -3.81 16.99 -2.08
CA SER D 261 -5.02 17.13 -1.26
C SER D 261 -5.73 15.80 -1.09
N SER D 262 -5.92 15.07 -2.19
CA SER D 262 -6.73 13.87 -2.15
C SER D 262 -5.99 12.75 -1.42
N GLN D 263 -6.61 12.17 -0.39
CA GLN D 263 -6.05 10.96 0.22
C GLN D 263 -6.44 9.68 -0.51
N ARG D 264 -7.15 9.74 -1.63
CA ARG D 264 -7.51 8.53 -2.34
C ARG D 264 -6.26 7.90 -2.96
N GLY D 265 -6.13 6.57 -2.79
CA GLY D 265 -4.89 5.89 -3.15
C GLY D 265 -4.47 6.12 -4.59
N SER D 266 -5.43 6.12 -5.52
CA SER D 266 -5.06 6.28 -6.92
C SER D 266 -4.60 7.69 -7.21
N ASP D 267 -5.17 8.67 -6.51
CA ASP D 267 -4.79 10.06 -6.70
C ASP D 267 -3.37 10.31 -6.21
N VAL D 268 -3.04 9.79 -5.02
CA VAL D 268 -1.65 9.81 -4.54
C VAL D 268 -0.76 9.09 -5.53
N LEU D 269 -1.19 7.90 -5.95
CA LEU D 269 -0.39 7.17 -6.91
C LEU D 269 -0.20 7.96 -8.19
N ASP D 270 -1.22 8.74 -8.60
CA ASP D 270 -1.03 9.65 -9.73
C ASP D 270 0.05 10.67 -9.40
N ALA D 271 -0.03 11.27 -8.21
CA ALA D 271 0.96 12.28 -7.84
C ALA D 271 2.33 11.64 -7.66
N ILE D 272 2.40 10.44 -7.06
CA ILE D 272 3.67 9.73 -7.01
C ILE D 272 4.27 9.63 -8.40
N GLU D 273 3.48 9.14 -9.37
CA GLU D 273 4.01 8.90 -10.71
C GLU D 273 4.37 10.19 -11.42
N LYS D 274 3.62 11.28 -11.19
CA LYS D 274 3.91 12.55 -11.85
C LYS D 274 5.10 13.25 -11.21
N PHE D 275 5.08 13.38 -9.87
CA PHE D 275 6.06 14.17 -9.13
C PHE D 275 7.35 13.41 -8.85
N LYS D 276 7.30 12.06 -8.78
CA LYS D 276 8.44 11.18 -8.54
C LYS D 276 9.16 11.50 -7.24
N PRO D 277 8.49 11.35 -6.08
CA PRO D 277 9.11 11.76 -4.80
C PRO D 277 10.08 10.73 -4.25
N THR D 278 11.16 11.25 -3.64
CA THR D 278 12.04 10.42 -2.84
C THR D 278 11.38 10.01 -1.52
N THR D 279 10.60 10.90 -0.92
CA THR D 279 10.00 10.65 0.39
C THR D 279 8.51 10.95 0.32
N VAL D 280 7.70 10.02 0.82
CA VAL D 280 6.25 10.17 0.85
C VAL D 280 5.80 10.34 2.29
N PHE D 281 4.90 11.28 2.54
CA PHE D 281 4.26 11.45 3.83
C PHE D 281 2.78 11.14 3.71
N GLY D 282 2.28 10.26 4.58
CA GLY D 282 0.88 9.92 4.47
C GLY D 282 0.30 9.40 5.77
N PHE D 283 -0.97 9.03 5.71
CA PHE D 283 -1.68 8.38 6.80
C PHE D 283 -1.98 6.92 6.43
N SER D 284 -2.20 6.09 7.45
CA SER D 284 -2.35 4.65 7.18
C SER D 284 -3.49 4.36 6.21
N GLY D 285 -4.64 5.05 6.36
CA GLY D 285 -5.73 4.94 5.40
C GLY D 285 -5.26 4.98 3.96
N THR D 286 -4.57 6.07 3.60
CA THR D 286 -4.03 6.21 2.24
C THR D 286 -3.07 5.08 1.90
N TYR D 287 -2.18 4.72 2.82
CA TYR D 287 -1.21 3.67 2.51
C TYR D 287 -1.90 2.33 2.30
N GLY D 288 -2.90 2.02 3.13
CA GLY D 288 -3.69 0.82 2.89
C GLY D 288 -4.27 0.78 1.50
N GLN D 289 -4.71 1.95 1.01
CA GLN D 289 -5.31 2.01 -0.33
C GLN D 289 -4.29 1.82 -1.42
N ILE D 290 -3.07 2.37 -1.25
CA ILE D 290 -2.04 2.17 -2.26
C ILE D 290 -1.57 0.71 -2.27
N ALA D 291 -1.38 0.12 -1.09
CA ALA D 291 -0.86 -1.25 -1.01
C ALA D 291 -1.83 -2.28 -1.60
N THR D 292 -3.13 -2.15 -1.32
CA THR D 292 -4.14 -3.00 -1.94
C THR D 292 -4.55 -2.51 -3.32
N SER D 293 -3.70 -1.73 -3.96
CA SER D 293 -3.96 -1.27 -5.30
C SER D 293 -3.20 -2.18 -6.25
N ASP D 294 -3.09 -1.76 -7.51
CA ASP D 294 -2.42 -2.56 -8.52
C ASP D 294 -1.19 -1.77 -8.97
N LEU D 295 -0.06 -2.04 -8.33
CA LEU D 295 1.19 -1.35 -8.61
C LEU D 295 2.01 -2.03 -9.71
N SER D 296 1.42 -3.00 -10.41
CA SER D 296 2.08 -3.58 -11.57
C SER D 296 2.34 -2.52 -12.62
N THR D 297 1.34 -1.65 -12.84
CA THR D 297 1.37 -0.60 -13.83
C THR D 297 2.07 0.66 -13.32
N ARG D 298 2.22 0.79 -12.01
CA ARG D 298 2.68 2.02 -11.36
C ARG D 298 4.20 2.10 -11.31
N ASP D 299 4.73 3.28 -11.58
CA ASP D 299 6.17 3.56 -11.47
C ASP D 299 6.47 4.13 -10.08
N MET D 300 6.99 3.29 -9.18
CA MET D 300 7.30 3.69 -7.82
C MET D 300 8.80 3.68 -7.58
N SER D 301 9.59 3.68 -8.64
CA SER D 301 11.03 3.49 -8.56
C SER D 301 11.76 4.69 -7.98
N SER D 302 11.05 5.78 -7.66
CA SER D 302 11.68 6.95 -7.07
C SER D 302 11.63 6.93 -5.56
N ILE D 303 10.71 6.15 -4.99
CA ILE D 303 10.44 6.19 -3.57
C ILE D 303 11.57 5.53 -2.81
N GLU D 304 12.16 6.26 -1.86
CA GLU D 304 13.14 5.66 -0.97
C GLU D 304 12.61 5.51 0.45
N ALA D 305 11.49 6.15 0.79
CA ALA D 305 11.04 6.23 2.18
C ALA D 305 9.58 6.69 2.25
N TYR D 306 8.82 6.10 3.17
CA TYR D 306 7.47 6.53 3.53
C TYR D 306 7.45 6.87 5.01
N TYR D 307 6.67 7.89 5.36
CA TYR D 307 6.39 8.16 6.75
C TYR D 307 4.89 8.06 6.94
N ASN D 308 4.49 7.42 8.02
CA ASN D 308 3.15 7.50 8.56
C ASN D 308 3.22 8.29 9.86
N THR D 309 2.35 9.30 10.00
CA THR D 309 2.39 10.21 11.14
C THR D 309 1.22 10.02 12.11
N GLY D 310 0.22 9.21 11.77
CA GLY D 310 -0.92 8.98 12.64
C GLY D 310 -0.98 7.59 13.27
N ASP D 311 -2.17 6.99 13.26
CA ASP D 311 -2.31 5.59 13.65
C ASP D 311 -1.37 4.72 12.84
N ALA D 312 -0.87 3.66 13.49
CA ALA D 312 0.09 2.77 12.86
C ALA D 312 -0.52 2.08 11.64
N ALA D 313 0.28 1.97 10.59
CA ALA D 313 -0.12 1.27 9.39
C ALA D 313 -0.07 -0.24 9.62
N HIS D 314 -0.94 -0.95 8.91
CA HIS D 314 -0.97 -2.40 8.97
C HIS D 314 0.27 -2.97 8.31
N GLU D 315 0.96 -3.88 9.03
CA GLU D 315 2.22 -4.41 8.54
C GLU D 315 2.06 -5.09 7.19
N ALA D 316 0.84 -5.56 6.89
CA ALA D 316 0.58 -6.16 5.59
C ALA D 316 0.83 -5.15 4.48
N HIS D 317 0.31 -3.92 4.66
CA HIS D 317 0.52 -2.86 3.67
C HIS D 317 1.99 -2.50 3.58
N ILE D 318 2.63 -2.30 4.74
CA ILE D 318 4.02 -1.88 4.78
C ILE D 318 4.89 -2.82 3.94
N ARG D 319 4.62 -4.13 4.02
CA ARG D 319 5.46 -5.08 3.33
C ARG D 319 5.30 -5.03 1.82
N VAL D 320 4.11 -4.73 1.28
CA VAL D 320 4.09 -4.53 -0.16
C VAL D 320 4.79 -3.22 -0.50
N LEU D 321 4.52 -2.15 0.28
CA LEU D 321 5.15 -0.85 0.08
C LEU D 321 6.68 -0.93 0.05
N VAL D 322 7.30 -1.50 1.08
CA VAL D 322 8.76 -1.45 1.17
C VAL D 322 9.44 -2.35 0.16
N ALA D 323 8.68 -2.98 -0.74
CA ALA D 323 9.28 -3.73 -1.83
C ALA D 323 9.49 -2.88 -3.07
N GLN D 324 8.78 -1.74 -3.17
CA GLN D 324 9.04 -0.76 -4.21
C GLN D 324 10.27 0.09 -3.85
N GLY D 325 10.90 0.66 -4.88
CA GLY D 325 11.95 1.64 -4.72
C GLY D 325 13.29 1.03 -4.39
N SER D 326 14.21 1.93 -4.01
CA SER D 326 15.56 1.59 -3.59
C SER D 326 15.94 2.52 -2.45
N HIS D 327 17.00 2.18 -1.74
CA HIS D 327 17.46 3.10 -0.69
C HIS D 327 18.93 2.83 -0.42
N GLU D 328 19.60 3.82 0.16
CA GLU D 328 21.01 3.69 0.44
C GLU D 328 21.19 3.19 1.87
N GLU D 329 22.16 2.31 2.05
CA GLU D 329 22.51 1.80 3.37
C GLU D 329 24.02 1.84 3.48
N ILE D 330 24.52 1.77 4.71
CA ILE D 330 25.95 1.84 4.97
C ILE D 330 26.60 0.54 4.51
N GLY D 331 27.56 0.65 3.60
CA GLY D 331 28.15 -0.51 3.00
C GLY D 331 29.22 -1.13 3.86
N PRO D 332 29.66 -2.33 3.46
CA PRO D 332 30.73 -3.01 4.22
C PRO D 332 31.97 -2.16 4.32
N ASP D 333 32.19 -1.27 3.37
CA ASP D 333 33.32 -0.35 3.37
C ASP D 333 32.99 0.99 4.02
N PHE D 334 31.81 1.12 4.61
CA PHE D 334 31.27 2.29 5.32
C PHE D 334 30.89 3.40 4.37
N LYS D 335 31.01 3.20 3.10
CA LYS D 335 30.42 4.11 2.13
C LYS D 335 28.97 3.72 1.86
N PRO D 336 28.14 4.65 1.37
CA PRO D 336 26.76 4.29 1.02
C PRO D 336 26.70 3.36 -0.19
N VAL D 337 25.69 2.50 -0.18
CA VAL D 337 25.42 1.57 -1.27
C VAL D 337 23.90 1.52 -1.45
N ARG D 338 23.44 1.55 -2.69
CA ARG D 338 22.01 1.48 -2.96
C ARG D 338 21.59 0.01 -2.96
N VAL D 339 20.49 -0.29 -2.28
CA VAL D 339 19.92 -1.65 -2.20
C VAL D 339 18.43 -1.56 -2.55
N PRO D 340 17.84 -2.60 -3.13
CA PRO D 340 16.43 -2.49 -3.55
C PRO D 340 15.51 -2.44 -2.34
N GLY D 341 14.28 -2.00 -2.60
CA GLY D 341 13.31 -1.79 -1.54
C GLY D 341 13.50 -0.45 -0.86
N SER D 342 12.56 -0.09 -0.01
CA SER D 342 12.58 1.20 0.66
C SER D 342 12.23 1.04 2.15
N VAL D 343 12.28 2.14 2.88
CA VAL D 343 12.03 2.15 4.32
C VAL D 343 10.66 2.77 4.58
N PHE D 344 9.91 2.17 5.51
CA PHE D 344 8.65 2.72 5.98
C PHE D 344 8.75 2.99 7.49
N THR D 345 8.45 4.22 7.91
CA THR D 345 8.46 4.59 9.32
C THR D 345 7.06 4.94 9.81
N ASP D 346 6.57 4.19 10.79
CA ASP D 346 5.48 4.65 11.65
C ASP D 346 6.04 5.63 12.68
N GLY D 347 5.56 6.87 12.67
CA GLY D 347 5.62 7.71 13.85
C GLY D 347 4.28 7.58 14.53
N LEU D 348 4.28 7.33 15.81
CA LEU D 348 3.00 7.10 16.49
C LEU D 348 2.52 8.41 17.11
N GLY D 349 2.31 9.39 16.22
CA GLY D 349 1.94 10.72 16.64
C GLY D 349 0.44 10.96 16.70
N SER D 350 0.09 12.06 17.37
CA SER D 350 -1.26 12.60 17.39
C SER D 350 -1.21 14.10 17.09
N SER D 351 -2.38 14.73 17.05
CA SER D 351 -2.43 16.19 16.98
C SER D 351 -1.76 16.80 18.21
N GLU D 352 -1.99 16.18 19.38
CA GLU D 352 -1.47 16.75 20.61
C GLU D 352 0.06 16.69 20.64
N THR D 353 0.64 15.55 20.25
CA THR D 353 2.06 15.29 20.50
C THR D 353 2.95 15.63 19.32
N GLY D 354 2.39 16.01 18.19
CA GLY D 354 3.20 16.15 17.00
C GLY D 354 3.50 14.77 16.47
N TYR D 355 4.09 14.72 15.29
CA TYR D 355 3.99 13.49 14.51
C TYR D 355 5.07 12.47 14.83
N SER D 356 5.86 12.69 15.88
CA SER D 356 7.05 11.85 16.00
C SER D 356 7.45 11.71 17.48
N ILE D 357 6.73 10.86 18.21
CA ILE D 357 7.18 10.45 19.55
C ILE D 357 7.92 9.13 19.48
N PHE D 358 7.41 8.20 18.69
CA PHE D 358 8.02 6.90 18.49
C PHE D 358 8.40 6.79 17.02
N HIS D 359 9.25 5.83 16.71
CA HIS D 359 9.46 5.46 15.33
C HIS D 359 9.57 3.94 15.25
N ASN D 360 8.81 3.35 14.36
CA ASN D 360 8.96 1.97 13.94
C ASN D 360 9.45 1.96 12.48
N GLY D 361 10.72 1.59 12.27
CA GLY D 361 11.25 1.46 10.92
C GLY D 361 11.02 0.06 10.35
N HIS D 362 10.69 -0.01 9.06
CA HIS D 362 10.56 -1.27 8.36
C HIS D 362 11.28 -1.17 7.02
N LYS D 363 11.97 -2.23 6.65
CA LYS D 363 12.70 -2.37 5.40
C LYS D 363 12.45 -3.78 4.92
N PRO D 364 12.65 -4.07 3.63
CA PRO D 364 12.40 -5.44 3.15
C PRO D 364 13.10 -6.46 4.02
N GLY D 365 12.42 -7.56 4.31
CA GLY D 365 12.98 -8.62 5.14
C GLY D 365 12.97 -8.40 6.66
N SER D 366 12.65 -7.20 7.15
CA SER D 366 12.67 -6.96 8.60
C SER D 366 11.47 -7.61 9.29
N ALA D 367 11.52 -7.64 10.62
CA ALA D 367 10.66 -8.49 11.42
C ALA D 367 9.39 -7.78 11.85
N SER D 368 8.35 -8.58 12.15
CA SER D 368 7.11 -8.00 12.63
C SER D 368 7.35 -7.35 13.98
N PHE D 369 6.66 -6.23 14.21
CA PHE D 369 6.71 -5.61 15.52
C PHE D 369 5.66 -6.18 16.46
N GLY D 370 4.64 -6.87 15.93
CA GLY D 370 3.55 -7.33 16.76
C GLY D 370 2.77 -6.15 17.30
N ARG D 371 2.73 -5.97 18.60
CA ARG D 371 2.11 -4.77 19.15
C ARG D 371 3.14 -3.85 19.80
N CYS D 372 4.41 -4.12 19.58
CA CYS D 372 5.47 -3.30 20.14
C CYS D 372 5.57 -2.00 19.36
N ILE D 373 5.54 -0.88 20.07
CA ILE D 373 5.82 0.42 19.47
C ILE D 373 7.17 0.98 19.90
N GLY D 374 7.93 0.25 20.73
CA GLY D 374 9.29 0.66 21.04
C GLY D 374 9.35 1.78 22.06
N LYS D 375 10.51 2.41 22.12
CA LYS D 375 10.73 3.49 23.07
C LYS D 375 10.44 4.85 22.44
N PRO D 376 10.14 5.85 23.27
CA PRO D 376 10.02 7.21 22.75
C PRO D 376 11.37 7.82 22.40
N MET D 377 11.35 8.76 21.46
CA MET D 377 12.53 9.57 21.15
C MET D 377 13.08 10.24 22.41
N SER D 378 14.35 10.62 22.36
CA SER D 378 15.04 11.06 23.58
C SER D 378 14.41 12.32 24.18
N PHE D 379 13.79 13.18 23.37
CA PHE D 379 13.24 14.42 23.91
C PHE D 379 11.92 14.21 24.64
N ALA D 380 11.19 13.16 24.29
CA ALA D 380 9.96 12.79 24.99
C ALA D 380 10.26 11.71 26.02
N GLN D 381 9.43 11.65 27.05
CA GLN D 381 9.43 10.52 27.95
C GLN D 381 8.01 9.99 28.14
N ALA D 382 7.89 8.66 28.14
CA ALA D 382 6.60 7.99 28.19
C ALA D 382 6.51 7.09 29.41
N ALA D 383 5.27 6.78 29.80
CA ALA D 383 5.00 6.00 31.00
C ALA D 383 3.75 5.14 30.79
N VAL D 384 3.73 3.97 31.43
CA VAL D 384 2.52 3.16 31.58
C VAL D 384 2.02 3.42 33.00
N LEU D 385 0.87 4.09 33.13
CA LEU D 385 0.52 4.72 34.39
C LEU D 385 -0.58 3.96 35.12
N SER D 386 -0.42 3.85 36.44
CA SER D 386 -1.50 3.39 37.31
C SER D 386 -2.61 4.44 37.41
N GLU D 387 -3.74 4.04 38.01
CA GLU D 387 -4.89 4.94 38.09
C GLU D 387 -4.61 6.20 38.91
N ASP D 388 -3.55 6.21 39.74
CA ASP D 388 -3.19 7.38 40.53
C ASP D 388 -1.96 8.09 39.99
N GLY D 389 -1.61 7.85 38.73
CA GLY D 389 -0.62 8.68 38.06
C GLY D 389 0.83 8.28 38.21
N ARG D 390 1.10 7.05 38.60
CA ARG D 390 2.45 6.65 38.94
C ARG D 390 2.92 5.51 38.04
N PRO D 391 4.10 5.61 37.44
CA PRO D 391 4.50 4.61 36.43
C PRO D 391 4.58 3.20 36.99
N LEU D 392 4.13 2.25 36.22
CA LEU D 392 4.00 0.86 36.59
C LEU D 392 5.27 0.06 36.24
N PRO D 393 5.61 -0.99 37.02
CA PRO D 393 6.74 -1.84 36.62
C PRO D 393 6.41 -2.61 35.35
N ALA D 394 7.48 -2.96 34.62
CA ALA D 394 7.33 -3.75 33.40
C ALA D 394 6.47 -4.98 33.64
N GLY D 395 5.56 -5.23 32.69
CA GLY D 395 4.67 -6.36 32.73
C GLY D 395 3.23 -5.99 33.03
N GLU D 396 3.00 -4.89 33.71
CA GLU D 396 1.64 -4.48 34.04
C GLU D 396 1.02 -3.68 32.90
N VAL D 397 -0.29 -3.49 33.01
CA VAL D 397 -1.11 -2.81 32.03
C VAL D 397 -1.61 -1.52 32.67
N GLY D 398 -1.36 -0.39 32.00
CA GLY D 398 -1.82 0.90 32.48
C GLY D 398 -2.08 1.86 31.34
N ARG D 399 -2.34 3.12 31.66
CA ARG D 399 -2.61 4.14 30.66
C ARG D 399 -1.30 4.71 30.12
N LEU D 400 -1.13 4.65 28.80
CA LEU D 400 0.00 5.30 28.14
C LEU D 400 -0.03 6.81 28.37
N GLY D 401 1.02 7.32 29.00
CA GLY D 401 1.24 8.76 29.15
C GLY D 401 2.43 9.22 28.35
N VAL D 402 2.41 10.50 27.95
CA VAL D 402 3.49 11.14 27.20
C VAL D 402 3.78 12.50 27.82
N ARG D 403 5.05 12.75 28.12
CA ARG D 403 5.56 14.12 28.26
C ARG D 403 6.47 14.41 27.08
N SER D 404 6.39 15.62 26.58
CA SER D 404 7.19 15.99 25.42
C SER D 404 7.18 17.50 25.28
N PRO D 405 8.32 18.11 24.96
CA PRO D 405 8.29 19.52 24.53
C PRO D 405 7.61 19.70 23.18
N THR D 406 7.21 18.65 22.50
CA THR D 406 6.43 18.75 21.28
C THR D 406 4.92 18.83 21.56
N LEU D 407 4.53 18.88 22.84
CA LEU D 407 3.14 18.72 23.24
C LEU D 407 2.43 20.05 23.28
N THR D 408 1.15 20.01 22.93
CA THR D 408 0.33 21.19 22.93
C THR D 408 0.27 21.77 24.35
N PRO D 409 0.04 23.08 24.47
CA PRO D 409 -0.17 23.67 25.80
C PRO D 409 -1.56 23.43 26.37
N GLY D 410 -2.49 22.86 25.62
CA GLY D 410 -3.83 22.56 26.10
C GLY D 410 -4.89 22.81 25.05
N TYR D 411 -6.06 22.19 25.24
CA TYR D 411 -7.15 22.35 24.27
C TYR D 411 -7.62 23.80 24.27
N TRP D 412 -7.75 24.37 23.07
CA TRP D 412 -8.21 25.75 22.92
C TRP D 412 -9.56 25.95 23.62
N ASN D 413 -9.59 26.95 24.49
CA ASN D 413 -10.76 27.37 25.23
C ASN D 413 -11.44 26.22 25.93
N ASP D 414 -10.69 25.17 26.27
CA ASP D 414 -11.31 24.03 26.94
C ASP D 414 -10.31 23.41 27.92
N SER D 415 -9.99 24.20 28.95
CA SER D 415 -9.16 23.72 30.03
C SER D 415 -9.76 22.53 30.75
N LEU D 416 -11.09 22.39 30.73
CA LEU D 416 -11.73 21.30 31.49
C LEU D 416 -11.40 19.94 30.86
N THR D 417 -11.59 19.83 29.56
CA THR D 417 -11.27 18.59 28.88
C THR D 417 -9.76 18.33 28.93
N TRP D 418 -8.97 19.39 28.84
CA TRP D 418 -7.52 19.23 28.82
C TRP D 418 -7.05 18.55 30.09
N HIS D 419 -7.53 19.00 31.25
CA HIS D 419 -7.02 18.37 32.45
C HIS D 419 -7.67 17.02 32.72
N LYS D 420 -8.77 16.71 32.04
CA LYS D 420 -9.28 15.36 32.12
C LYS D 420 -8.44 14.39 31.31
N LEU D 421 -7.64 14.85 30.35
CA LEU D 421 -6.78 13.96 29.59
C LEU D 421 -5.33 14.00 30.09
N ARG D 422 -5.12 14.42 31.34
CA ARG D 422 -3.82 14.46 31.95
C ARG D 422 -3.88 13.68 33.25
N LEU D 423 -2.75 13.05 33.59
CA LEU D 423 -2.63 12.17 34.74
C LEU D 423 -1.16 12.09 35.16
N GLY D 424 -0.90 12.32 36.44
CA GLY D 424 0.44 12.34 36.99
C GLY D 424 1.47 13.10 36.17
N GLY D 425 1.06 14.20 35.55
CA GLY D 425 1.96 14.98 34.73
C GLY D 425 2.04 14.59 33.28
N TYR D 426 1.44 13.47 32.87
CA TYR D 426 1.50 13.05 31.47
C TYR D 426 0.20 13.41 30.77
N TRP D 427 0.25 13.55 29.45
CA TRP D 427 -0.94 13.64 28.63
C TRP D 427 -1.37 12.23 28.24
N LEU D 428 -2.67 11.93 28.40
CA LEU D 428 -3.20 10.59 28.13
C LEU D 428 -3.46 10.40 26.63
N THR D 429 -2.84 9.38 26.02
CA THR D 429 -3.07 9.20 24.59
C THR D 429 -4.38 8.50 24.27
N GLY D 430 -5.12 8.04 25.28
CA GLY D 430 -6.30 7.21 25.09
C GLY D 430 -6.07 5.72 25.08
N ASP D 431 -4.82 5.24 25.23
CA ASP D 431 -4.48 3.85 24.99
C ASP D 431 -3.99 3.19 26.26
N LEU D 432 -4.16 1.87 26.31
CA LEU D 432 -3.60 1.04 27.37
C LEU D 432 -2.37 0.33 26.82
N ALA D 433 -1.30 0.32 27.60
CA ALA D 433 -0.01 -0.16 27.14
C ALA D 433 0.65 -0.97 28.24
N MET D 434 1.78 -1.59 27.90
CA MET D 434 2.65 -2.27 28.85
C MET D 434 4.09 -2.18 28.34
N GLN D 435 5.04 -2.39 29.24
CA GLN D 435 6.44 -2.45 28.83
C GLN D 435 6.99 -3.85 29.00
N ASP D 436 7.99 -4.19 28.20
CA ASP D 436 8.73 -5.42 28.41
C ASP D 436 9.93 -5.14 29.31
N ALA D 437 10.94 -6.01 29.31
CA ALA D 437 12.08 -5.85 30.21
C ALA D 437 12.95 -4.66 29.79
N GLU D 438 13.26 -4.57 28.49
CA GLU D 438 14.08 -3.50 27.94
C GLU D 438 13.39 -2.14 27.91
N GLY D 439 12.12 -2.03 28.33
CA GLY D 439 11.43 -0.76 28.34
C GLY D 439 10.79 -0.35 27.02
N ASN D 440 10.72 -1.27 26.05
CA ASN D 440 9.84 -1.07 24.92
C ASN D 440 8.40 -1.14 25.39
N PHE D 441 7.56 -0.25 24.85
CA PHE D 441 6.12 -0.25 25.10
C PHE D 441 5.41 -1.15 24.09
N TYR D 442 4.21 -1.59 24.47
CA TYR D 442 3.32 -2.38 23.62
C TYR D 442 1.93 -1.76 23.70
N HIS D 443 1.31 -1.56 22.54
CA HIS D 443 -0.04 -1.04 22.45
C HIS D 443 -1.03 -2.21 22.52
N LEU D 444 -1.91 -2.18 23.52
CA LEU D 444 -2.87 -3.25 23.70
C LEU D 444 -4.22 -2.87 23.09
N ASP D 445 -4.86 -1.83 23.60
CA ASP D 445 -6.15 -1.43 23.07
C ASP D 445 -6.42 0.01 23.48
N ARG D 446 -7.50 0.56 22.93
CA ARG D 446 -7.99 1.83 23.45
C ARG D 446 -8.62 1.61 24.82
N ALA D 447 -8.38 2.56 25.73
CA ALA D 447 -8.84 2.40 27.11
C ALA D 447 -10.33 2.12 27.24
N PRO D 448 -11.23 2.80 26.54
CA PRO D 448 -12.67 2.45 26.68
C PRO D 448 -13.04 1.09 26.11
N ASP D 449 -12.14 0.41 25.41
CA ASP D 449 -12.42 -0.89 24.83
C ASP D 449 -12.02 -2.06 25.73
N ALA D 450 -11.50 -1.80 26.93
CA ALA D 450 -11.20 -2.86 27.89
C ALA D 450 -12.41 -3.20 28.76
N ILE D 451 -12.56 -4.49 29.02
CA ILE D 451 -13.64 -5.04 29.84
C ILE D 451 -13.00 -5.90 30.91
N ARG D 452 -13.21 -5.52 32.17
CA ARG D 452 -12.80 -6.37 33.29
C ARG D 452 -13.82 -7.49 33.48
N THR D 453 -13.38 -8.73 33.32
CA THR D 453 -14.25 -9.89 33.50
C THR D 453 -13.59 -10.81 34.51
N GLU D 454 -14.39 -11.60 35.22
CA GLU D 454 -13.86 -12.58 36.17
C GLU D 454 -12.71 -13.40 35.58
N ALA D 455 -12.59 -13.47 34.25
CA ALA D 455 -11.62 -14.31 33.57
C ALA D 455 -10.33 -13.58 33.21
N GLY D 456 -10.29 -12.25 33.32
CA GLY D 456 -9.16 -11.44 32.93
C GLY D 456 -9.65 -10.18 32.24
N ILE D 457 -8.72 -9.43 31.65
CA ILE D 457 -9.07 -8.23 30.88
C ILE D 457 -9.31 -8.64 29.43
N VAL D 458 -10.45 -8.26 28.90
CA VAL D 458 -10.83 -8.53 27.52
C VAL D 458 -10.59 -7.24 26.72
N PHE D 459 -9.63 -7.23 25.82
CA PHE D 459 -9.42 -6.07 24.95
C PHE D 459 -10.29 -6.31 23.72
N SER D 460 -11.41 -5.61 23.65
CA SER D 460 -12.44 -6.04 22.71
C SER D 460 -11.98 -5.89 21.25
N THR D 461 -11.10 -4.95 20.95
CA THR D 461 -10.70 -4.94 19.54
C THR D 461 -9.53 -5.88 19.25
N ARG D 462 -8.70 -6.25 20.25
CA ARG D 462 -7.82 -7.40 20.03
C ARG D 462 -8.65 -8.67 19.88
N THR D 463 -9.79 -8.75 20.56
CA THR D 463 -10.60 -9.96 20.48
C THR D 463 -11.34 -10.05 19.16
N GLU D 464 -11.91 -8.92 18.71
CA GLU D 464 -12.45 -8.85 17.36
C GLU D 464 -11.41 -9.30 16.33
N GLU D 465 -10.20 -8.75 16.41
CA GLU D 465 -9.25 -8.97 15.32
C GLU D 465 -8.75 -10.40 15.30
N LEU D 466 -8.44 -10.97 16.47
CA LEU D 466 -8.09 -12.39 16.55
C LEU D 466 -9.18 -13.29 15.96
N LEU D 467 -10.44 -13.05 16.33
CA LEU D 467 -11.52 -13.87 15.79
C LEU D 467 -11.63 -13.72 14.27
N LEU D 468 -11.58 -12.48 13.76
CA LEU D 468 -11.67 -12.32 12.33
C LEU D 468 -10.40 -12.77 11.62
N ALA D 469 -9.27 -12.93 12.34
CA ALA D 469 -8.10 -13.45 11.63
C ALA D 469 -8.13 -14.97 11.52
N SER D 470 -9.14 -15.63 12.11
CA SER D 470 -9.16 -17.05 12.36
C SER D 470 -10.43 -17.75 11.86
N LEU D 471 -11.55 -17.04 11.78
CA LEU D 471 -12.84 -17.64 11.50
C LEU D 471 -13.34 -17.07 10.18
N PRO D 472 -13.08 -17.76 9.06
CA PRO D 472 -13.52 -17.21 7.75
C PRO D 472 -15.02 -17.05 7.64
N GLU D 473 -15.79 -17.77 8.46
CA GLU D 473 -17.24 -17.66 8.50
C GLU D 473 -17.75 -16.28 8.91
N LEU D 474 -16.88 -15.39 9.39
CA LEU D 474 -17.33 -14.14 9.98
C LEU D 474 -17.10 -12.97 9.03
N ALA D 475 -18.08 -12.09 8.94
CA ALA D 475 -17.87 -10.87 8.17
C ALA D 475 -17.39 -9.73 9.05
N ASP D 476 -18.00 -9.58 10.21
CA ASP D 476 -17.61 -8.59 11.20
C ASP D 476 -17.92 -9.21 12.56
N CYS D 477 -17.37 -8.63 13.62
CA CYS D 477 -17.91 -8.91 14.95
C CYS D 477 -17.64 -7.73 15.88
N THR D 478 -18.42 -7.69 16.96
CA THR D 478 -18.42 -6.57 17.90
C THR D 478 -18.44 -7.15 19.31
N VAL D 479 -17.30 -7.18 19.96
CA VAL D 479 -17.31 -7.53 21.38
C VAL D 479 -17.80 -6.33 22.16
N THR D 480 -18.62 -6.61 23.19
CA THR D 480 -19.21 -5.56 24.03
C THR D 480 -19.41 -6.11 25.43
N ALA D 481 -19.64 -5.20 26.38
CA ALA D 481 -19.73 -5.55 27.79
C ALA D 481 -21.13 -5.29 28.32
N ILE D 482 -21.57 -6.14 29.25
CA ILE D 482 -22.79 -5.91 30.01
C ILE D 482 -22.63 -6.48 31.42
N ALA D 483 -23.06 -5.70 32.41
CA ALA D 483 -23.20 -6.14 33.80
C ALA D 483 -24.44 -5.46 34.39
N GLU D 484 -24.61 -5.63 35.70
CA GLU D 484 -25.78 -5.13 36.41
C GLU D 484 -25.74 -3.61 36.52
N GLU D 485 -26.87 -3.04 36.93
CA GLU D 485 -26.92 -1.60 37.15
C GLU D 485 -25.94 -1.20 38.25
N GLY D 486 -25.15 -0.17 37.97
CA GLY D 486 -24.21 0.36 38.94
C GLY D 486 -22.84 -0.31 38.97
N VAL D 487 -22.69 -1.50 38.38
CA VAL D 487 -21.38 -2.15 38.37
C VAL D 487 -20.47 -1.40 37.43
N ARG D 488 -19.31 -0.98 37.93
CA ARG D 488 -18.29 -0.32 37.16
C ARG D 488 -17.23 -1.35 36.81
N ALA D 489 -17.13 -1.69 35.51
CA ALA D 489 -16.33 -2.82 35.07
C ALA D 489 -15.45 -2.59 33.84
N ASP D 490 -15.43 -1.37 33.28
CA ASP D 490 -14.45 -1.02 32.26
C ASP D 490 -13.18 -0.49 32.96
N TRP D 491 -12.27 0.15 32.22
CA TRP D 491 -10.94 0.37 32.80
C TRP D 491 -11.00 1.32 33.98
N ASP D 492 -11.90 2.30 33.92
CA ASP D 492 -12.10 3.28 34.97
C ASP D 492 -12.73 2.66 36.22
N GLY D 493 -13.34 1.47 36.10
CA GLY D 493 -14.05 0.82 37.19
C GLY D 493 -13.19 -0.07 38.08
N ASP D 494 -13.88 -0.91 38.86
CA ASP D 494 -13.34 -1.58 40.03
C ASP D 494 -14.00 -2.93 40.25
N GLY D 495 -15.02 -3.23 39.45
CA GLY D 495 -15.76 -4.48 39.55
C GLY D 495 -15.46 -5.41 38.40
N VAL D 496 -16.49 -6.07 37.88
CA VAL D 496 -16.35 -7.02 36.77
C VAL D 496 -17.63 -7.04 35.97
N ALA D 497 -17.52 -7.52 34.73
CA ALA D 497 -18.64 -7.66 33.82
C ALA D 497 -18.39 -8.90 32.97
N GLU D 498 -19.27 -9.10 31.99
CA GLU D 498 -19.26 -10.24 31.09
C GLU D 498 -19.05 -9.76 29.67
N ALA D 499 -18.09 -10.38 28.98
CA ALA D 499 -17.89 -10.05 27.57
C ALA D 499 -18.85 -10.85 26.70
N TYR D 500 -19.52 -10.16 25.78
CA TYR D 500 -20.40 -10.76 24.80
C TYR D 500 -19.91 -10.39 23.40
N VAL D 501 -19.83 -11.39 22.49
CA VAL D 501 -19.57 -11.11 21.07
C VAL D 501 -20.89 -11.10 20.33
N LEU D 502 -21.00 -10.23 19.33
CA LEU D 502 -22.06 -10.26 18.35
C LEU D 502 -21.45 -10.62 17.01
N LEU D 503 -21.87 -11.75 16.43
CA LEU D 503 -21.28 -12.28 15.22
C LEU D 503 -22.13 -11.97 13.99
N GLN D 504 -21.47 -11.64 12.89
CA GLN D 504 -22.09 -11.46 11.58
C GLN D 504 -21.48 -12.45 10.61
N PHE D 505 -22.31 -13.30 10.01
CA PHE D 505 -21.75 -14.30 9.12
C PHE D 505 -21.73 -13.80 7.68
N THR D 506 -20.72 -14.24 6.94
CA THR D 506 -20.71 -14.04 5.50
C THR D 506 -21.63 -15.05 4.85
N ASP D 507 -22.24 -14.62 3.73
CA ASP D 507 -23.21 -15.43 3.00
C ASP D 507 -22.67 -16.82 2.67
N GLY D 508 -23.50 -17.83 2.89
CA GLY D 508 -23.11 -19.20 2.59
C GLY D 508 -22.14 -19.80 3.57
N ALA D 509 -22.04 -19.23 4.77
CA ALA D 509 -21.23 -19.81 5.84
C ALA D 509 -22.08 -20.75 6.68
N ARG D 510 -21.46 -21.84 7.11
CA ARG D 510 -22.14 -22.86 7.91
C ARG D 510 -22.04 -22.43 9.38
N GLU D 511 -23.17 -22.05 9.98
CA GLU D 511 -23.16 -21.51 11.33
C GLU D 511 -23.07 -22.60 12.40
N PRO D 512 -21.96 -22.69 13.15
CA PRO D 512 -21.81 -23.79 14.12
C PRO D 512 -22.91 -23.76 15.17
N GLY D 513 -23.13 -24.92 15.77
CA GLY D 513 -24.29 -25.04 16.65
C GLY D 513 -24.03 -24.36 17.98
N ASP D 514 -22.81 -24.57 18.48
CA ASP D 514 -22.38 -24.07 19.77
C ASP D 514 -21.50 -22.83 19.53
N LEU D 515 -22.17 -21.69 19.33
CA LEU D 515 -21.47 -20.46 18.96
C LEU D 515 -20.42 -20.09 20.01
N THR D 516 -20.85 -20.00 21.28
CA THR D 516 -19.98 -19.52 22.34
C THR D 516 -18.69 -20.33 22.44
N GLY D 517 -18.80 -21.67 22.42
CA GLY D 517 -17.61 -22.49 22.51
C GLY D 517 -16.81 -22.51 21.23
N TRP D 518 -17.46 -22.23 20.10
CA TRP D 518 -16.75 -22.01 18.84
C TRP D 518 -15.84 -20.79 18.94
N VAL D 519 -16.41 -19.68 19.42
CA VAL D 519 -15.64 -18.44 19.65
C VAL D 519 -14.55 -18.67 20.67
N ASN D 520 -14.90 -19.20 21.85
CA ASN D 520 -13.90 -19.28 22.91
C ASN D 520 -12.81 -20.26 22.58
N GLU D 521 -13.01 -21.12 21.58
CA GLU D 521 -11.93 -22.01 21.18
C GLU D 521 -10.77 -21.23 20.57
N VAL D 522 -11.07 -20.25 19.70
CA VAL D 522 -10.01 -19.47 19.07
C VAL D 522 -9.25 -18.68 20.12
N LEU D 523 -10.00 -18.05 21.04
CA LEU D 523 -9.41 -17.17 22.05
C LEU D 523 -8.50 -17.94 23.01
N ALA D 524 -8.92 -19.15 23.42
CA ALA D 524 -8.11 -19.94 24.35
C ALA D 524 -6.88 -20.53 23.66
N GLY D 525 -6.85 -20.60 22.33
CA GLY D 525 -5.66 -21.06 21.65
C GLY D 525 -4.58 -20.02 21.50
N GLN D 526 -4.87 -18.77 21.88
CA GLN D 526 -3.87 -17.71 21.92
C GLN D 526 -3.64 -17.22 23.35
N GLY D 527 -4.40 -17.74 24.30
CA GLY D 527 -4.31 -17.34 25.68
C GLY D 527 -5.24 -16.23 26.09
N PHE D 528 -6.17 -15.81 25.20
CA PHE D 528 -7.05 -14.69 25.51
C PHE D 528 -8.13 -15.10 26.51
N PRO D 529 -8.56 -14.17 27.36
CA PRO D 529 -9.75 -14.41 28.18
C PRO D 529 -10.94 -14.77 27.31
N PRO D 530 -11.72 -15.75 27.75
CA PRO D 530 -12.92 -16.12 26.99
C PRO D 530 -14.07 -15.18 27.28
N VAL D 531 -14.98 -15.10 26.31
CA VAL D 531 -16.25 -14.42 26.52
C VAL D 531 -17.22 -15.40 27.16
N THR D 532 -18.30 -14.86 27.74
CA THR D 532 -19.30 -15.70 28.37
C THR D 532 -20.51 -16.00 27.47
N ARG D 533 -20.62 -15.33 26.33
CA ARG D 533 -21.63 -15.70 25.33
C ARG D 533 -21.36 -15.07 23.97
N ALA D 534 -21.44 -15.88 22.91
CA ALA D 534 -21.40 -15.40 21.53
C ALA D 534 -22.76 -15.60 20.88
N LEU D 535 -23.21 -14.60 20.11
CA LEU D 535 -24.52 -14.64 19.49
C LEU D 535 -24.43 -14.15 18.06
N ARG D 536 -25.19 -14.77 17.16
CA ARG D 536 -25.33 -14.20 15.83
C ARG D 536 -26.23 -12.97 15.90
N MET D 537 -25.99 -12.03 14.99
CA MET D 537 -26.81 -10.81 14.91
C MET D 537 -27.21 -10.49 13.46
N MET E 17 -9.04 -31.82 -67.65
CA MET E 17 -9.30 -31.49 -66.25
C MET E 17 -10.02 -32.63 -65.51
N ILE E 18 -11.09 -32.28 -64.79
CA ILE E 18 -11.88 -33.20 -63.99
C ILE E 18 -13.32 -32.68 -63.98
N THR E 19 -14.28 -33.57 -64.21
CA THR E 19 -15.68 -33.18 -64.26
C THR E 19 -16.12 -32.58 -62.93
N LYS E 20 -17.22 -31.82 -62.99
CA LYS E 20 -17.81 -31.30 -61.76
C LYS E 20 -18.35 -32.43 -60.90
N GLU E 21 -18.91 -33.45 -61.54
CA GLU E 21 -19.47 -34.57 -60.79
C GLU E 21 -18.38 -35.32 -60.04
N GLU E 22 -17.19 -35.46 -60.65
CA GLU E 22 -16.04 -36.02 -59.94
C GLU E 22 -15.53 -35.06 -58.87
N ARG E 23 -15.75 -33.76 -59.05
CA ARG E 23 -15.30 -32.78 -58.07
C ARG E 23 -16.22 -32.73 -56.84
N ALA E 24 -17.55 -32.73 -57.07
CA ALA E 24 -18.47 -32.88 -55.95
C ALA E 24 -18.28 -34.21 -55.22
N GLN E 25 -17.63 -35.17 -55.88
CA GLN E 25 -17.22 -36.41 -55.22
C GLN E 25 -16.14 -36.14 -54.20
N ILE E 26 -15.05 -35.51 -54.66
CA ILE E 26 -13.96 -35.10 -53.77
C ILE E 26 -14.49 -34.25 -52.63
N ASN E 27 -15.24 -33.18 -52.96
CA ASN E 27 -15.73 -32.23 -51.96
C ASN E 27 -16.70 -32.85 -50.97
N ALA E 28 -17.26 -34.02 -51.27
CA ALA E 28 -18.22 -34.64 -50.38
C ALA E 28 -17.63 -35.79 -49.60
N ASP E 29 -16.34 -36.07 -49.77
CA ASP E 29 -15.74 -37.24 -49.15
C ASP E 29 -15.13 -36.88 -47.80
N PRO E 30 -15.80 -37.22 -46.70
CA PRO E 30 -15.22 -36.90 -45.39
C PRO E 30 -13.98 -37.72 -45.04
N GLU E 31 -13.80 -38.92 -45.61
CA GLU E 31 -12.61 -39.71 -45.31
C GLU E 31 -11.34 -39.16 -46.00
N LEU E 32 -11.49 -38.38 -47.06
CA LEU E 32 -10.36 -37.86 -47.83
C LEU E 32 -9.46 -36.93 -47.00
N GLY E 33 -8.19 -37.31 -46.87
CA GLY E 33 -7.16 -36.44 -46.33
C GLY E 33 -5.80 -36.95 -46.75
N ALA E 34 -4.77 -36.34 -46.16
CA ALA E 34 -3.40 -36.48 -46.63
C ALA E 34 -2.81 -37.86 -46.34
N GLY E 35 -3.62 -38.77 -45.84
CA GLY E 35 -3.12 -40.10 -45.52
C GLY E 35 -3.79 -41.17 -46.34
N ASN E 36 -4.65 -40.83 -47.31
CA ASN E 36 -5.25 -41.89 -48.14
C ASN E 36 -5.72 -41.44 -49.52
N VAL E 37 -5.10 -40.39 -50.08
CA VAL E 37 -5.51 -39.88 -51.39
C VAL E 37 -5.56 -41.00 -52.41
N LEU E 38 -4.51 -41.82 -52.46
CA LEU E 38 -4.47 -42.98 -53.34
C LEU E 38 -5.70 -43.86 -53.18
N HIS E 39 -5.95 -44.32 -51.95
CA HIS E 39 -7.06 -45.26 -51.70
C HIS E 39 -8.41 -44.62 -51.96
N ARG E 40 -8.49 -43.30 -51.92
CA ARG E 40 -9.71 -42.63 -52.31
C ARG E 40 -9.88 -42.65 -53.83
N LEU E 41 -8.78 -42.43 -54.57
CA LEU E 41 -8.84 -42.55 -56.03
C LEU E 41 -9.31 -43.94 -56.44
N ARG E 42 -8.90 -44.96 -55.68
CA ARG E 42 -9.36 -46.32 -55.90
C ARG E 42 -10.86 -46.45 -55.67
N ALA E 43 -11.42 -45.65 -54.75
CA ALA E 43 -12.85 -45.71 -54.43
C ALA E 43 -13.69 -44.82 -55.34
N TYR E 44 -13.14 -43.71 -55.83
CA TYR E 44 -13.78 -42.95 -56.89
C TYR E 44 -13.81 -43.71 -58.21
N GLY E 45 -13.09 -44.83 -58.30
CA GLY E 45 -13.08 -45.65 -59.50
C GLY E 45 -12.35 -45.02 -60.67
N ARG E 46 -11.18 -44.43 -60.42
CA ARG E 46 -10.43 -43.79 -61.49
C ARG E 46 -10.04 -44.81 -62.56
N PRO E 47 -9.87 -44.35 -63.82
CA PRO E 47 -9.19 -45.18 -64.82
C PRO E 47 -7.89 -45.76 -64.27
N THR E 48 -7.85 -47.08 -64.13
CA THR E 48 -6.70 -47.72 -63.52
C THR E 48 -5.51 -47.79 -64.46
N ASP E 49 -5.78 -47.87 -65.77
CA ASP E 49 -4.71 -48.03 -66.75
C ASP E 49 -3.98 -46.74 -67.08
N ARG E 50 -4.62 -45.60 -66.86
CA ARG E 50 -4.04 -44.32 -67.24
C ARG E 50 -2.79 -44.00 -66.41
N PRO E 51 -1.88 -43.19 -66.95
CA PRO E 51 -0.68 -42.81 -66.21
C PRO E 51 -0.89 -41.50 -65.46
N VAL E 52 -0.32 -41.44 -64.24
CA VAL E 52 -0.62 -40.36 -63.31
C VAL E 52 0.64 -39.81 -62.64
N LEU E 53 1.75 -40.53 -62.72
CA LEU E 53 2.95 -40.10 -62.00
C LEU E 53 4.19 -40.29 -62.86
N TRP E 54 4.88 -39.19 -63.14
CA TRP E 54 6.12 -39.15 -63.89
C TRP E 54 7.31 -38.97 -62.95
N THR E 55 8.47 -39.51 -63.34
CA THR E 55 9.65 -39.47 -62.49
C THR E 55 10.93 -39.27 -63.31
N ASP E 56 11.99 -38.86 -62.62
CA ASP E 56 13.34 -38.83 -63.19
C ASP E 56 14.12 -40.12 -62.93
N GLY E 57 13.43 -41.26 -62.86
CA GLY E 57 14.03 -42.58 -62.83
C GLY E 57 15.09 -42.83 -61.77
N THR E 58 15.02 -42.10 -60.66
CA THR E 58 15.91 -42.33 -59.53
C THR E 58 15.46 -43.49 -58.65
N TRP E 59 14.23 -43.98 -58.81
CA TRP E 59 13.63 -44.92 -57.86
C TRP E 59 13.48 -46.30 -58.47
N ARG E 60 13.98 -47.31 -57.77
CA ARG E 60 13.95 -48.70 -58.22
C ARG E 60 12.70 -49.40 -57.67
N ALA E 61 11.78 -49.77 -58.58
CA ALA E 61 10.61 -50.57 -58.27
C ALA E 61 11.06 -51.91 -57.68
N PRO E 62 10.14 -52.65 -57.01
CA PRO E 62 10.58 -53.91 -56.37
C PRO E 62 11.11 -54.96 -57.33
N ASP E 63 11.07 -54.68 -58.64
CA ASP E 63 11.60 -55.60 -59.65
C ASP E 63 12.89 -55.10 -60.30
N GLY E 64 13.44 -53.97 -59.86
CA GLY E 64 14.68 -53.45 -60.39
C GLY E 64 14.53 -52.41 -61.49
N SER E 65 13.37 -52.35 -62.16
CA SER E 65 13.15 -51.28 -63.13
C SER E 65 13.13 -49.94 -62.42
N HIS E 66 13.64 -48.91 -63.10
CA HIS E 66 13.57 -47.55 -62.58
C HIS E 66 12.51 -46.79 -63.36
N PRO E 67 11.22 -47.01 -63.10
CA PRO E 67 10.18 -46.46 -63.99
C PRO E 67 10.19 -44.95 -64.01
N GLU E 68 9.88 -44.40 -65.18
CA GLU E 68 9.77 -42.96 -65.36
C GLU E 68 8.34 -42.53 -65.68
N VAL E 69 7.43 -43.49 -65.86
CA VAL E 69 5.99 -43.27 -65.97
C VAL E 69 5.31 -44.39 -65.19
N ILE E 70 4.32 -44.02 -64.37
CA ILE E 70 3.64 -44.97 -63.48
C ILE E 70 2.14 -44.80 -63.65
N THR E 71 1.47 -45.88 -64.04
CA THR E 71 0.01 -45.83 -64.09
C THR E 71 -0.55 -45.92 -62.68
N LEU E 72 -1.81 -45.49 -62.54
CA LEU E 72 -2.47 -45.55 -61.24
C LEU E 72 -2.43 -46.96 -60.69
N GLY E 73 -2.71 -47.96 -61.54
CA GLY E 73 -2.72 -49.33 -61.09
C GLY E 73 -1.35 -49.84 -60.71
N GLU E 74 -0.31 -49.26 -61.30
CA GLU E 74 1.05 -49.63 -60.94
C GLU E 74 1.43 -49.06 -59.58
N LEU E 75 0.96 -47.86 -59.27
CA LEU E 75 1.23 -47.25 -57.98
C LEU E 75 0.58 -48.04 -56.84
N TYR E 76 -0.62 -48.59 -57.07
CA TYR E 76 -1.17 -49.54 -56.11
C TYR E 76 -0.24 -50.74 -55.96
N GLU E 77 0.29 -51.23 -57.07
CA GLU E 77 1.21 -52.36 -57.04
C GLU E 77 2.44 -52.02 -56.20
N TYR E 78 3.00 -50.83 -56.41
CA TYR E 78 4.21 -50.43 -55.69
C TYR E 78 3.93 -50.23 -54.21
N VAL E 79 2.89 -49.47 -53.88
CA VAL E 79 2.59 -49.08 -52.50
C VAL E 79 2.06 -50.26 -51.70
N GLU E 80 1.32 -51.18 -52.34
CA GLU E 80 0.87 -52.38 -51.63
C GLU E 80 2.05 -53.26 -51.21
N THR E 81 3.12 -53.26 -51.99
CA THR E 81 4.23 -54.17 -51.73
C THR E 81 5.18 -53.56 -50.71
N TYR E 82 5.44 -52.26 -50.80
CA TYR E 82 6.11 -51.58 -49.71
C TYR E 82 5.31 -51.72 -48.41
N ALA E 83 3.99 -51.57 -48.49
CA ALA E 83 3.16 -51.72 -47.30
C ALA E 83 3.34 -53.11 -46.68
N GLY E 84 3.07 -54.16 -47.45
CA GLY E 84 3.28 -55.50 -46.95
C GLY E 84 4.69 -55.75 -46.46
N PHE E 85 5.69 -55.12 -47.09
CA PHE E 85 7.05 -55.27 -46.61
C PHE E 85 7.18 -54.72 -45.19
N TYR E 86 6.90 -53.42 -45.01
CA TYR E 86 7.03 -52.81 -43.70
C TYR E 86 6.14 -53.48 -42.68
N HIS E 87 5.01 -54.06 -43.10
CA HIS E 87 4.28 -54.82 -42.11
C HIS E 87 5.06 -56.07 -41.70
N GLY E 88 5.85 -56.64 -42.63
CA GLY E 88 6.67 -57.78 -42.30
C GLY E 88 7.85 -57.42 -41.42
N LYS E 89 8.40 -56.21 -41.60
CA LYS E 89 9.48 -55.70 -40.78
C LYS E 89 9.00 -55.18 -39.41
N GLY E 90 7.82 -55.60 -38.95
CA GLY E 90 7.32 -55.26 -37.63
C GLY E 90 6.53 -53.96 -37.51
N ILE E 91 6.51 -53.12 -38.55
CA ILE E 91 5.88 -51.80 -38.47
C ILE E 91 4.38 -51.88 -38.16
N ARG E 92 3.91 -50.97 -37.31
CA ARG E 92 2.56 -50.94 -36.78
C ARG E 92 2.02 -49.50 -36.76
N PRO E 93 0.69 -49.32 -36.73
CA PRO E 93 0.17 -47.96 -36.61
C PRO E 93 0.86 -47.22 -35.48
N ARG E 94 1.24 -45.98 -35.77
CA ARG E 94 1.93 -45.00 -34.91
C ARG E 94 3.45 -45.20 -34.79
N ASP E 95 4.05 -46.20 -35.42
CA ASP E 95 5.51 -46.27 -35.43
C ASP E 95 6.10 -45.27 -36.44
N VAL E 96 7.37 -44.93 -36.23
CA VAL E 96 8.07 -43.97 -37.09
C VAL E 96 9.08 -44.72 -37.95
N VAL E 97 9.16 -44.32 -39.21
CA VAL E 97 10.11 -44.89 -40.15
C VAL E 97 10.85 -43.71 -40.78
N GLY E 98 12.14 -43.58 -40.46
CA GLY E 98 12.96 -42.61 -41.17
C GLY E 98 12.95 -42.89 -42.67
N VAL E 99 13.03 -41.83 -43.45
CA VAL E 99 13.18 -41.96 -44.89
C VAL E 99 14.24 -40.94 -45.31
N LEU E 100 15.37 -41.44 -45.82
CA LEU E 100 16.59 -40.65 -46.03
C LEU E 100 17.06 -40.92 -47.45
N THR E 101 16.95 -39.92 -48.33
CA THR E 101 17.14 -40.16 -49.74
C THR E 101 17.14 -38.83 -50.50
N ALA E 102 17.59 -38.88 -51.75
CA ALA E 102 17.53 -37.75 -52.65
C ALA E 102 16.53 -37.95 -53.77
N SER E 103 15.83 -39.08 -53.79
CA SER E 103 14.87 -39.42 -54.84
C SER E 103 13.47 -38.92 -54.45
N SER E 104 12.95 -37.97 -55.22
CA SER E 104 11.61 -37.47 -54.92
C SER E 104 10.55 -38.56 -55.06
N THR E 105 10.82 -39.59 -55.88
CA THR E 105 9.86 -40.67 -56.03
C THR E 105 9.97 -41.65 -54.86
N GLU E 106 11.19 -41.88 -54.37
CA GLU E 106 11.37 -42.77 -53.22
C GLU E 106 10.62 -42.21 -52.00
N PHE E 107 10.77 -40.91 -51.76
CA PHE E 107 9.94 -40.21 -50.79
C PHE E 107 8.46 -40.48 -51.01
N ALA E 108 7.98 -40.28 -52.25
CA ALA E 108 6.55 -40.38 -52.51
C ALA E 108 6.03 -41.79 -52.31
N ILE E 109 6.83 -42.80 -52.66
CA ILE E 109 6.35 -44.18 -52.56
C ILE E 109 6.33 -44.62 -51.09
N ASN E 110 7.40 -44.31 -50.36
CA ASN E 110 7.43 -44.70 -48.96
C ASN E 110 6.44 -43.89 -48.12
N PHE E 111 6.19 -42.64 -48.50
CA PHE E 111 5.19 -41.82 -47.81
C PHE E 111 3.82 -42.52 -47.82
N MET E 112 3.31 -42.85 -49.00
CA MET E 112 1.98 -43.42 -49.09
C MET E 112 1.92 -44.81 -48.47
N ALA E 113 2.99 -45.59 -48.64
CA ALA E 113 2.97 -46.97 -48.17
C ALA E 113 3.04 -47.05 -46.66
N ILE E 114 3.77 -46.13 -46.03
CA ILE E 114 3.91 -46.11 -44.58
C ILE E 114 2.66 -45.52 -43.92
N ASN E 115 2.14 -44.40 -44.45
CA ASN E 115 0.75 -43.97 -44.22
C ASN E 115 -0.24 -45.14 -44.12
N SER E 116 -0.32 -45.94 -45.19
CA SER E 116 -1.38 -46.93 -45.30
C SER E 116 -1.36 -47.96 -44.17
N LEU E 117 -0.31 -47.99 -43.35
CA LEU E 117 -0.28 -48.85 -42.17
C LEU E 117 -0.66 -48.12 -40.90
N GLY E 118 -0.89 -46.81 -40.98
CA GLY E 118 -0.99 -45.96 -39.82
C GLY E 118 0.33 -45.51 -39.27
N ALA E 119 1.43 -45.81 -39.96
CA ALA E 119 2.75 -45.48 -39.47
C ALA E 119 3.17 -44.15 -40.08
N ILE E 120 4.14 -43.52 -39.42
CA ILE E 120 4.48 -42.12 -39.65
C ILE E 120 5.77 -42.08 -40.45
N PRO E 121 5.75 -41.69 -41.73
CA PRO E 121 6.99 -41.59 -42.52
C PRO E 121 7.69 -40.28 -42.23
N SER E 122 8.90 -40.38 -41.65
CA SER E 122 9.67 -39.22 -41.21
C SER E 122 10.75 -38.93 -42.25
N PHE E 123 10.60 -37.82 -42.97
CA PHE E 123 11.55 -37.43 -44.01
C PHE E 123 12.77 -36.74 -43.41
N ALA E 124 13.96 -37.12 -43.88
CA ALA E 124 15.20 -36.43 -43.57
C ALA E 124 15.93 -36.06 -44.86
N ASN E 125 16.60 -34.92 -44.84
CA ASN E 125 17.29 -34.42 -46.03
C ASN E 125 18.58 -35.21 -46.26
N ALA E 126 18.75 -35.70 -47.48
CA ALA E 126 19.90 -36.56 -47.81
C ALA E 126 21.23 -35.88 -47.46
N LYS E 127 21.36 -34.59 -47.77
CA LYS E 127 22.58 -33.82 -47.52
C LYS E 127 22.85 -33.61 -46.02
N LEU E 128 21.93 -34.02 -45.15
CA LEU E 128 22.12 -33.80 -43.71
C LEU E 128 23.44 -34.38 -43.27
N ARG E 129 24.19 -33.57 -42.53
CA ARG E 129 25.45 -33.96 -41.94
C ARG E 129 25.29 -35.27 -41.17
N PRO E 130 26.05 -36.32 -41.51
CA PRO E 130 25.65 -37.69 -41.12
C PRO E 130 25.46 -37.93 -39.62
N GLU E 131 26.26 -37.34 -38.74
CA GLU E 131 26.01 -37.62 -37.33
C GLU E 131 24.78 -36.87 -36.82
N ILE E 132 24.43 -35.74 -37.45
CA ILE E 132 23.17 -35.06 -37.15
C ILE E 132 21.99 -35.94 -37.54
N ALA E 133 21.92 -36.30 -38.83
CA ALA E 133 20.85 -37.15 -39.33
C ALA E 133 20.68 -38.40 -38.47
N ARG E 134 21.76 -38.91 -37.89
CA ARG E 134 21.63 -40.05 -36.99
C ARG E 134 20.86 -39.67 -35.73
N GLU E 135 21.19 -38.51 -35.14
CA GLU E 135 20.51 -38.08 -33.92
C GLU E 135 19.10 -37.58 -34.20
N TYR E 136 18.91 -36.85 -35.30
CA TYR E 136 17.57 -36.41 -35.67
C TYR E 136 16.59 -37.57 -35.74
N ILE E 137 16.94 -38.65 -36.43
CA ILE E 137 16.04 -39.80 -36.49
C ILE E 137 15.91 -40.46 -35.11
N ARG E 138 17.02 -40.58 -34.39
CA ARG E 138 17.02 -41.28 -33.12
C ARG E 138 16.17 -40.56 -32.08
N ARG E 139 16.17 -39.22 -32.10
CA ARG E 139 15.41 -38.44 -31.11
C ARG E 139 13.89 -38.65 -31.24
N GLN E 140 13.42 -39.07 -32.43
CA GLN E 140 12.01 -39.30 -32.72
C GLN E 140 11.50 -40.67 -32.28
N GLY E 141 12.41 -41.62 -32.05
CA GLY E 141 12.03 -42.97 -31.65
C GLY E 141 11.66 -43.87 -32.81
N ALA E 142 12.34 -43.72 -33.95
CA ALA E 142 11.98 -44.49 -35.15
C ALA E 142 12.19 -46.00 -34.96
N SER E 143 11.28 -46.80 -35.52
CA SER E 143 11.40 -48.25 -35.53
C SER E 143 12.46 -48.76 -36.49
N GLY E 144 12.91 -47.91 -37.41
CA GLY E 144 13.69 -48.33 -38.55
C GLY E 144 13.73 -47.21 -39.55
N ALA E 145 14.41 -47.45 -40.67
CA ALA E 145 14.51 -46.42 -41.70
C ALA E 145 14.70 -47.08 -43.07
N VAL E 146 14.48 -46.27 -44.10
CA VAL E 146 14.79 -46.65 -45.48
C VAL E 146 15.68 -45.56 -46.06
N THR E 147 16.69 -45.97 -46.84
CA THR E 147 17.67 -45.03 -47.41
C THR E 147 17.88 -45.35 -48.88
N ASP E 148 18.35 -44.35 -49.62
CA ASP E 148 18.96 -44.68 -50.90
C ASP E 148 20.41 -45.14 -50.66
N THR E 149 21.01 -45.74 -51.70
CA THR E 149 22.25 -46.48 -51.51
C THR E 149 23.38 -45.59 -51.01
N GLU E 150 23.48 -44.37 -51.54
CA GLU E 150 24.55 -43.46 -51.16
C GLU E 150 24.45 -43.00 -49.70
N ARG E 151 23.29 -43.18 -49.05
CA ARG E 151 23.16 -42.77 -47.65
C ARG E 151 22.98 -43.93 -46.69
N HIS E 152 22.87 -45.17 -47.20
CA HIS E 152 22.63 -46.32 -46.33
C HIS E 152 23.66 -46.45 -45.21
N GLU E 153 24.88 -45.95 -45.43
CA GLU E 153 25.91 -46.09 -44.42
C GLU E 153 25.65 -45.20 -43.21
N VAL E 154 24.85 -44.14 -43.37
CA VAL E 154 24.67 -43.16 -42.29
C VAL E 154 23.94 -43.80 -41.10
N LEU E 155 22.95 -44.65 -41.39
CA LEU E 155 22.13 -45.27 -40.35
C LEU E 155 22.48 -46.73 -40.09
N ALA E 156 23.23 -47.38 -40.99
CA ALA E 156 23.52 -48.79 -40.83
C ALA E 156 24.51 -49.02 -39.71
N GLY E 157 24.47 -50.23 -39.15
CA GLY E 157 25.30 -50.59 -38.02
C GLY E 157 24.98 -49.80 -36.76
N GLY E 158 23.92 -49.00 -36.82
CA GLY E 158 23.49 -48.19 -35.70
C GLY E 158 22.46 -48.91 -34.86
N GLU E 159 21.67 -48.12 -34.14
CA GLU E 159 20.71 -48.70 -33.22
C GLU E 159 19.38 -49.02 -33.87
N LEU E 160 19.07 -48.40 -35.00
CA LEU E 160 17.75 -48.52 -35.60
C LEU E 160 17.43 -50.00 -35.87
N GLY E 161 16.22 -50.41 -35.53
CA GLY E 161 15.83 -51.81 -35.58
C GLY E 161 15.94 -52.44 -36.96
N PHE E 162 15.95 -51.60 -38.00
CA PHE E 162 16.33 -52.06 -39.33
C PHE E 162 16.73 -50.85 -40.16
N VAL E 163 17.59 -51.09 -41.14
CA VAL E 163 17.95 -50.07 -42.12
C VAL E 163 17.92 -50.78 -43.47
N VAL E 164 16.90 -50.50 -44.27
CA VAL E 164 16.73 -51.19 -45.53
C VAL E 164 16.98 -50.21 -46.69
N THR E 165 16.80 -50.71 -47.92
CA THR E 165 16.79 -49.89 -49.11
C THR E 165 15.93 -50.62 -50.14
N ALA E 166 15.60 -49.92 -51.24
CA ALA E 166 14.63 -50.44 -52.23
C ALA E 166 14.80 -51.92 -52.52
N GLU E 167 16.03 -52.33 -52.86
CA GLU E 167 16.36 -53.72 -53.16
C GLU E 167 15.94 -54.69 -52.06
N ASP E 168 15.83 -54.22 -50.81
CA ASP E 168 15.31 -55.08 -49.75
C ASP E 168 13.82 -55.38 -49.92
N ILE E 169 13.14 -54.68 -50.84
CA ILE E 169 11.70 -54.82 -51.03
C ILE E 169 11.48 -55.56 -52.35
N ARG E 170 11.22 -56.87 -52.26
CA ARG E 170 10.94 -57.67 -53.45
C ARG E 170 9.45 -57.88 -53.61
N PRO E 171 8.99 -58.18 -54.83
CA PRO E 171 7.54 -58.13 -55.08
C PRO E 171 6.74 -59.13 -54.27
N GLU E 172 7.38 -60.16 -53.70
CA GLU E 172 6.62 -61.14 -52.92
C GLU E 172 6.14 -60.57 -51.58
N HIS E 173 6.63 -59.40 -51.17
CA HIS E 173 6.16 -58.80 -49.93
C HIS E 173 4.70 -58.34 -50.02
N ARG E 174 4.21 -58.08 -51.23
CA ARG E 174 2.80 -57.77 -51.46
C ARG E 174 1.89 -58.87 -50.93
N ALA E 175 2.42 -60.06 -50.68
CA ALA E 175 1.60 -61.13 -50.13
C ALA E 175 1.35 -60.97 -48.64
N GLN E 176 2.07 -60.06 -47.98
CA GLN E 176 2.02 -59.90 -46.54
C GLN E 176 1.12 -58.73 -46.10
N LEU E 177 0.40 -58.12 -47.05
CA LEU E 177 -0.52 -57.03 -46.76
C LEU E 177 -1.43 -57.44 -45.62
N PRO E 178 -1.51 -56.68 -44.54
CA PRO E 178 -2.32 -57.14 -43.40
C PRO E 178 -3.79 -57.04 -43.72
N GLN E 179 -4.57 -57.89 -43.08
CA GLN E 179 -6.02 -57.77 -43.16
C GLN E 179 -6.46 -56.39 -42.69
N GLY E 180 -7.41 -55.81 -43.41
CA GLY E 180 -7.95 -54.51 -43.05
C GLY E 180 -7.30 -53.34 -43.73
N TRP E 181 -6.24 -53.58 -44.52
CA TRP E 181 -5.56 -52.51 -45.23
C TRP E 181 -6.52 -51.82 -46.20
N PRO E 182 -6.35 -50.49 -46.44
CA PRO E 182 -5.40 -49.53 -45.86
C PRO E 182 -5.93 -48.91 -44.57
N TYR E 183 -5.21 -47.97 -43.95
CA TYR E 183 -5.53 -47.51 -42.60
C TYR E 183 -6.60 -46.42 -42.61
N ARG E 184 -7.52 -46.50 -41.64
CA ARG E 184 -8.56 -45.47 -41.46
C ARG E 184 -8.00 -44.36 -40.58
N HIS E 185 -7.48 -43.31 -41.21
CA HIS E 185 -6.87 -42.21 -40.46
C HIS E 185 -7.95 -41.35 -39.80
N ASP E 186 -7.75 -41.01 -38.52
CA ASP E 186 -8.50 -39.89 -38.00
C ASP E 186 -7.90 -38.58 -38.52
N PRO E 187 -8.74 -37.52 -38.70
CA PRO E 187 -8.23 -36.20 -39.10
C PRO E 187 -6.98 -35.79 -38.34
N THR E 188 -6.91 -36.22 -37.08
CA THR E 188 -5.83 -35.83 -36.18
C THR E 188 -4.65 -36.79 -36.19
N ASP E 189 -4.68 -37.88 -36.96
CA ASP E 189 -3.61 -38.88 -36.91
C ASP E 189 -2.40 -38.43 -37.73
N PRO E 190 -1.18 -38.44 -37.16
CA PRO E 190 0.00 -38.00 -37.93
C PRO E 190 0.24 -38.86 -39.18
N ILE E 191 0.60 -38.20 -40.27
CA ILE E 191 0.81 -38.95 -41.52
C ILE E 191 2.16 -38.59 -42.14
N ILE E 192 2.83 -37.60 -41.58
CA ILE E 192 4.18 -37.28 -42.05
C ILE E 192 4.93 -36.61 -40.91
N ILE E 193 6.26 -36.76 -40.95
CA ILE E 193 7.18 -35.87 -40.25
C ILE E 193 8.17 -35.39 -41.29
N SER E 194 8.46 -34.10 -41.28
CA SER E 194 9.39 -33.47 -42.21
C SER E 194 10.15 -32.43 -41.42
N HIS E 195 11.19 -31.87 -42.04
CA HIS E 195 11.91 -30.75 -41.43
C HIS E 195 12.24 -29.75 -42.52
N SER E 196 12.56 -28.54 -42.11
CA SER E 196 12.83 -27.46 -43.06
C SER E 196 14.32 -27.45 -43.41
N SER E 197 14.60 -27.35 -44.71
CA SER E 197 15.95 -27.36 -45.22
C SER E 197 16.70 -26.10 -44.76
N GLY E 198 18.01 -26.13 -44.92
CA GLY E 198 18.83 -24.98 -44.60
C GLY E 198 18.76 -24.64 -43.12
N THR E 199 19.30 -25.53 -42.31
CA THR E 199 19.23 -25.39 -40.85
C THR E 199 20.48 -26.03 -40.27
N THR E 200 21.49 -25.20 -39.99
CA THR E 200 22.63 -25.71 -39.26
C THR E 200 22.19 -26.07 -37.84
N GLY E 201 22.75 -27.14 -37.30
CA GLY E 201 22.28 -27.66 -36.04
C GLY E 201 21.25 -28.74 -36.25
N MET E 202 20.45 -28.95 -35.19
CA MET E 202 19.47 -30.02 -35.19
C MET E 202 18.13 -29.50 -35.70
N PRO E 203 17.64 -29.95 -36.86
CA PRO E 203 16.37 -29.45 -37.37
C PRO E 203 15.21 -29.83 -36.44
N LYS E 204 14.14 -29.06 -36.54
CA LYS E 204 12.91 -29.33 -35.79
C LYS E 204 12.03 -30.28 -36.59
N ALA E 205 11.60 -31.39 -35.96
CA ALA E 205 10.68 -32.32 -36.61
C ALA E 205 9.24 -31.76 -36.55
N VAL E 206 8.64 -31.61 -37.73
CA VAL E 206 7.32 -31.03 -37.89
C VAL E 206 6.38 -32.14 -38.33
N PRO E 207 5.49 -32.60 -37.46
CA PRO E 207 4.49 -33.57 -37.90
C PRO E 207 3.31 -32.87 -38.55
N HIS E 208 2.68 -33.58 -39.48
CA HIS E 208 1.40 -33.14 -40.00
C HIS E 208 0.41 -34.29 -39.93
N THR E 209 -0.80 -33.95 -39.57
CA THR E 209 -1.85 -34.95 -39.45
C THR E 209 -2.47 -35.24 -40.81
N HIS E 210 -3.34 -36.23 -40.83
CA HIS E 210 -4.19 -36.53 -41.99
C HIS E 210 -4.92 -35.30 -42.50
N GLN E 211 -5.09 -34.29 -41.65
CA GLN E 211 -6.00 -33.21 -41.96
C GLN E 211 -5.31 -31.88 -42.20
N THR E 212 -4.11 -31.68 -41.66
CA THR E 212 -3.42 -30.39 -41.79
C THR E 212 -2.70 -30.25 -43.13
N LEU E 213 -2.14 -31.32 -43.69
CA LEU E 213 -1.28 -31.19 -44.86
C LEU E 213 -2.05 -30.84 -46.12
N LEU E 214 -3.29 -31.32 -46.23
CA LEU E 214 -4.13 -31.03 -47.37
C LEU E 214 -5.25 -30.05 -47.07
N TYR E 215 -5.25 -29.40 -45.91
CA TYR E 215 -6.40 -28.58 -45.56
C TYR E 215 -6.60 -27.48 -46.58
N ALA E 216 -5.58 -26.64 -46.78
CA ALA E 216 -5.68 -25.54 -47.74
C ALA E 216 -6.12 -26.05 -49.10
N GLN E 217 -5.46 -27.09 -49.59
CA GLN E 217 -5.76 -27.64 -50.91
C GLN E 217 -7.24 -28.02 -51.04
N LEU E 218 -7.75 -28.81 -50.10
CA LEU E 218 -9.13 -29.27 -50.17
C LEU E 218 -10.12 -28.14 -49.90
N HIS E 219 -9.70 -27.10 -49.18
CA HIS E 219 -10.54 -25.92 -48.96
C HIS E 219 -10.70 -25.12 -50.25
N ARG E 220 -9.62 -25.02 -51.05
CA ARG E 220 -9.72 -24.44 -52.38
C ARG E 220 -10.83 -25.10 -53.18
N LEU E 221 -10.84 -26.43 -53.20
CA LEU E 221 -11.79 -27.16 -54.03
C LEU E 221 -13.24 -26.95 -53.58
N LYS E 222 -13.48 -26.87 -52.25
CA LYS E 222 -14.86 -26.66 -51.78
C LYS E 222 -15.41 -25.33 -52.30
N LEU E 223 -14.55 -24.32 -52.45
CA LEU E 223 -14.93 -23.00 -52.92
C LEU E 223 -14.57 -22.75 -54.38
N SER E 224 -14.23 -23.81 -55.14
CA SER E 224 -14.02 -23.74 -56.59
C SER E 224 -12.81 -22.91 -57.02
N VAL E 225 -12.16 -22.24 -56.08
CA VAL E 225 -10.80 -21.77 -56.34
C VAL E 225 -9.94 -22.99 -56.64
N GLY E 226 -8.97 -22.83 -57.54
CA GLY E 226 -8.11 -23.95 -57.86
C GLY E 226 -8.78 -25.09 -58.61
N GLY E 227 -7.97 -26.03 -59.10
CA GLY E 227 -8.41 -26.98 -60.10
C GLY E 227 -7.96 -26.64 -61.50
N SER E 228 -7.32 -25.48 -61.68
CA SER E 228 -6.82 -25.03 -62.98
C SER E 228 -5.30 -25.07 -63.03
N MET E 229 -4.71 -26.24 -62.72
CA MET E 229 -3.29 -26.51 -62.91
C MET E 229 -3.16 -27.85 -63.61
N GLY E 230 -2.76 -27.83 -64.89
CA GLY E 230 -2.80 -29.01 -65.73
C GLY E 230 -1.75 -30.07 -65.46
N ARG E 231 -0.48 -29.70 -65.58
CA ARG E 231 0.63 -30.61 -65.38
C ARG E 231 1.59 -29.97 -64.40
N LEU E 232 1.98 -30.71 -63.36
CA LEU E 232 2.75 -30.16 -62.25
C LEU E 232 4.20 -30.63 -62.34
N LEU E 233 5.14 -29.68 -62.39
CA LEU E 233 6.54 -29.98 -62.18
C LEU E 233 6.89 -29.70 -60.72
N VAL E 234 7.07 -30.77 -59.94
CA VAL E 234 7.38 -30.66 -58.51
C VAL E 234 8.90 -30.69 -58.38
N ALA E 235 9.52 -29.51 -58.45
CA ALA E 235 10.96 -29.37 -58.31
C ALA E 235 11.35 -28.92 -56.90
N LEU E 236 10.47 -29.14 -55.94
CA LEU E 236 10.78 -28.88 -54.54
C LEU E 236 11.68 -29.99 -54.01
N PRO E 237 12.54 -29.66 -53.05
CA PRO E 237 13.29 -30.72 -52.37
C PRO E 237 12.32 -31.72 -51.75
N GLY E 238 12.39 -32.97 -52.22
CA GLY E 238 11.43 -34.00 -51.83
C GLY E 238 11.37 -34.29 -50.35
N ASN E 239 12.41 -33.94 -49.59
CA ASN E 239 12.33 -34.09 -48.13
C ASN E 239 11.30 -33.16 -47.51
N HIS E 240 10.92 -32.08 -48.21
CA HIS E 240 10.02 -31.06 -47.67
C HIS E 240 8.56 -31.48 -47.86
N ASN E 241 7.70 -31.11 -46.89
CA ASN E 241 6.31 -31.62 -46.92
C ASN E 241 5.48 -31.03 -48.05
N ALA E 242 5.85 -29.85 -48.58
CA ALA E 242 5.18 -29.28 -49.75
C ALA E 242 5.21 -30.23 -50.95
N ALA E 243 6.26 -31.04 -51.08
CA ALA E 243 6.36 -31.91 -52.24
C ALA E 243 5.38 -33.07 -52.13
N MET E 244 5.07 -33.50 -50.92
CA MET E 244 4.06 -34.53 -50.79
C MET E 244 2.65 -33.97 -50.98
N SER E 245 2.40 -32.76 -50.48
CA SER E 245 1.06 -32.18 -50.63
C SER E 245 0.77 -31.82 -52.09
N VAL E 246 1.72 -31.15 -52.76
CA VAL E 246 1.52 -30.81 -54.17
C VAL E 246 1.33 -32.07 -55.00
N MET E 247 2.21 -33.06 -54.78
CA MET E 247 2.03 -34.33 -55.49
C MET E 247 0.65 -34.91 -55.23
N MET E 248 0.23 -34.97 -53.97
CA MET E 248 -1.05 -35.61 -53.66
C MET E 248 -2.22 -34.79 -54.22
N PHE E 249 -2.10 -33.46 -54.16
CA PHE E 249 -3.09 -32.60 -54.80
C PHE E 249 -3.22 -32.94 -56.29
N GLY E 250 -2.10 -32.98 -57.00
CA GLY E 250 -2.05 -33.45 -58.38
C GLY E 250 -2.90 -34.68 -58.59
N LEU E 251 -2.52 -35.79 -57.95
CA LEU E 251 -3.27 -37.04 -58.10
C LEU E 251 -4.76 -36.88 -57.85
N LEU E 252 -5.16 -35.93 -57.00
CA LEU E 252 -6.59 -35.70 -56.79
C LEU E 252 -7.23 -35.06 -58.00
N LEU E 253 -6.54 -34.08 -58.61
CA LEU E 253 -7.09 -33.40 -59.79
C LEU E 253 -7.04 -34.23 -61.05
N ASP E 254 -6.46 -35.43 -60.98
CA ASP E 254 -6.03 -36.17 -62.16
C ASP E 254 -5.27 -35.26 -63.11
N SER E 255 -4.24 -34.62 -62.57
CA SER E 255 -3.17 -33.83 -63.16
C SER E 255 -1.90 -34.66 -63.26
N PRO E 256 -1.19 -34.63 -64.39
CA PRO E 256 0.14 -35.25 -64.42
C PRO E 256 1.08 -34.50 -63.51
N VAL E 257 1.83 -35.24 -62.70
CA VAL E 257 2.84 -34.61 -61.84
C VAL E 257 4.16 -35.34 -62.02
N TYR E 258 5.23 -34.57 -62.18
CA TYR E 258 6.57 -35.08 -62.37
C TYR E 258 7.38 -34.77 -61.12
N LEU E 259 8.04 -35.79 -60.57
CA LEU E 259 8.87 -35.65 -59.37
C LEU E 259 10.30 -35.39 -59.81
N GLN E 260 10.73 -34.13 -59.75
CA GLN E 260 12.11 -33.76 -60.09
C GLN E 260 12.93 -33.75 -58.81
N SER E 261 13.57 -34.90 -58.54
CA SER E 261 14.51 -35.01 -57.42
C SER E 261 15.53 -33.87 -57.47
N SER E 262 16.14 -33.66 -58.63
CA SER E 262 17.27 -32.75 -58.74
C SER E 262 16.82 -31.29 -58.61
N GLN E 263 17.50 -30.56 -57.73
CA GLN E 263 17.22 -29.15 -57.52
C GLN E 263 17.97 -28.24 -58.49
N ARG E 264 18.83 -28.79 -59.35
CA ARG E 264 19.67 -27.99 -60.23
C ARG E 264 18.85 -27.32 -61.33
N GLY E 265 19.02 -26.00 -61.46
CA GLY E 265 18.24 -25.23 -62.44
C GLY E 265 18.30 -25.81 -63.83
N SER E 266 19.51 -26.15 -64.30
CA SER E 266 19.66 -26.75 -65.63
C SER E 266 18.85 -28.03 -65.75
N ASP E 267 18.95 -28.91 -64.74
CA ASP E 267 18.19 -30.16 -64.74
C ASP E 267 16.68 -29.90 -64.78
N VAL E 268 16.22 -28.84 -64.13
CA VAL E 268 14.79 -28.53 -64.10
C VAL E 268 14.33 -28.01 -65.47
N LEU E 269 15.18 -27.23 -66.14
CA LEU E 269 14.87 -26.82 -67.51
C LEU E 269 14.90 -28.01 -68.46
N ASP E 270 15.71 -29.03 -68.17
CA ASP E 270 15.61 -30.28 -68.91
C ASP E 270 14.22 -30.91 -68.73
N ALA E 271 13.67 -30.80 -67.51
CA ALA E 271 12.39 -31.42 -67.22
C ALA E 271 11.21 -30.57 -67.64
N ILE E 272 11.38 -29.25 -67.80
CA ILE E 272 10.30 -28.44 -68.35
C ILE E 272 10.10 -28.77 -69.83
N GLU E 273 11.20 -28.83 -70.59
CA GLU E 273 11.10 -29.13 -72.02
C GLU E 273 10.57 -30.54 -72.24
N LYS E 274 11.11 -31.52 -71.50
CA LYS E 274 10.63 -32.90 -71.59
C LYS E 274 9.16 -33.00 -71.21
N PHE E 275 8.77 -32.48 -70.04
CA PHE E 275 7.44 -32.69 -69.49
C PHE E 275 6.40 -31.74 -70.08
N LYS E 276 6.80 -30.50 -70.43
CA LYS E 276 5.90 -29.41 -70.80
C LYS E 276 4.88 -29.17 -69.68
N PRO E 277 5.33 -28.62 -68.54
CA PRO E 277 4.41 -28.39 -67.42
C PRO E 277 3.67 -27.07 -67.52
N THR E 278 2.44 -27.08 -67.02
CA THR E 278 1.67 -25.84 -66.93
C THR E 278 1.97 -25.08 -65.64
N THR E 279 2.34 -25.80 -64.57
CA THR E 279 2.67 -25.19 -63.29
C THR E 279 3.94 -25.82 -62.74
N VAL E 280 4.73 -25.01 -62.03
CA VAL E 280 6.05 -25.42 -61.55
C VAL E 280 6.21 -24.98 -60.11
N PHE E 281 6.69 -25.89 -59.26
CA PHE E 281 6.95 -25.63 -57.85
C PHE E 281 8.43 -25.85 -57.55
N GLY E 282 9.05 -24.86 -56.92
CA GLY E 282 10.46 -24.95 -56.65
C GLY E 282 10.86 -23.99 -55.55
N PHE E 283 12.15 -24.03 -55.22
CA PHE E 283 12.74 -23.14 -54.24
C PHE E 283 13.53 -22.06 -54.96
N SER E 284 13.70 -20.93 -54.28
CA SER E 284 14.39 -19.74 -54.79
C SER E 284 15.70 -20.02 -55.52
N GLY E 285 16.52 -20.94 -54.96
CA GLY E 285 17.78 -21.28 -55.59
C GLY E 285 17.60 -21.86 -56.98
N THR E 286 16.67 -22.83 -57.10
CA THR E 286 16.37 -23.42 -58.40
C THR E 286 15.82 -22.39 -59.37
N TYR E 287 14.92 -21.52 -58.89
CA TYR E 287 14.41 -20.44 -59.72
C TYR E 287 15.49 -19.41 -60.03
N GLY E 288 16.43 -19.22 -59.10
CA GLY E 288 17.56 -18.33 -59.38
C GLY E 288 18.38 -18.77 -60.58
N GLN E 289 18.80 -20.05 -60.58
CA GLN E 289 19.65 -20.55 -61.67
C GLN E 289 18.94 -20.48 -63.01
N ILE E 290 17.65 -20.84 -63.04
CA ILE E 290 16.90 -20.80 -64.29
C ILE E 290 16.85 -19.39 -64.85
N ALA E 291 16.60 -18.39 -63.99
CA ALA E 291 16.49 -17.01 -64.47
C ALA E 291 17.78 -16.54 -65.12
N THR E 292 18.93 -16.94 -64.60
CA THR E 292 20.23 -16.55 -65.17
C THR E 292 20.80 -17.71 -65.99
N SER E 293 20.11 -17.95 -67.12
CA SER E 293 20.44 -19.02 -68.04
C SER E 293 19.95 -18.58 -69.42
N ASP E 294 20.29 -19.36 -70.45
CA ASP E 294 19.85 -19.03 -71.80
C ASP E 294 18.42 -19.54 -71.99
N LEU E 295 17.50 -18.62 -72.24
CA LEU E 295 16.09 -18.93 -72.35
C LEU E 295 15.66 -19.20 -73.79
N SER E 296 16.29 -18.52 -74.75
CA SER E 296 15.89 -18.63 -76.15
C SER E 296 15.94 -20.08 -76.64
N THR E 297 16.84 -20.88 -76.08
CA THR E 297 17.00 -22.28 -76.50
C THR E 297 15.94 -23.19 -75.88
N ARG E 298 15.49 -22.88 -74.67
CA ARG E 298 14.58 -23.72 -73.91
C ARG E 298 13.15 -23.44 -74.33
N ASP E 299 12.41 -24.49 -74.69
CA ASP E 299 10.98 -24.37 -74.95
C ASP E 299 10.22 -24.32 -73.63
N MET E 300 9.76 -23.13 -73.26
CA MET E 300 9.09 -22.88 -71.99
C MET E 300 7.64 -22.48 -72.18
N SER E 301 7.11 -22.58 -73.40
CA SER E 301 5.78 -22.10 -73.75
C SER E 301 4.65 -22.81 -73.00
N SER E 302 4.97 -23.87 -72.22
CA SER E 302 3.95 -24.56 -71.43
C SER E 302 3.65 -23.83 -70.13
N ILE E 303 4.63 -23.10 -69.59
CA ILE E 303 4.52 -22.48 -68.28
C ILE E 303 3.44 -21.41 -68.30
N GLU E 304 2.40 -21.59 -67.48
CA GLU E 304 1.47 -20.52 -67.19
C GLU E 304 1.69 -19.91 -65.81
N ALA E 305 2.33 -20.63 -64.89
CA ALA E 305 2.50 -20.17 -63.53
C ALA E 305 3.62 -20.95 -62.84
N TYR E 306 4.31 -20.26 -61.92
CA TYR E 306 5.25 -20.87 -60.98
C TYR E 306 4.81 -20.58 -59.54
N TYR E 307 5.17 -21.49 -58.63
CA TYR E 307 5.00 -21.30 -57.18
C TYR E 307 6.32 -21.56 -56.47
N ASN E 308 6.71 -20.63 -55.61
CA ASN E 308 7.98 -20.67 -54.90
C ASN E 308 7.68 -20.83 -53.42
N THR E 309 8.09 -21.95 -52.85
CA THR E 309 7.86 -22.20 -51.43
C THR E 309 9.13 -21.82 -50.67
N GLY E 310 8.95 -21.46 -49.43
CA GLY E 310 10.10 -21.12 -48.60
C GLY E 310 10.39 -19.62 -48.64
N ASP E 311 11.62 -19.27 -49.02
CA ASP E 311 12.11 -17.90 -48.92
C ASP E 311 11.97 -17.16 -50.25
N ALA E 312 11.73 -15.85 -50.13
CA ALA E 312 11.39 -15.02 -51.28
C ALA E 312 12.46 -15.08 -52.37
N ALA E 313 12.02 -15.27 -53.60
CA ALA E 313 12.91 -15.15 -54.75
C ALA E 313 13.26 -13.69 -54.99
N HIS E 314 14.51 -13.43 -55.35
CA HIS E 314 14.94 -12.07 -55.66
C HIS E 314 14.12 -11.52 -56.81
N GLU E 315 13.68 -10.27 -56.66
CA GLU E 315 12.78 -9.64 -57.63
C GLU E 315 13.39 -9.58 -59.02
N ALA E 316 14.72 -9.49 -59.11
CA ALA E 316 15.36 -9.39 -60.42
C ALA E 316 15.19 -10.67 -61.23
N HIS E 317 15.21 -11.83 -60.56
CA HIS E 317 14.90 -13.07 -61.25
C HIS E 317 13.45 -13.09 -61.73
N ILE E 318 12.51 -12.72 -60.84
CA ILE E 318 11.08 -12.84 -61.12
C ILE E 318 10.74 -12.27 -62.48
N ARG E 319 11.35 -11.15 -62.85
CA ARG E 319 11.02 -10.50 -64.12
C ARG E 319 11.42 -11.38 -65.32
N VAL E 320 12.53 -12.11 -65.21
CA VAL E 320 12.88 -13.05 -66.27
C VAL E 320 11.86 -14.17 -66.35
N LEU E 321 11.36 -14.64 -65.20
CA LEU E 321 10.46 -15.79 -65.18
C LEU E 321 9.06 -15.42 -65.69
N VAL E 322 8.52 -14.29 -65.26
CA VAL E 322 7.16 -13.94 -65.66
C VAL E 322 7.08 -13.51 -67.12
N ALA E 323 8.22 -13.29 -67.78
CA ALA E 323 8.19 -13.02 -69.22
C ALA E 323 7.80 -14.25 -70.02
N GLN E 324 7.83 -15.43 -69.41
CA GLN E 324 7.67 -16.69 -70.11
C GLN E 324 6.18 -17.01 -70.29
N GLY E 325 5.91 -18.06 -71.07
CA GLY E 325 4.58 -18.63 -71.27
C GLY E 325 3.43 -17.67 -71.50
N SER E 326 2.20 -18.08 -71.18
CA SER E 326 1.05 -17.21 -71.30
C SER E 326 -0.06 -17.65 -70.34
N HIS E 327 -0.69 -16.69 -69.65
CA HIS E 327 -1.79 -16.95 -68.72
C HIS E 327 -3.12 -16.49 -69.33
N GLU E 328 -4.16 -16.43 -68.50
CA GLU E 328 -5.53 -16.28 -68.98
C GLU E 328 -6.32 -15.23 -68.17
N GLU E 329 -5.99 -13.95 -68.32
CA GLU E 329 -6.81 -12.92 -67.71
C GLU E 329 -8.19 -12.92 -68.37
N ILE E 330 -9.23 -12.64 -67.57
CA ILE E 330 -10.61 -12.67 -68.03
C ILE E 330 -10.90 -11.44 -68.89
N GLY E 331 -11.78 -11.61 -69.87
CA GLY E 331 -11.97 -10.64 -70.93
C GLY E 331 -13.00 -9.57 -70.66
N PRO E 332 -13.01 -8.50 -71.49
CA PRO E 332 -14.02 -7.45 -71.33
C PRO E 332 -15.42 -7.94 -71.63
N ASP E 333 -15.55 -9.03 -72.38
CA ASP E 333 -16.80 -9.76 -72.55
C ASP E 333 -16.98 -10.84 -71.49
N PHE E 334 -16.21 -10.77 -70.40
CA PHE E 334 -16.32 -11.65 -69.24
C PHE E 334 -16.10 -13.12 -69.59
N LYS E 335 -15.54 -13.39 -70.76
CA LYS E 335 -15.10 -14.72 -71.16
C LYS E 335 -13.57 -14.80 -71.07
N PRO E 336 -13.01 -16.01 -70.98
CA PRO E 336 -11.55 -16.13 -70.90
C PRO E 336 -10.85 -15.68 -72.18
N VAL E 337 -9.77 -14.91 -72.00
CA VAL E 337 -8.89 -14.49 -73.09
C VAL E 337 -7.45 -14.74 -72.69
N ARG E 338 -6.63 -15.20 -73.64
CA ARG E 338 -5.26 -15.64 -73.35
C ARG E 338 -4.30 -14.50 -73.69
N VAL E 339 -3.68 -13.93 -72.66
CA VAL E 339 -2.73 -12.83 -72.77
C VAL E 339 -1.33 -13.44 -72.66
N PRO E 340 -0.30 -12.83 -73.24
CA PRO E 340 1.07 -13.32 -73.01
C PRO E 340 1.56 -13.04 -71.60
N GLY E 341 2.42 -13.93 -71.10
CA GLY E 341 2.97 -13.79 -69.78
C GLY E 341 2.54 -14.85 -68.77
N SER E 342 3.45 -15.22 -67.88
CA SER E 342 3.20 -16.19 -66.84
C SER E 342 3.15 -15.52 -65.46
N VAL E 343 2.66 -16.27 -64.47
CA VAL E 343 2.47 -15.74 -63.12
C VAL E 343 3.39 -16.48 -62.16
N PHE E 344 4.06 -15.74 -61.31
CA PHE E 344 5.04 -16.27 -60.36
C PHE E 344 4.58 -15.89 -58.97
N THR E 345 4.28 -16.88 -58.15
CA THR E 345 3.75 -16.63 -56.82
C THR E 345 4.80 -16.93 -55.76
N ASP E 346 5.07 -15.96 -54.91
CA ASP E 346 5.91 -16.13 -53.73
C ASP E 346 5.00 -16.40 -52.54
N GLY E 347 5.07 -17.61 -52.00
CA GLY E 347 4.27 -17.94 -50.83
C GLY E 347 5.06 -17.96 -49.53
N LEU E 348 4.95 -16.92 -48.73
CA LEU E 348 5.50 -16.97 -47.37
C LEU E 348 4.83 -18.11 -46.63
N GLY E 349 5.63 -19.10 -46.26
CA GLY E 349 5.13 -20.21 -45.49
C GLY E 349 6.22 -20.79 -44.61
N SER E 350 6.07 -22.08 -44.31
CA SER E 350 7.02 -22.81 -43.49
C SER E 350 6.55 -24.27 -43.45
N SER E 351 7.44 -25.13 -42.93
CA SER E 351 7.06 -26.51 -42.67
C SER E 351 5.90 -26.60 -41.68
N GLU E 352 5.90 -25.71 -40.68
CA GLU E 352 4.83 -25.70 -39.68
C GLU E 352 3.50 -25.31 -40.29
N THR E 353 3.49 -24.25 -41.08
CA THR E 353 2.20 -23.86 -41.63
C THR E 353 1.79 -24.71 -42.81
N GLY E 354 2.62 -25.69 -43.21
CA GLY E 354 2.18 -26.76 -44.08
C GLY E 354 1.46 -26.30 -45.34
N TYR E 355 1.79 -25.06 -45.74
CA TYR E 355 1.20 -24.37 -46.88
C TYR E 355 1.89 -23.02 -47.01
N SER E 356 1.32 -22.13 -47.82
CA SER E 356 1.66 -20.71 -47.87
C SER E 356 0.49 -19.91 -47.30
N ILE E 357 0.66 -19.39 -46.09
CA ILE E 357 -0.40 -18.59 -45.51
C ILE E 357 -0.52 -17.25 -46.24
N PHE E 358 0.60 -16.73 -46.75
CA PHE E 358 0.66 -15.43 -47.42
C PHE E 358 0.94 -15.60 -48.91
N HIS E 359 0.28 -14.78 -49.73
CA HIS E 359 0.41 -14.90 -51.18
C HIS E 359 0.70 -13.55 -51.83
N ASN E 360 1.76 -13.55 -52.64
CA ASN E 360 2.22 -12.40 -53.43
C ASN E 360 2.31 -12.85 -54.89
N GLY E 361 1.55 -12.20 -55.76
CA GLY E 361 1.57 -12.58 -57.18
C GLY E 361 2.31 -11.61 -58.09
N HIS E 362 3.29 -12.12 -58.84
CA HIS E 362 4.00 -11.36 -59.85
C HIS E 362 3.58 -11.84 -61.23
N LYS E 363 3.00 -10.94 -62.02
CA LYS E 363 2.67 -11.13 -63.42
C LYS E 363 3.43 -10.08 -64.23
N PRO E 364 3.56 -10.25 -65.55
CA PRO E 364 4.34 -9.27 -66.33
C PRO E 364 3.73 -7.86 -66.24
N GLY E 365 4.51 -6.95 -65.66
CA GLY E 365 4.07 -5.59 -65.41
C GLY E 365 3.87 -5.26 -63.94
N SER E 366 4.01 -6.24 -63.04
CA SER E 366 3.71 -6.03 -61.64
C SER E 366 4.69 -5.06 -61.00
N ALA E 367 4.18 -4.23 -60.09
CA ALA E 367 5.01 -3.37 -59.27
C ALA E 367 5.69 -4.19 -58.19
N SER E 368 6.88 -3.73 -57.78
CA SER E 368 7.58 -4.36 -56.67
C SER E 368 6.69 -4.34 -55.44
N PHE E 369 6.78 -5.40 -54.64
CA PHE E 369 6.02 -5.42 -53.39
C PHE E 369 6.79 -4.72 -52.27
N GLY E 370 8.11 -4.68 -52.35
CA GLY E 370 8.90 -4.12 -51.27
C GLY E 370 8.96 -5.08 -50.12
N ARG E 371 8.64 -4.60 -48.93
CA ARG E 371 8.54 -5.47 -47.78
C ARG E 371 7.12 -6.00 -47.55
N CYS E 372 6.20 -5.82 -48.51
CA CYS E 372 4.80 -6.16 -48.32
C CYS E 372 4.52 -7.62 -48.67
N ILE E 373 3.89 -8.35 -47.75
CA ILE E 373 3.58 -9.76 -47.93
C ILE E 373 2.09 -10.00 -48.13
N GLY E 374 1.28 -8.94 -48.09
CA GLY E 374 -0.13 -9.05 -48.34
C GLY E 374 -0.96 -9.45 -47.13
N LYS E 375 -1.95 -10.29 -47.37
CA LYS E 375 -2.94 -10.64 -46.35
C LYS E 375 -3.06 -12.14 -46.27
N PRO E 376 -3.41 -12.67 -45.11
CA PRO E 376 -3.45 -14.11 -44.96
C PRO E 376 -4.66 -14.71 -45.66
N MET E 377 -4.45 -15.90 -46.21
CA MET E 377 -5.54 -16.72 -46.74
C MET E 377 -6.75 -16.71 -45.79
N SER E 378 -7.95 -16.83 -46.35
CA SER E 378 -9.16 -16.69 -45.54
C SER E 378 -9.16 -17.63 -44.34
N PHE E 379 -8.73 -18.88 -44.56
CA PHE E 379 -8.77 -19.88 -43.49
C PHE E 379 -7.76 -19.56 -42.40
N ALA E 380 -6.78 -18.72 -42.70
CA ALA E 380 -5.72 -18.40 -41.76
C ALA E 380 -5.95 -17.05 -41.10
N GLN E 381 -5.37 -16.88 -39.92
CA GLN E 381 -5.43 -15.63 -39.17
C GLN E 381 -4.02 -15.25 -38.76
N ALA E 382 -3.65 -14.00 -39.00
CA ALA E 382 -2.32 -13.52 -38.64
C ALA E 382 -2.42 -12.30 -37.74
N ALA E 383 -1.37 -12.05 -36.98
CA ALA E 383 -1.36 -10.90 -36.11
C ALA E 383 0.07 -10.38 -35.97
N VAL E 384 0.17 -9.08 -35.76
CA VAL E 384 1.41 -8.45 -35.32
C VAL E 384 1.29 -8.40 -33.79
N LEU E 385 1.99 -9.30 -33.11
CA LEU E 385 1.85 -9.47 -31.67
C LEU E 385 2.80 -8.57 -30.88
N SER E 386 2.28 -7.93 -29.84
CA SER E 386 3.07 -7.27 -28.81
C SER E 386 3.79 -8.31 -27.97
N GLU E 387 4.50 -7.86 -26.91
CA GLU E 387 5.28 -8.83 -26.14
C GLU E 387 4.44 -9.67 -25.17
N ASP E 388 3.31 -9.18 -24.69
CA ASP E 388 2.40 -10.04 -23.93
C ASP E 388 1.32 -10.69 -24.80
N GLY E 389 1.55 -10.82 -26.10
CA GLY E 389 0.70 -11.60 -26.95
C GLY E 389 -0.52 -10.90 -27.51
N ARG E 390 -0.67 -9.60 -27.26
CA ARG E 390 -1.87 -9.02 -27.82
C ARG E 390 -1.60 -8.45 -29.21
N PRO E 391 -2.55 -8.52 -30.14
CA PRO E 391 -2.35 -7.87 -31.44
C PRO E 391 -2.28 -6.35 -31.28
N LEU E 392 -1.44 -5.74 -32.12
CA LEU E 392 -1.01 -4.35 -32.08
C LEU E 392 -1.81 -3.48 -33.05
N PRO E 393 -1.94 -2.18 -32.71
CA PRO E 393 -2.52 -1.23 -33.67
C PRO E 393 -1.66 -1.08 -34.93
N ALA E 394 -2.33 -1.14 -36.09
CA ALA E 394 -1.69 -0.92 -37.37
C ALA E 394 -0.73 0.25 -37.31
N GLY E 395 0.50 0.03 -37.76
CA GLY E 395 1.57 0.99 -37.68
C GLY E 395 2.69 0.56 -36.78
N GLU E 396 2.45 -0.37 -35.86
CA GLU E 396 3.45 -0.75 -34.88
C GLU E 396 4.16 -2.04 -35.26
N VAL E 397 5.36 -2.20 -34.70
CA VAL E 397 6.24 -3.33 -35.01
C VAL E 397 6.07 -4.38 -33.94
N GLY E 398 5.85 -5.63 -34.34
CA GLY E 398 5.76 -6.68 -33.36
C GLY E 398 5.93 -8.03 -34.03
N ARG E 399 6.07 -9.06 -33.20
CA ARG E 399 6.27 -10.40 -33.73
C ARG E 399 5.10 -10.83 -34.60
N LEU E 400 5.41 -11.47 -35.72
CA LEU E 400 4.41 -12.01 -36.62
C LEU E 400 4.04 -13.43 -36.18
N GLY E 401 2.77 -13.66 -35.85
CA GLY E 401 2.27 -14.98 -35.54
C GLY E 401 1.13 -15.37 -36.45
N VAL E 402 0.85 -16.67 -36.59
CA VAL E 402 -0.31 -17.12 -37.34
C VAL E 402 -1.06 -18.19 -36.56
N ARG E 403 -2.37 -18.30 -36.87
CA ARG E 403 -3.19 -19.45 -36.52
C ARG E 403 -3.72 -20.03 -37.82
N SER E 404 -3.64 -21.35 -37.97
CA SER E 404 -4.23 -21.90 -39.15
C SER E 404 -4.72 -23.32 -38.90
N PRO E 405 -5.85 -23.71 -39.48
CA PRO E 405 -6.19 -25.14 -39.51
C PRO E 405 -5.20 -25.98 -40.31
N THR E 406 -4.17 -25.36 -40.92
CA THR E 406 -3.06 -26.09 -41.53
C THR E 406 -1.83 -26.20 -40.64
N LEU E 407 -1.87 -25.60 -39.45
CA LEU E 407 -0.72 -25.56 -38.56
C LEU E 407 -0.51 -26.90 -37.88
N THR E 408 0.76 -27.21 -37.63
CA THR E 408 1.14 -28.46 -37.01
C THR E 408 0.66 -28.52 -35.56
N PRO E 409 0.44 -29.71 -35.03
CA PRO E 409 0.23 -29.85 -33.59
C PRO E 409 1.50 -29.66 -32.75
N GLY E 410 2.67 -29.63 -33.36
CA GLY E 410 3.86 -29.28 -32.62
C GLY E 410 5.07 -30.19 -32.79
N TYR E 411 6.25 -29.63 -32.54
CA TYR E 411 7.51 -30.30 -32.85
C TYR E 411 7.56 -31.71 -32.26
N TRP E 412 7.92 -32.68 -33.12
CA TRP E 412 7.84 -34.08 -32.70
C TRP E 412 8.81 -34.31 -31.56
N ASN E 413 8.27 -34.85 -30.46
CA ASN E 413 9.04 -35.16 -29.26
C ASN E 413 9.77 -33.94 -28.71
N ASP E 414 9.26 -32.72 -28.96
CA ASP E 414 9.97 -31.56 -28.42
C ASP E 414 8.93 -30.48 -28.07
N SER E 415 8.25 -30.70 -26.94
CA SER E 415 7.24 -29.77 -26.45
C SER E 415 7.85 -28.42 -26.07
N LEU E 416 9.07 -28.44 -25.51
CA LEU E 416 9.67 -27.22 -24.95
C LEU E 416 9.91 -26.20 -26.06
N THR E 417 10.50 -26.62 -27.17
CA THR E 417 10.72 -25.70 -28.29
C THR E 417 9.38 -25.26 -28.90
N TRP E 418 8.48 -26.21 -29.15
CA TRP E 418 7.16 -25.85 -29.62
C TRP E 418 6.56 -24.67 -28.87
N HIS E 419 6.45 -24.77 -27.54
CA HIS E 419 5.78 -23.69 -26.84
C HIS E 419 6.63 -22.45 -26.76
N LYS E 420 7.94 -22.56 -27.01
CA LYS E 420 8.78 -21.38 -27.06
C LYS E 420 8.58 -20.57 -28.34
N LEU E 421 7.98 -21.15 -29.38
CA LEU E 421 7.67 -20.39 -30.59
C LEU E 421 6.18 -20.13 -30.70
N ARG E 422 5.47 -20.24 -29.59
CA ARG E 422 4.09 -19.80 -29.55
C ARG E 422 4.00 -18.60 -28.62
N LEU E 423 3.19 -17.61 -29.02
CA LEU E 423 2.94 -16.42 -28.22
C LEU E 423 1.49 -16.03 -28.41
N GLY E 424 0.79 -15.72 -27.31
CA GLY E 424 -0.60 -15.31 -27.37
C GLY E 424 -1.51 -16.21 -28.22
N GLY E 425 -1.21 -17.51 -28.26
CA GLY E 425 -2.02 -18.45 -29.02
C GLY E 425 -1.68 -18.56 -30.48
N TYR E 426 -0.59 -17.91 -30.90
CA TYR E 426 -0.13 -17.93 -32.29
C TYR E 426 1.18 -18.67 -32.37
N TRP E 427 1.48 -19.18 -33.54
CA TRP E 427 2.80 -19.69 -33.81
C TRP E 427 3.64 -18.54 -34.37
N LEU E 428 4.73 -18.23 -33.68
CA LEU E 428 5.65 -17.19 -34.14
C LEU E 428 6.40 -17.64 -35.39
N THR E 429 6.26 -16.90 -36.49
CA THR E 429 6.97 -17.29 -37.71
C THR E 429 8.47 -17.03 -37.64
N GLY E 430 8.94 -16.37 -36.58
CA GLY E 430 10.29 -15.91 -36.47
C GLY E 430 10.50 -14.46 -36.85
N ASP E 431 9.49 -13.78 -37.42
CA ASP E 431 9.71 -12.48 -38.03
C ASP E 431 9.09 -11.37 -37.20
N LEU E 432 9.55 -10.16 -37.48
CA LEU E 432 8.95 -8.92 -36.99
C LEU E 432 8.20 -8.29 -38.14
N ALA E 433 7.04 -7.70 -37.86
CA ALA E 433 6.16 -7.27 -38.94
C ALA E 433 5.39 -6.02 -38.56
N MET E 434 4.79 -5.43 -39.59
CA MET E 434 4.04 -4.19 -39.54
C MET E 434 2.71 -4.39 -40.27
N GLN E 435 1.75 -3.53 -39.97
CA GLN E 435 0.53 -3.48 -40.78
C GLN E 435 0.23 -2.04 -41.17
N ASP E 436 -0.37 -1.89 -42.36
CA ASP E 436 -0.85 -0.58 -42.82
C ASP E 436 -2.32 -0.40 -42.42
N ALA E 437 -2.94 0.65 -42.95
CA ALA E 437 -4.32 0.96 -42.60
C ALA E 437 -5.28 -0.11 -43.11
N GLU E 438 -5.07 -0.61 -44.33
CA GLU E 438 -5.89 -1.67 -44.90
C GLU E 438 -5.55 -3.04 -44.35
N GLY E 439 -4.70 -3.12 -43.33
CA GLY E 439 -4.28 -4.39 -42.76
C GLY E 439 -3.59 -5.35 -43.71
N ASN E 440 -2.73 -4.84 -44.60
CA ASN E 440 -1.73 -5.66 -45.24
C ASN E 440 -0.56 -5.83 -44.29
N PHE E 441 0.14 -6.94 -44.40
CA PHE E 441 1.32 -7.17 -43.58
C PHE E 441 2.60 -6.83 -44.35
N TYR E 442 3.60 -6.36 -43.61
CA TYR E 442 4.92 -6.07 -44.16
C TYR E 442 5.99 -6.76 -43.32
N HIS E 443 6.85 -7.54 -43.98
CA HIS E 443 7.97 -8.18 -43.31
C HIS E 443 9.12 -7.21 -43.10
N LEU E 444 9.57 -7.08 -41.85
CA LEU E 444 10.67 -6.17 -41.52
C LEU E 444 12.00 -6.91 -41.42
N ASP E 445 12.13 -7.81 -40.45
CA ASP E 445 13.37 -8.54 -40.29
C ASP E 445 13.04 -9.82 -39.53
N ARG E 446 14.05 -10.68 -39.38
CA ARG E 446 13.96 -11.73 -38.39
C ARG E 446 14.09 -11.10 -37.01
N ALA E 447 13.28 -11.58 -36.05
CA ALA E 447 13.27 -11.00 -34.70
C ALA E 447 14.66 -10.87 -34.06
N PRO E 448 15.53 -11.89 -34.07
CA PRO E 448 16.87 -11.69 -33.50
C PRO E 448 17.72 -10.71 -34.27
N ASP E 449 17.41 -10.46 -35.55
CA ASP E 449 18.17 -9.50 -36.33
C ASP E 449 17.80 -8.06 -36.01
N ALA E 450 17.22 -7.79 -34.86
CA ALA E 450 16.78 -6.44 -34.50
C ALA E 450 17.56 -6.00 -33.30
N ILE E 451 18.16 -4.83 -33.38
CA ILE E 451 18.97 -4.29 -32.30
C ILE E 451 18.29 -3.02 -31.79
N ARG E 452 18.12 -2.93 -30.47
CA ARG E 452 17.57 -1.74 -29.86
C ARG E 452 18.67 -0.73 -29.66
N THR E 453 18.44 0.49 -30.14
CA THR E 453 19.47 1.51 -30.30
C THR E 453 18.91 2.85 -29.84
N GLU E 454 19.78 3.71 -29.30
CA GLU E 454 19.34 5.03 -28.82
C GLU E 454 18.76 5.91 -29.93
N ALA E 455 18.70 5.40 -31.17
CA ALA E 455 18.20 6.17 -32.29
C ALA E 455 17.13 5.40 -33.06
N GLY E 456 16.60 4.34 -32.47
CA GLY E 456 15.55 3.53 -33.07
C GLY E 456 15.97 2.08 -33.24
N ILE E 457 15.03 1.30 -33.77
CA ILE E 457 15.31 -0.10 -34.07
C ILE E 457 16.17 -0.16 -35.32
N VAL E 458 17.35 -0.77 -35.21
CA VAL E 458 18.15 -1.14 -36.37
C VAL E 458 17.74 -2.56 -36.78
N PHE E 459 17.21 -2.68 -38.00
CA PHE E 459 16.92 -3.99 -38.58
C PHE E 459 18.16 -4.42 -39.36
N SER E 460 18.91 -5.38 -38.82
CA SER E 460 20.26 -5.67 -39.33
C SER E 460 20.24 -6.05 -40.79
N THR E 461 19.43 -7.04 -41.17
CA THR E 461 19.38 -7.49 -42.55
C THR E 461 19.01 -6.35 -43.49
N ARG E 462 17.98 -5.57 -43.14
CA ARG E 462 17.59 -4.44 -43.97
C ARG E 462 18.71 -3.41 -44.06
N THR E 463 19.53 -3.31 -43.02
CA THR E 463 20.70 -2.44 -43.06
C THR E 463 21.81 -3.04 -43.92
N GLU E 464 22.14 -4.32 -43.66
CA GLU E 464 23.14 -5.01 -44.47
C GLU E 464 22.76 -5.00 -45.95
N GLU E 465 21.47 -5.14 -46.28
CA GLU E 465 21.13 -5.25 -47.69
C GLU E 465 21.17 -3.90 -48.38
N LEU E 466 20.78 -2.84 -47.68
CA LEU E 466 20.87 -1.50 -48.27
C LEU E 466 22.33 -1.10 -48.54
N LEU E 467 23.25 -1.43 -47.61
CA LEU E 467 24.66 -1.14 -47.81
C LEU E 467 25.20 -1.87 -49.04
N LEU E 468 25.09 -3.19 -49.05
CA LEU E 468 25.50 -3.93 -50.25
C LEU E 468 24.80 -3.40 -51.50
N ALA E 469 23.57 -2.90 -51.37
CA ALA E 469 22.91 -2.32 -52.53
C ALA E 469 23.62 -1.05 -52.98
N SER E 470 24.09 -0.24 -52.03
CA SER E 470 24.64 1.08 -52.31
C SER E 470 26.15 1.10 -52.51
N LEU E 471 26.90 0.18 -51.91
CA LEU E 471 28.36 0.22 -51.96
C LEU E 471 28.89 -1.04 -52.64
N PRO E 472 29.09 -1.02 -53.96
CA PRO E 472 29.71 -2.18 -54.62
C PRO E 472 31.11 -2.50 -54.08
N GLU E 473 31.77 -1.54 -53.42
CA GLU E 473 33.07 -1.81 -52.80
C GLU E 473 33.00 -3.00 -51.86
N LEU E 474 31.82 -3.26 -51.31
CA LEU E 474 31.63 -4.30 -50.31
C LEU E 474 31.28 -5.63 -50.95
N ALA E 475 31.76 -6.71 -50.34
CA ALA E 475 31.41 -8.06 -50.75
C ALA E 475 30.42 -8.72 -49.80
N ASP E 476 30.34 -8.24 -48.57
CA ASP E 476 29.43 -8.71 -47.54
C ASP E 476 29.54 -7.75 -46.37
N CYS E 477 28.57 -7.84 -45.45
CA CYS E 477 28.71 -7.15 -44.17
C CYS E 477 27.73 -7.75 -43.19
N THR E 478 27.93 -7.40 -41.93
CA THR E 478 27.21 -8.01 -40.82
C THR E 478 27.02 -6.95 -39.75
N VAL E 479 25.78 -6.48 -39.59
CA VAL E 479 25.46 -5.62 -38.46
C VAL E 479 25.41 -6.49 -37.21
N THR E 480 25.86 -5.92 -36.10
CA THR E 480 26.01 -6.67 -34.87
C THR E 480 25.80 -5.72 -33.72
N ALA E 481 25.29 -6.25 -32.61
CA ALA E 481 24.99 -5.43 -31.43
C ALA E 481 26.17 -5.48 -30.46
N ILE E 482 26.58 -4.32 -29.96
CA ILE E 482 27.62 -4.22 -28.96
C ILE E 482 27.02 -3.54 -27.75
N ALA E 483 26.97 -4.26 -26.63
CA ALA E 483 26.32 -3.79 -25.42
C ALA E 483 27.24 -3.94 -24.22
N GLU E 484 26.96 -3.11 -23.21
CA GLU E 484 27.56 -3.25 -21.89
C GLU E 484 27.13 -4.56 -21.23
N GLU E 485 27.59 -4.80 -20.01
CA GLU E 485 27.37 -6.06 -19.34
C GLU E 485 25.90 -6.29 -19.01
N GLY E 486 25.45 -7.53 -19.19
CA GLY E 486 24.12 -7.98 -18.81
C GLY E 486 22.91 -7.15 -19.22
N VAL E 487 23.08 -6.20 -20.17
CA VAL E 487 21.92 -5.47 -20.69
C VAL E 487 21.30 -6.28 -21.80
N ARG E 488 19.97 -6.33 -21.82
CA ARG E 488 19.20 -7.00 -22.86
C ARG E 488 18.71 -5.93 -23.82
N ALA E 489 19.12 -6.03 -25.07
CA ALA E 489 18.72 -5.07 -26.09
C ALA E 489 18.15 -5.74 -27.32
N ASP E 490 18.03 -7.07 -27.33
CA ASP E 490 17.30 -7.75 -28.39
C ASP E 490 15.82 -7.39 -28.22
N TRP E 491 14.95 -8.00 -29.02
CA TRP E 491 13.61 -7.43 -29.17
C TRP E 491 12.82 -7.46 -27.86
N ASP E 492 12.99 -8.51 -27.06
CA ASP E 492 12.26 -8.60 -25.79
C ASP E 492 12.90 -7.78 -24.68
N GLY E 493 14.12 -7.28 -24.87
CA GLY E 493 14.80 -6.56 -23.82
C GLY E 493 14.34 -5.12 -23.68
N ASP E 494 14.85 -4.48 -22.62
CA ASP E 494 14.47 -3.13 -22.21
C ASP E 494 15.62 -2.13 -22.21
N GLY E 495 16.83 -2.54 -22.59
CA GLY E 495 17.96 -1.64 -22.73
C GLY E 495 18.31 -1.43 -24.19
N VAL E 496 19.15 -0.44 -24.43
CA VAL E 496 19.65 -0.15 -25.77
C VAL E 496 20.99 -0.83 -25.97
N ALA E 497 21.50 -0.75 -27.20
CA ALA E 497 22.85 -1.19 -27.52
C ALA E 497 23.39 -0.28 -28.60
N GLU E 498 24.58 -0.63 -29.11
CA GLU E 498 25.23 0.10 -30.18
C GLU E 498 25.35 -0.84 -31.37
N ALA E 499 24.94 -0.36 -32.55
CA ALA E 499 25.04 -1.13 -33.77
C ALA E 499 26.38 -0.87 -34.45
N TYR E 500 27.16 -1.93 -34.68
CA TYR E 500 28.38 -1.88 -35.47
C TYR E 500 28.15 -2.60 -36.80
N VAL E 501 28.83 -2.13 -37.86
CA VAL E 501 28.92 -2.89 -39.11
C VAL E 501 30.29 -3.56 -39.17
N LEU E 502 30.31 -4.82 -39.57
CA LEU E 502 31.54 -5.53 -39.91
C LEU E 502 31.60 -5.60 -41.43
N LEU E 503 32.43 -4.74 -42.04
CA LEU E 503 32.52 -4.56 -43.48
C LEU E 503 33.58 -5.49 -44.07
N GLN E 504 33.18 -6.38 -44.97
CA GLN E 504 34.11 -7.25 -45.69
C GLN E 504 34.23 -6.77 -47.13
N PHE E 505 35.40 -6.26 -47.50
CA PHE E 505 35.57 -5.62 -48.79
C PHE E 505 35.82 -6.64 -49.88
N THR E 506 35.40 -6.31 -51.10
CA THR E 506 35.77 -7.12 -52.25
C THR E 506 37.24 -6.88 -52.59
N ASP E 507 37.97 -7.98 -52.83
CA ASP E 507 39.42 -7.96 -53.05
C ASP E 507 39.83 -6.92 -54.08
N GLY E 508 40.56 -5.89 -53.65
CA GLY E 508 41.02 -4.85 -54.55
C GLY E 508 40.19 -3.58 -54.60
N ALA E 509 39.25 -3.39 -53.68
CA ALA E 509 38.36 -2.24 -53.71
C ALA E 509 38.94 -1.05 -52.93
N ARG E 510 38.34 0.12 -53.15
CA ARG E 510 38.76 1.39 -52.54
C ARG E 510 38.14 1.52 -51.15
N GLU E 511 38.94 1.29 -50.11
CA GLU E 511 38.46 1.39 -48.73
C GLU E 511 38.56 2.84 -48.27
N PRO E 512 37.43 3.55 -48.17
CA PRO E 512 37.48 4.97 -47.78
C PRO E 512 37.98 5.15 -46.34
N GLY E 513 38.36 6.39 -46.03
CA GLY E 513 39.09 6.67 -44.80
C GLY E 513 38.31 6.47 -43.53
N ASP E 514 37.17 7.15 -43.43
CA ASP E 514 36.22 7.03 -42.32
C ASP E 514 35.11 6.07 -42.74
N LEU E 515 35.31 4.78 -42.46
CA LEU E 515 34.32 3.79 -42.85
C LEU E 515 32.94 4.13 -42.30
N THR E 516 32.87 4.63 -41.06
CA THR E 516 31.60 4.87 -40.39
C THR E 516 30.73 5.87 -41.15
N GLY E 517 31.23 7.09 -41.35
CA GLY E 517 30.47 8.08 -42.09
C GLY E 517 30.23 7.71 -43.54
N TRP E 518 31.07 6.84 -44.10
CA TRP E 518 30.81 6.31 -45.43
C TRP E 518 29.51 5.51 -45.45
N VAL E 519 29.32 4.69 -44.41
CA VAL E 519 28.15 3.84 -44.28
C VAL E 519 26.92 4.65 -43.88
N ASN E 520 27.08 5.57 -42.91
CA ASN E 520 25.92 6.28 -42.40
C ASN E 520 25.39 7.31 -43.38
N GLU E 521 26.21 7.77 -44.33
CA GLU E 521 25.64 8.56 -45.41
C GLU E 521 24.62 7.73 -46.19
N VAL E 522 24.91 6.45 -46.40
CA VAL E 522 23.95 5.60 -47.09
C VAL E 522 22.65 5.52 -46.30
N LEU E 523 22.76 5.29 -44.99
CA LEU E 523 21.57 5.02 -44.17
C LEU E 523 20.74 6.29 -43.98
N ALA E 524 21.39 7.44 -43.82
CA ALA E 524 20.68 8.71 -43.73
C ALA E 524 19.81 8.94 -44.96
N GLY E 525 20.37 8.72 -46.15
CA GLY E 525 19.60 8.92 -47.37
C GLY E 525 18.33 8.11 -47.43
N GLN E 526 18.17 7.12 -46.54
CA GLN E 526 16.98 6.29 -46.50
C GLN E 526 16.23 6.42 -45.17
N GLY E 527 16.65 7.33 -44.30
CA GLY E 527 16.06 7.45 -42.99
C GLY E 527 16.34 6.30 -42.03
N PHE E 528 17.17 5.33 -42.43
CA PHE E 528 17.48 4.22 -41.54
C PHE E 528 18.19 4.75 -40.29
N PRO E 529 18.07 4.04 -39.17
CA PRO E 529 18.90 4.36 -38.01
C PRO E 529 20.37 4.18 -38.34
N PRO E 530 21.21 5.15 -37.97
CA PRO E 530 22.65 5.02 -38.20
C PRO E 530 23.27 3.94 -37.32
N VAL E 531 24.52 3.59 -37.64
CA VAL E 531 25.31 2.72 -36.81
C VAL E 531 26.24 3.58 -35.95
N THR E 532 26.79 2.97 -34.90
CA THR E 532 27.74 3.70 -34.07
C THR E 532 29.16 3.66 -34.66
N ARG E 533 29.55 2.55 -35.28
CA ARG E 533 30.92 2.37 -35.76
C ARG E 533 30.91 1.32 -36.86
N ALA E 534 31.84 1.46 -37.81
CA ALA E 534 32.00 0.50 -38.89
C ALA E 534 33.46 0.03 -38.90
N LEU E 535 33.66 -1.28 -38.76
CA LEU E 535 34.98 -1.90 -38.75
C LEU E 535 35.21 -2.67 -40.06
N ARG E 536 36.49 -2.94 -40.36
CA ARG E 536 36.88 -3.71 -41.54
C ARG E 536 37.42 -5.04 -41.06
N MET E 537 36.74 -6.12 -41.42
CA MET E 537 37.27 -7.45 -41.12
C MET E 537 38.20 -7.88 -42.25
N ASP E 538 39.25 -8.62 -41.88
CA ASP E 538 40.30 -9.08 -42.80
C ASP E 538 39.78 -10.02 -43.88
N SER E 539 38.47 -10.24 -43.93
CA SER E 539 37.85 -11.10 -44.94
C SER E 539 38.28 -12.55 -44.76
N MET F 17 -7.97 10.11 -29.89
CA MET F 17 -6.69 9.82 -29.24
C MET F 17 -6.84 8.92 -28.00
N ILE F 18 -7.30 7.66 -28.21
CA ILE F 18 -7.47 6.70 -27.12
C ILE F 18 -6.23 5.86 -26.96
N THR F 19 -5.98 5.40 -25.73
CA THR F 19 -4.73 4.73 -25.41
C THR F 19 -4.72 3.31 -25.98
N LYS F 20 -3.73 2.53 -25.52
CA LYS F 20 -3.66 1.08 -25.70
C LYS F 20 -4.38 0.34 -24.59
N GLU F 21 -4.41 0.90 -23.38
CA GLU F 21 -5.19 0.31 -22.30
C GLU F 21 -6.69 0.52 -22.50
N GLU F 22 -7.09 1.53 -23.30
CA GLU F 22 -8.48 1.74 -23.66
C GLU F 22 -8.91 0.76 -24.75
N ARG F 23 -8.18 0.75 -25.87
CA ARG F 23 -8.31 -0.25 -26.91
C ARG F 23 -8.40 -1.65 -26.30
N ALA F 24 -7.57 -1.92 -25.29
CA ALA F 24 -7.61 -3.22 -24.62
C ALA F 24 -8.85 -3.37 -23.75
N GLN F 25 -9.30 -2.27 -23.14
CA GLN F 25 -10.50 -2.31 -22.31
C GLN F 25 -11.71 -2.69 -23.16
N ILE F 26 -11.87 -2.00 -24.30
CA ILE F 26 -12.93 -2.33 -25.25
C ILE F 26 -12.84 -3.79 -25.67
N ASN F 27 -11.66 -4.22 -26.12
CA ASN F 27 -11.48 -5.54 -26.70
C ASN F 27 -11.68 -6.69 -25.70
N ALA F 28 -11.69 -6.42 -24.39
CA ALA F 28 -11.85 -7.48 -23.39
C ALA F 28 -13.23 -7.50 -22.73
N ASP F 29 -14.21 -6.79 -23.33
CA ASP F 29 -15.50 -6.47 -22.72
C ASP F 29 -16.58 -7.35 -23.30
N PRO F 30 -16.86 -8.51 -22.70
CA PRO F 30 -17.78 -9.46 -23.33
C PRO F 30 -19.22 -8.95 -23.44
N GLU F 31 -19.56 -7.85 -22.77
CA GLU F 31 -20.89 -7.30 -22.80
C GLU F 31 -21.06 -6.17 -23.79
N LEU F 32 -19.97 -5.66 -24.36
CA LEU F 32 -20.06 -4.54 -25.28
C LEU F 32 -20.71 -4.95 -26.60
N GLY F 33 -21.70 -4.17 -27.02
CA GLY F 33 -22.37 -4.41 -28.28
C GLY F 33 -23.20 -3.22 -28.68
N ALA F 34 -24.00 -3.41 -29.73
CA ALA F 34 -24.72 -2.31 -30.35
C ALA F 34 -25.90 -1.84 -29.52
N GLY F 35 -26.27 -2.54 -28.46
CA GLY F 35 -27.31 -2.05 -27.59
C GLY F 35 -26.87 -1.36 -26.32
N ASN F 36 -25.55 -1.16 -26.11
CA ASN F 36 -25.11 -0.56 -24.85
C ASN F 36 -23.78 0.20 -24.97
N VAL F 37 -23.41 0.67 -26.17
CA VAL F 37 -22.17 1.42 -26.34
C VAL F 37 -22.16 2.63 -25.40
N LEU F 38 -23.28 3.37 -25.37
CA LEU F 38 -23.39 4.51 -24.46
C LEU F 38 -23.13 4.12 -23.01
N HIS F 39 -23.69 3.00 -22.56
CA HIS F 39 -23.54 2.66 -21.15
C HIS F 39 -22.19 2.03 -20.85
N ARG F 40 -21.54 1.43 -21.84
CA ARG F 40 -20.19 0.94 -21.63
C ARG F 40 -19.21 2.10 -21.41
N LEU F 41 -19.31 3.17 -22.23
CA LEU F 41 -18.49 4.35 -21.98
C LEU F 41 -18.58 4.76 -20.51
N ARG F 42 -19.79 4.75 -19.97
CA ARG F 42 -20.02 5.08 -18.57
C ARG F 42 -19.32 4.08 -17.64
N ALA F 43 -19.45 2.77 -17.92
CA ALA F 43 -18.67 1.78 -17.20
C ALA F 43 -17.17 2.03 -17.35
N TYR F 44 -16.74 2.57 -18.49
CA TYR F 44 -15.32 2.85 -18.70
C TYR F 44 -14.87 4.09 -17.95
N GLY F 45 -15.81 4.90 -17.46
CA GLY F 45 -15.47 6.16 -16.83
C GLY F 45 -14.95 7.20 -17.79
N ARG F 46 -15.57 7.35 -18.95
CA ARG F 46 -15.13 8.37 -19.87
C ARG F 46 -15.49 9.74 -19.31
N PRO F 47 -14.64 10.74 -19.50
CA PRO F 47 -15.00 12.10 -19.09
C PRO F 47 -16.33 12.51 -19.70
N THR F 48 -17.23 13.02 -18.87
CA THR F 48 -18.57 13.34 -19.29
C THR F 48 -18.76 14.82 -19.62
N ASP F 49 -17.71 15.62 -19.49
CA ASP F 49 -17.75 17.03 -19.86
C ASP F 49 -17.22 17.27 -21.27
N ARG F 50 -16.48 16.31 -21.82
CA ARG F 50 -15.93 16.44 -23.16
C ARG F 50 -17.01 16.19 -24.20
N PRO F 51 -17.03 16.96 -25.28
CA PRO F 51 -18.03 16.75 -26.33
C PRO F 51 -17.71 15.50 -27.14
N VAL F 52 -18.76 14.89 -27.69
CA VAL F 52 -18.65 13.56 -28.28
C VAL F 52 -19.42 13.51 -29.59
N LEU F 53 -20.36 14.42 -29.78
CA LEU F 53 -21.38 14.29 -30.82
C LEU F 53 -21.82 15.67 -31.32
N TRP F 54 -21.70 15.90 -32.64
CA TRP F 54 -22.02 17.16 -33.28
C TRP F 54 -23.22 16.97 -34.21
N THR F 55 -24.11 17.96 -34.26
CA THR F 55 -25.35 17.83 -35.04
C THR F 55 -25.56 19.01 -35.98
N ASP F 56 -26.72 18.99 -36.62
CA ASP F 56 -27.21 20.07 -37.47
C ASP F 56 -28.43 20.76 -36.83
N GLY F 57 -28.52 20.69 -35.51
CA GLY F 57 -29.60 21.26 -34.71
C GLY F 57 -31.02 21.01 -35.21
N THR F 58 -31.24 19.90 -35.94
CA THR F 58 -32.59 19.57 -36.40
C THR F 58 -33.42 18.86 -35.34
N TRP F 59 -32.80 18.45 -34.24
CA TRP F 59 -33.46 17.69 -33.18
C TRP F 59 -33.67 18.54 -31.94
N ARG F 60 -34.87 18.43 -31.36
CA ARG F 60 -35.28 19.20 -30.20
C ARG F 60 -35.06 18.37 -28.92
N ALA F 61 -34.12 18.80 -28.08
CA ALA F 61 -33.82 18.19 -26.79
C ALA F 61 -35.05 18.32 -25.89
N PRO F 62 -35.12 17.60 -24.75
CA PRO F 62 -36.33 17.70 -23.94
C PRO F 62 -36.60 19.11 -23.42
N ASP F 63 -35.54 19.89 -23.14
CA ASP F 63 -35.75 21.23 -22.60
C ASP F 63 -36.35 22.21 -23.61
N GLY F 64 -36.36 21.86 -24.89
CA GLY F 64 -36.79 22.78 -25.93
C GLY F 64 -35.68 23.33 -26.79
N SER F 65 -34.40 23.16 -26.41
CA SER F 65 -33.29 23.66 -27.20
C SER F 65 -32.95 22.67 -28.32
N HIS F 66 -32.09 23.09 -29.23
CA HIS F 66 -31.67 22.28 -30.39
C HIS F 66 -30.15 22.18 -30.40
N PRO F 67 -29.57 21.33 -29.55
CA PRO F 67 -28.11 21.36 -29.38
C PRO F 67 -27.37 20.95 -30.66
N GLU F 68 -26.30 21.69 -30.95
CA GLU F 68 -25.40 21.34 -32.04
C GLU F 68 -24.11 20.70 -31.55
N VAL F 69 -23.78 20.82 -30.26
CA VAL F 69 -22.70 20.07 -29.64
C VAL F 69 -23.21 19.44 -28.35
N ILE F 70 -23.04 18.12 -28.21
CA ILE F 70 -23.58 17.37 -27.08
C ILE F 70 -22.44 16.67 -26.35
N THR F 71 -22.31 16.95 -25.06
CA THR F 71 -21.32 16.26 -24.26
C THR F 71 -21.81 14.85 -23.92
N LEU F 72 -20.86 14.01 -23.50
CA LEU F 72 -21.17 12.63 -23.17
C LEU F 72 -22.21 12.55 -22.05
N GLY F 73 -22.01 13.34 -20.98
CA GLY F 73 -22.94 13.36 -19.88
C GLY F 73 -24.28 13.98 -20.23
N GLU F 74 -24.29 14.94 -21.17
CA GLU F 74 -25.54 15.42 -21.76
C GLU F 74 -26.25 14.28 -22.48
N LEU F 75 -25.51 13.57 -23.35
CA LEU F 75 -26.10 12.46 -24.08
C LEU F 75 -26.74 11.46 -23.13
N TYR F 76 -26.06 11.12 -22.02
CA TYR F 76 -26.68 10.31 -20.99
C TYR F 76 -28.02 10.89 -20.58
N GLU F 77 -28.04 12.18 -20.27
CA GLU F 77 -29.26 12.86 -19.86
C GLU F 77 -30.36 12.70 -20.89
N TYR F 78 -30.04 12.96 -22.16
CA TYR F 78 -31.07 12.91 -23.19
C TYR F 78 -31.63 11.50 -23.31
N VAL F 79 -30.75 10.49 -23.26
CA VAL F 79 -31.18 9.11 -23.48
C VAL F 79 -32.01 8.61 -22.30
N GLU F 80 -31.58 8.92 -21.08
CA GLU F 80 -32.33 8.50 -19.90
C GLU F 80 -33.74 9.10 -19.89
N THR F 81 -33.84 10.39 -20.24
CA THR F 81 -35.14 11.05 -20.37
C THR F 81 -36.03 10.32 -21.35
N TYR F 82 -35.52 10.08 -22.58
CA TYR F 82 -36.29 9.41 -23.61
C TYR F 82 -36.70 8.00 -23.19
N ALA F 83 -35.84 7.29 -22.47
CA ALA F 83 -36.20 5.93 -22.10
C ALA F 83 -37.24 5.92 -21.00
N GLY F 84 -37.16 6.85 -20.05
CA GLY F 84 -38.23 6.98 -19.08
C GLY F 84 -39.56 7.33 -19.72
N PHE F 85 -39.54 8.23 -20.71
CA PHE F 85 -40.74 8.51 -21.48
C PHE F 85 -41.33 7.23 -22.06
N TYR F 86 -40.52 6.50 -22.81
CA TYR F 86 -41.03 5.31 -23.49
C TYR F 86 -41.45 4.23 -22.50
N HIS F 87 -40.67 4.03 -21.43
CA HIS F 87 -41.10 3.11 -20.39
C HIS F 87 -42.43 3.56 -19.80
N GLY F 88 -42.53 4.85 -19.45
CA GLY F 88 -43.79 5.41 -19.00
C GLY F 88 -44.94 5.18 -19.97
N LYS F 89 -44.67 5.26 -21.28
CA LYS F 89 -45.72 5.06 -22.28
C LYS F 89 -46.04 3.59 -22.53
N GLY F 90 -45.55 2.66 -21.70
CA GLY F 90 -45.86 1.25 -21.84
C GLY F 90 -44.77 0.38 -22.46
N ILE F 91 -43.68 0.97 -22.96
CA ILE F 91 -42.72 0.20 -23.76
C ILE F 91 -41.92 -0.76 -22.88
N ARG F 92 -41.79 -1.98 -23.35
CA ARG F 92 -41.24 -3.12 -22.63
C ARG F 92 -40.18 -3.78 -23.48
N PRO F 93 -39.33 -4.62 -22.89
CA PRO F 93 -38.33 -5.34 -23.71
C PRO F 93 -39.01 -6.14 -24.81
N ARG F 94 -38.41 -6.14 -26.00
CA ARG F 94 -38.88 -6.81 -27.22
C ARG F 94 -40.11 -6.17 -27.87
N ASP F 95 -40.59 -5.02 -27.40
CA ASP F 95 -41.56 -4.23 -28.15
C ASP F 95 -40.86 -3.47 -29.27
N VAL F 96 -41.61 -3.18 -30.34
CA VAL F 96 -41.11 -2.41 -31.48
C VAL F 96 -41.67 -0.99 -31.40
N VAL F 97 -40.82 0.00 -31.69
CA VAL F 97 -41.22 1.40 -31.79
C VAL F 97 -40.72 1.96 -33.11
N GLY F 98 -41.63 2.35 -33.99
CA GLY F 98 -41.24 3.05 -35.20
C GLY F 98 -40.52 4.35 -34.90
N VAL F 99 -39.60 4.72 -35.79
CA VAL F 99 -38.98 6.04 -35.81
C VAL F 99 -39.06 6.51 -37.25
N LEU F 100 -39.80 7.61 -37.48
CA LEU F 100 -40.09 8.16 -38.80
C LEU F 100 -39.69 9.63 -38.77
N THR F 101 -38.41 9.89 -38.98
CA THR F 101 -37.86 11.24 -38.89
C THR F 101 -36.88 11.45 -40.05
N ALA F 102 -36.51 12.71 -40.26
CA ALA F 102 -35.46 13.07 -41.21
C ALA F 102 -34.21 13.60 -40.51
N SER F 103 -34.21 13.68 -39.18
CA SER F 103 -33.06 14.17 -38.44
C SER F 103 -32.19 12.99 -38.05
N SER F 104 -30.93 13.03 -38.44
CA SER F 104 -30.02 11.96 -38.05
C SER F 104 -29.83 11.92 -36.53
N THR F 105 -29.78 13.10 -35.88
CA THR F 105 -29.75 13.14 -34.42
C THR F 105 -31.04 12.59 -33.82
N GLU F 106 -32.19 12.91 -34.41
CA GLU F 106 -33.42 12.30 -33.96
C GLU F 106 -33.35 10.77 -34.00
N PHE F 107 -32.72 10.20 -35.05
CA PHE F 107 -32.61 8.75 -35.15
C PHE F 107 -31.73 8.17 -34.05
N ALA F 108 -30.63 8.86 -33.73
CA ALA F 108 -29.65 8.34 -32.78
C ALA F 108 -30.15 8.41 -31.34
N ILE F 109 -30.74 9.53 -30.93
CA ILE F 109 -31.30 9.62 -29.57
C ILE F 109 -32.37 8.54 -29.38
N ASN F 110 -33.23 8.35 -30.38
CA ASN F 110 -34.32 7.40 -30.22
C ASN F 110 -33.86 5.96 -30.34
N PHE F 111 -32.89 5.70 -31.23
CA PHE F 111 -32.27 4.38 -31.29
C PHE F 111 -31.67 4.00 -29.94
N MET F 112 -30.89 4.90 -29.34
CA MET F 112 -30.13 4.55 -28.15
C MET F 112 -31.04 4.39 -26.93
N ALA F 113 -32.07 5.23 -26.81
CA ALA F 113 -32.99 5.16 -25.68
C ALA F 113 -33.89 3.93 -25.76
N ILE F 114 -34.47 3.67 -26.93
CA ILE F 114 -35.34 2.50 -27.09
C ILE F 114 -34.55 1.20 -26.87
N ASN F 115 -33.30 1.17 -27.35
CA ASN F 115 -32.32 0.13 -27.00
C ASN F 115 -32.23 -0.12 -25.51
N SER F 116 -32.03 0.95 -24.72
CA SER F 116 -31.78 0.84 -23.29
C SER F 116 -32.94 0.22 -22.52
N LEU F 117 -34.12 0.06 -23.11
CA LEU F 117 -35.26 -0.61 -22.48
C LEU F 117 -35.41 -2.05 -22.93
N GLY F 118 -34.51 -2.55 -23.79
CA GLY F 118 -34.68 -3.84 -24.44
C GLY F 118 -35.67 -3.83 -25.58
N ALA F 119 -36.13 -2.65 -25.99
CA ALA F 119 -37.11 -2.54 -27.05
C ALA F 119 -36.41 -2.28 -28.38
N ILE F 120 -37.08 -2.66 -29.46
CA ILE F 120 -36.48 -2.68 -30.80
C ILE F 120 -36.99 -1.47 -31.56
N PRO F 121 -36.15 -0.45 -31.80
CA PRO F 121 -36.58 0.69 -32.61
C PRO F 121 -36.45 0.34 -34.09
N SER F 122 -37.55 0.54 -34.84
CA SER F 122 -37.56 0.27 -36.27
C SER F 122 -37.55 1.58 -37.04
N PHE F 123 -36.46 1.82 -37.78
CA PHE F 123 -36.31 3.02 -38.59
C PHE F 123 -37.11 2.91 -39.87
N ALA F 124 -37.69 4.04 -40.28
CA ALA F 124 -38.41 4.18 -41.53
C ALA F 124 -37.98 5.47 -42.21
N ASN F 125 -37.77 5.39 -43.53
CA ASN F 125 -37.28 6.54 -44.28
C ASN F 125 -38.38 7.58 -44.42
N ALA F 126 -38.07 8.83 -44.04
CA ALA F 126 -39.11 9.86 -43.97
C ALA F 126 -39.73 10.14 -45.34
N LYS F 127 -38.97 9.93 -46.42
CA LYS F 127 -39.44 10.12 -47.79
C LYS F 127 -40.46 9.08 -48.22
N LEU F 128 -40.52 7.93 -47.55
CA LEU F 128 -41.43 6.84 -47.88
C LEU F 128 -42.87 7.33 -48.10
N ARG F 129 -43.46 6.90 -49.21
CA ARG F 129 -44.85 7.21 -49.54
C ARG F 129 -45.76 6.90 -48.36
N PRO F 130 -46.45 7.90 -47.78
CA PRO F 130 -47.24 7.71 -46.55
C PRO F 130 -48.03 6.42 -46.40
N GLU F 131 -48.73 5.96 -47.44
CA GLU F 131 -49.55 4.77 -47.28
C GLU F 131 -48.70 3.50 -47.15
N ILE F 132 -47.43 3.56 -47.54
CA ILE F 132 -46.51 2.43 -47.42
C ILE F 132 -45.74 2.47 -46.11
N ALA F 133 -45.32 3.64 -45.63
CA ALA F 133 -44.79 3.71 -44.27
C ALA F 133 -45.79 3.19 -43.25
N ARG F 134 -47.07 3.48 -43.45
CA ARG F 134 -48.12 3.02 -42.54
C ARG F 134 -48.17 1.49 -42.49
N GLU F 135 -48.27 0.85 -43.65
CA GLU F 135 -48.29 -0.61 -43.67
C GLU F 135 -46.93 -1.22 -43.27
N TYR F 136 -45.81 -0.53 -43.54
CA TYR F 136 -44.51 -1.07 -43.16
C TYR F 136 -44.36 -1.13 -41.65
N ILE F 137 -44.90 -0.15 -40.93
CA ILE F 137 -44.85 -0.18 -39.47
C ILE F 137 -45.90 -1.12 -38.87
N ARG F 138 -47.07 -1.22 -39.50
CA ARG F 138 -48.12 -2.06 -38.93
C ARG F 138 -47.75 -3.53 -39.00
N ARG F 139 -47.07 -3.95 -40.08
CA ARG F 139 -46.71 -5.35 -40.26
C ARG F 139 -45.72 -5.85 -39.22
N GLN F 140 -45.01 -4.95 -38.55
CA GLN F 140 -43.98 -5.32 -37.60
C GLN F 140 -44.51 -5.51 -36.18
N GLY F 141 -45.72 -5.03 -35.90
CA GLY F 141 -46.29 -5.11 -34.56
C GLY F 141 -45.97 -3.96 -33.66
N ALA F 142 -45.55 -2.81 -34.20
CA ALA F 142 -45.08 -1.71 -33.36
C ALA F 142 -46.11 -1.29 -32.33
N SER F 143 -45.67 -1.14 -31.07
CA SER F 143 -46.47 -0.61 -29.98
C SER F 143 -46.77 0.89 -30.11
N GLY F 144 -46.10 1.57 -31.02
CA GLY F 144 -46.14 3.01 -31.07
C GLY F 144 -44.99 3.49 -31.92
N ALA F 145 -44.97 4.79 -32.17
CA ALA F 145 -43.93 5.38 -33.01
C ALA F 145 -43.65 6.80 -32.54
N VAL F 146 -42.50 7.31 -32.96
CA VAL F 146 -42.14 8.70 -32.81
C VAL F 146 -41.87 9.26 -34.20
N THR F 147 -42.29 10.50 -34.43
CA THR F 147 -42.05 11.16 -35.71
C THR F 147 -41.51 12.56 -35.47
N ASP F 148 -40.96 13.14 -36.53
CA ASP F 148 -40.82 14.58 -36.54
C ASP F 148 -42.13 15.17 -37.03
N THR F 149 -42.18 16.50 -37.15
CA THR F 149 -43.45 17.19 -37.29
C THR F 149 -44.13 16.88 -38.62
N GLU F 150 -43.37 16.95 -39.73
CA GLU F 150 -43.94 16.75 -41.07
C GLU F 150 -44.45 15.32 -41.27
N ARG F 151 -44.04 14.38 -40.44
CA ARG F 151 -44.41 12.98 -40.62
C ARG F 151 -45.40 12.49 -39.59
N HIS F 152 -45.84 13.33 -38.65
CA HIS F 152 -46.83 12.86 -37.68
C HIS F 152 -48.12 12.44 -38.37
N GLU F 153 -48.58 13.21 -39.35
CA GLU F 153 -49.84 12.89 -40.04
C GLU F 153 -49.76 11.57 -40.81
N VAL F 154 -48.57 11.04 -41.07
CA VAL F 154 -48.43 9.77 -41.80
C VAL F 154 -48.95 8.60 -40.97
N LEU F 155 -48.50 8.50 -39.71
CA LEU F 155 -48.80 7.36 -38.84
C LEU F 155 -49.88 7.67 -37.81
N ALA F 156 -50.19 8.93 -37.55
CA ALA F 156 -51.26 9.27 -36.63
C ALA F 156 -52.61 8.93 -37.24
N GLY F 157 -53.58 8.65 -36.37
CA GLY F 157 -54.93 8.31 -36.79
C GLY F 157 -55.08 6.89 -37.25
N GLY F 158 -54.22 6.00 -36.78
CA GLY F 158 -54.30 4.60 -37.16
C GLY F 158 -54.48 3.75 -35.92
N GLU F 159 -53.92 2.54 -35.93
CA GLU F 159 -54.09 1.61 -34.82
C GLU F 159 -52.84 1.52 -33.94
N LEU F 160 -51.82 2.32 -34.22
CA LEU F 160 -50.64 2.40 -33.36
C LEU F 160 -51.07 2.84 -31.97
N GLY F 161 -50.40 2.31 -30.95
CA GLY F 161 -50.74 2.68 -29.59
C GLY F 161 -50.43 4.13 -29.28
N PHE F 162 -49.34 4.66 -29.84
CA PHE F 162 -49.02 6.08 -29.67
C PHE F 162 -48.25 6.58 -30.88
N VAL F 163 -48.45 7.86 -31.18
CA VAL F 163 -47.66 8.57 -32.17
C VAL F 163 -47.27 9.89 -31.53
N VAL F 164 -46.02 9.99 -31.07
CA VAL F 164 -45.52 11.15 -30.35
C VAL F 164 -44.52 11.88 -31.24
N THR F 165 -44.06 13.04 -30.79
CA THR F 165 -42.94 13.79 -31.39
C THR F 165 -42.03 14.26 -30.25
N ALA F 166 -40.96 14.98 -30.62
CA ALA F 166 -40.01 15.47 -29.61
C ALA F 166 -40.70 16.36 -28.58
N GLU F 167 -41.67 17.17 -29.03
CA GLU F 167 -42.44 18.07 -28.17
C GLU F 167 -42.94 17.38 -26.90
N ASP F 168 -43.32 16.11 -27.03
CA ASP F 168 -44.00 15.37 -25.97
C ASP F 168 -43.06 14.84 -24.91
N ILE F 169 -41.75 14.92 -25.12
CA ILE F 169 -40.77 14.35 -24.22
C ILE F 169 -40.10 15.50 -23.47
N ARG F 170 -40.26 15.49 -22.14
CA ARG F 170 -39.93 16.59 -21.26
C ARG F 170 -38.98 16.13 -20.17
N PRO F 171 -38.15 17.04 -19.64
CA PRO F 171 -37.16 16.62 -18.63
C PRO F 171 -37.75 15.87 -17.46
N GLU F 172 -39.01 16.15 -17.08
CA GLU F 172 -39.59 15.43 -15.96
C GLU F 172 -39.66 13.93 -16.21
N HIS F 173 -39.74 13.52 -17.47
CA HIS F 173 -39.89 12.10 -17.79
C HIS F 173 -38.69 11.28 -17.35
N ARG F 174 -37.53 11.90 -17.19
CA ARG F 174 -36.33 11.22 -16.74
C ARG F 174 -36.50 10.51 -15.39
N ALA F 175 -37.47 10.92 -14.57
CA ALA F 175 -37.68 10.28 -13.27
C ALA F 175 -38.41 8.95 -13.41
N GLN F 176 -39.25 8.81 -14.44
CA GLN F 176 -39.90 7.54 -14.75
C GLN F 176 -38.92 6.44 -15.15
N LEU F 177 -37.62 6.75 -15.23
CA LEU F 177 -36.65 5.78 -15.68
C LEU F 177 -36.71 4.53 -14.80
N PRO F 178 -36.80 3.34 -15.38
CA PRO F 178 -37.06 2.15 -14.58
C PRO F 178 -35.90 1.74 -13.68
N GLN F 179 -36.12 0.66 -12.95
CA GLN F 179 -35.14 0.08 -12.06
C GLN F 179 -34.37 -0.99 -12.81
N GLY F 180 -33.07 -1.11 -12.52
CA GLY F 180 -32.25 -2.00 -13.30
C GLY F 180 -31.99 -1.54 -14.73
N TRP F 181 -32.39 -0.33 -15.08
CA TRP F 181 -31.93 0.27 -16.32
C TRP F 181 -30.42 0.46 -16.28
N PRO F 182 -29.70 0.26 -17.40
CA PRO F 182 -30.16 -0.05 -18.76
C PRO F 182 -30.22 -1.53 -19.04
N TYR F 183 -30.85 -1.92 -20.14
CA TYR F 183 -31.12 -3.33 -20.41
C TYR F 183 -29.84 -4.10 -20.68
N ARG F 184 -29.83 -5.36 -20.26
CA ARG F 184 -28.70 -6.25 -20.50
C ARG F 184 -29.03 -7.12 -21.70
N HIS F 185 -28.35 -6.86 -22.83
CA HIS F 185 -28.62 -7.60 -24.05
C HIS F 185 -27.82 -8.88 -24.12
N ASP F 186 -28.48 -9.95 -24.58
CA ASP F 186 -27.77 -11.09 -25.13
C ASP F 186 -27.25 -10.75 -26.53
N PRO F 187 -26.13 -11.36 -26.97
CA PRO F 187 -25.65 -11.08 -28.34
C PRO F 187 -26.72 -11.25 -29.40
N THR F 188 -27.63 -12.22 -29.26
CA THR F 188 -28.62 -12.46 -30.30
C THR F 188 -29.87 -11.60 -30.13
N ASP F 189 -29.86 -10.55 -29.23
CA ASP F 189 -31.07 -9.75 -29.00
C ASP F 189 -31.20 -8.60 -30.01
N PRO F 190 -32.34 -8.47 -30.70
CA PRO F 190 -32.52 -7.36 -31.65
C PRO F 190 -32.39 -5.99 -30.98
N ILE F 191 -31.63 -5.10 -31.63
CA ILE F 191 -31.50 -3.72 -31.18
C ILE F 191 -31.89 -2.70 -32.25
N ILE F 192 -32.20 -3.10 -33.48
CA ILE F 192 -32.69 -2.17 -34.49
C ILE F 192 -33.36 -2.95 -35.60
N ILE F 193 -34.32 -2.30 -36.27
CA ILE F 193 -34.84 -2.70 -37.57
C ILE F 193 -34.70 -1.50 -38.50
N SER F 194 -34.40 -1.76 -39.77
CA SER F 194 -34.31 -0.71 -40.77
C SER F 194 -34.55 -1.37 -42.14
N HIS F 195 -34.48 -0.57 -43.20
CA HIS F 195 -34.71 -1.09 -44.54
C HIS F 195 -33.81 -0.35 -45.51
N SER F 196 -33.44 -1.01 -46.60
CA SER F 196 -32.58 -0.37 -47.58
C SER F 196 -33.32 0.78 -48.29
N SER F 197 -32.54 1.73 -48.82
CA SER F 197 -33.10 2.76 -49.67
C SER F 197 -33.32 2.17 -51.07
N GLY F 198 -33.56 3.04 -52.06
CA GLY F 198 -33.97 2.53 -53.37
C GLY F 198 -35.27 1.77 -53.30
N THR F 199 -36.14 2.15 -52.36
CA THR F 199 -37.30 1.36 -51.98
C THR F 199 -38.26 1.14 -53.15
N THR F 200 -38.55 -0.12 -53.40
CA THR F 200 -39.50 -0.56 -54.42
C THR F 200 -40.70 -1.15 -53.68
N GLY F 201 -41.82 -0.42 -53.66
CA GLY F 201 -43.00 -0.89 -52.97
C GLY F 201 -42.80 -1.08 -51.47
N MET F 202 -43.05 -2.29 -50.98
CA MET F 202 -42.98 -2.59 -49.55
C MET F 202 -41.60 -3.04 -49.10
N PRO F 203 -40.82 -2.16 -48.48
CA PRO F 203 -39.45 -2.52 -48.09
C PRO F 203 -39.39 -3.76 -47.19
N LYS F 204 -38.30 -4.52 -47.37
CA LYS F 204 -37.97 -5.62 -46.49
C LYS F 204 -37.39 -5.03 -45.21
N ALA F 205 -37.88 -5.49 -44.06
CA ALA F 205 -37.45 -4.95 -42.78
C ALA F 205 -36.28 -5.80 -42.28
N VAL F 206 -35.18 -5.14 -41.95
CA VAL F 206 -33.93 -5.82 -41.65
C VAL F 206 -33.60 -5.58 -40.19
N PRO F 207 -33.73 -6.58 -39.33
CA PRO F 207 -33.24 -6.46 -37.94
C PRO F 207 -31.76 -6.80 -37.78
N HIS F 208 -31.09 -6.06 -36.91
CA HIS F 208 -29.76 -6.42 -36.46
C HIS F 208 -29.74 -6.58 -34.96
N THR F 209 -28.89 -7.49 -34.50
CA THR F 209 -28.76 -7.83 -33.10
C THR F 209 -27.61 -7.05 -32.47
N HIS F 210 -27.64 -7.00 -31.15
CA HIS F 210 -26.55 -6.54 -30.30
C HIS F 210 -25.15 -6.93 -30.81
N GLN F 211 -25.03 -8.17 -31.26
CA GLN F 211 -23.81 -8.66 -31.86
C GLN F 211 -23.63 -8.15 -33.29
N THR F 212 -24.61 -8.44 -34.17
CA THR F 212 -24.31 -8.35 -35.61
C THR F 212 -24.05 -6.93 -36.07
N LEU F 213 -24.63 -5.92 -35.42
CA LEU F 213 -24.53 -4.58 -36.00
C LEU F 213 -23.11 -4.02 -35.87
N LEU F 214 -22.47 -4.25 -34.73
CA LEU F 214 -21.12 -3.77 -34.45
C LEU F 214 -20.03 -4.80 -34.74
N TYR F 215 -20.36 -5.96 -35.29
CA TYR F 215 -19.37 -7.03 -35.38
C TYR F 215 -18.15 -6.59 -36.18
N ALA F 216 -18.36 -6.18 -37.44
CA ALA F 216 -17.29 -5.65 -38.27
C ALA F 216 -16.37 -4.72 -37.50
N GLN F 217 -16.93 -3.64 -36.94
CA GLN F 217 -16.13 -2.62 -36.25
C GLN F 217 -15.31 -3.21 -35.11
N LEU F 218 -15.95 -3.96 -34.21
CA LEU F 218 -15.24 -4.52 -33.06
C LEU F 218 -14.10 -5.44 -33.50
N HIS F 219 -14.38 -6.31 -34.47
CA HIS F 219 -13.39 -7.28 -34.94
C HIS F 219 -12.28 -6.60 -35.75
N ARG F 220 -12.60 -5.48 -36.44
CA ARG F 220 -11.56 -4.63 -37.02
C ARG F 220 -10.87 -3.77 -35.97
N LEU F 221 -11.08 -4.05 -34.68
CA LEU F 221 -10.33 -3.42 -33.59
C LEU F 221 -9.68 -4.40 -32.64
N LYS F 222 -10.18 -5.64 -32.54
CA LYS F 222 -9.48 -6.72 -31.86
C LYS F 222 -8.23 -7.15 -32.63
N LEU F 223 -7.97 -6.56 -33.79
CA LEU F 223 -6.74 -6.81 -34.55
C LEU F 223 -6.04 -5.48 -34.89
N SER F 224 -6.78 -4.50 -35.45
CA SER F 224 -6.24 -3.15 -35.71
C SER F 224 -7.15 -2.23 -36.53
N VAL F 225 -7.67 -1.15 -35.97
CA VAL F 225 -8.16 -0.09 -36.86
C VAL F 225 -6.93 0.46 -37.58
N GLY F 226 -7.13 0.91 -38.83
CA GLY F 226 -6.08 1.43 -39.70
C GLY F 226 -5.11 2.38 -39.01
N GLY F 227 -5.56 2.97 -37.92
CA GLY F 227 -4.78 3.79 -37.02
C GLY F 227 -5.84 4.47 -36.18
N SER F 228 -6.77 5.12 -36.88
CA SER F 228 -7.98 5.75 -36.38
C SER F 228 -8.55 6.62 -37.49
N MET F 229 -9.74 7.14 -37.27
CA MET F 229 -10.39 7.98 -38.27
C MET F 229 -10.83 9.31 -37.66
N GLY F 230 -10.36 9.62 -36.44
CA GLY F 230 -10.37 10.96 -35.86
C GLY F 230 -11.68 11.73 -35.89
N ARG F 231 -11.91 12.50 -36.94
CA ARG F 231 -13.13 13.27 -37.10
C ARG F 231 -13.98 12.57 -38.17
N LEU F 232 -15.14 12.06 -37.76
CA LEU F 232 -16.06 11.37 -38.66
C LEU F 232 -17.24 12.28 -39.00
N LEU F 233 -17.50 12.47 -40.30
CA LEU F 233 -18.70 13.13 -40.76
C LEU F 233 -19.64 12.06 -41.31
N VAL F 234 -20.72 11.80 -40.59
CA VAL F 234 -21.71 10.82 -41.01
C VAL F 234 -22.82 11.58 -41.74
N ALA F 235 -22.72 11.62 -43.06
CA ALA F 235 -23.78 12.16 -43.90
C ALA F 235 -24.49 11.04 -44.63
N LEU F 236 -24.60 9.87 -43.98
CA LEU F 236 -25.48 8.79 -44.38
C LEU F 236 -26.93 9.11 -44.00
N PRO F 237 -27.89 8.67 -44.80
CA PRO F 237 -29.29 8.74 -44.39
C PRO F 237 -29.46 8.14 -43.00
N GLY F 238 -30.12 8.90 -42.13
CA GLY F 238 -30.23 8.53 -40.73
C GLY F 238 -31.04 7.28 -40.51
N ASN F 239 -31.83 6.85 -41.50
CA ASN F 239 -32.62 5.64 -41.40
C ASN F 239 -31.83 4.39 -41.79
N HIS F 240 -30.66 4.55 -42.38
CA HIS F 240 -29.78 3.42 -42.64
C HIS F 240 -29.05 3.01 -41.36
N ASN F 241 -28.97 1.69 -41.11
CA ASN F 241 -28.30 1.18 -39.92
C ASN F 241 -26.80 1.46 -39.94
N ALA F 242 -26.23 1.59 -41.14
CA ALA F 242 -24.85 2.05 -41.27
C ALA F 242 -24.64 3.41 -40.60
N ALA F 243 -25.65 4.28 -40.60
CA ALA F 243 -25.52 5.54 -39.87
C ALA F 243 -25.40 5.33 -38.36
N MET F 244 -26.05 4.31 -37.83
CA MET F 244 -25.92 4.08 -36.40
C MET F 244 -24.64 3.31 -36.11
N SER F 245 -24.18 2.50 -37.08
CA SER F 245 -22.94 1.71 -36.96
C SER F 245 -21.73 2.61 -36.79
N VAL F 246 -21.53 3.51 -37.76
CA VAL F 246 -20.37 4.38 -37.73
C VAL F 246 -20.44 5.31 -36.52
N MET F 247 -21.65 5.76 -36.17
CA MET F 247 -21.80 6.62 -35.00
C MET F 247 -21.34 5.94 -33.73
N MET F 248 -21.70 4.67 -33.55
CA MET F 248 -21.31 3.95 -32.34
C MET F 248 -19.82 3.61 -32.35
N PHE F 249 -19.31 3.19 -33.50
CA PHE F 249 -17.86 3.05 -33.70
C PHE F 249 -17.13 4.34 -33.32
N GLY F 250 -17.66 5.49 -33.76
CA GLY F 250 -17.10 6.79 -33.40
C GLY F 250 -17.08 7.00 -31.90
N LEU F 251 -18.25 6.89 -31.27
CA LEU F 251 -18.34 7.13 -29.83
C LEU F 251 -17.40 6.21 -29.04
N LEU F 252 -17.14 5.00 -29.55
CA LEU F 252 -16.25 4.09 -28.83
C LEU F 252 -14.80 4.53 -28.88
N LEU F 253 -14.29 4.89 -30.06
CA LEU F 253 -12.89 5.32 -30.14
C LEU F 253 -12.68 6.76 -29.71
N ASP F 254 -13.67 7.39 -29.07
CA ASP F 254 -13.58 8.77 -28.63
C ASP F 254 -13.26 9.70 -29.80
N SER F 255 -13.81 9.37 -30.97
CA SER F 255 -13.71 10.17 -32.19
C SER F 255 -14.93 11.08 -32.33
N PRO F 256 -14.76 12.38 -32.49
CA PRO F 256 -15.92 13.28 -32.65
C PRO F 256 -16.74 12.92 -33.88
N VAL F 257 -18.05 12.74 -33.67
CA VAL F 257 -18.96 12.33 -34.73
C VAL F 257 -19.92 13.49 -35.03
N TYR F 258 -19.96 13.91 -36.28
CA TYR F 258 -20.95 14.86 -36.75
C TYR F 258 -22.04 14.12 -37.53
N LEU F 259 -23.30 14.39 -37.19
CA LEU F 259 -24.48 13.71 -37.72
C LEU F 259 -25.24 14.64 -38.67
N GLN F 260 -25.06 14.44 -39.97
CA GLN F 260 -25.54 15.34 -41.02
C GLN F 260 -26.73 14.71 -41.73
N SER F 261 -27.89 15.40 -41.71
CA SER F 261 -29.14 14.82 -42.20
C SER F 261 -29.30 14.99 -43.72
N SER F 262 -29.15 16.22 -44.22
CA SER F 262 -29.37 16.47 -45.64
C SER F 262 -28.31 15.78 -46.49
N GLN F 263 -28.76 15.02 -47.49
CA GLN F 263 -27.90 14.38 -48.47
C GLN F 263 -27.39 15.34 -49.57
N ARG F 264 -27.39 16.65 -49.31
CA ARG F 264 -27.05 17.62 -50.34
C ARG F 264 -25.57 17.99 -50.25
N GLY F 265 -24.89 17.95 -51.40
CA GLY F 265 -23.47 18.25 -51.42
C GLY F 265 -23.13 19.62 -50.84
N SER F 266 -23.97 20.62 -51.13
CA SER F 266 -23.71 21.96 -50.61
C SER F 266 -23.77 21.97 -49.09
N ASP F 267 -24.76 21.26 -48.52
CA ASP F 267 -24.88 21.18 -47.07
C ASP F 267 -23.79 20.30 -46.48
N VAL F 268 -23.49 19.18 -47.15
CA VAL F 268 -22.38 18.34 -46.72
C VAL F 268 -21.09 19.15 -46.76
N LEU F 269 -20.85 19.86 -47.85
CA LEU F 269 -19.66 20.70 -47.96
C LEU F 269 -19.65 21.77 -46.87
N ASP F 270 -20.78 22.43 -46.64
CA ASP F 270 -20.92 23.31 -45.48
C ASP F 270 -20.41 22.61 -44.23
N ALA F 271 -20.87 21.38 -44.01
CA ALA F 271 -20.47 20.60 -42.84
C ALA F 271 -18.99 20.22 -42.90
N ILE F 272 -18.52 19.78 -44.07
CA ILE F 272 -17.09 19.43 -44.21
C ILE F 272 -16.23 20.61 -43.79
N GLU F 273 -16.62 21.82 -44.21
CA GLU F 273 -15.87 23.02 -43.88
C GLU F 273 -16.05 23.39 -42.40
N LYS F 274 -17.27 23.25 -41.88
CA LYS F 274 -17.52 23.56 -40.48
C LYS F 274 -16.87 22.55 -39.55
N PHE F 275 -17.10 21.25 -39.79
CA PHE F 275 -16.66 20.20 -38.88
C PHE F 275 -15.22 19.74 -39.15
N LYS F 276 -14.75 19.88 -40.39
CA LYS F 276 -13.41 19.47 -40.80
C LYS F 276 -13.19 18.02 -40.43
N PRO F 277 -13.77 17.10 -41.21
CA PRO F 277 -13.65 15.67 -40.90
C PRO F 277 -12.45 15.00 -41.57
N THR F 278 -11.89 14.00 -40.90
CA THR F 278 -10.86 13.20 -41.55
C THR F 278 -11.44 12.05 -42.36
N THR F 279 -12.60 11.54 -41.97
CA THR F 279 -13.31 10.49 -42.70
C THR F 279 -14.75 10.95 -42.92
N VAL F 280 -15.31 10.61 -44.08
CA VAL F 280 -16.64 11.06 -44.49
C VAL F 280 -17.41 9.87 -45.05
N PHE F 281 -18.68 9.72 -44.65
CA PHE F 281 -19.52 8.60 -45.04
C PHE F 281 -20.74 9.10 -45.80
N GLY F 282 -21.02 8.49 -46.95
CA GLY F 282 -22.09 8.97 -47.80
C GLY F 282 -22.55 7.97 -48.84
N PHE F 283 -23.61 8.35 -49.54
CA PHE F 283 -24.13 7.55 -50.65
C PHE F 283 -23.45 7.94 -51.96
N SER F 284 -23.62 7.10 -52.99
CA SER F 284 -22.99 7.43 -54.26
C SER F 284 -23.65 8.65 -54.90
N GLY F 285 -24.93 8.88 -54.59
CA GLY F 285 -25.58 10.09 -55.10
C GLY F 285 -24.95 11.36 -54.56
N THR F 286 -24.68 11.39 -53.25
CA THR F 286 -24.16 12.59 -52.60
C THR F 286 -22.77 12.95 -53.09
N TYR F 287 -21.90 11.94 -53.28
CA TYR F 287 -20.57 12.20 -53.81
C TYR F 287 -20.63 12.78 -55.23
N GLY F 288 -21.54 12.27 -56.05
CA GLY F 288 -21.76 12.87 -57.36
C GLY F 288 -22.03 14.36 -57.29
N GLN F 289 -22.81 14.80 -56.30
CA GLN F 289 -23.08 16.23 -56.20
C GLN F 289 -21.82 17.00 -55.81
N ILE F 290 -21.05 16.48 -54.85
CA ILE F 290 -19.82 17.15 -54.41
C ILE F 290 -18.74 17.05 -55.49
N ALA F 291 -18.70 15.95 -56.24
CA ALA F 291 -17.72 15.82 -57.31
C ALA F 291 -18.09 16.59 -58.58
N THR F 292 -19.30 17.13 -58.71
CA THR F 292 -19.62 18.01 -59.83
C THR F 292 -19.87 19.42 -59.35
N SER F 293 -19.01 19.93 -58.47
CA SER F 293 -19.21 21.22 -57.84
C SER F 293 -17.99 22.12 -58.07
N ASP F 294 -18.02 23.28 -57.41
CA ASP F 294 -16.92 24.25 -57.43
C ASP F 294 -16.05 24.03 -56.21
N LEU F 295 -15.19 23.00 -56.27
CA LEU F 295 -14.29 22.69 -55.16
C LEU F 295 -13.16 23.69 -54.99
N SER F 296 -13.04 24.69 -55.88
CA SER F 296 -11.97 25.68 -55.76
C SER F 296 -12.24 26.64 -54.60
N THR F 297 -13.51 27.00 -54.41
CA THR F 297 -13.95 27.85 -53.32
C THR F 297 -14.19 27.09 -52.00
N ARG F 298 -13.77 25.82 -51.89
CA ARG F 298 -14.12 24.97 -50.76
C ARG F 298 -12.90 24.25 -50.19
N ASP F 299 -12.83 24.20 -48.86
CA ASP F 299 -11.69 23.67 -48.13
C ASP F 299 -11.98 22.24 -47.68
N MET F 300 -11.25 21.29 -48.26
CA MET F 300 -11.31 19.91 -47.84
C MET F 300 -9.93 19.40 -47.42
N SER F 301 -9.11 20.32 -46.90
CA SER F 301 -7.80 19.97 -46.36
C SER F 301 -7.89 18.92 -45.27
N SER F 302 -9.05 18.80 -44.63
CA SER F 302 -9.19 17.89 -43.49
C SER F 302 -9.22 16.43 -43.94
N ILE F 303 -9.77 16.17 -45.14
CA ILE F 303 -10.20 14.82 -45.54
C ILE F 303 -9.00 13.93 -45.83
N GLU F 304 -8.95 12.78 -45.15
CA GLU F 304 -7.99 11.72 -45.43
C GLU F 304 -8.62 10.49 -46.06
N ALA F 305 -9.96 10.37 -46.03
CA ALA F 305 -10.65 9.19 -46.52
C ALA F 305 -12.15 9.47 -46.67
N TYR F 306 -12.75 8.93 -47.73
CA TYR F 306 -14.20 8.79 -47.85
C TYR F 306 -14.59 7.31 -47.87
N TYR F 307 -15.75 7.01 -47.30
CA TYR F 307 -16.39 5.71 -47.45
C TYR F 307 -17.74 5.89 -48.11
N ASN F 308 -18.05 4.99 -49.04
CA ASN F 308 -19.26 5.02 -49.84
C ASN F 308 -20.03 3.73 -49.61
N THR F 309 -21.25 3.85 -49.09
CA THR F 309 -22.08 2.69 -48.83
C THR F 309 -23.20 2.59 -49.89
N GLY F 310 -23.62 1.37 -50.19
CA GLY F 310 -24.62 1.20 -51.21
C GLY F 310 -24.04 1.07 -52.61
N ASP F 311 -24.72 1.65 -53.59
CA ASP F 311 -24.26 1.57 -54.98
C ASP F 311 -22.91 2.24 -55.13
N ALA F 312 -22.11 1.71 -56.06
CA ALA F 312 -20.78 2.24 -56.31
C ALA F 312 -20.87 3.61 -56.97
N ALA F 313 -19.93 4.49 -56.60
CA ALA F 313 -19.93 5.84 -57.13
C ALA F 313 -19.25 5.90 -58.49
N HIS F 314 -19.73 6.80 -59.35
CA HIS F 314 -19.13 6.98 -60.66
C HIS F 314 -17.64 7.34 -60.53
N GLU F 315 -16.79 6.62 -61.28
CA GLU F 315 -15.35 6.73 -61.07
C GLU F 315 -14.76 8.04 -61.55
N ALA F 316 -15.46 8.77 -62.44
CA ALA F 316 -15.09 10.14 -62.73
C ALA F 316 -15.23 11.01 -61.47
N HIS F 317 -16.28 10.77 -60.68
CA HIS F 317 -16.42 11.45 -59.40
C HIS F 317 -15.27 11.11 -58.46
N ILE F 318 -14.90 9.83 -58.39
CA ILE F 318 -13.94 9.35 -57.38
C ILE F 318 -12.61 10.10 -57.49
N ARG F 319 -12.17 10.39 -58.71
CA ARG F 319 -10.85 11.00 -58.88
C ARG F 319 -10.87 12.50 -58.66
N VAL F 320 -12.00 13.18 -58.93
CA VAL F 320 -12.18 14.53 -58.40
C VAL F 320 -12.03 14.52 -56.88
N LEU F 321 -12.57 13.48 -56.25
CA LEU F 321 -12.68 13.47 -54.79
C LEU F 321 -11.36 13.10 -54.13
N VAL F 322 -10.69 12.06 -54.61
CA VAL F 322 -9.43 11.66 -54.00
C VAL F 322 -8.33 12.69 -54.18
N ALA F 323 -8.55 13.71 -55.01
CA ALA F 323 -7.59 14.79 -55.14
C ALA F 323 -7.44 15.57 -53.83
N GLN F 324 -8.51 15.66 -53.05
CA GLN F 324 -8.55 16.51 -51.87
C GLN F 324 -7.72 15.92 -50.72
N GLY F 325 -7.42 16.79 -49.75
CA GLY F 325 -6.69 16.41 -48.54
C GLY F 325 -5.39 15.65 -48.71
N SER F 326 -4.93 15.03 -47.63
CA SER F 326 -3.76 14.16 -47.64
C SER F 326 -4.09 12.87 -46.89
N HIS F 327 -3.21 11.89 -47.03
CA HIS F 327 -3.31 10.68 -46.22
C HIS F 327 -1.89 10.22 -45.87
N GLU F 328 -1.75 9.03 -45.29
CA GLU F 328 -0.45 8.49 -44.92
C GLU F 328 -0.18 7.16 -45.62
N GLU F 329 1.11 6.83 -45.70
CA GLU F 329 1.64 5.57 -46.21
C GLU F 329 2.85 5.23 -45.35
N ILE F 330 3.55 4.13 -45.66
CA ILE F 330 4.80 3.81 -45.00
C ILE F 330 5.95 4.24 -45.92
N GLY F 331 7.04 4.71 -45.32
CA GLY F 331 8.19 5.17 -46.06
C GLY F 331 9.29 4.13 -46.19
N PRO F 332 10.43 4.53 -46.77
CA PRO F 332 11.57 3.60 -46.88
C PRO F 332 12.19 3.26 -45.54
N ASP F 333 12.02 4.10 -44.52
CA ASP F 333 12.51 3.83 -43.17
C ASP F 333 11.45 3.22 -42.25
N PHE F 334 10.31 2.81 -42.82
CA PHE F 334 9.19 2.11 -42.18
C PHE F 334 8.41 2.97 -41.19
N LYS F 335 8.74 4.25 -41.05
CA LYS F 335 7.91 5.20 -40.33
C LYS F 335 6.85 5.74 -41.30
N PRO F 336 5.81 6.43 -40.82
CA PRO F 336 4.77 6.94 -41.72
C PRO F 336 5.13 8.31 -42.29
N VAL F 337 4.51 8.59 -43.45
CA VAL F 337 4.81 9.79 -44.25
C VAL F 337 3.49 10.34 -44.77
N ARG F 338 3.43 11.65 -44.96
CA ARG F 338 2.24 12.26 -45.54
C ARG F 338 2.38 12.35 -47.05
N VAL F 339 1.28 12.10 -47.74
CA VAL F 339 1.25 12.08 -49.20
C VAL F 339 0.00 12.80 -49.66
N PRO F 340 0.09 13.68 -50.67
CA PRO F 340 -1.11 14.37 -51.16
C PRO F 340 -2.22 13.42 -51.59
N GLY F 341 -3.44 13.97 -51.61
CA GLY F 341 -4.61 13.21 -52.01
C GLY F 341 -5.17 12.39 -50.87
N SER F 342 -6.37 11.83 -51.11
CA SER F 342 -7.15 11.10 -50.12
C SER F 342 -7.51 9.71 -50.66
N VAL F 343 -8.18 8.91 -49.82
CA VAL F 343 -8.51 7.52 -50.12
C VAL F 343 -10.03 7.39 -50.12
N PHE F 344 -10.59 7.02 -51.27
CA PHE F 344 -12.03 6.83 -51.43
C PHE F 344 -12.27 5.33 -51.53
N THR F 345 -13.09 4.80 -50.64
CA THR F 345 -13.36 3.37 -50.62
C THR F 345 -14.80 3.11 -51.02
N ASP F 346 -14.99 2.23 -52.00
CA ASP F 346 -16.31 1.69 -52.35
C ASP F 346 -16.60 0.47 -51.48
N GLY F 347 -17.71 0.53 -50.75
CA GLY F 347 -18.18 -0.64 -50.01
C GLY F 347 -19.38 -1.33 -50.63
N LEU F 348 -19.24 -2.59 -51.06
CA LEU F 348 -20.38 -3.40 -51.47
C LEU F 348 -20.97 -4.00 -50.21
N GLY F 349 -22.18 -3.55 -49.86
CA GLY F 349 -22.85 -4.03 -48.67
C GLY F 349 -24.32 -3.66 -48.75
N SER F 350 -25.07 -4.15 -47.79
CA SER F 350 -26.50 -3.97 -47.75
C SER F 350 -26.93 -3.63 -46.32
N SER F 351 -28.21 -3.33 -46.17
CA SER F 351 -28.79 -3.35 -44.83
C SER F 351 -28.53 -4.69 -44.15
N GLU F 352 -28.52 -5.78 -44.92
CA GLU F 352 -28.46 -7.13 -44.35
C GLU F 352 -27.08 -7.51 -43.86
N THR F 353 -26.02 -6.99 -44.46
CA THR F 353 -24.68 -7.48 -44.17
C THR F 353 -23.92 -6.61 -43.16
N GLY F 354 -24.59 -5.66 -42.50
CA GLY F 354 -23.96 -4.94 -41.41
C GLY F 354 -23.03 -3.83 -41.85
N TYR F 355 -21.87 -4.22 -42.38
CA TYR F 355 -21.02 -3.27 -43.09
C TYR F 355 -20.72 -3.77 -44.49
N SER F 356 -19.59 -3.37 -45.05
CA SER F 356 -19.18 -3.83 -46.36
C SER F 356 -18.46 -5.18 -46.23
N ILE F 357 -18.91 -6.14 -47.04
CA ILE F 357 -18.15 -7.37 -47.23
C ILE F 357 -16.94 -7.10 -48.11
N PHE F 358 -17.11 -6.33 -49.18
CA PHE F 358 -16.07 -6.07 -50.15
C PHE F 358 -15.68 -4.60 -50.11
N HIS F 359 -14.39 -4.35 -50.38
CA HIS F 359 -13.84 -2.99 -50.38
C HIS F 359 -13.02 -2.76 -51.65
N ASN F 360 -13.25 -1.60 -52.29
CA ASN F 360 -12.42 -1.12 -53.40
C ASN F 360 -11.92 0.27 -53.05
N GLY F 361 -10.72 0.36 -52.46
CA GLY F 361 -10.13 1.66 -52.20
C GLY F 361 -9.55 2.29 -53.45
N HIS F 362 -9.60 3.62 -53.51
CA HIS F 362 -9.05 4.37 -54.64
C HIS F 362 -8.07 5.41 -54.11
N LYS F 363 -6.85 5.40 -54.65
CA LYS F 363 -5.84 6.42 -54.41
C LYS F 363 -5.79 7.34 -55.62
N PRO F 364 -5.14 8.54 -55.50
CA PRO F 364 -5.17 9.53 -56.59
C PRO F 364 -4.99 8.99 -58.01
N GLY F 365 -3.86 8.35 -58.30
CA GLY F 365 -3.63 7.84 -59.63
C GLY F 365 -3.84 6.35 -59.75
N SER F 366 -4.63 5.79 -58.84
CA SER F 366 -4.83 4.35 -58.78
C SER F 366 -5.54 3.85 -60.04
N ALA F 367 -5.24 2.61 -60.40
CA ALA F 367 -5.82 2.04 -61.62
C ALA F 367 -7.29 1.69 -61.39
N SER F 368 -8.07 1.85 -62.46
CA SER F 368 -9.48 1.48 -62.40
C SER F 368 -9.64 -0.01 -62.18
N PHE F 369 -10.71 -0.37 -61.47
CA PHE F 369 -11.08 -1.75 -61.22
C PHE F 369 -12.00 -2.27 -62.29
N GLY F 370 -12.77 -1.39 -62.90
CA GLY F 370 -13.83 -1.82 -63.78
C GLY F 370 -14.82 -2.61 -62.97
N ARG F 371 -14.95 -3.90 -63.27
CA ARG F 371 -15.97 -4.72 -62.63
C ARG F 371 -15.44 -5.48 -61.43
N CYS F 372 -14.16 -5.35 -61.09
CA CYS F 372 -13.62 -6.04 -59.94
C CYS F 372 -14.11 -5.42 -58.62
N ILE F 373 -14.47 -6.28 -57.69
CA ILE F 373 -14.73 -5.87 -56.31
C ILE F 373 -13.73 -6.47 -55.32
N GLY F 374 -12.84 -7.35 -55.78
CA GLY F 374 -11.80 -7.86 -54.91
C GLY F 374 -12.23 -9.07 -54.12
N LYS F 375 -11.71 -9.21 -52.87
CA LYS F 375 -11.98 -10.33 -51.97
C LYS F 375 -12.85 -9.90 -50.77
N PRO F 376 -13.63 -10.83 -50.21
CA PRO F 376 -14.38 -10.53 -48.98
C PRO F 376 -13.46 -10.36 -47.79
N MET F 377 -13.92 -9.54 -46.83
CA MET F 377 -13.21 -9.36 -45.56
C MET F 377 -13.08 -10.69 -44.81
N SER F 378 -12.10 -10.75 -43.89
CA SER F 378 -11.66 -12.03 -43.34
C SER F 378 -12.79 -12.77 -42.64
N PHE F 379 -13.66 -12.03 -41.94
CA PHE F 379 -14.75 -12.63 -41.16
C PHE F 379 -15.89 -13.15 -42.04
N ALA F 380 -16.01 -12.68 -43.26
CA ALA F 380 -17.05 -13.12 -44.19
C ALA F 380 -16.47 -14.16 -45.15
N GLN F 381 -17.34 -14.99 -45.72
CA GLN F 381 -16.95 -15.81 -46.86
C GLN F 381 -17.99 -15.69 -47.96
N ALA F 382 -17.53 -15.50 -49.20
CA ALA F 382 -18.42 -15.33 -50.35
C ALA F 382 -18.27 -16.50 -51.34
N ALA F 383 -19.11 -16.48 -52.37
CA ALA F 383 -19.14 -17.54 -53.37
C ALA F 383 -19.97 -17.08 -54.56
N VAL F 384 -19.62 -17.57 -55.73
CA VAL F 384 -20.49 -17.50 -56.91
C VAL F 384 -21.20 -18.83 -56.98
N LEU F 385 -22.53 -18.79 -56.93
CA LEU F 385 -23.33 -19.99 -56.77
C LEU F 385 -24.01 -20.37 -58.07
N SER F 386 -24.02 -21.67 -58.35
CA SER F 386 -24.93 -22.29 -59.29
C SER F 386 -26.37 -22.22 -58.77
N GLU F 387 -27.32 -22.60 -59.62
CA GLU F 387 -28.68 -22.62 -59.10
C GLU F 387 -28.88 -23.71 -58.06
N ASP F 388 -28.16 -24.84 -58.18
CA ASP F 388 -28.30 -25.90 -57.20
C ASP F 388 -27.52 -25.62 -55.90
N GLY F 389 -27.12 -24.37 -55.66
CA GLY F 389 -26.48 -23.99 -54.42
C GLY F 389 -24.99 -24.23 -54.32
N ARG F 390 -24.31 -24.80 -55.42
CA ARG F 390 -22.89 -25.13 -55.41
C ARG F 390 -22.04 -23.92 -55.77
N PRO F 391 -20.84 -23.79 -55.21
CA PRO F 391 -19.90 -22.79 -55.73
C PRO F 391 -19.40 -23.18 -57.12
N LEU F 392 -19.39 -22.19 -58.02
CA LEU F 392 -19.02 -22.32 -59.43
C LEU F 392 -17.53 -22.01 -59.60
N PRO F 393 -16.89 -22.71 -60.53
CA PRO F 393 -15.46 -22.48 -60.78
C PRO F 393 -15.23 -21.15 -61.48
N ALA F 394 -14.06 -20.59 -61.22
CA ALA F 394 -13.70 -19.29 -61.78
C ALA F 394 -13.99 -19.24 -63.27
N GLY F 395 -14.57 -18.13 -63.72
CA GLY F 395 -14.97 -18.01 -65.11
C GLY F 395 -16.47 -18.02 -65.27
N GLU F 396 -17.16 -18.89 -64.54
CA GLU F 396 -18.59 -19.05 -64.73
C GLU F 396 -19.36 -17.96 -63.98
N VAL F 397 -20.61 -17.77 -64.40
CA VAL F 397 -21.47 -16.69 -63.94
C VAL F 397 -22.58 -17.29 -63.09
N GLY F 398 -22.89 -16.62 -61.99
CA GLY F 398 -23.90 -17.12 -61.08
C GLY F 398 -24.28 -16.05 -60.07
N ARG F 399 -24.93 -16.52 -59.00
CA ARG F 399 -25.44 -15.64 -57.95
C ARG F 399 -24.40 -15.38 -56.87
N LEU F 400 -24.19 -14.11 -56.52
CA LEU F 400 -23.28 -13.72 -55.47
C LEU F 400 -23.90 -14.04 -54.10
N GLY F 401 -23.20 -14.84 -53.29
CA GLY F 401 -23.68 -15.21 -51.97
C GLY F 401 -22.70 -14.77 -50.89
N VAL F 402 -23.23 -14.46 -49.71
CA VAL F 402 -22.43 -14.06 -48.56
C VAL F 402 -22.83 -14.87 -47.34
N ARG F 403 -21.84 -15.28 -46.56
CA ARG F 403 -21.98 -15.65 -45.17
C ARG F 403 -21.15 -14.68 -44.33
N SER F 404 -21.66 -14.33 -43.16
CA SER F 404 -20.99 -13.34 -42.33
C SER F 404 -21.57 -13.33 -40.92
N PRO F 405 -20.74 -13.19 -39.88
CA PRO F 405 -21.28 -12.93 -38.54
C PRO F 405 -21.97 -11.58 -38.44
N THR F 406 -21.81 -10.72 -39.44
CA THR F 406 -22.54 -9.46 -39.54
C THR F 406 -23.90 -9.61 -40.21
N LEU F 407 -24.25 -10.82 -40.69
CA LEU F 407 -25.47 -11.02 -41.43
C LEU F 407 -26.68 -10.99 -40.49
N THR F 408 -27.77 -10.38 -40.96
CA THR F 408 -29.01 -10.36 -40.22
C THR F 408 -29.50 -11.78 -39.92
N PRO F 409 -30.24 -11.96 -38.82
CA PRO F 409 -30.92 -13.26 -38.60
C PRO F 409 -32.13 -13.45 -39.50
N GLY F 410 -32.57 -12.40 -40.19
CA GLY F 410 -33.55 -12.51 -41.24
C GLY F 410 -34.65 -11.47 -41.19
N TYR F 411 -35.47 -11.38 -42.25
CA TYR F 411 -36.40 -10.27 -42.39
C TYR F 411 -37.49 -10.32 -41.32
N TRP F 412 -37.81 -9.15 -40.76
CA TRP F 412 -38.75 -9.09 -39.65
C TRP F 412 -40.15 -9.47 -40.12
N ASN F 413 -40.72 -10.49 -39.48
CA ASN F 413 -42.05 -10.99 -39.82
C ASN F 413 -42.18 -11.37 -41.28
N ASP F 414 -41.11 -11.88 -41.88
CA ASP F 414 -41.24 -12.33 -43.26
C ASP F 414 -40.20 -13.43 -43.49
N SER F 415 -40.50 -14.61 -42.95
CA SER F 415 -39.63 -15.76 -43.15
C SER F 415 -39.59 -16.17 -44.61
N LEU F 416 -40.74 -16.10 -45.30
CA LEU F 416 -40.84 -16.59 -46.67
C LEU F 416 -39.85 -15.89 -47.59
N THR F 417 -39.85 -14.56 -47.55
CA THR F 417 -38.90 -13.75 -48.32
C THR F 417 -37.47 -14.10 -47.94
N TRP F 418 -37.22 -14.19 -46.63
CA TRP F 418 -35.89 -14.49 -46.14
C TRP F 418 -35.37 -15.75 -46.79
N HIS F 419 -36.11 -16.84 -46.67
CA HIS F 419 -35.57 -18.08 -47.15
C HIS F 419 -35.60 -18.17 -48.68
N LYS F 420 -36.43 -17.36 -49.36
CA LYS F 420 -36.33 -17.24 -50.80
C LYS F 420 -35.07 -16.50 -51.25
N LEU F 421 -34.47 -15.69 -50.37
CA LEU F 421 -33.22 -15.02 -50.65
C LEU F 421 -32.02 -15.73 -50.01
N ARG F 422 -32.04 -17.06 -49.93
CA ARG F 422 -30.96 -17.85 -49.34
C ARG F 422 -30.72 -19.10 -50.18
N LEU F 423 -29.48 -19.27 -50.65
CA LEU F 423 -29.10 -20.44 -51.44
C LEU F 423 -27.82 -21.03 -50.87
N GLY F 424 -27.78 -22.35 -50.72
CA GLY F 424 -26.66 -23.11 -50.17
C GLY F 424 -26.03 -22.56 -48.90
N GLY F 425 -26.82 -21.99 -48.02
CA GLY F 425 -26.27 -21.42 -46.82
C GLY F 425 -25.83 -19.99 -46.93
N TYR F 426 -25.77 -19.44 -48.13
CA TYR F 426 -25.45 -18.02 -48.32
C TYR F 426 -26.72 -17.19 -48.44
N TRP F 427 -26.62 -15.92 -48.01
CA TRP F 427 -27.64 -14.94 -48.34
C TRP F 427 -27.38 -14.32 -49.72
N LEU F 428 -28.43 -14.18 -50.53
CA LEU F 428 -28.28 -13.68 -51.91
C LEU F 428 -28.25 -12.16 -51.95
N THR F 429 -27.14 -11.58 -52.37
CA THR F 429 -27.06 -10.13 -52.40
C THR F 429 -27.95 -9.50 -53.47
N GLY F 430 -28.53 -10.31 -54.37
CA GLY F 430 -29.21 -9.78 -55.53
C GLY F 430 -28.36 -9.68 -56.79
N ASP F 431 -27.04 -9.79 -56.68
CA ASP F 431 -26.14 -9.52 -57.79
C ASP F 431 -25.68 -10.82 -58.47
N LEU F 432 -25.29 -10.70 -59.74
CA LEU F 432 -24.61 -11.79 -60.44
C LEU F 432 -23.11 -11.46 -60.50
N ALA F 433 -22.28 -12.50 -60.49
CA ALA F 433 -20.84 -12.26 -60.40
C ALA F 433 -20.07 -13.47 -60.91
N MET F 434 -18.74 -13.33 -60.93
CA MET F 434 -17.85 -14.40 -61.31
C MET F 434 -16.51 -14.18 -60.63
N GLN F 435 -15.69 -15.22 -60.67
CA GLN F 435 -14.38 -15.21 -60.04
C GLN F 435 -13.26 -15.48 -61.05
N ASP F 436 -12.04 -15.06 -60.70
CA ASP F 436 -10.84 -15.34 -61.48
C ASP F 436 -10.00 -16.41 -60.78
N ALA F 437 -8.85 -16.74 -61.38
CA ALA F 437 -8.07 -17.90 -60.93
C ALA F 437 -7.60 -17.76 -59.48
N GLU F 438 -7.19 -16.55 -59.08
CA GLU F 438 -7.00 -16.23 -57.67
C GLU F 438 -8.36 -16.33 -56.98
N GLY F 439 -8.78 -15.29 -56.28
CA GLY F 439 -10.13 -15.38 -55.76
C GLY F 439 -10.90 -14.10 -55.91
N ASN F 440 -10.42 -13.20 -56.76
CA ASN F 440 -11.06 -11.90 -56.90
C ASN F 440 -12.46 -12.03 -57.47
N PHE F 441 -13.35 -11.14 -57.03
CA PHE F 441 -14.75 -11.15 -57.43
C PHE F 441 -15.06 -10.03 -58.40
N TYR F 442 -15.85 -10.34 -59.43
CA TYR F 442 -16.22 -9.36 -60.46
C TYR F 442 -17.73 -9.26 -60.49
N HIS F 443 -18.25 -8.06 -60.28
CA HIS F 443 -19.68 -7.81 -60.20
C HIS F 443 -20.23 -7.54 -61.59
N LEU F 444 -21.11 -8.39 -62.09
CA LEU F 444 -21.65 -8.23 -63.43
C LEU F 444 -22.86 -7.29 -63.44
N ASP F 445 -23.90 -7.60 -62.67
CA ASP F 445 -25.12 -6.80 -62.73
C ASP F 445 -26.08 -7.29 -61.67
N ARG F 446 -27.14 -6.50 -61.44
CA ARG F 446 -28.28 -6.96 -60.66
C ARG F 446 -28.96 -8.12 -61.38
N ALA F 447 -29.32 -9.18 -60.64
CA ALA F 447 -29.86 -10.38 -61.29
C ALA F 447 -31.18 -10.14 -61.99
N PRO F 448 -32.11 -9.33 -61.47
CA PRO F 448 -33.30 -8.98 -62.27
C PRO F 448 -33.05 -7.96 -63.38
N ASP F 449 -31.80 -7.51 -63.56
CA ASP F 449 -31.41 -6.71 -64.72
C ASP F 449 -30.83 -7.54 -65.86
N ALA F 450 -30.61 -8.83 -65.68
CA ALA F 450 -30.18 -9.69 -66.77
C ALA F 450 -31.37 -10.06 -67.67
N ILE F 451 -31.14 -10.04 -68.97
CA ILE F 451 -32.14 -10.43 -69.96
C ILE F 451 -31.60 -11.64 -70.71
N ARG F 452 -32.36 -12.74 -70.71
CA ARG F 452 -31.96 -13.96 -71.40
C ARG F 452 -32.40 -13.87 -72.85
N THR F 453 -31.43 -13.71 -73.76
CA THR F 453 -31.67 -13.67 -75.20
C THR F 453 -30.99 -14.87 -75.87
N GLU F 454 -31.35 -15.12 -77.14
CA GLU F 454 -30.77 -16.25 -77.86
C GLU F 454 -29.34 -15.99 -78.29
N ALA F 455 -28.91 -14.73 -78.29
CA ALA F 455 -27.54 -14.36 -78.54
C ALA F 455 -26.72 -14.24 -77.26
N GLY F 456 -27.20 -14.82 -76.17
CA GLY F 456 -26.55 -14.74 -74.87
C GLY F 456 -27.37 -13.98 -73.85
N ILE F 457 -26.70 -13.62 -72.76
CA ILE F 457 -27.34 -12.97 -71.61
C ILE F 457 -26.98 -11.49 -71.62
N VAL F 458 -27.99 -10.63 -71.68
CA VAL F 458 -27.74 -9.19 -71.77
C VAL F 458 -27.79 -8.60 -70.37
N PHE F 459 -26.71 -7.92 -69.99
CA PHE F 459 -26.64 -7.24 -68.71
C PHE F 459 -27.11 -5.81 -68.96
N SER F 460 -28.36 -5.53 -68.57
CA SER F 460 -28.97 -4.24 -68.84
C SER F 460 -28.07 -3.09 -68.43
N THR F 461 -27.56 -3.12 -67.20
CA THR F 461 -26.79 -1.99 -66.69
C THR F 461 -25.44 -1.90 -67.38
N ARG F 462 -24.76 -3.04 -67.59
CA ARG F 462 -23.46 -3.02 -68.26
C ARG F 462 -23.61 -2.57 -69.71
N THR F 463 -24.65 -3.04 -70.39
CA THR F 463 -24.93 -2.58 -71.75
C THR F 463 -25.28 -1.09 -71.76
N GLU F 464 -26.18 -0.66 -70.88
CA GLU F 464 -26.49 0.77 -70.75
C GLU F 464 -25.22 1.61 -70.55
N GLU F 465 -24.25 1.09 -69.81
CA GLU F 465 -23.03 1.85 -69.56
C GLU F 465 -22.11 1.86 -70.77
N LEU F 466 -21.94 0.70 -71.43
CA LEU F 466 -21.18 0.65 -72.67
C LEU F 466 -21.66 1.69 -73.68
N LEU F 467 -22.96 2.00 -73.67
CA LEU F 467 -23.53 2.90 -74.68
C LEU F 467 -23.26 4.36 -74.33
N LEU F 468 -23.48 4.76 -73.07
CA LEU F 468 -23.11 6.11 -72.67
C LEU F 468 -21.64 6.38 -72.95
N ALA F 469 -20.77 5.43 -72.56
CA ALA F 469 -19.33 5.64 -72.70
C ALA F 469 -18.95 5.88 -74.15
N SER F 470 -19.47 5.03 -75.07
CA SER F 470 -18.96 4.97 -76.45
C SER F 470 -19.57 6.02 -77.37
N LEU F 471 -20.82 6.43 -77.13
CA LEU F 471 -21.55 7.34 -78.02
C LEU F 471 -21.88 8.62 -77.25
N PRO F 472 -20.92 9.58 -77.14
CA PRO F 472 -21.22 10.85 -76.47
C PRO F 472 -22.27 11.69 -77.18
N GLU F 473 -22.88 11.15 -78.25
CA GLU F 473 -24.10 11.75 -78.79
C GLU F 473 -25.31 11.46 -77.91
N LEU F 474 -25.27 10.35 -77.16
CA LEU F 474 -26.39 9.89 -76.35
C LEU F 474 -26.37 10.49 -74.96
N ALA F 475 -27.53 10.94 -74.50
CA ALA F 475 -27.69 11.50 -73.15
C ALA F 475 -28.00 10.41 -72.12
N ASP F 476 -29.07 9.64 -72.34
CA ASP F 476 -29.54 8.59 -71.43
C ASP F 476 -30.06 7.43 -72.27
N CYS F 477 -30.31 6.29 -71.63
CA CYS F 477 -30.93 5.14 -72.32
C CYS F 477 -31.35 4.09 -71.30
N THR F 478 -31.87 2.98 -71.81
CA THR F 478 -32.59 1.98 -71.02
C THR F 478 -32.82 0.71 -71.83
N VAL F 479 -32.17 -0.38 -71.43
CA VAL F 479 -32.30 -1.68 -72.09
C VAL F 479 -33.39 -2.48 -71.38
N THR F 480 -34.52 -2.69 -72.03
CA THR F 480 -35.63 -3.41 -71.43
C THR F 480 -35.91 -4.70 -72.18
N ALA F 481 -36.62 -5.61 -71.52
CA ALA F 481 -36.90 -6.95 -72.05
C ALA F 481 -38.29 -7.00 -72.64
N ILE F 482 -38.41 -7.55 -73.85
CA ILE F 482 -39.68 -7.64 -74.55
C ILE F 482 -39.96 -9.12 -74.82
N ALA F 483 -40.88 -9.69 -74.05
CA ALA F 483 -41.21 -11.10 -74.17
C ALA F 483 -42.71 -11.27 -74.41
N GLU F 484 -43.17 -12.52 -74.41
CA GLU F 484 -44.54 -12.80 -74.78
C GLU F 484 -45.51 -12.67 -73.60
N GLU F 485 -46.25 -13.75 -73.29
CA GLU F 485 -47.40 -13.65 -72.40
C GLU F 485 -47.00 -13.68 -70.93
N GLY F 486 -46.71 -14.88 -70.42
CA GLY F 486 -46.26 -15.04 -69.05
C GLY F 486 -44.83 -15.57 -68.99
N VAL F 487 -44.03 -15.22 -69.98
CA VAL F 487 -42.65 -15.66 -70.06
C VAL F 487 -41.78 -14.75 -69.20
N ARG F 488 -40.87 -15.35 -68.42
CA ARG F 488 -39.93 -14.63 -67.59
C ARG F 488 -38.53 -14.93 -68.10
N ALA F 489 -37.82 -13.90 -68.55
CA ALA F 489 -36.50 -14.09 -69.15
C ALA F 489 -35.43 -13.29 -68.43
N ASP F 490 -35.64 -12.99 -67.15
CA ASP F 490 -34.54 -12.54 -66.33
C ASP F 490 -33.87 -13.77 -65.74
N TRP F 491 -32.88 -13.54 -64.87
CA TRP F 491 -32.03 -14.65 -64.43
C TRP F 491 -32.83 -15.72 -63.70
N ASP F 492 -33.80 -15.31 -62.88
CA ASP F 492 -34.65 -16.27 -62.18
C ASP F 492 -35.58 -17.03 -63.12
N GLY F 493 -35.76 -16.54 -64.36
CA GLY F 493 -36.67 -17.17 -65.30
C GLY F 493 -36.02 -18.26 -66.14
N ASP F 494 -36.87 -18.96 -66.91
CA ASP F 494 -36.43 -19.96 -67.87
C ASP F 494 -36.70 -19.55 -69.31
N GLY F 495 -37.48 -18.49 -69.53
CA GLY F 495 -37.78 -18.04 -70.88
C GLY F 495 -36.61 -17.31 -71.52
N VAL F 496 -36.84 -16.90 -72.76
CA VAL F 496 -35.96 -16.04 -73.53
C VAL F 496 -36.77 -14.83 -73.96
N ALA F 497 -36.13 -13.66 -73.99
CA ALA F 497 -36.80 -12.44 -74.45
C ALA F 497 -35.91 -11.72 -75.44
N GLU F 498 -36.29 -10.51 -75.82
CA GLU F 498 -35.56 -9.73 -76.81
C GLU F 498 -35.17 -8.39 -76.22
N ALA F 499 -33.88 -8.08 -76.30
CA ALA F 499 -33.35 -6.86 -75.69
C ALA F 499 -33.63 -5.70 -76.64
N TYR F 500 -34.49 -4.78 -76.24
CA TYR F 500 -34.71 -3.53 -76.97
C TYR F 500 -34.06 -2.41 -76.19
N VAL F 501 -33.20 -1.60 -76.86
CA VAL F 501 -32.62 -0.40 -76.24
C VAL F 501 -33.54 0.78 -76.51
N LEU F 502 -33.58 1.74 -75.58
CA LEU F 502 -34.31 3.00 -75.73
C LEU F 502 -33.29 4.10 -75.77
N LEU F 503 -32.82 4.43 -76.96
CA LEU F 503 -31.96 5.59 -77.09
C LEU F 503 -32.77 6.84 -76.80
N GLN F 504 -32.25 7.69 -75.92
CA GLN F 504 -32.74 9.06 -75.82
C GLN F 504 -31.53 9.97 -76.00
N PHE F 505 -31.67 10.96 -76.87
CA PHE F 505 -30.52 11.67 -77.43
C PHE F 505 -30.25 12.98 -76.70
N THR F 506 -29.04 13.49 -76.91
CA THR F 506 -28.70 14.82 -76.44
C THR F 506 -29.22 15.87 -77.44
N ASP F 507 -29.69 17.00 -76.91
CA ASP F 507 -30.48 17.97 -77.68
C ASP F 507 -29.72 18.51 -78.90
N GLY F 508 -30.06 17.98 -80.08
CA GLY F 508 -29.39 18.36 -81.32
C GLY F 508 -28.17 17.53 -81.65
N ALA F 509 -28.32 16.21 -81.68
CA ALA F 509 -27.21 15.29 -81.95
C ALA F 509 -27.40 14.62 -83.30
N ARG F 510 -26.31 14.00 -83.78
CA ARG F 510 -26.24 13.41 -85.13
C ARG F 510 -26.73 11.97 -85.09
N GLU F 511 -28.07 11.83 -85.11
CA GLU F 511 -28.69 10.51 -84.96
C GLU F 511 -28.62 9.74 -86.28
N PRO F 512 -28.17 8.48 -86.26
CA PRO F 512 -28.16 7.69 -87.49
C PRO F 512 -29.56 7.30 -87.93
N GLY F 513 -29.66 6.64 -89.07
CA GLY F 513 -30.93 6.11 -89.50
C GLY F 513 -31.09 4.71 -88.96
N ASP F 514 -30.01 3.92 -89.05
CA ASP F 514 -29.98 2.57 -88.48
C ASP F 514 -29.54 2.64 -87.02
N LEU F 515 -30.46 3.15 -86.18
CA LEU F 515 -30.20 3.21 -84.75
C LEU F 515 -29.74 1.86 -84.21
N THR F 516 -30.32 0.78 -84.73
CA THR F 516 -30.06 -0.55 -84.18
C THR F 516 -28.63 -0.99 -84.45
N GLY F 517 -28.22 -1.06 -85.73
CA GLY F 517 -26.87 -1.50 -86.04
C GLY F 517 -25.80 -0.56 -85.54
N TRP F 518 -26.15 0.70 -85.28
CA TRP F 518 -25.27 1.64 -84.59
C TRP F 518 -24.93 1.14 -83.20
N VAL F 519 -25.97 0.95 -82.36
CA VAL F 519 -25.83 0.36 -81.03
C VAL F 519 -25.11 -0.98 -81.10
N ASN F 520 -25.58 -1.87 -81.99
CA ASN F 520 -25.00 -3.19 -82.11
C ASN F 520 -23.53 -3.17 -82.51
N GLU F 521 -23.07 -2.09 -83.16
CA GLU F 521 -21.65 -1.96 -83.45
C GLU F 521 -20.83 -1.91 -82.17
N VAL F 522 -21.21 -1.01 -81.26
CA VAL F 522 -20.50 -0.85 -79.98
C VAL F 522 -20.40 -2.18 -79.24
N LEU F 523 -21.55 -2.80 -79.01
CA LEU F 523 -21.62 -4.05 -78.26
C LEU F 523 -20.64 -5.09 -78.81
N ALA F 524 -20.77 -5.41 -80.10
CA ALA F 524 -19.90 -6.39 -80.73
C ALA F 524 -18.42 -6.01 -80.62
N GLY F 525 -18.12 -4.72 -80.44
CA GLY F 525 -16.73 -4.30 -80.29
C GLY F 525 -16.08 -4.87 -79.05
N GLN F 526 -16.87 -5.21 -78.04
CA GLN F 526 -16.38 -5.76 -76.79
C GLN F 526 -16.66 -7.25 -76.64
N GLY F 527 -17.72 -7.74 -77.25
CA GLY F 527 -18.18 -9.10 -77.06
C GLY F 527 -19.59 -9.18 -76.52
N PHE F 528 -20.18 -8.05 -76.12
CA PHE F 528 -21.52 -8.07 -75.54
C PHE F 528 -22.50 -8.67 -76.53
N PRO F 529 -23.51 -9.40 -76.05
CA PRO F 529 -24.57 -9.83 -76.96
C PRO F 529 -25.30 -8.64 -77.52
N PRO F 530 -25.78 -8.73 -78.75
CA PRO F 530 -26.45 -7.60 -79.40
C PRO F 530 -27.89 -7.42 -78.93
N VAL F 531 -28.50 -6.33 -79.37
CA VAL F 531 -29.90 -6.07 -79.08
C VAL F 531 -30.71 -6.30 -80.34
N THR F 532 -32.03 -6.47 -80.16
CA THR F 532 -32.93 -6.77 -81.26
C THR F 532 -33.45 -5.52 -81.95
N ARG F 533 -33.74 -4.45 -81.20
CA ARG F 533 -34.15 -3.19 -81.81
C ARG F 533 -33.67 -2.04 -80.93
N ALA F 534 -33.35 -0.92 -81.58
CA ALA F 534 -33.13 0.36 -80.91
C ALA F 534 -34.17 1.35 -81.40
N LEU F 535 -34.73 2.13 -80.48
CA LEU F 535 -35.72 3.13 -80.81
C LEU F 535 -35.42 4.41 -80.04
N ARG F 536 -35.99 5.52 -80.50
CA ARG F 536 -35.67 6.85 -80.02
C ARG F 536 -36.71 7.31 -78.99
N MET F 537 -36.27 8.15 -78.06
CA MET F 537 -37.13 8.69 -77.02
C MET F 537 -37.07 10.22 -76.99
N ASP F 538 -38.13 10.80 -76.41
CA ASP F 538 -38.41 12.24 -76.50
C ASP F 538 -38.18 13.00 -75.19
N SER F 539 -37.50 12.39 -74.21
CA SER F 539 -37.20 13.04 -72.92
C SER F 539 -38.44 13.47 -72.15
N MET G 17 -29.39 -52.19 -35.19
CA MET G 17 -29.46 -53.60 -35.58
C MET G 17 -28.93 -53.82 -37.01
N ILE G 18 -28.98 -52.76 -37.84
CA ILE G 18 -28.37 -52.88 -39.16
C ILE G 18 -26.86 -52.96 -39.03
N THR G 19 -26.21 -53.50 -40.07
CA THR G 19 -24.80 -53.85 -40.03
C THR G 19 -23.89 -52.70 -39.59
N LYS G 20 -22.72 -53.04 -39.04
CA LYS G 20 -21.75 -52.02 -38.67
C LYS G 20 -21.23 -51.30 -39.90
N GLU G 21 -21.32 -51.94 -41.07
CA GLU G 21 -20.91 -51.31 -42.33
C GLU G 21 -21.96 -50.34 -42.83
N GLU G 22 -23.23 -50.54 -42.48
CA GLU G 22 -24.30 -49.63 -42.86
C GLU G 22 -24.40 -48.45 -41.89
N ARG G 23 -24.29 -48.72 -40.56
CA ARG G 23 -24.17 -47.64 -39.60
C ARG G 23 -22.99 -46.75 -39.92
N ALA G 24 -21.94 -47.33 -40.52
CA ALA G 24 -20.81 -46.54 -40.98
C ALA G 24 -21.25 -45.45 -41.95
N GLN G 25 -22.00 -45.82 -43.00
CA GLN G 25 -22.39 -44.87 -44.05
C GLN G 25 -23.19 -43.70 -43.48
N ILE G 26 -24.14 -43.98 -42.60
CA ILE G 26 -24.99 -42.93 -42.03
C ILE G 26 -24.14 -41.85 -41.38
N ASN G 27 -23.17 -42.26 -40.55
CA ASN G 27 -22.25 -41.32 -39.91
C ASN G 27 -21.26 -40.73 -40.91
N ALA G 28 -21.03 -41.40 -42.04
CA ALA G 28 -20.06 -40.97 -43.04
C ALA G 28 -20.70 -40.16 -44.15
N ASP G 29 -21.73 -39.36 -43.85
CA ASP G 29 -22.56 -38.74 -44.88
C ASP G 29 -22.82 -37.28 -44.54
N PRO G 30 -22.03 -36.36 -45.09
CA PRO G 30 -22.25 -34.92 -44.84
C PRO G 30 -23.56 -34.38 -45.37
N GLU G 31 -24.26 -35.10 -46.24
CA GLU G 31 -25.45 -34.56 -46.89
C GLU G 31 -26.75 -35.00 -46.24
N LEU G 32 -26.71 -35.99 -45.35
CA LEU G 32 -27.93 -36.56 -44.79
C LEU G 32 -28.58 -35.62 -43.78
N GLY G 33 -29.90 -35.53 -43.84
CA GLY G 33 -30.65 -34.69 -42.94
C GLY G 33 -32.12 -34.92 -43.16
N ALA G 34 -32.93 -34.09 -42.50
CA ALA G 34 -34.36 -34.33 -42.50
C ALA G 34 -35.02 -34.07 -43.87
N GLY G 35 -34.31 -33.46 -44.82
CA GLY G 35 -34.85 -33.26 -46.14
C GLY G 35 -34.47 -34.26 -47.22
N ASN G 36 -33.90 -35.43 -46.86
CA ASN G 36 -33.39 -36.33 -47.88
C ASN G 36 -33.06 -37.72 -47.34
N VAL G 37 -33.54 -38.05 -46.13
CA VAL G 37 -33.36 -39.41 -45.61
C VAL G 37 -33.67 -40.43 -46.69
N LEU G 38 -34.84 -40.30 -47.33
CA LEU G 38 -35.27 -41.31 -48.29
C LEU G 38 -34.27 -41.43 -49.46
N HIS G 39 -33.68 -40.33 -49.88
CA HIS G 39 -32.76 -40.38 -51.01
C HIS G 39 -31.42 -40.97 -50.64
N ARG G 40 -30.98 -40.80 -49.39
CA ARG G 40 -29.77 -41.48 -48.95
C ARG G 40 -30.00 -42.98 -48.90
N LEU G 41 -31.18 -43.41 -48.46
CA LEU G 41 -31.46 -44.83 -48.46
C LEU G 41 -31.27 -45.40 -49.85
N ARG G 42 -31.56 -44.61 -50.89
CA ARG G 42 -31.33 -45.05 -52.26
C ARG G 42 -29.86 -45.02 -52.62
N ALA G 43 -29.17 -43.93 -52.28
CA ALA G 43 -27.73 -43.85 -52.51
C ALA G 43 -26.97 -44.97 -51.79
N TYR G 44 -27.45 -45.40 -50.61
CA TYR G 44 -26.82 -46.54 -49.94
C TYR G 44 -27.13 -47.85 -50.64
N GLY G 45 -28.27 -47.93 -51.32
CA GLY G 45 -28.70 -49.18 -51.89
C GLY G 45 -29.38 -50.13 -50.93
N ARG G 46 -30.27 -49.63 -50.06
CA ARG G 46 -31.10 -50.55 -49.29
C ARG G 46 -32.00 -51.34 -50.24
N PRO G 47 -32.19 -52.63 -49.99
CA PRO G 47 -33.09 -53.42 -50.83
C PRO G 47 -34.44 -52.73 -50.95
N THR G 48 -35.02 -52.78 -52.14
CA THR G 48 -36.25 -52.05 -52.40
C THR G 48 -37.50 -52.90 -52.21
N ASP G 49 -37.37 -54.21 -52.27
CA ASP G 49 -38.51 -55.12 -52.12
C ASP G 49 -38.80 -55.46 -50.66
N ARG G 50 -38.06 -54.82 -49.67
CA ARG G 50 -38.45 -55.14 -48.30
C ARG G 50 -39.45 -54.11 -47.80
N PRO G 51 -40.34 -54.51 -46.88
CA PRO G 51 -41.27 -53.53 -46.29
C PRO G 51 -40.58 -52.64 -45.28
N VAL G 52 -40.89 -51.35 -45.36
CA VAL G 52 -40.35 -50.37 -44.43
C VAL G 52 -41.43 -49.58 -43.70
N LEU G 53 -42.66 -49.48 -44.22
CA LEU G 53 -43.69 -48.64 -43.63
C LEU G 53 -45.00 -49.39 -43.55
N TRP G 54 -45.61 -49.35 -42.38
CA TRP G 54 -46.92 -49.95 -42.14
C TRP G 54 -47.90 -48.82 -41.89
N THR G 55 -49.14 -48.99 -42.35
CA THR G 55 -50.12 -47.91 -42.26
C THR G 55 -51.40 -48.43 -41.64
N ASP G 56 -52.36 -47.51 -41.46
CA ASP G 56 -53.73 -47.87 -41.11
C ASP G 56 -54.66 -47.71 -42.30
N GLY G 57 -54.13 -47.82 -43.52
CA GLY G 57 -54.92 -47.74 -44.73
C GLY G 57 -55.73 -46.48 -44.87
N THR G 58 -55.39 -45.41 -44.15
CA THR G 58 -56.13 -44.15 -44.24
C THR G 58 -55.65 -43.25 -45.37
N TRP G 59 -54.63 -43.64 -46.12
CA TRP G 59 -54.08 -42.84 -47.19
C TRP G 59 -54.31 -43.51 -48.53
N ARG G 60 -54.74 -42.71 -49.52
CA ARG G 60 -55.00 -43.21 -50.87
C ARG G 60 -53.77 -43.01 -51.76
N ALA G 61 -53.20 -44.10 -52.27
CA ALA G 61 -52.06 -44.05 -53.18
C ALA G 61 -52.49 -43.52 -54.56
N PRO G 62 -51.54 -43.15 -55.43
CA PRO G 62 -51.95 -42.61 -56.75
C PRO G 62 -52.80 -43.57 -57.56
N ASP G 63 -52.45 -44.86 -57.56
CA ASP G 63 -53.14 -45.87 -58.35
C ASP G 63 -54.54 -46.14 -57.86
N GLY G 64 -54.95 -45.60 -56.73
CA GLY G 64 -56.29 -45.80 -56.23
C GLY G 64 -56.40 -46.71 -55.03
N SER G 65 -55.34 -47.46 -54.68
CA SER G 65 -55.40 -48.35 -53.53
C SER G 65 -55.11 -47.61 -52.22
N HIS G 66 -55.45 -48.27 -51.10
CA HIS G 66 -55.08 -47.80 -49.76
C HIS G 66 -54.07 -48.76 -49.11
N PRO G 67 -52.77 -48.67 -49.47
CA PRO G 67 -51.79 -49.67 -49.00
C PRO G 67 -51.67 -49.73 -47.49
N GLU G 68 -51.55 -50.95 -46.96
CA GLU G 68 -51.31 -51.19 -45.55
C GLU G 68 -49.84 -51.43 -45.23
N VAL G 69 -49.05 -51.81 -46.24
CA VAL G 69 -47.63 -52.10 -46.12
C VAL G 69 -46.97 -51.58 -47.38
N ILE G 70 -45.96 -50.71 -47.22
CA ILE G 70 -45.25 -50.10 -48.35
C ILE G 70 -43.82 -50.58 -48.32
N THR G 71 -43.33 -51.04 -49.47
CA THR G 71 -41.92 -51.36 -49.59
C THR G 71 -41.11 -50.10 -49.94
N LEU G 72 -39.80 -50.25 -49.94
CA LEU G 72 -38.92 -49.10 -50.17
C LEU G 72 -39.09 -48.53 -51.57
N GLY G 73 -38.96 -49.39 -52.60
CA GLY G 73 -39.18 -48.93 -53.97
C GLY G 73 -40.57 -48.36 -54.17
N GLU G 74 -41.57 -48.94 -53.50
CA GLU G 74 -42.91 -48.37 -53.54
C GLU G 74 -42.90 -46.95 -53.01
N LEU G 75 -42.04 -46.67 -52.04
CA LEU G 75 -42.01 -45.35 -51.41
C LEU G 75 -41.25 -44.36 -52.27
N TYR G 76 -40.11 -44.78 -52.84
CA TYR G 76 -39.47 -44.02 -53.91
C TYR G 76 -40.48 -43.63 -54.98
N GLU G 77 -41.43 -44.50 -55.25
CA GLU G 77 -42.37 -44.29 -56.34
C GLU G 77 -43.46 -43.29 -55.94
N TYR G 78 -44.05 -43.47 -54.76
CA TYR G 78 -45.06 -42.53 -54.29
C TYR G 78 -44.47 -41.13 -54.15
N VAL G 79 -43.20 -41.04 -53.72
CA VAL G 79 -42.63 -39.73 -53.43
C VAL G 79 -42.26 -39.01 -54.72
N GLU G 80 -41.79 -39.74 -55.73
CA GLU G 80 -41.50 -39.12 -57.02
C GLU G 80 -42.78 -38.66 -57.71
N THR G 81 -43.81 -39.52 -57.69
CA THR G 81 -45.11 -39.19 -58.25
C THR G 81 -45.63 -37.90 -57.64
N TYR G 82 -45.67 -37.84 -56.31
CA TYR G 82 -46.16 -36.64 -55.65
C TYR G 82 -45.27 -35.44 -55.93
N ALA G 83 -43.96 -35.66 -55.99
CA ALA G 83 -43.05 -34.55 -56.29
C ALA G 83 -43.29 -34.01 -57.68
N GLY G 84 -43.38 -34.91 -58.67
CA GLY G 84 -43.67 -34.47 -60.02
C GLY G 84 -45.01 -33.76 -60.13
N PHE G 85 -46.01 -34.26 -59.38
CA PHE G 85 -47.29 -33.55 -59.32
C PHE G 85 -47.10 -32.13 -58.81
N TYR G 86 -46.48 -31.99 -57.63
CA TYR G 86 -46.29 -30.67 -57.05
C TYR G 86 -45.44 -29.80 -57.95
N HIS G 87 -44.47 -30.41 -58.64
CA HIS G 87 -43.63 -29.60 -59.52
C HIS G 87 -44.46 -29.04 -60.66
N GLY G 88 -45.26 -29.88 -61.32
CA GLY G 88 -46.17 -29.42 -62.36
C GLY G 88 -47.23 -28.45 -61.87
N LYS G 89 -47.51 -28.43 -60.58
CA LYS G 89 -48.45 -27.46 -60.04
C LYS G 89 -47.79 -26.11 -59.80
N GLY G 90 -46.53 -25.96 -60.17
CA GLY G 90 -45.82 -24.71 -60.03
C GLY G 90 -44.99 -24.56 -58.77
N ILE G 91 -44.88 -25.60 -57.94
CA ILE G 91 -44.16 -25.49 -56.67
C ILE G 91 -42.65 -25.51 -56.90
N ARG G 92 -41.96 -24.55 -56.27
CA ARG G 92 -40.54 -24.27 -56.49
C ARG G 92 -39.79 -24.34 -55.17
N PRO G 93 -38.46 -24.40 -55.16
CA PRO G 93 -37.72 -24.26 -53.90
C PRO G 93 -38.23 -23.08 -53.07
N ARG G 94 -38.35 -23.31 -51.76
CA ARG G 94 -38.74 -22.32 -50.74
C ARG G 94 -40.21 -21.91 -50.79
N ASP G 95 -41.06 -22.63 -51.50
CA ASP G 95 -42.49 -22.41 -51.48
C ASP G 95 -43.10 -23.18 -50.33
N VAL G 96 -44.16 -22.63 -49.73
CA VAL G 96 -44.88 -23.28 -48.65
C VAL G 96 -46.09 -23.98 -49.24
N VAL G 97 -46.26 -25.26 -48.90
CA VAL G 97 -47.40 -26.02 -49.34
C VAL G 97 -48.07 -26.56 -48.10
N GLY G 98 -49.28 -26.04 -47.80
CA GLY G 98 -50.07 -26.56 -46.69
C GLY G 98 -50.45 -28.01 -46.88
N VAL G 99 -50.72 -28.65 -45.74
CA VAL G 99 -51.07 -30.07 -45.64
C VAL G 99 -52.05 -30.20 -44.48
N LEU G 100 -53.33 -30.44 -44.79
CA LEU G 100 -54.41 -30.47 -43.80
C LEU G 100 -55.08 -31.84 -43.88
N THR G 101 -54.85 -32.69 -42.87
CA THR G 101 -55.25 -34.07 -42.99
C THR G 101 -55.16 -34.73 -41.63
N ALA G 102 -55.84 -35.86 -41.52
CA ALA G 102 -55.82 -36.72 -40.34
C ALA G 102 -54.98 -37.96 -40.53
N SER G 103 -54.53 -38.23 -41.76
CA SER G 103 -53.76 -39.44 -42.07
C SER G 103 -52.26 -39.20 -41.80
N SER G 104 -51.68 -40.06 -40.97
CA SER G 104 -50.25 -39.94 -40.70
C SER G 104 -49.42 -40.32 -41.92
N THR G 105 -49.83 -41.39 -42.62
CA THR G 105 -49.17 -41.75 -43.87
C THR G 105 -49.25 -40.63 -44.88
N GLU G 106 -50.39 -39.92 -44.90
CA GLU G 106 -50.56 -38.83 -45.85
C GLU G 106 -49.67 -37.65 -45.48
N PHE G 107 -49.48 -37.39 -44.19
CA PHE G 107 -48.47 -36.42 -43.79
C PHE G 107 -47.08 -36.85 -44.24
N ALA G 108 -46.75 -38.14 -44.07
CA ALA G 108 -45.40 -38.61 -44.38
C ALA G 108 -45.10 -38.50 -45.87
N ILE G 109 -46.04 -38.94 -46.72
CA ILE G 109 -45.78 -38.95 -48.16
C ILE G 109 -45.66 -37.52 -48.69
N ASN G 110 -46.58 -36.64 -48.28
CA ASN G 110 -46.47 -35.26 -48.70
C ASN G 110 -45.24 -34.60 -48.11
N PHE G 111 -44.82 -35.03 -46.92
CA PHE G 111 -43.64 -34.47 -46.27
C PHE G 111 -42.40 -34.68 -47.13
N MET G 112 -42.13 -35.92 -47.49
CA MET G 112 -40.93 -36.20 -48.28
C MET G 112 -41.05 -35.67 -49.70
N ALA G 113 -42.25 -35.76 -50.29
CA ALA G 113 -42.43 -35.28 -51.67
C ALA G 113 -42.16 -33.78 -51.77
N ILE G 114 -42.83 -32.99 -50.94
CA ILE G 114 -42.67 -31.54 -51.00
C ILE G 114 -41.23 -31.13 -50.65
N ASN G 115 -40.67 -31.71 -49.57
CA ASN G 115 -39.22 -31.78 -49.32
C ASN G 115 -38.34 -31.83 -50.56
N SER G 116 -38.52 -32.91 -51.33
CA SER G 116 -37.60 -33.25 -52.40
C SER G 116 -37.60 -32.21 -53.50
N LEU G 117 -38.59 -31.32 -53.52
CA LEU G 117 -38.59 -30.16 -54.42
C LEU G 117 -37.94 -28.93 -53.82
N GLY G 118 -37.39 -29.01 -52.61
CA GLY G 118 -36.91 -27.81 -51.92
C GLY G 118 -38.01 -26.93 -51.35
N ALA G 119 -39.23 -27.42 -51.30
CA ALA G 119 -40.37 -26.66 -50.79
C ALA G 119 -40.66 -27.09 -49.35
N ILE G 120 -41.48 -26.30 -48.68
CA ILE G 120 -41.70 -26.46 -47.24
C ILE G 120 -43.11 -26.98 -46.95
N PRO G 121 -43.25 -28.27 -46.61
CA PRO G 121 -44.56 -28.77 -46.17
C PRO G 121 -44.93 -28.18 -44.80
N SER G 122 -46.11 -27.59 -44.73
CA SER G 122 -46.62 -26.99 -43.49
C SER G 122 -47.82 -27.80 -42.97
N PHE G 123 -47.58 -28.63 -41.94
CA PHE G 123 -48.65 -29.44 -41.35
C PHE G 123 -49.62 -28.60 -40.50
N ALA G 124 -50.92 -28.80 -40.71
CA ALA G 124 -51.97 -28.21 -39.87
C ALA G 124 -52.93 -29.28 -39.39
N ASN G 125 -53.29 -29.22 -38.10
CA ASN G 125 -54.12 -30.22 -37.45
C ASN G 125 -55.56 -30.13 -37.96
N ALA G 126 -56.14 -31.27 -38.31
CA ALA G 126 -57.42 -31.26 -39.02
C ALA G 126 -58.61 -30.95 -38.11
N LYS G 127 -58.44 -31.06 -36.78
CA LYS G 127 -59.52 -30.68 -35.89
C LYS G 127 -59.62 -29.17 -35.69
N LEU G 128 -58.58 -28.41 -36.05
CA LEU G 128 -58.66 -26.96 -36.03
C LEU G 128 -59.88 -26.52 -36.82
N ARG G 129 -60.59 -25.55 -36.29
CA ARG G 129 -61.83 -25.20 -36.95
C ARG G 129 -61.53 -24.31 -38.15
N PRO G 130 -62.40 -24.31 -39.15
CA PRO G 130 -61.99 -23.87 -40.49
C PRO G 130 -61.50 -22.42 -40.56
N GLU G 131 -62.17 -21.50 -39.87
CA GLU G 131 -61.80 -20.10 -40.00
C GLU G 131 -60.37 -19.85 -39.52
N ILE G 132 -59.88 -20.61 -38.54
CA ILE G 132 -58.51 -20.38 -38.06
C ILE G 132 -57.49 -21.32 -38.69
N ALA G 133 -57.89 -22.49 -39.18
CA ALA G 133 -57.00 -23.21 -40.09
C ALA G 133 -56.75 -22.40 -41.34
N ARG G 134 -57.76 -21.66 -41.81
CA ARG G 134 -57.61 -20.79 -42.97
C ARG G 134 -56.64 -19.66 -42.68
N GLU G 135 -56.75 -19.03 -41.51
CA GLU G 135 -55.85 -17.93 -41.20
C GLU G 135 -54.43 -18.43 -40.93
N TYR G 136 -54.30 -19.61 -40.30
CA TYR G 136 -52.98 -20.17 -40.05
C TYR G 136 -52.20 -20.35 -41.37
N ILE G 137 -52.84 -20.90 -42.41
CA ILE G 137 -52.17 -21.12 -43.69
C ILE G 137 -51.94 -19.79 -44.42
N ARG G 138 -52.90 -18.87 -44.37
CA ARG G 138 -52.74 -17.62 -45.10
C ARG G 138 -51.56 -16.79 -44.58
N ARG G 139 -51.30 -16.85 -43.27
CA ARG G 139 -50.24 -15.99 -42.71
C ARG G 139 -48.86 -16.44 -43.17
N GLN G 140 -48.73 -17.74 -43.46
CA GLN G 140 -47.50 -18.34 -43.91
C GLN G 140 -47.16 -17.98 -45.34
N GLY G 141 -48.15 -17.52 -46.11
CA GLY G 141 -47.90 -17.26 -47.53
C GLY G 141 -47.77 -18.53 -48.32
N ALA G 142 -48.56 -19.55 -47.98
CA ALA G 142 -48.51 -20.82 -48.69
C ALA G 142 -48.96 -20.67 -50.13
N SER G 143 -48.35 -21.46 -51.03
CA SER G 143 -48.74 -21.48 -52.43
C SER G 143 -50.00 -22.30 -52.68
N GLY G 144 -50.38 -23.12 -51.72
CA GLY G 144 -51.44 -24.08 -51.94
C GLY G 144 -51.41 -25.15 -50.88
N ALA G 145 -52.46 -25.95 -50.87
CA ALA G 145 -52.60 -26.92 -49.81
C ALA G 145 -53.14 -28.22 -50.37
N VAL G 146 -52.82 -29.31 -49.69
CA VAL G 146 -53.42 -30.61 -49.94
C VAL G 146 -54.20 -31.01 -48.70
N THR G 147 -55.33 -31.65 -48.91
CA THR G 147 -56.18 -32.05 -47.81
C THR G 147 -56.61 -33.50 -48.00
N ASP G 148 -57.09 -34.07 -46.89
CA ASP G 148 -57.96 -35.23 -46.98
C ASP G 148 -59.39 -34.77 -47.28
N THR G 149 -60.26 -35.73 -47.54
CA THR G 149 -61.59 -35.43 -48.08
C THR G 149 -62.39 -34.46 -47.20
N GLU G 150 -62.42 -34.70 -45.89
CA GLU G 150 -63.30 -33.93 -45.01
C GLU G 150 -62.83 -32.50 -44.85
N ARG G 151 -61.56 -32.22 -45.12
CA ARG G 151 -61.02 -30.89 -44.92
C ARG G 151 -60.86 -30.11 -46.22
N HIS G 152 -61.21 -30.72 -47.36
CA HIS G 152 -61.12 -29.98 -48.62
C HIS G 152 -61.95 -28.71 -48.56
N GLU G 153 -63.18 -28.80 -48.04
CA GLU G 153 -63.97 -27.57 -47.98
C GLU G 153 -63.39 -26.53 -47.03
N VAL G 154 -62.41 -26.91 -46.19
CA VAL G 154 -61.89 -25.92 -45.24
C VAL G 154 -61.08 -24.85 -45.96
N LEU G 155 -60.26 -25.21 -46.95
CA LEU G 155 -59.40 -24.25 -47.62
C LEU G 155 -59.80 -23.97 -49.06
N ALA G 156 -60.76 -24.73 -49.60
CA ALA G 156 -61.17 -24.58 -50.98
C ALA G 156 -62.04 -23.34 -51.14
N GLY G 157 -62.04 -22.79 -52.35
CA GLY G 157 -62.75 -21.57 -52.63
C GLY G 157 -62.14 -20.30 -52.10
N GLY G 158 -60.96 -20.38 -51.48
CA GLY G 158 -60.31 -19.22 -50.91
C GLY G 158 -59.21 -18.70 -51.81
N GLU G 159 -58.27 -17.99 -51.19
CA GLU G 159 -57.22 -17.35 -51.98
C GLU G 159 -56.04 -18.29 -52.29
N LEU G 160 -56.02 -19.52 -51.79
CA LEU G 160 -54.90 -20.40 -52.10
C LEU G 160 -54.89 -20.72 -53.59
N GLY G 161 -53.69 -20.71 -54.17
CA GLY G 161 -53.57 -20.99 -55.58
C GLY G 161 -53.94 -22.40 -55.97
N PHE G 162 -54.07 -23.31 -55.00
CA PHE G 162 -54.64 -24.61 -55.32
C PHE G 162 -54.95 -25.36 -54.03
N VAL G 163 -56.04 -26.13 -54.04
CA VAL G 163 -56.45 -26.96 -52.91
C VAL G 163 -56.74 -28.36 -53.46
N VAL G 164 -55.75 -29.24 -53.41
CA VAL G 164 -55.87 -30.57 -54.00
C VAL G 164 -56.03 -31.62 -52.89
N THR G 165 -56.45 -32.84 -53.28
CA THR G 165 -56.45 -34.02 -52.40
C THR G 165 -55.74 -35.17 -53.09
N ALA G 166 -55.62 -36.31 -52.39
CA ALA G 166 -54.92 -37.46 -52.95
C ALA G 166 -55.53 -37.90 -54.27
N GLU G 167 -56.85 -37.78 -54.43
CA GLU G 167 -57.46 -38.22 -55.68
C GLU G 167 -56.98 -37.41 -56.89
N ASP G 168 -56.44 -36.21 -56.67
CA ASP G 168 -55.94 -35.38 -57.77
C ASP G 168 -54.59 -35.84 -58.30
N ILE G 169 -53.89 -36.71 -57.57
CA ILE G 169 -52.49 -37.07 -57.83
C ILE G 169 -52.47 -38.48 -58.41
N ARG G 170 -51.87 -38.60 -59.59
CA ARG G 170 -52.02 -39.77 -60.45
C ARG G 170 -50.65 -40.25 -60.91
N PRO G 171 -50.51 -41.55 -61.20
CA PRO G 171 -49.18 -42.07 -61.56
C PRO G 171 -48.47 -41.28 -62.66
N GLU G 172 -49.18 -40.70 -63.64
CA GLU G 172 -48.51 -39.96 -64.72
C GLU G 172 -47.69 -38.82 -64.19
N HIS G 173 -48.09 -38.25 -63.06
CA HIS G 173 -47.35 -37.12 -62.52
C HIS G 173 -45.89 -37.45 -62.18
N ARG G 174 -45.53 -38.74 -62.09
CA ARG G 174 -44.13 -39.12 -61.94
C ARG G 174 -43.28 -38.51 -63.06
N ALA G 175 -43.78 -38.53 -64.29
CA ALA G 175 -42.96 -38.07 -65.41
C ALA G 175 -42.65 -36.58 -65.37
N GLN G 176 -43.41 -35.80 -64.60
CA GLN G 176 -43.17 -34.36 -64.48
C GLN G 176 -42.02 -34.03 -63.53
N LEU G 177 -41.33 -35.05 -63.02
CA LEU G 177 -40.19 -34.87 -62.11
C LEU G 177 -39.08 -34.05 -62.78
N PRO G 178 -38.55 -33.04 -62.11
CA PRO G 178 -37.65 -32.09 -62.79
C PRO G 178 -36.21 -32.58 -62.88
N GLN G 179 -35.42 -31.83 -63.62
CA GLN G 179 -34.04 -32.22 -63.85
C GLN G 179 -33.21 -31.85 -62.65
N GLY G 180 -32.46 -32.83 -62.11
CA GLY G 180 -31.64 -32.64 -60.93
C GLY G 180 -32.29 -33.09 -59.64
N TRP G 181 -33.55 -33.51 -59.69
CA TRP G 181 -34.25 -34.07 -58.55
C TRP G 181 -33.43 -35.20 -57.92
N PRO G 182 -33.38 -35.30 -56.59
CA PRO G 182 -34.10 -34.51 -55.59
C PRO G 182 -33.35 -33.27 -55.17
N TYR G 183 -33.95 -32.44 -54.34
CA TYR G 183 -33.33 -31.17 -54.03
C TYR G 183 -32.12 -31.36 -53.11
N ARG G 184 -31.19 -30.42 -53.19
CA ARG G 184 -29.92 -30.51 -52.46
C ARG G 184 -29.98 -29.51 -51.32
N HIS G 185 -30.37 -29.98 -50.13
CA HIS G 185 -30.57 -29.08 -49.01
C HIS G 185 -29.25 -28.67 -48.36
N ASP G 186 -29.11 -27.39 -48.10
CA ASP G 186 -28.16 -26.90 -47.13
C ASP G 186 -28.65 -27.27 -45.72
N PRO G 187 -27.75 -27.35 -44.74
CA PRO G 187 -28.22 -27.68 -43.39
C PRO G 187 -29.31 -26.74 -42.90
N THR G 188 -29.25 -25.46 -43.31
CA THR G 188 -30.10 -24.41 -42.78
C THR G 188 -31.38 -24.18 -43.57
N ASP G 189 -31.66 -24.98 -44.64
CA ASP G 189 -32.88 -24.78 -45.43
C ASP G 189 -34.07 -25.39 -44.69
N PRO G 190 -35.21 -24.71 -44.66
CA PRO G 190 -36.41 -25.29 -44.03
C PRO G 190 -36.92 -26.52 -44.77
N ILE G 191 -37.37 -27.51 -43.99
CA ILE G 191 -37.93 -28.72 -44.55
C ILE G 191 -39.32 -29.04 -43.97
N ILE G 192 -39.75 -28.32 -42.94
CA ILE G 192 -41.11 -28.51 -42.40
C ILE G 192 -41.52 -27.27 -41.62
N ILE G 193 -42.82 -27.01 -41.58
CA ILE G 193 -43.47 -26.16 -40.59
C ILE G 193 -44.58 -26.97 -39.95
N SER G 194 -44.63 -26.98 -38.61
CA SER G 194 -45.67 -27.62 -37.84
C SER G 194 -46.06 -26.63 -36.73
N HIS G 195 -47.12 -26.96 -35.99
CA HIS G 195 -47.49 -26.19 -34.82
C HIS G 195 -47.79 -27.14 -33.68
N SER G 196 -47.86 -26.59 -32.46
CA SER G 196 -48.30 -27.33 -31.28
C SER G 196 -49.79 -27.07 -31.04
N SER G 197 -50.45 -28.00 -30.35
CA SER G 197 -51.86 -27.78 -30.02
C SER G 197 -52.02 -27.47 -28.53
N GLY G 198 -53.28 -27.30 -28.12
CA GLY G 198 -53.65 -27.21 -26.72
C GLY G 198 -53.55 -25.85 -26.08
N THR G 199 -53.30 -24.80 -26.86
CA THR G 199 -53.03 -23.50 -26.28
C THR G 199 -53.87 -22.43 -26.97
N THR G 200 -53.82 -21.23 -26.39
CA THR G 200 -54.63 -20.10 -26.83
C THR G 200 -53.82 -19.21 -27.77
N GLY G 201 -54.53 -18.43 -28.56
CA GLY G 201 -53.94 -17.61 -29.59
C GLY G 201 -53.69 -18.40 -30.86
N MET G 202 -53.52 -17.66 -31.95
CA MET G 202 -53.13 -18.26 -33.21
C MET G 202 -51.96 -19.21 -32.97
N PRO G 203 -52.06 -20.48 -33.38
CA PRO G 203 -50.93 -21.39 -33.20
C PRO G 203 -49.67 -20.83 -33.84
N LYS G 204 -48.58 -20.80 -33.06
CA LYS G 204 -47.26 -20.45 -33.57
C LYS G 204 -46.79 -21.51 -34.57
N ALA G 205 -46.40 -21.04 -35.76
CA ALA G 205 -45.89 -21.91 -36.82
C ALA G 205 -44.38 -22.11 -36.65
N VAL G 206 -43.95 -23.36 -36.52
CA VAL G 206 -42.59 -23.67 -36.11
C VAL G 206 -41.85 -24.31 -37.29
N PRO G 207 -40.90 -23.61 -37.90
CA PRO G 207 -40.10 -24.24 -38.96
C PRO G 207 -38.93 -25.02 -38.37
N HIS G 208 -38.62 -26.14 -39.01
CA HIS G 208 -37.39 -26.87 -38.76
C HIS G 208 -36.63 -27.03 -40.06
N THR G 209 -35.31 -27.11 -39.94
CA THR G 209 -34.44 -27.16 -41.11
C THR G 209 -33.94 -28.57 -41.34
N HIS G 210 -33.23 -28.73 -42.46
CA HIS G 210 -32.59 -29.98 -42.82
C HIS G 210 -31.74 -30.58 -41.70
N GLN G 211 -31.14 -29.72 -40.88
CA GLN G 211 -30.18 -30.09 -39.86
C GLN G 211 -30.75 -30.12 -38.44
N THR G 212 -31.82 -29.37 -38.14
CA THR G 212 -32.38 -29.37 -36.79
C THR G 212 -33.32 -30.54 -36.53
N LEU G 213 -34.19 -30.88 -37.49
CA LEU G 213 -35.23 -31.85 -37.19
C LEU G 213 -34.67 -33.22 -36.85
N LEU G 214 -33.52 -33.58 -37.43
CA LEU G 214 -32.94 -34.90 -37.25
C LEU G 214 -31.65 -34.88 -36.43
N TYR G 215 -31.28 -33.72 -35.86
CA TYR G 215 -30.00 -33.59 -35.18
C TYR G 215 -29.90 -34.56 -33.99
N ALA G 216 -30.89 -34.56 -33.10
CA ALA G 216 -30.87 -35.47 -31.95
C ALA G 216 -30.71 -36.92 -32.37
N GLN G 217 -31.43 -37.34 -33.41
CA GLN G 217 -31.41 -38.74 -33.80
C GLN G 217 -30.06 -39.19 -34.30
N LEU G 218 -29.42 -38.37 -35.15
CA LEU G 218 -28.11 -38.69 -35.66
C LEU G 218 -27.04 -38.68 -34.56
N HIS G 219 -27.26 -37.93 -33.48
CA HIS G 219 -26.30 -37.91 -32.38
C HIS G 219 -26.27 -39.25 -31.65
N ARG G 220 -27.43 -39.89 -31.47
CA ARG G 220 -27.47 -41.28 -31.02
C ARG G 220 -26.64 -42.19 -31.93
N LEU G 221 -26.86 -42.12 -33.24
CA LEU G 221 -26.18 -43.01 -34.17
C LEU G 221 -24.71 -42.68 -34.38
N LYS G 222 -24.21 -41.53 -33.92
CA LYS G 222 -22.79 -41.26 -34.03
C LYS G 222 -22.01 -41.84 -32.87
N LEU G 223 -22.67 -42.10 -31.75
CA LEU G 223 -22.10 -42.85 -30.63
C LEU G 223 -22.69 -44.27 -30.58
N SER G 224 -23.96 -44.42 -30.18
CA SER G 224 -24.65 -45.72 -30.27
C SER G 224 -26.11 -45.60 -29.84
N VAL G 225 -27.01 -46.20 -30.62
CA VAL G 225 -28.44 -46.19 -30.31
C VAL G 225 -28.78 -47.28 -29.28
N GLY G 226 -28.41 -48.51 -29.57
CA GLY G 226 -28.99 -49.68 -28.95
C GLY G 226 -30.01 -50.34 -29.87
N GLY G 227 -30.37 -51.57 -29.51
CA GLY G 227 -31.39 -52.27 -30.27
C GLY G 227 -32.80 -51.80 -29.98
N SER G 228 -33.02 -51.19 -28.81
CA SER G 228 -34.33 -50.75 -28.32
C SER G 228 -35.25 -50.21 -29.42
N MET G 229 -34.68 -49.68 -30.50
CA MET G 229 -35.47 -49.27 -31.65
C MET G 229 -35.72 -50.49 -32.53
N GLY G 230 -36.63 -51.34 -32.06
CA GLY G 230 -37.01 -52.53 -32.78
C GLY G 230 -38.04 -52.23 -33.85
N ARG G 231 -39.32 -52.44 -33.55
CA ARG G 231 -40.41 -52.08 -34.44
C ARG G 231 -41.14 -50.89 -33.83
N LEU G 232 -41.13 -49.76 -34.54
CA LEU G 232 -41.61 -48.49 -34.00
C LEU G 232 -43.09 -48.28 -34.33
N LEU G 233 -43.92 -48.13 -33.30
CA LEU G 233 -45.31 -47.72 -33.48
C LEU G 233 -45.39 -46.21 -33.21
N VAL G 234 -45.55 -45.43 -34.28
CA VAL G 234 -45.70 -43.98 -34.18
C VAL G 234 -47.19 -43.71 -33.99
N ALA G 235 -47.58 -43.39 -32.75
CA ALA G 235 -48.93 -42.97 -32.41
C ALA G 235 -48.97 -41.53 -31.92
N LEU G 236 -48.06 -40.69 -32.43
CA LEU G 236 -48.16 -39.26 -32.23
C LEU G 236 -49.09 -38.64 -33.27
N PRO G 237 -49.63 -37.46 -32.99
CA PRO G 237 -50.38 -36.75 -34.02
C PRO G 237 -49.52 -36.51 -35.24
N GLY G 238 -50.04 -36.93 -36.41
CA GLY G 238 -49.28 -36.82 -37.66
C GLY G 238 -48.83 -35.42 -37.99
N ASN G 239 -49.58 -34.41 -37.55
CA ASN G 239 -49.23 -33.02 -37.82
C ASN G 239 -48.09 -32.53 -36.93
N HIS G 240 -47.62 -33.36 -36.02
CA HIS G 240 -46.54 -32.98 -35.12
C HIS G 240 -45.20 -33.33 -35.75
N ASN G 241 -44.25 -32.39 -35.65
CA ASN G 241 -42.96 -32.64 -36.28
C ASN G 241 -42.29 -33.85 -35.66
N ALA G 242 -42.64 -34.18 -34.41
CA ALA G 242 -42.10 -35.35 -33.75
C ALA G 242 -42.41 -36.62 -34.52
N ALA G 243 -43.62 -36.72 -35.07
CA ALA G 243 -44.06 -37.94 -35.72
C ALA G 243 -43.34 -38.17 -37.05
N MET G 244 -42.99 -37.10 -37.77
CA MET G 244 -42.09 -37.25 -38.92
C MET G 244 -40.68 -37.58 -38.44
N SER G 245 -40.18 -36.81 -37.46
CA SER G 245 -38.85 -37.02 -36.91
C SER G 245 -38.58 -38.48 -36.57
N VAL G 246 -39.56 -39.15 -35.97
CA VAL G 246 -39.36 -40.52 -35.53
C VAL G 246 -39.54 -41.48 -36.68
N MET G 247 -40.46 -41.16 -37.60
CA MET G 247 -40.64 -42.01 -38.78
C MET G 247 -39.35 -42.09 -39.58
N MET G 248 -38.65 -40.97 -39.74
CA MET G 248 -37.43 -40.97 -40.54
C MET G 248 -36.29 -41.67 -39.82
N PHE G 249 -36.22 -41.55 -38.48
CA PHE G 249 -35.26 -42.33 -37.70
C PHE G 249 -35.44 -43.83 -37.91
N GLY G 250 -36.68 -44.31 -37.82
CA GLY G 250 -36.94 -45.72 -38.09
C GLY G 250 -36.55 -46.14 -39.51
N LEU G 251 -36.92 -45.33 -40.51
CA LEU G 251 -36.47 -45.61 -41.87
C LEU G 251 -34.95 -45.72 -41.91
N LEU G 252 -34.28 -44.71 -41.38
CA LEU G 252 -32.83 -44.65 -41.40
C LEU G 252 -32.20 -45.83 -40.69
N LEU G 253 -32.85 -46.34 -39.64
CA LEU G 253 -32.35 -47.47 -38.88
C LEU G 253 -32.73 -48.82 -39.48
N ASP G 254 -33.36 -48.82 -40.65
CA ASP G 254 -33.99 -50.01 -41.19
C ASP G 254 -34.71 -50.83 -40.12
N SER G 255 -35.76 -50.26 -39.54
CA SER G 255 -36.61 -51.00 -38.61
C SER G 255 -38.06 -50.57 -38.78
N PRO G 256 -39.00 -51.52 -38.73
CA PRO G 256 -40.38 -51.27 -39.21
C PRO G 256 -41.08 -50.15 -38.46
N VAL G 257 -41.67 -49.21 -39.21
CA VAL G 257 -42.43 -48.11 -38.66
C VAL G 257 -43.90 -48.32 -39.00
N TYR G 258 -44.77 -48.05 -38.04
CA TYR G 258 -46.23 -48.11 -38.24
C TYR G 258 -46.82 -46.74 -37.94
N LEU G 259 -47.50 -46.16 -38.93
CA LEU G 259 -48.03 -44.80 -38.86
C LEU G 259 -49.49 -44.84 -38.43
N GLN G 260 -49.70 -44.83 -37.12
CA GLN G 260 -51.03 -44.90 -36.52
C GLN G 260 -51.58 -43.49 -36.37
N SER G 261 -52.74 -43.24 -36.99
CA SER G 261 -53.29 -41.90 -37.10
C SER G 261 -54.22 -41.55 -35.95
N SER G 262 -54.99 -42.50 -35.44
CA SER G 262 -55.85 -42.21 -34.29
C SER G 262 -55.07 -42.30 -32.99
N GLN G 263 -55.22 -41.29 -32.13
CA GLN G 263 -54.52 -41.27 -30.85
C GLN G 263 -55.33 -41.89 -29.72
N ARG G 264 -56.60 -42.22 -29.98
CA ARG G 264 -57.45 -42.78 -28.94
C ARG G 264 -56.92 -44.14 -28.50
N GLY G 265 -56.78 -44.32 -27.19
CA GLY G 265 -56.28 -45.55 -26.61
C GLY G 265 -56.78 -46.82 -27.26
N SER G 266 -58.09 -46.98 -27.36
CA SER G 266 -58.65 -48.20 -27.93
C SER G 266 -58.02 -48.53 -29.27
N ASP G 267 -57.89 -47.52 -30.14
CA ASP G 267 -57.32 -47.73 -31.46
C ASP G 267 -55.83 -48.08 -31.37
N VAL G 268 -55.10 -47.41 -30.47
CA VAL G 268 -53.66 -47.68 -30.39
C VAL G 268 -53.41 -49.09 -29.89
N LEU G 269 -54.28 -49.61 -29.03
CA LEU G 269 -54.15 -50.98 -28.55
C LEU G 269 -54.34 -52.00 -29.68
N ASP G 270 -55.34 -51.77 -30.56
CA ASP G 270 -55.47 -52.65 -31.72
C ASP G 270 -54.18 -52.66 -32.54
N ALA G 271 -53.54 -51.50 -32.68
CA ALA G 271 -52.28 -51.44 -33.41
C ALA G 271 -51.14 -52.10 -32.63
N ILE G 272 -51.13 -52.00 -31.30
CA ILE G 272 -50.19 -52.79 -30.53
C ILE G 272 -50.44 -54.28 -30.77
N GLU G 273 -51.71 -54.69 -30.78
CA GLU G 273 -52.06 -56.09 -31.04
C GLU G 273 -51.70 -56.47 -32.47
N LYS G 274 -52.13 -55.68 -33.46
CA LYS G 274 -51.86 -56.03 -34.86
C LYS G 274 -50.35 -56.08 -35.16
N PHE G 275 -49.63 -54.99 -34.86
CA PHE G 275 -48.30 -54.74 -35.39
C PHE G 275 -47.15 -55.23 -34.49
N LYS G 276 -47.43 -55.52 -33.20
CA LYS G 276 -46.41 -56.08 -32.29
C LYS G 276 -45.17 -55.19 -32.24
N PRO G 277 -45.23 -53.99 -31.68
CA PRO G 277 -44.06 -53.11 -31.64
C PRO G 277 -43.20 -53.34 -30.40
N THR G 278 -41.92 -52.99 -30.52
CA THR G 278 -41.07 -52.97 -29.34
C THR G 278 -41.05 -51.60 -28.67
N THR G 279 -40.98 -50.51 -29.43
CA THR G 279 -41.07 -49.16 -28.89
C THR G 279 -42.37 -48.50 -29.36
N VAL G 280 -42.99 -47.73 -28.46
CA VAL G 280 -44.21 -46.97 -28.75
C VAL G 280 -43.92 -45.49 -28.56
N PHE G 281 -44.37 -44.67 -29.50
CA PHE G 281 -44.27 -43.22 -29.37
C PHE G 281 -45.67 -42.62 -29.26
N GLY G 282 -45.84 -41.65 -28.37
CA GLY G 282 -47.16 -41.09 -28.15
C GLY G 282 -47.15 -39.90 -27.22
N PHE G 283 -48.36 -39.47 -26.86
CA PHE G 283 -48.63 -38.31 -26.01
C PHE G 283 -49.35 -38.76 -24.74
N SER G 284 -49.33 -37.88 -23.73
CA SER G 284 -49.85 -38.26 -22.41
C SER G 284 -51.30 -38.71 -22.49
N GLY G 285 -52.13 -37.97 -23.22
CA GLY G 285 -53.53 -38.32 -23.34
C GLY G 285 -53.77 -39.71 -23.90
N THR G 286 -52.86 -40.20 -24.74
CA THR G 286 -53.01 -41.55 -25.25
C THR G 286 -52.59 -42.58 -24.21
N TYR G 287 -51.41 -42.38 -23.60
CA TYR G 287 -50.95 -43.28 -22.56
C TYR G 287 -51.93 -43.35 -21.41
N GLY G 288 -52.55 -42.21 -21.07
CA GLY G 288 -53.63 -42.22 -20.09
C GLY G 288 -54.78 -43.11 -20.52
N GLN G 289 -55.22 -42.97 -21.78
CA GLN G 289 -56.34 -43.78 -22.23
C GLN G 289 -56.03 -45.28 -22.14
N ILE G 290 -54.77 -45.65 -22.36
CA ILE G 290 -54.41 -47.06 -22.30
C ILE G 290 -54.38 -47.55 -20.86
N ALA G 291 -53.79 -46.76 -19.96
CA ALA G 291 -53.57 -47.20 -18.59
C ALA G 291 -54.84 -47.29 -17.75
N THR G 292 -55.99 -46.81 -18.24
CA THR G 292 -57.24 -46.87 -17.50
C THR G 292 -58.28 -47.78 -18.15
N SER G 293 -57.90 -48.57 -19.14
CA SER G 293 -58.83 -49.51 -19.76
C SER G 293 -58.46 -50.94 -19.39
N ASP G 294 -59.42 -51.84 -19.55
CA ASP G 294 -59.19 -53.24 -19.20
C ASP G 294 -58.08 -53.82 -20.04
N LEU G 295 -57.33 -54.73 -19.43
CA LEU G 295 -56.05 -55.13 -19.98
C LEU G 295 -55.79 -56.62 -19.89
N SER G 296 -56.63 -57.41 -19.21
CA SER G 296 -56.59 -58.85 -19.38
C SER G 296 -56.66 -59.22 -20.86
N THR G 297 -57.56 -58.55 -21.59
CA THR G 297 -57.91 -58.89 -22.96
C THR G 297 -56.83 -58.52 -24.00
N ARG G 298 -55.84 -57.70 -23.63
CA ARG G 298 -54.91 -57.09 -24.58
C ARG G 298 -53.52 -57.72 -24.47
N ASP G 299 -52.98 -58.14 -25.62
CA ASP G 299 -51.64 -58.73 -25.74
C ASP G 299 -50.63 -57.62 -25.96
N MET G 300 -50.00 -57.18 -24.87
CA MET G 300 -48.93 -56.18 -24.93
C MET G 300 -47.55 -56.81 -24.84
N SER G 301 -47.43 -58.11 -25.14
CA SER G 301 -46.21 -58.86 -24.84
C SER G 301 -44.98 -58.27 -25.51
N SER G 302 -45.15 -57.64 -26.66
CA SER G 302 -43.99 -57.31 -27.50
C SER G 302 -43.30 -56.01 -27.10
N ILE G 303 -43.83 -55.27 -26.12
CA ILE G 303 -43.44 -53.90 -25.86
C ILE G 303 -42.25 -53.87 -24.91
N GLU G 304 -41.22 -53.10 -25.28
CA GLU G 304 -40.05 -52.90 -24.42
C GLU G 304 -39.86 -51.47 -23.93
N ALA G 305 -40.54 -50.49 -24.52
CA ALA G 305 -40.31 -49.08 -24.22
C ALA G 305 -41.53 -48.27 -24.61
N TYR G 306 -41.79 -47.20 -23.86
CA TYR G 306 -42.69 -46.17 -24.32
C TYR G 306 -41.98 -44.83 -24.24
N TYR G 307 -42.13 -44.02 -25.28
CA TYR G 307 -41.66 -42.64 -25.28
C TYR G 307 -42.87 -41.72 -25.27
N ASN G 308 -42.83 -40.70 -24.42
CA ASN G 308 -43.87 -39.71 -24.31
C ASN G 308 -43.26 -38.37 -24.72
N THR G 309 -43.92 -37.66 -25.62
CA THR G 309 -43.42 -36.36 -26.06
C THR G 309 -44.35 -35.26 -25.54
N GLY G 310 -43.77 -34.06 -25.41
CA GLY G 310 -44.52 -32.96 -24.82
C GLY G 310 -44.72 -33.16 -23.33
N ASP G 311 -45.96 -33.00 -22.89
CA ASP G 311 -46.27 -33.04 -21.47
C ASP G 311 -45.88 -34.38 -20.87
N ALA G 312 -45.28 -34.34 -19.67
CA ALA G 312 -44.98 -35.54 -18.93
C ALA G 312 -46.27 -36.26 -18.55
N ALA G 313 -46.14 -37.56 -18.29
CA ALA G 313 -47.28 -38.43 -18.09
C ALA G 313 -47.57 -38.59 -16.60
N HIS G 314 -48.80 -38.98 -16.30
CA HIS G 314 -49.18 -39.23 -14.92
C HIS G 314 -48.45 -40.47 -14.39
N GLU G 315 -47.99 -40.37 -13.14
CA GLU G 315 -47.32 -41.49 -12.47
C GLU G 315 -48.19 -42.74 -12.46
N ALA G 316 -49.41 -42.62 -11.91
CA ALA G 316 -50.32 -43.76 -11.80
C ALA G 316 -50.43 -44.52 -13.11
N HIS G 317 -50.45 -43.80 -14.24
CA HIS G 317 -50.54 -44.44 -15.55
C HIS G 317 -49.23 -45.14 -15.92
N ILE G 318 -48.10 -44.46 -15.70
CA ILE G 318 -46.79 -45.05 -15.99
C ILE G 318 -46.63 -46.39 -15.27
N ARG G 319 -47.17 -46.49 -14.06
CA ARG G 319 -47.08 -47.75 -13.31
C ARG G 319 -47.83 -48.88 -14.02
N VAL G 320 -49.01 -48.60 -14.56
CA VAL G 320 -49.72 -49.60 -15.31
C VAL G 320 -48.90 -50.06 -16.52
N LEU G 321 -48.29 -49.11 -17.24
CA LEU G 321 -47.72 -49.42 -18.53
C LEU G 321 -46.38 -50.14 -18.41
N VAL G 322 -45.50 -49.67 -17.52
CA VAL G 322 -44.18 -50.31 -17.35
C VAL G 322 -44.33 -51.71 -16.78
N ALA G 323 -45.57 -52.10 -16.44
CA ALA G 323 -45.86 -53.46 -16.02
C ALA G 323 -46.03 -54.42 -17.18
N GLN G 324 -46.36 -53.93 -18.37
CA GLN G 324 -46.49 -54.77 -19.53
C GLN G 324 -45.12 -55.12 -20.10
N GLY G 325 -45.11 -56.08 -21.01
CA GLY G 325 -43.92 -56.40 -21.77
C GLY G 325 -42.71 -56.80 -20.93
N SER G 326 -41.56 -56.83 -21.62
CA SER G 326 -40.27 -57.17 -21.03
C SER G 326 -39.20 -56.29 -21.67
N HIS G 327 -38.01 -56.26 -21.06
CA HIS G 327 -36.90 -55.49 -21.59
C HIS G 327 -35.58 -56.13 -21.18
N GLU G 328 -34.50 -55.63 -21.76
CA GLU G 328 -33.15 -56.16 -21.52
C GLU G 328 -32.39 -55.27 -20.56
N GLU G 329 -31.56 -55.90 -19.72
CA GLU G 329 -30.60 -55.21 -18.87
C GLU G 329 -29.28 -55.96 -18.91
N ILE G 330 -28.23 -55.32 -18.41
CA ILE G 330 -26.91 -55.94 -18.40
C ILE G 330 -26.77 -56.75 -17.12
N GLY G 331 -26.43 -58.02 -17.27
CA GLY G 331 -26.34 -58.95 -16.17
C GLY G 331 -24.97 -58.99 -15.56
N PRO G 332 -24.78 -59.87 -14.56
CA PRO G 332 -23.50 -59.92 -13.85
C PRO G 332 -22.33 -60.37 -14.71
N ASP G 333 -22.60 -60.98 -15.87
CA ASP G 333 -21.60 -61.47 -16.79
C ASP G 333 -21.29 -60.49 -17.92
N PHE G 334 -22.00 -59.36 -17.97
CA PHE G 334 -21.82 -58.27 -18.94
C PHE G 334 -22.45 -58.60 -20.29
N LYS G 335 -23.20 -59.68 -20.37
CA LYS G 335 -24.13 -60.02 -21.42
C LYS G 335 -25.52 -59.59 -20.99
N PRO G 336 -26.45 -59.43 -21.90
CA PRO G 336 -27.79 -58.96 -21.51
C PRO G 336 -28.65 -60.10 -20.99
N VAL G 337 -29.54 -59.75 -20.06
CA VAL G 337 -30.52 -60.69 -19.54
C VAL G 337 -31.89 -60.04 -19.63
N ARG G 338 -32.85 -60.76 -20.24
CA ARG G 338 -34.20 -60.24 -20.36
C ARG G 338 -34.87 -60.31 -19.00
N VAL G 339 -35.52 -59.21 -18.61
CA VAL G 339 -36.24 -59.12 -17.34
C VAL G 339 -37.63 -58.57 -17.65
N PRO G 340 -38.65 -58.83 -16.83
CA PRO G 340 -40.00 -58.35 -17.16
C PRO G 340 -40.15 -56.85 -16.98
N GLY G 341 -41.22 -56.32 -17.56
CA GLY G 341 -41.52 -54.91 -17.51
C GLY G 341 -40.90 -54.12 -18.66
N SER G 342 -41.32 -52.87 -18.78
CA SER G 342 -40.85 -52.00 -19.86
C SER G 342 -40.37 -50.67 -19.28
N VAL G 343 -39.62 -49.94 -20.11
CA VAL G 343 -39.04 -48.66 -19.73
C VAL G 343 -39.89 -47.55 -20.35
N PHE G 344 -40.54 -46.77 -19.52
CA PHE G 344 -41.30 -45.62 -19.99
C PHE G 344 -40.41 -44.38 -19.86
N THR G 345 -40.20 -43.67 -20.96
CA THR G 345 -39.37 -42.48 -20.93
C THR G 345 -40.20 -41.24 -21.17
N ASP G 346 -40.12 -40.29 -20.25
CA ASP G 346 -40.83 -39.03 -20.36
C ASP G 346 -39.90 -38.02 -21.03
N GLY G 347 -40.03 -37.88 -22.35
CA GLY G 347 -39.37 -36.80 -23.06
C GLY G 347 -40.14 -35.50 -22.86
N LEU G 348 -39.39 -34.40 -22.77
CA LEU G 348 -39.98 -33.13 -22.38
C LEU G 348 -39.62 -32.09 -23.42
N GLY G 349 -40.16 -32.28 -24.63
CA GLY G 349 -39.89 -31.40 -25.74
C GLY G 349 -41.06 -30.49 -26.09
N SER G 350 -40.92 -29.86 -27.23
CA SER G 350 -41.95 -29.04 -27.82
C SER G 350 -41.81 -29.12 -29.33
N SER G 351 -42.67 -28.40 -30.03
CA SER G 351 -42.43 -28.25 -31.45
C SER G 351 -41.11 -27.51 -31.69
N GLU G 352 -40.81 -26.52 -30.85
CA GLU G 352 -39.62 -25.69 -31.04
C GLU G 352 -38.32 -26.50 -30.99
N THR G 353 -38.20 -27.41 -30.02
CA THR G 353 -36.93 -28.09 -29.77
C THR G 353 -36.89 -29.46 -30.44
N GLY G 354 -35.81 -30.17 -30.21
CA GLY G 354 -35.84 -31.60 -30.44
C GLY G 354 -36.97 -32.23 -29.65
N TYR G 355 -37.47 -33.38 -30.12
CA TYR G 355 -38.65 -33.95 -29.43
C TYR G 355 -38.31 -34.38 -28.00
N SER G 356 -37.03 -34.53 -27.66
CA SER G 356 -36.63 -34.80 -26.27
C SER G 356 -35.40 -33.97 -25.91
N ILE G 357 -35.57 -33.04 -24.97
CA ILE G 357 -34.44 -32.32 -24.37
C ILE G 357 -34.03 -32.94 -23.04
N PHE G 358 -35.01 -33.32 -22.22
CA PHE G 358 -34.77 -34.11 -21.01
C PHE G 358 -35.32 -35.52 -21.19
N HIS G 359 -34.56 -36.51 -20.74
CA HIS G 359 -35.09 -37.85 -20.52
C HIS G 359 -35.53 -37.99 -19.07
N ASN G 360 -36.62 -38.73 -18.87
CA ASN G 360 -37.01 -39.17 -17.53
C ASN G 360 -37.42 -40.64 -17.66
N GLY G 361 -36.52 -41.54 -17.27
CA GLY G 361 -36.79 -42.96 -17.44
C GLY G 361 -37.49 -43.59 -16.25
N HIS G 362 -38.69 -44.09 -16.49
CA HIS G 362 -39.41 -44.90 -15.51
C HIS G 362 -39.32 -46.36 -15.93
N LYS G 363 -39.00 -47.23 -15.00
CA LYS G 363 -38.95 -48.67 -15.23
C LYS G 363 -39.73 -49.32 -14.10
N PRO G 364 -40.06 -50.60 -14.22
CA PRO G 364 -40.83 -51.26 -13.16
C PRO G 364 -40.08 -51.21 -11.84
N GLY G 365 -40.80 -50.85 -10.78
CA GLY G 365 -40.25 -50.68 -9.46
C GLY G 365 -39.74 -49.28 -9.15
N SER G 366 -39.22 -48.58 -10.17
CA SER G 366 -38.48 -47.31 -10.02
C SER G 366 -39.19 -46.29 -9.14
N ALA G 367 -38.41 -45.35 -8.60
CA ALA G 367 -38.91 -44.41 -7.61
C ALA G 367 -39.62 -43.23 -8.27
N SER G 368 -40.52 -42.62 -7.51
CA SER G 368 -41.14 -41.37 -7.90
C SER G 368 -40.07 -40.35 -8.27
N PHE G 369 -40.24 -39.71 -9.43
CA PHE G 369 -39.38 -38.63 -9.81
C PHE G 369 -39.70 -37.33 -9.06
N GLY G 370 -40.82 -37.25 -8.36
CA GLY G 370 -41.24 -35.98 -7.79
C GLY G 370 -41.42 -34.94 -8.89
N ARG G 371 -40.83 -33.76 -8.68
CA ARG G 371 -40.81 -32.72 -9.70
C ARG G 371 -39.50 -32.71 -10.48
N CYS G 372 -38.68 -33.75 -10.36
CA CYS G 372 -37.36 -33.74 -10.97
C CYS G 372 -37.43 -34.24 -12.41
N ILE G 373 -36.74 -33.54 -13.31
CA ILE G 373 -36.66 -33.90 -14.72
C ILE G 373 -35.24 -34.22 -15.17
N GLY G 374 -34.30 -34.40 -14.23
CA GLY G 374 -32.98 -34.87 -14.60
C GLY G 374 -32.16 -33.81 -15.30
N LYS G 375 -31.23 -34.25 -16.11
CA LYS G 375 -30.38 -33.28 -16.76
C LYS G 375 -30.61 -33.27 -18.26
N PRO G 376 -30.36 -32.16 -18.93
CA PRO G 376 -30.67 -32.07 -20.36
C PRO G 376 -29.76 -32.98 -21.17
N MET G 377 -30.16 -33.20 -22.43
CA MET G 377 -29.33 -33.95 -23.35
C MET G 377 -27.96 -33.29 -23.50
N SER G 378 -26.97 -34.10 -23.88
CA SER G 378 -25.58 -33.61 -23.94
C SER G 378 -25.39 -32.52 -24.98
N PHE G 379 -26.24 -32.45 -26.01
CA PHE G 379 -26.16 -31.40 -27.02
C PHE G 379 -26.98 -30.16 -26.65
N ALA G 380 -27.90 -30.26 -25.69
CA ALA G 380 -28.68 -29.11 -25.25
C ALA G 380 -28.05 -28.44 -24.02
N GLN G 381 -28.47 -27.21 -23.78
CA GLN G 381 -27.95 -26.41 -22.68
C GLN G 381 -29.13 -25.67 -22.04
N ALA G 382 -29.63 -26.16 -20.92
CA ALA G 382 -30.73 -25.49 -20.23
C ALA G 382 -30.23 -24.67 -19.04
N ALA G 383 -31.06 -23.75 -18.58
CA ALA G 383 -30.70 -22.90 -17.45
C ALA G 383 -31.98 -22.41 -16.78
N VAL G 384 -31.82 -21.94 -15.56
CA VAL G 384 -32.91 -21.32 -14.81
C VAL G 384 -32.61 -19.83 -14.79
N LEU G 385 -33.38 -19.04 -15.54
CA LEU G 385 -32.99 -17.67 -15.81
C LEU G 385 -33.58 -16.67 -14.81
N SER G 386 -32.74 -15.73 -14.39
CA SER G 386 -33.20 -14.47 -13.83
C SER G 386 -33.96 -13.66 -14.90
N GLU G 387 -34.67 -12.64 -14.46
CA GLU G 387 -35.45 -11.82 -15.39
C GLU G 387 -34.58 -11.08 -16.38
N ASP G 388 -33.27 -10.99 -16.14
CA ASP G 388 -32.32 -10.44 -17.09
C ASP G 388 -31.44 -11.54 -17.69
N GLY G 389 -31.98 -12.74 -17.83
CA GLY G 389 -31.35 -13.79 -18.61
C GLY G 389 -30.02 -14.30 -18.09
N ARG G 390 -29.85 -14.35 -16.74
CA ARG G 390 -28.66 -14.97 -16.18
C ARG G 390 -29.04 -16.28 -15.50
N PRO G 391 -28.23 -17.32 -15.67
CA PRO G 391 -28.43 -18.57 -14.91
C PRO G 391 -28.38 -18.35 -13.40
N LEU G 392 -29.47 -18.68 -12.74
CA LEU G 392 -29.54 -18.57 -11.29
C LEU G 392 -28.78 -19.72 -10.61
N PRO G 393 -28.21 -19.49 -9.42
CA PRO G 393 -27.55 -20.57 -8.69
C PRO G 393 -28.58 -21.55 -8.16
N ALA G 394 -28.09 -22.76 -7.84
CA ALA G 394 -28.95 -23.86 -7.42
C ALA G 394 -29.83 -23.45 -6.25
N GLY G 395 -31.14 -23.72 -6.36
CA GLY G 395 -32.08 -23.45 -5.29
C GLY G 395 -33.01 -22.25 -5.48
N GLU G 396 -32.72 -21.34 -6.41
CA GLU G 396 -33.65 -20.24 -6.69
C GLU G 396 -34.55 -20.59 -7.88
N VAL G 397 -35.71 -19.91 -7.93
CA VAL G 397 -36.78 -20.19 -8.89
C VAL G 397 -36.66 -19.21 -10.04
N GLY G 398 -36.65 -19.73 -11.28
CA GLY G 398 -36.65 -18.87 -12.44
C GLY G 398 -37.28 -19.50 -13.67
N ARG G 399 -37.05 -18.88 -14.82
CA ARG G 399 -37.61 -19.39 -16.05
C ARG G 399 -36.71 -20.48 -16.64
N LEU G 400 -37.33 -21.55 -17.13
CA LEU G 400 -36.60 -22.60 -17.84
C LEU G 400 -36.34 -22.15 -19.27
N GLY G 401 -35.05 -21.96 -19.60
CA GLY G 401 -34.67 -21.63 -20.95
C GLY G 401 -33.87 -22.77 -21.54
N VAL G 402 -33.86 -22.89 -22.86
CA VAL G 402 -33.19 -24.00 -23.54
C VAL G 402 -32.43 -23.46 -24.74
N ARG G 403 -31.18 -23.90 -24.89
CA ARG G 403 -30.35 -23.69 -26.07
C ARG G 403 -30.03 -25.04 -26.70
N SER G 404 -30.22 -25.14 -28.01
CA SER G 404 -29.99 -26.45 -28.60
C SER G 404 -29.72 -26.36 -30.09
N PRO G 405 -28.81 -27.16 -30.65
CA PRO G 405 -28.73 -27.25 -32.12
C PRO G 405 -29.96 -27.91 -32.76
N THR G 406 -30.90 -28.45 -31.97
CA THR G 406 -32.18 -28.94 -32.45
C THR G 406 -33.28 -27.88 -32.40
N LEU G 407 -32.97 -26.64 -32.04
CA LEU G 407 -33.99 -25.61 -31.88
C LEU G 407 -34.35 -24.96 -33.22
N THR G 408 -35.65 -24.62 -33.38
CA THR G 408 -36.15 -23.85 -34.51
C THR G 408 -35.31 -22.60 -34.72
N PRO G 409 -35.12 -22.17 -35.98
CA PRO G 409 -34.55 -20.82 -36.22
C PRO G 409 -35.49 -19.66 -35.90
N GLY G 410 -36.74 -19.92 -35.47
CA GLY G 410 -37.72 -18.90 -35.12
C GLY G 410 -39.11 -19.02 -35.77
N TYR G 411 -40.14 -18.46 -35.14
CA TYR G 411 -41.51 -18.64 -35.62
C TYR G 411 -41.71 -18.06 -37.02
N TRP G 412 -42.25 -18.88 -37.90
CA TRP G 412 -42.50 -18.48 -39.28
C TRP G 412 -43.32 -17.20 -39.35
N ASN G 413 -42.78 -16.23 -40.09
CA ASN G 413 -43.42 -14.92 -40.33
C ASN G 413 -43.82 -14.18 -39.07
N ASP G 414 -43.30 -14.56 -37.87
CA ASP G 414 -43.63 -13.88 -36.61
C ASP G 414 -42.34 -13.69 -35.80
N SER G 415 -41.54 -12.70 -36.23
CA SER G 415 -40.32 -12.34 -35.51
C SER G 415 -40.61 -11.72 -34.15
N LEU G 416 -41.80 -11.11 -34.00
CA LEU G 416 -42.16 -10.41 -32.77
C LEU G 416 -42.40 -11.40 -31.64
N THR G 417 -43.22 -12.42 -31.91
CA THR G 417 -43.51 -13.44 -30.91
C THR G 417 -42.27 -14.27 -30.61
N TRP G 418 -41.43 -14.50 -31.62
CA TRP G 418 -40.22 -15.29 -31.43
C TRP G 418 -39.26 -14.66 -30.42
N HIS G 419 -38.99 -13.37 -30.58
CA HIS G 419 -38.03 -12.78 -29.66
C HIS G 419 -38.67 -12.46 -28.32
N LYS G 420 -40.01 -12.37 -28.27
CA LYS G 420 -40.67 -12.27 -26.97
C LYS G 420 -40.53 -13.55 -26.16
N LEU G 421 -40.15 -14.66 -26.80
CA LEU G 421 -39.94 -15.91 -26.08
C LEU G 421 -38.45 -16.26 -25.97
N ARG G 422 -37.57 -15.26 -26.02
CA ARG G 422 -36.15 -15.50 -25.82
C ARG G 422 -35.64 -14.62 -24.69
N LEU G 423 -34.79 -15.20 -23.87
CA LEU G 423 -34.20 -14.46 -22.76
C LEU G 423 -32.77 -14.95 -22.58
N GLY G 424 -31.81 -14.03 -22.56
CA GLY G 424 -30.40 -14.39 -22.41
C GLY G 424 -29.93 -15.44 -23.39
N GLY G 425 -30.46 -15.39 -24.63
CA GLY G 425 -30.09 -16.33 -25.66
C GLY G 425 -30.71 -17.69 -25.53
N TYR G 426 -31.57 -17.89 -24.52
CA TYR G 426 -32.33 -19.11 -24.40
C TYR G 426 -33.73 -18.92 -24.98
N TRP G 427 -34.29 -20.00 -25.48
CA TRP G 427 -35.70 -20.02 -25.80
C TRP G 427 -36.45 -20.39 -24.54
N LEU G 428 -37.40 -19.53 -24.14
CA LEU G 428 -38.19 -19.77 -22.94
C LEU G 428 -39.22 -20.86 -23.20
N THR G 429 -39.14 -21.96 -22.45
CA THR G 429 -40.07 -23.08 -22.59
C THR G 429 -41.45 -22.80 -22.01
N GLY G 430 -41.63 -21.72 -21.28
CA GLY G 430 -42.92 -21.43 -20.65
C GLY G 430 -43.04 -21.87 -19.20
N ASP G 431 -42.08 -22.63 -18.68
CA ASP G 431 -42.09 -23.21 -17.34
C ASP G 431 -41.29 -22.37 -16.34
N LEU G 432 -41.60 -22.57 -15.06
CA LEU G 432 -40.77 -22.16 -13.95
C LEU G 432 -40.02 -23.38 -13.42
N ALA G 433 -38.76 -23.20 -13.04
CA ALA G 433 -37.94 -24.35 -12.70
C ALA G 433 -36.89 -23.99 -11.64
N MET G 434 -36.16 -25.02 -11.23
CA MET G 434 -35.29 -24.98 -10.07
C MET G 434 -34.27 -26.10 -10.22
N GLN G 435 -33.03 -25.81 -9.81
CA GLN G 435 -31.95 -26.80 -9.86
C GLN G 435 -31.44 -27.14 -8.47
N ASP G 436 -30.94 -28.36 -8.34
CA ASP G 436 -30.24 -28.82 -7.15
C ASP G 436 -28.73 -28.64 -7.37
N ALA G 437 -27.95 -28.87 -6.31
CA ALA G 437 -26.51 -28.65 -6.43
C ALA G 437 -25.88 -29.61 -7.44
N GLU G 438 -26.49 -30.78 -7.61
CA GLU G 438 -26.04 -31.70 -8.64
C GLU G 438 -26.23 -31.12 -10.06
N GLY G 439 -27.22 -30.25 -10.23
CA GLY G 439 -27.55 -29.69 -11.53
C GLY G 439 -28.75 -30.31 -12.21
N ASN G 440 -29.50 -31.19 -11.54
CA ASN G 440 -30.78 -31.63 -12.06
C ASN G 440 -31.76 -30.48 -12.03
N PHE G 441 -32.63 -30.45 -13.05
CA PHE G 441 -33.71 -29.48 -13.07
C PHE G 441 -34.95 -30.04 -12.41
N TYR G 442 -35.74 -29.14 -11.86
CA TYR G 442 -37.02 -29.45 -11.23
C TYR G 442 -38.07 -28.56 -11.84
N HIS G 443 -39.19 -29.15 -12.22
CA HIS G 443 -40.26 -28.42 -12.88
C HIS G 443 -41.28 -28.01 -11.83
N LEU G 444 -41.40 -26.69 -11.61
CA LEU G 444 -42.32 -26.16 -10.60
C LEU G 444 -43.73 -25.94 -11.14
N ASP G 445 -43.88 -25.12 -12.16
CA ASP G 445 -45.18 -24.92 -12.77
C ASP G 445 -44.95 -24.30 -14.14
N ARG G 446 -46.04 -23.86 -14.77
CA ARG G 446 -45.96 -22.93 -15.87
C ARG G 446 -45.99 -21.50 -15.32
N ALA G 447 -45.32 -20.60 -16.03
CA ALA G 447 -45.22 -19.22 -15.58
C ALA G 447 -46.57 -18.56 -15.30
N PRO G 448 -47.60 -18.66 -16.16
CA PRO G 448 -48.86 -17.95 -15.85
C PRO G 448 -49.71 -18.66 -14.81
N ASP G 449 -49.45 -19.94 -14.54
CA ASP G 449 -50.09 -20.70 -13.47
C ASP G 449 -49.52 -20.42 -12.09
N ALA G 450 -48.73 -19.38 -11.91
CA ALA G 450 -48.15 -19.06 -10.61
C ALA G 450 -48.75 -17.76 -10.11
N ILE G 451 -49.04 -17.70 -8.82
CA ILE G 451 -49.67 -16.52 -8.23
C ILE G 451 -48.73 -15.90 -7.21
N ARG G 452 -48.51 -14.60 -7.34
CA ARG G 452 -47.76 -13.84 -6.32
C ARG G 452 -48.74 -13.47 -5.21
N THR G 453 -48.73 -14.23 -4.13
CA THR G 453 -49.43 -13.83 -2.91
C THR G 453 -48.41 -13.18 -1.99
N GLU G 454 -48.87 -12.74 -0.81
CA GLU G 454 -47.93 -12.20 0.16
C GLU G 454 -47.11 -13.32 0.80
N ALA G 455 -47.78 -14.37 1.27
CA ALA G 455 -47.11 -15.49 1.92
C ALA G 455 -46.16 -16.24 1.00
N GLY G 456 -46.04 -15.82 -0.27
CA GLY G 456 -45.06 -16.37 -1.20
C GLY G 456 -45.64 -16.49 -2.59
N ILE G 457 -45.03 -17.35 -3.39
CA ILE G 457 -45.56 -17.72 -4.70
C ILE G 457 -46.36 -19.01 -4.53
N VAL G 458 -47.62 -18.98 -4.93
CA VAL G 458 -48.46 -20.17 -4.94
C VAL G 458 -48.37 -20.82 -6.31
N PHE G 459 -47.84 -22.04 -6.35
CA PHE G 459 -47.72 -22.78 -7.61
C PHE G 459 -49.02 -23.54 -7.82
N SER G 460 -49.90 -22.94 -8.62
CA SER G 460 -51.30 -23.34 -8.70
C SER G 460 -51.47 -24.84 -8.87
N THR G 461 -50.72 -25.43 -9.80
CA THR G 461 -50.93 -26.84 -10.16
C THR G 461 -50.41 -27.78 -9.06
N ARG G 462 -49.23 -27.49 -8.50
CA ARG G 462 -48.72 -28.27 -7.37
C ARG G 462 -49.65 -28.19 -6.17
N THR G 463 -50.19 -26.99 -5.89
CA THR G 463 -51.19 -26.84 -4.83
C THR G 463 -52.43 -27.69 -5.09
N GLU G 464 -52.95 -27.66 -6.32
CA GLU G 464 -54.08 -28.51 -6.67
C GLU G 464 -53.74 -29.98 -6.47
N GLU G 465 -52.58 -30.42 -6.97
CA GLU G 465 -52.27 -31.84 -6.90
C GLU G 465 -51.93 -32.27 -5.47
N LEU G 466 -51.44 -31.36 -4.63
CA LEU G 466 -51.28 -31.69 -3.23
C LEU G 466 -52.64 -32.00 -2.59
N LEU G 467 -53.65 -31.15 -2.86
CA LEU G 467 -54.98 -31.34 -2.27
C LEU G 467 -55.66 -32.60 -2.78
N LEU G 468 -55.46 -32.98 -4.04
CA LEU G 468 -56.07 -34.24 -4.49
C LEU G 468 -55.33 -35.45 -3.92
N ALA G 469 -54.07 -35.30 -3.53
CA ALA G 469 -53.38 -36.41 -2.90
C ALA G 469 -53.82 -36.54 -1.44
N SER G 470 -53.91 -35.42 -0.74
CA SER G 470 -54.13 -35.42 0.70
C SER G 470 -55.60 -35.56 1.09
N LEU G 471 -56.53 -35.28 0.18
CA LEU G 471 -57.96 -35.19 0.51
C LEU G 471 -58.75 -36.01 -0.50
N PRO G 472 -58.82 -37.33 -0.34
CA PRO G 472 -59.59 -38.15 -1.28
C PRO G 472 -61.10 -37.93 -1.21
N GLU G 473 -61.61 -37.18 -0.21
CA GLU G 473 -62.99 -36.71 -0.25
C GLU G 473 -63.24 -35.62 -1.28
N LEU G 474 -62.23 -35.28 -2.10
CA LEU G 474 -62.32 -34.30 -3.19
C LEU G 474 -62.30 -35.01 -4.54
N ALA G 475 -62.93 -34.39 -5.53
CA ALA G 475 -62.91 -34.92 -6.89
C ALA G 475 -62.13 -34.04 -7.86
N ASP G 476 -61.96 -32.76 -7.56
CA ASP G 476 -61.11 -31.85 -8.31
C ASP G 476 -61.04 -30.56 -7.52
N CYS G 477 -60.09 -29.70 -7.87
CA CYS G 477 -60.06 -28.34 -7.35
C CYS G 477 -59.42 -27.42 -8.37
N THR G 478 -59.50 -26.13 -8.07
CA THR G 478 -58.94 -25.11 -8.96
C THR G 478 -58.45 -23.98 -8.09
N VAL G 479 -57.15 -23.76 -8.08
CA VAL G 479 -56.56 -22.60 -7.43
C VAL G 479 -56.52 -21.46 -8.44
N THR G 480 -57.07 -20.32 -8.07
CA THR G 480 -57.14 -19.21 -8.99
C THR G 480 -56.84 -17.94 -8.22
N ALA G 481 -56.41 -16.93 -8.95
CA ALA G 481 -56.09 -15.65 -8.36
C ALA G 481 -57.30 -14.75 -8.48
N ILE G 482 -57.55 -13.96 -7.43
CA ILE G 482 -58.49 -12.86 -7.50
C ILE G 482 -57.71 -11.59 -7.14
N ALA G 483 -57.62 -10.66 -8.10
CA ALA G 483 -56.70 -9.53 -8.00
C ALA G 483 -57.41 -8.21 -8.26
N GLU G 484 -56.88 -7.15 -7.63
CA GLU G 484 -57.64 -5.95 -7.29
C GLU G 484 -58.45 -5.41 -8.47
N GLU G 485 -57.78 -5.04 -9.56
CA GLU G 485 -58.48 -4.47 -10.71
C GLU G 485 -57.66 -4.58 -11.99
N GLY G 486 -57.69 -5.74 -12.64
CA GLY G 486 -56.89 -5.94 -13.84
C GLY G 486 -55.39 -5.89 -13.62
N VAL G 487 -54.95 -6.01 -12.36
CA VAL G 487 -53.52 -6.09 -12.07
C VAL G 487 -53.01 -7.47 -12.47
N ARG G 488 -51.79 -7.51 -13.00
CA ARG G 488 -51.17 -8.75 -13.49
C ARG G 488 -50.30 -9.32 -12.36
N ALA G 489 -50.69 -10.49 -11.85
CA ALA G 489 -50.05 -11.06 -10.66
C ALA G 489 -49.50 -12.47 -10.87
N ASP G 490 -49.34 -12.91 -12.14
CA ASP G 490 -48.66 -14.16 -12.41
C ASP G 490 -47.15 -13.94 -12.33
N TRP G 491 -46.36 -14.81 -12.98
CA TRP G 491 -44.92 -14.67 -12.88
C TRP G 491 -44.42 -13.41 -13.60
N ASP G 492 -45.06 -13.05 -14.72
CA ASP G 492 -44.59 -11.98 -15.59
C ASP G 492 -45.06 -10.59 -15.16
N GLY G 493 -46.17 -10.49 -14.42
CA GLY G 493 -46.66 -9.21 -13.96
C GLY G 493 -45.93 -8.71 -12.70
N ASP G 494 -46.18 -7.43 -12.39
CA ASP G 494 -45.75 -6.83 -11.13
C ASP G 494 -46.67 -7.25 -9.98
N GLY G 495 -47.98 -7.36 -10.27
CA GLY G 495 -48.98 -7.42 -9.24
C GLY G 495 -48.95 -8.65 -8.35
N VAL G 496 -49.77 -8.55 -7.30
CA VAL G 496 -49.96 -9.54 -6.26
C VAL G 496 -51.46 -9.81 -6.17
N ALA G 497 -51.83 -11.00 -5.67
CA ALA G 497 -53.23 -11.43 -5.69
C ALA G 497 -53.50 -12.35 -4.50
N GLU G 498 -54.78 -12.72 -4.35
CA GLU G 498 -55.22 -13.66 -3.33
C GLU G 498 -55.44 -15.04 -3.95
N ALA G 499 -54.97 -16.07 -3.27
CA ALA G 499 -55.16 -17.44 -3.75
C ALA G 499 -56.49 -17.97 -3.22
N TYR G 500 -57.32 -18.44 -4.14
CA TYR G 500 -58.62 -19.02 -3.86
C TYR G 500 -58.62 -20.45 -4.40
N VAL G 501 -59.07 -21.41 -3.60
CA VAL G 501 -59.27 -22.79 -4.06
C VAL G 501 -60.76 -23.04 -4.18
N LEU G 502 -61.19 -23.49 -5.35
CA LEU G 502 -62.57 -23.89 -5.61
C LEU G 502 -62.65 -25.41 -5.54
N LEU G 503 -63.25 -25.92 -4.48
CA LEU G 503 -63.28 -27.35 -4.18
C LEU G 503 -64.55 -27.99 -4.74
N GLN G 504 -64.40 -29.17 -5.32
CA GLN G 504 -65.49 -29.91 -5.95
C GLN G 504 -65.48 -31.32 -5.36
N PHE G 505 -66.36 -31.55 -4.39
CA PHE G 505 -66.30 -32.81 -3.64
C PHE G 505 -66.80 -33.98 -4.47
N THR G 506 -66.28 -35.15 -4.17
CA THR G 506 -66.85 -36.35 -4.75
C THR G 506 -68.25 -36.58 -4.17
N ASP G 507 -69.05 -37.39 -4.86
CA ASP G 507 -70.46 -37.55 -4.52
C ASP G 507 -70.65 -38.07 -3.10
N GLY G 508 -71.50 -37.39 -2.34
CA GLY G 508 -71.74 -37.76 -0.95
C GLY G 508 -70.48 -37.90 -0.11
N ALA G 509 -69.84 -36.79 0.20
CA ALA G 509 -68.75 -36.75 1.16
C ALA G 509 -69.01 -35.60 2.11
N ARG G 510 -68.66 -35.77 3.37
CA ARG G 510 -68.98 -34.75 4.36
C ARG G 510 -67.99 -33.61 4.20
N GLU G 511 -68.46 -32.49 3.66
CA GLU G 511 -67.68 -31.27 3.65
C GLU G 511 -67.56 -30.77 5.09
N PRO G 512 -66.37 -30.70 5.66
CA PRO G 512 -66.21 -30.09 6.99
C PRO G 512 -66.53 -28.61 6.95
N GLY G 513 -66.67 -28.04 8.13
CA GLY G 513 -66.57 -26.61 8.26
C GLY G 513 -65.12 -26.16 8.13
N ASP G 514 -64.95 -24.84 8.00
CA ASP G 514 -63.65 -24.21 7.75
C ASP G 514 -62.84 -24.97 6.70
N LEU G 515 -63.42 -25.03 5.49
CA LEU G 515 -62.69 -25.57 4.34
C LEU G 515 -61.37 -24.85 4.16
N THR G 516 -61.38 -23.51 4.27
CA THR G 516 -60.14 -22.74 4.30
C THR G 516 -59.15 -23.34 5.28
N GLY G 517 -59.57 -23.55 6.53
CA GLY G 517 -58.70 -24.23 7.47
C GLY G 517 -58.34 -25.63 7.04
N TRP G 518 -59.31 -26.36 6.48
CA TRP G 518 -59.09 -27.75 6.08
C TRP G 518 -58.06 -27.85 4.96
N VAL G 519 -58.05 -26.88 4.05
CA VAL G 519 -57.07 -26.85 2.97
C VAL G 519 -55.74 -26.29 3.46
N ASN G 520 -55.78 -25.18 4.20
CA ASN G 520 -54.56 -24.58 4.73
C ASN G 520 -53.87 -25.46 5.78
N GLU G 521 -54.48 -26.57 6.15
CA GLU G 521 -53.82 -27.55 7.02
C GLU G 521 -52.97 -28.52 6.20
N VAL G 522 -53.48 -28.99 5.06
CA VAL G 522 -52.63 -29.82 4.20
C VAL G 522 -51.51 -28.97 3.60
N LEU G 523 -51.80 -27.74 3.20
CA LEU G 523 -50.79 -26.90 2.56
C LEU G 523 -49.69 -26.49 3.53
N ALA G 524 -50.04 -26.28 4.80
CA ALA G 524 -49.01 -25.94 5.78
C ALA G 524 -48.11 -27.13 6.09
N GLY G 525 -48.67 -28.35 6.08
CA GLY G 525 -47.89 -29.52 6.43
C GLY G 525 -46.74 -29.77 5.46
N GLN G 526 -46.99 -29.54 4.16
CA GLN G 526 -45.94 -29.60 3.16
C GLN G 526 -45.15 -28.30 3.03
N GLY G 527 -45.60 -27.22 3.67
CA GLY G 527 -44.89 -25.96 3.59
C GLY G 527 -45.27 -25.07 2.43
N PHE G 528 -46.30 -25.42 1.65
CA PHE G 528 -46.80 -24.52 0.62
C PHE G 528 -47.41 -23.30 1.26
N PRO G 529 -47.35 -22.14 0.59
CA PRO G 529 -48.05 -20.98 1.12
C PRO G 529 -49.54 -21.25 1.20
N PRO G 530 -50.23 -20.60 2.14
CA PRO G 530 -51.67 -20.84 2.33
C PRO G 530 -52.50 -20.02 1.35
N VAL G 531 -53.79 -20.40 1.25
CA VAL G 531 -54.76 -19.69 0.43
C VAL G 531 -55.58 -18.77 1.32
N THR G 532 -56.03 -17.64 0.75
CA THR G 532 -56.89 -16.72 1.51
C THR G 532 -58.23 -17.37 1.84
N ARG G 533 -58.81 -18.09 0.87
CA ARG G 533 -60.16 -18.60 0.99
C ARG G 533 -60.25 -19.93 0.27
N ALA G 534 -61.05 -20.83 0.82
CA ALA G 534 -61.55 -21.99 0.09
C ALA G 534 -63.06 -21.89 -0.01
N LEU G 535 -63.61 -22.26 -1.16
CA LEU G 535 -65.05 -22.24 -1.41
C LEU G 535 -65.44 -23.57 -2.03
N ARG G 536 -66.72 -23.71 -2.40
CA ARG G 536 -67.24 -24.97 -2.92
C ARG G 536 -67.86 -24.73 -4.29
N MET G 537 -67.59 -25.63 -5.23
CA MET G 537 -68.44 -25.76 -6.40
C MET G 537 -69.20 -27.07 -6.31
N ASP G 538 -70.46 -27.04 -6.78
CA ASP G 538 -71.37 -28.17 -6.62
C ASP G 538 -70.97 -29.37 -7.49
N SER G 539 -70.59 -29.13 -8.73
CA SER G 539 -70.11 -30.17 -9.64
C SER G 539 -69.34 -29.51 -10.78
N HIS H 16 -24.91 -20.22 -0.65
CA HIS H 16 -23.93 -20.03 -1.74
C HIS H 16 -22.76 -19.12 -1.40
N MET H 17 -21.54 -19.54 -1.81
CA MET H 17 -20.30 -18.92 -1.36
C MET H 17 -20.03 -17.57 -1.99
N ILE H 18 -20.51 -17.34 -3.22
CA ILE H 18 -20.33 -16.07 -3.92
C ILE H 18 -21.70 -15.46 -4.16
N THR H 19 -21.73 -14.15 -4.26
CA THR H 19 -22.97 -13.50 -4.65
C THR H 19 -23.15 -13.60 -6.16
N LYS H 20 -24.39 -13.34 -6.62
CA LYS H 20 -24.70 -13.44 -8.05
C LYS H 20 -23.93 -12.44 -8.89
N GLU H 21 -23.65 -11.25 -8.33
CA GLU H 21 -22.85 -10.25 -9.01
C GLU H 21 -21.38 -10.62 -9.03
N GLU H 22 -20.91 -11.35 -8.03
CA GLU H 22 -19.54 -11.86 -8.06
C GLU H 22 -19.39 -13.01 -9.06
N ARG H 23 -20.42 -13.85 -9.18
CA ARG H 23 -20.38 -14.93 -10.16
C ARG H 23 -20.46 -14.38 -11.58
N ALA H 24 -21.19 -13.29 -11.77
CA ALA H 24 -21.25 -12.68 -13.08
C ALA H 24 -19.89 -12.09 -13.47
N GLN H 25 -19.24 -11.41 -12.53
CA GLN H 25 -17.91 -10.83 -12.76
C GLN H 25 -16.90 -11.91 -13.12
N ILE H 26 -16.93 -13.03 -12.40
CA ILE H 26 -16.04 -14.15 -12.72
C ILE H 26 -16.31 -14.64 -14.12
N ASN H 27 -17.58 -14.92 -14.43
CA ASN H 27 -17.91 -15.53 -15.73
C ASN H 27 -17.63 -14.60 -16.89
N ALA H 28 -17.60 -13.29 -16.63
CA ALA H 28 -17.33 -12.28 -17.64
C ALA H 28 -15.85 -11.97 -17.77
N ASP H 29 -15.00 -12.69 -17.04
CA ASP H 29 -13.60 -12.38 -17.00
C ASP H 29 -12.90 -13.25 -18.03
N PRO H 30 -12.70 -12.75 -19.24
CA PRO H 30 -12.13 -13.61 -20.28
C PRO H 30 -10.68 -14.01 -20.01
N GLU H 31 -9.97 -13.34 -19.11
CA GLU H 31 -8.58 -13.70 -18.88
C GLU H 31 -8.43 -14.81 -17.84
N LEU H 32 -9.43 -15.03 -16.99
CA LEU H 32 -9.32 -16.00 -15.90
C LEU H 32 -9.03 -17.42 -16.40
N GLY H 33 -8.06 -18.06 -15.76
CA GLY H 33 -7.65 -19.41 -16.11
C GLY H 33 -6.67 -19.93 -15.06
N ALA H 34 -6.23 -21.17 -15.26
CA ALA H 34 -5.42 -21.85 -14.26
C ALA H 34 -4.06 -21.17 -14.01
N GLY H 35 -3.67 -20.20 -14.83
CA GLY H 35 -2.42 -19.50 -14.61
C GLY H 35 -2.56 -18.12 -14.00
N ASN H 36 -3.75 -17.70 -13.56
CA ASN H 36 -3.82 -16.43 -12.85
C ASN H 36 -5.05 -16.27 -11.97
N VAL H 37 -5.60 -17.37 -11.46
CA VAL H 37 -6.73 -17.26 -10.54
C VAL H 37 -6.40 -16.29 -9.42
N LEU H 38 -5.21 -16.43 -8.84
CA LEU H 38 -4.83 -15.59 -7.71
C LEU H 38 -4.75 -14.12 -8.11
N HIS H 39 -4.40 -13.84 -9.36
CA HIS H 39 -4.21 -12.45 -9.78
C HIS H 39 -5.51 -11.77 -10.13
N ARG H 40 -6.52 -12.54 -10.54
CA ARG H 40 -7.84 -12.00 -10.77
C ARG H 40 -8.59 -11.74 -9.47
N LEU H 41 -8.18 -12.33 -8.35
CA LEU H 41 -8.92 -12.08 -7.12
C LEU H 41 -8.78 -10.62 -6.70
N ARG H 42 -7.57 -10.05 -6.86
CA ARG H 42 -7.39 -8.62 -6.69
C ARG H 42 -8.36 -7.87 -7.58
N ALA H 43 -8.23 -8.07 -8.89
CA ALA H 43 -9.12 -7.40 -9.84
C ALA H 43 -10.58 -7.45 -9.39
N TYR H 44 -11.01 -8.57 -8.80
CA TYR H 44 -12.35 -8.66 -8.21
C TYR H 44 -12.47 -7.94 -6.87
N GLY H 45 -11.35 -7.42 -6.33
CA GLY H 45 -11.32 -6.88 -4.99
C GLY H 45 -11.82 -7.80 -3.89
N ARG H 46 -11.16 -8.95 -3.70
CA ARG H 46 -11.39 -9.71 -2.47
C ARG H 46 -10.63 -9.06 -1.31
N PRO H 47 -11.12 -9.21 -0.09
CA PRO H 47 -10.34 -8.72 1.07
C PRO H 47 -8.98 -9.38 1.12
N THR H 48 -7.97 -8.62 1.53
CA THR H 48 -6.64 -9.18 1.66
C THR H 48 -6.27 -9.55 3.10
N ASP H 49 -7.11 -9.20 4.08
CA ASP H 49 -6.76 -9.36 5.49
C ASP H 49 -7.48 -10.53 6.17
N ARG H 50 -8.09 -11.45 5.40
CA ARG H 50 -8.86 -12.52 6.02
C ARG H 50 -8.27 -13.86 5.59
N PRO H 51 -8.34 -14.88 6.47
CA PRO H 51 -7.68 -16.16 6.18
C PRO H 51 -8.36 -16.84 5.01
N VAL H 52 -7.56 -17.31 4.06
CA VAL H 52 -8.08 -18.05 2.92
C VAL H 52 -7.49 -19.45 2.80
N LEU H 53 -6.31 -19.71 3.38
CA LEU H 53 -5.58 -20.94 3.12
C LEU H 53 -4.98 -21.49 4.41
N TRP H 54 -5.33 -22.73 4.76
CA TRP H 54 -4.80 -23.41 5.93
C TRP H 54 -3.80 -24.47 5.50
N THR H 55 -2.75 -24.70 6.30
CA THR H 55 -1.72 -25.70 5.93
C THR H 55 -1.49 -26.69 7.06
N ASP H 56 -0.58 -27.63 6.79
CA ASP H 56 -0.10 -28.58 7.77
C ASP H 56 1.35 -28.29 8.19
N GLY H 57 1.77 -27.04 8.06
CA GLY H 57 3.04 -26.59 8.60
C GLY H 57 4.28 -27.12 7.93
N THR H 58 4.15 -27.89 6.85
CA THR H 58 5.26 -28.61 6.25
C THR H 58 6.13 -27.76 5.31
N TRP H 59 5.82 -26.49 5.11
CA TRP H 59 6.52 -25.62 4.18
C TRP H 59 6.93 -24.33 4.88
N ARG H 60 8.14 -23.84 4.62
CA ARG H 60 8.61 -22.62 5.28
C ARG H 60 8.58 -21.43 4.34
N ALA H 61 7.81 -20.42 4.77
CA ALA H 61 7.76 -19.12 4.13
C ALA H 61 9.16 -18.52 4.06
N PRO H 62 9.37 -17.55 3.19
CA PRO H 62 10.71 -16.97 3.04
C PRO H 62 11.32 -16.48 4.33
N ASP H 63 10.49 -16.01 5.28
CA ASP H 63 11.00 -15.45 6.52
C ASP H 63 11.40 -16.50 7.54
N GLY H 64 11.19 -17.79 7.25
CA GLY H 64 11.55 -18.86 8.17
C GLY H 64 10.40 -19.40 9.00
N SER H 65 9.24 -18.77 8.99
CA SER H 65 8.10 -19.36 9.68
C SER H 65 7.54 -20.54 8.87
N HIS H 66 6.61 -21.25 9.49
CA HIS H 66 5.89 -22.35 8.86
C HIS H 66 4.40 -22.06 9.01
N PRO H 67 3.86 -21.16 8.18
CA PRO H 67 2.54 -20.59 8.49
C PRO H 67 1.42 -21.62 8.33
N GLU H 68 0.50 -21.61 9.29
CA GLU H 68 -0.60 -22.54 9.31
C GLU H 68 -1.89 -21.92 8.78
N VAL H 69 -2.05 -20.60 8.95
CA VAL H 69 -3.21 -19.87 8.44
C VAL H 69 -2.74 -18.66 7.64
N ILE H 70 -2.97 -18.70 6.32
CA ILE H 70 -2.45 -17.71 5.38
C ILE H 70 -3.59 -16.83 4.88
N THR H 71 -3.41 -15.50 4.93
CA THR H 71 -4.42 -14.61 4.34
C THR H 71 -4.24 -14.51 2.82
N LEU H 72 -5.21 -13.87 2.17
CA LEU H 72 -5.05 -13.60 0.75
C LEU H 72 -3.84 -12.71 0.50
N GLY H 73 -3.72 -11.62 1.28
CA GLY H 73 -2.58 -10.73 1.15
C GLY H 73 -1.28 -11.39 1.54
N GLU H 74 -1.30 -12.28 2.54
CA GLU H 74 -0.10 -13.06 2.84
C GLU H 74 0.30 -13.93 1.67
N LEU H 75 -0.68 -14.43 0.91
CA LEU H 75 -0.44 -15.31 -0.22
C LEU H 75 0.05 -14.55 -1.45
N TYR H 76 -0.48 -13.35 -1.70
CA TYR H 76 0.16 -12.50 -2.70
C TYR H 76 1.62 -12.28 -2.38
N GLU H 77 1.93 -12.09 -1.08
CA GLU H 77 3.30 -11.86 -0.63
C GLU H 77 4.19 -13.04 -0.94
N TYR H 78 3.72 -14.25 -0.64
CA TYR H 78 4.53 -15.45 -0.86
C TYR H 78 4.78 -15.68 -2.35
N VAL H 79 3.71 -15.66 -3.15
CA VAL H 79 3.83 -15.88 -4.60
C VAL H 79 4.74 -14.82 -5.24
N GLU H 80 4.61 -13.57 -4.82
CA GLU H 80 5.46 -12.52 -5.38
C GLU H 80 6.93 -12.73 -5.03
N THR H 81 7.20 -13.06 -3.77
CA THR H 81 8.58 -13.31 -3.35
C THR H 81 9.23 -14.43 -4.18
N TYR H 82 8.53 -15.57 -4.33
CA TYR H 82 9.07 -16.65 -5.15
C TYR H 82 9.19 -16.23 -6.61
N ALA H 83 8.24 -15.45 -7.12
CA ALA H 83 8.33 -14.99 -8.51
C ALA H 83 9.57 -14.12 -8.74
N GLY H 84 9.89 -13.22 -7.80
CA GLY H 84 11.12 -12.45 -7.93
C GLY H 84 12.37 -13.32 -7.85
N PHE H 85 12.34 -14.32 -6.97
CA PHE H 85 13.45 -15.25 -6.85
C PHE H 85 13.67 -16.04 -8.15
N TYR H 86 12.60 -16.49 -8.77
CA TYR H 86 12.80 -17.31 -9.97
C TYR H 86 13.19 -16.44 -11.17
N HIS H 87 12.64 -15.24 -11.26
CA HIS H 87 13.05 -14.30 -12.30
C HIS H 87 14.53 -13.96 -12.14
N GLY H 88 14.99 -13.78 -10.90
CA GLY H 88 16.37 -13.44 -10.66
C GLY H 88 17.34 -14.57 -10.94
N LYS H 89 16.88 -15.82 -10.81
CA LYS H 89 17.66 -16.96 -11.28
C LYS H 89 17.54 -17.16 -12.78
N GLY H 90 16.95 -16.20 -13.50
CA GLY H 90 16.87 -16.30 -14.94
C GLY H 90 15.77 -17.16 -15.51
N ILE H 91 14.67 -17.32 -14.79
CA ILE H 91 13.54 -18.05 -15.34
C ILE H 91 12.69 -17.10 -16.18
N ARG H 92 12.40 -17.50 -17.42
CA ARG H 92 11.63 -16.71 -18.38
C ARG H 92 10.41 -17.51 -18.86
N PRO H 93 9.45 -16.88 -19.54
CA PRO H 93 8.30 -17.64 -20.00
C PRO H 93 8.75 -18.78 -20.91
N ARG H 94 8.17 -19.95 -20.66
CA ARG H 94 8.25 -21.19 -21.41
C ARG H 94 9.38 -22.05 -20.92
N ASP H 95 10.13 -21.63 -19.91
CA ASP H 95 11.10 -22.51 -19.28
C ASP H 95 10.37 -23.43 -18.29
N VAL H 96 11.00 -24.58 -17.98
CA VAL H 96 10.40 -25.56 -17.09
C VAL H 96 11.19 -25.58 -15.78
N VAL H 97 10.48 -25.43 -14.66
CA VAL H 97 11.06 -25.55 -13.33
C VAL H 97 10.47 -26.81 -12.68
N GLY H 98 11.34 -27.75 -12.28
CA GLY H 98 10.87 -28.92 -11.54
C GLY H 98 10.56 -28.57 -10.09
N VAL H 99 9.60 -29.31 -9.51
CA VAL H 99 9.14 -29.14 -8.12
C VAL H 99 9.02 -30.55 -7.53
N LEU H 100 9.91 -30.88 -6.59
CA LEU H 100 10.04 -32.24 -6.02
C LEU H 100 9.95 -32.13 -4.50
N THR H 101 8.74 -32.27 -3.97
CA THR H 101 8.47 -32.00 -2.56
C THR H 101 7.35 -32.90 -2.08
N ALA H 102 7.25 -33.03 -0.75
CA ALA H 102 6.20 -33.80 -0.10
C ALA H 102 5.13 -32.90 0.50
N SER H 103 5.29 -31.59 0.36
CA SER H 103 4.43 -30.59 0.96
C SER H 103 3.45 -30.09 -0.11
N SER H 104 2.16 -30.28 0.13
CA SER H 104 1.16 -29.72 -0.79
C SER H 104 1.27 -28.20 -0.85
N THR H 105 1.45 -27.56 0.31
CA THR H 105 1.57 -26.11 0.34
C THR H 105 2.78 -25.66 -0.45
N GLU H 106 3.88 -26.41 -0.36
CA GLU H 106 5.05 -26.07 -1.17
C GLU H 106 4.76 -26.23 -2.66
N PHE H 107 4.06 -27.31 -3.05
CA PHE H 107 3.65 -27.45 -4.45
C PHE H 107 2.80 -26.26 -4.87
N ALA H 108 1.91 -25.79 -3.98
CA ALA H 108 0.98 -24.75 -4.37
C ALA H 108 1.68 -23.40 -4.52
N ILE H 109 2.55 -23.03 -3.56
CA ILE H 109 3.25 -21.76 -3.68
C ILE H 109 4.10 -21.72 -4.95
N ASN H 110 4.88 -22.78 -5.20
CA ASN H 110 5.72 -22.79 -6.40
C ASN H 110 4.90 -22.85 -7.68
N PHE H 111 3.75 -23.54 -7.65
CA PHE H 111 2.89 -23.62 -8.83
C PHE H 111 2.42 -22.24 -9.27
N MET H 112 1.95 -21.41 -8.35
CA MET H 112 1.51 -20.09 -8.77
C MET H 112 2.71 -19.22 -9.17
N ALA H 113 3.74 -19.19 -8.32
CA ALA H 113 4.87 -18.31 -8.59
C ALA H 113 5.51 -18.58 -9.94
N ILE H 114 5.69 -19.85 -10.30
CA ILE H 114 6.28 -20.17 -11.60
C ILE H 114 5.32 -19.87 -12.76
N ASN H 115 4.01 -20.14 -12.57
CA ASN H 115 2.95 -19.66 -13.48
C ASN H 115 3.06 -18.19 -13.76
N SER H 116 3.28 -17.40 -12.71
CA SER H 116 3.16 -15.95 -12.84
C SER H 116 4.24 -15.35 -13.70
N LEU H 117 5.32 -16.09 -13.95
CA LEU H 117 6.36 -15.70 -14.90
C LEU H 117 6.12 -16.29 -16.29
N GLY H 118 5.10 -17.12 -16.47
CA GLY H 118 4.85 -17.79 -17.74
C GLY H 118 5.64 -19.06 -17.93
N ALA H 119 6.39 -19.47 -16.93
CA ALA H 119 7.14 -20.71 -16.98
C ALA H 119 6.26 -21.86 -16.48
N ILE H 120 6.74 -23.09 -16.60
CA ILE H 120 5.90 -24.25 -16.38
C ILE H 120 6.38 -25.07 -15.19
N PRO H 121 5.70 -25.05 -14.04
CA PRO H 121 6.12 -25.91 -12.92
C PRO H 121 5.87 -27.37 -13.24
N SER H 122 6.89 -28.20 -13.04
CA SER H 122 6.78 -29.63 -13.35
C SER H 122 6.77 -30.40 -12.04
N PHE H 123 5.60 -30.89 -11.62
CA PHE H 123 5.49 -31.61 -10.35
C PHE H 123 6.04 -33.03 -10.50
N ALA H 124 6.70 -33.52 -9.46
CA ALA H 124 7.20 -34.89 -9.41
C ALA H 124 7.00 -35.46 -8.01
N ASN H 125 6.56 -36.71 -7.95
CA ASN H 125 6.31 -37.32 -6.65
C ASN H 125 7.59 -37.49 -5.84
N ALA H 126 7.55 -37.11 -4.56
CA ALA H 126 8.77 -37.14 -3.73
C ALA H 126 9.33 -38.55 -3.57
N LYS H 127 8.47 -39.57 -3.56
CA LYS H 127 8.86 -40.95 -3.29
C LYS H 127 9.23 -41.73 -4.55
N LEU H 128 9.37 -41.05 -5.69
CA LEU H 128 9.92 -41.68 -6.88
C LEU H 128 11.34 -42.18 -6.62
N ARG H 129 11.74 -43.21 -7.34
CA ARG H 129 13.13 -43.68 -7.26
C ARG H 129 14.05 -42.54 -7.67
N PRO H 130 15.09 -42.25 -6.91
CA PRO H 130 15.97 -41.12 -7.26
C PRO H 130 16.51 -41.18 -8.67
N GLU H 131 16.96 -42.33 -9.17
CA GLU H 131 17.47 -42.35 -10.53
C GLU H 131 16.39 -41.95 -11.53
N ILE H 132 15.13 -42.31 -11.25
CA ILE H 132 14.03 -42.06 -12.17
C ILE H 132 13.59 -40.59 -12.10
N ALA H 133 13.52 -40.01 -10.89
CA ALA H 133 13.13 -38.61 -10.78
C ALA H 133 14.15 -37.70 -11.46
N ARG H 134 15.43 -38.00 -11.31
CA ARG H 134 16.48 -37.28 -12.05
C ARG H 134 16.22 -37.33 -13.55
N GLU H 135 15.90 -38.52 -14.06
CA GLU H 135 15.78 -38.69 -15.50
C GLU H 135 14.47 -38.10 -16.02
N TYR H 136 13.39 -38.26 -15.23
CA TYR H 136 12.11 -37.61 -15.50
C TYR H 136 12.27 -36.10 -15.71
N ILE H 137 12.84 -35.41 -14.73
CA ILE H 137 13.05 -33.96 -14.88
C ILE H 137 13.97 -33.67 -16.06
N ARG H 138 15.01 -34.48 -16.24
CA ARG H 138 16.03 -34.21 -17.25
C ARG H 138 15.45 -34.28 -18.66
N ARG H 139 14.57 -35.24 -18.91
CA ARG H 139 13.97 -35.35 -20.24
C ARG H 139 13.12 -34.13 -20.57
N GLN H 140 12.58 -33.45 -19.56
CA GLN H 140 11.71 -32.32 -19.86
C GLN H 140 12.47 -31.08 -20.28
N GLY H 141 13.80 -31.08 -20.12
CA GLY H 141 14.58 -29.89 -20.43
C GLY H 141 14.44 -28.80 -19.38
N ALA H 142 14.31 -29.17 -18.11
CA ALA H 142 14.05 -28.18 -17.07
C ALA H 142 15.25 -27.23 -16.91
N SER H 143 14.95 -25.97 -16.62
CA SER H 143 15.96 -24.97 -16.28
C SER H 143 16.53 -25.15 -14.88
N GLY H 144 15.78 -25.81 -13.99
CA GLY H 144 16.14 -25.86 -12.58
C GLY H 144 15.08 -26.60 -11.80
N ALA H 145 15.16 -26.51 -10.47
CA ALA H 145 14.23 -27.26 -9.62
C ALA H 145 14.28 -26.76 -8.18
N VAL H 146 13.14 -26.90 -7.48
CA VAL H 146 13.04 -26.68 -6.05
C VAL H 146 12.65 -28.01 -5.43
N THR H 147 13.13 -28.28 -4.22
CA THR H 147 12.90 -29.55 -3.55
C THR H 147 12.70 -29.28 -2.08
N ASP H 148 12.03 -30.20 -1.40
CA ASP H 148 12.12 -30.14 0.05
C ASP H 148 13.48 -30.66 0.47
N THR H 149 13.79 -30.55 1.76
CA THR H 149 15.14 -30.80 2.22
C THR H 149 15.57 -32.26 1.99
N GLU H 150 14.66 -33.23 2.17
CA GLU H 150 15.06 -34.64 2.02
C GLU H 150 15.40 -34.99 0.56
N ARG H 151 14.65 -34.45 -0.40
CA ARG H 151 14.90 -34.85 -1.78
C ARG H 151 15.84 -33.89 -2.51
N HIS H 152 16.52 -32.99 -1.79
CA HIS H 152 17.51 -32.11 -2.42
C HIS H 152 18.63 -32.91 -3.07
N GLU H 153 19.16 -33.93 -2.37
CA GLU H 153 20.21 -34.76 -2.92
C GLU H 153 19.77 -35.52 -4.17
N VAL H 154 18.45 -35.68 -4.39
CA VAL H 154 17.97 -36.45 -5.55
C VAL H 154 18.33 -35.74 -6.85
N LEU H 155 18.25 -34.41 -6.88
CA LEU H 155 18.46 -33.62 -8.10
C LEU H 155 19.71 -32.76 -8.07
N ALA H 156 20.33 -32.59 -6.89
CA ALA H 156 21.54 -31.80 -6.74
C ALA H 156 22.71 -32.47 -7.47
N GLY H 157 23.74 -31.66 -7.78
CA GLY H 157 24.91 -32.15 -8.45
C GLY H 157 24.59 -32.83 -9.76
N GLY H 158 23.55 -32.34 -10.43
CA GLY H 158 23.20 -32.79 -11.75
C GLY H 158 23.54 -31.74 -12.79
N GLU H 159 22.98 -31.93 -13.98
CA GLU H 159 23.19 -30.91 -14.99
C GLU H 159 22.20 -29.75 -14.88
N LEU H 160 21.29 -29.75 -13.90
CA LEU H 160 20.29 -28.68 -13.80
C LEU H 160 20.94 -27.33 -13.50
N GLY H 161 20.30 -26.27 -14.01
CA GLY H 161 20.85 -24.93 -13.83
C GLY H 161 20.88 -24.49 -12.38
N PHE H 162 20.00 -25.04 -11.57
CA PHE H 162 19.99 -24.75 -10.15
C PHE H 162 19.14 -25.81 -9.48
N VAL H 163 19.33 -25.97 -8.17
CA VAL H 163 18.52 -26.83 -7.31
C VAL H 163 18.52 -26.16 -5.94
N VAL H 164 17.35 -25.76 -5.45
CA VAL H 164 17.25 -24.91 -4.27
C VAL H 164 16.13 -25.46 -3.40
N THR H 165 16.07 -24.98 -2.15
CA THR H 165 14.94 -25.31 -1.30
C THR H 165 14.39 -24.01 -0.68
N ALA H 166 13.24 -24.12 -0.01
CA ALA H 166 12.55 -22.96 0.56
C ALA H 166 13.47 -21.99 1.28
N GLU H 167 14.53 -22.51 1.90
CA GLU H 167 15.45 -21.64 2.63
C GLU H 167 16.18 -20.68 1.71
N ASP H 168 16.31 -21.00 0.41
CA ASP H 168 17.03 -20.14 -0.51
C ASP H 168 16.25 -18.90 -0.92
N ILE H 169 14.97 -18.81 -0.56
CA ILE H 169 14.10 -17.71 -0.99
C ILE H 169 13.84 -16.83 0.21
N ARG H 170 14.17 -15.55 0.10
CA ARG H 170 14.09 -14.62 1.21
C ARG H 170 13.23 -13.42 0.83
N PRO H 171 12.66 -12.72 1.84
CA PRO H 171 11.77 -11.58 1.58
C PRO H 171 12.37 -10.52 0.66
N GLU H 172 13.70 -10.50 0.60
CA GLU H 172 14.42 -9.62 -0.30
C GLU H 172 13.97 -9.81 -1.74
N HIS H 173 13.77 -11.07 -2.15
CA HIS H 173 13.55 -11.35 -3.56
C HIS H 173 12.24 -10.73 -4.07
N ARG H 174 11.28 -10.51 -3.17
CA ARG H 174 10.02 -9.85 -3.53
C ARG H 174 10.25 -8.56 -4.32
N ALA H 175 11.39 -7.90 -4.15
CA ALA H 175 11.64 -6.65 -4.85
C ALA H 175 12.36 -6.84 -6.18
N GLN H 176 12.65 -8.09 -6.57
CA GLN H 176 13.13 -8.42 -7.90
C GLN H 176 12.01 -8.75 -8.88
N LEU H 177 10.75 -8.55 -8.48
CA LEU H 177 9.62 -8.73 -9.36
C LEU H 177 9.83 -8.00 -10.68
N PRO H 178 9.84 -8.70 -11.82
CA PRO H 178 9.97 -8.02 -13.11
C PRO H 178 8.81 -7.07 -13.33
N GLN H 179 9.03 -6.09 -14.22
CA GLN H 179 7.96 -5.16 -14.51
C GLN H 179 6.91 -5.81 -15.41
N GLY H 180 5.67 -5.37 -15.26
CA GLY H 180 4.59 -5.94 -16.04
C GLY H 180 4.14 -7.30 -15.58
N TRP H 181 4.75 -7.85 -14.55
CA TRP H 181 4.25 -9.04 -13.87
C TRP H 181 2.81 -8.81 -13.40
N PRO H 182 1.95 -9.83 -13.39
CA PRO H 182 2.20 -11.24 -13.73
C PRO H 182 1.90 -11.52 -15.20
N TYR H 183 2.29 -12.70 -15.66
CA TYR H 183 2.19 -13.06 -17.07
C TYR H 183 0.74 -13.07 -17.55
N ARG H 184 0.53 -12.70 -18.82
CA ARG H 184 -0.79 -12.82 -19.44
C ARG H 184 -0.81 -14.12 -20.24
N HIS H 185 -1.41 -15.16 -19.66
CA HIS H 185 -1.49 -16.44 -20.36
C HIS H 185 -2.51 -16.43 -21.49
N ASP H 186 -2.11 -16.99 -22.62
CA ASP H 186 -3.09 -17.47 -23.58
C ASP H 186 -3.85 -18.70 -23.05
N PRO H 187 -5.09 -18.91 -23.49
CA PRO H 187 -5.75 -20.19 -23.21
C PRO H 187 -4.87 -21.41 -23.40
N THR H 188 -4.04 -21.42 -24.43
CA THR H 188 -3.31 -22.61 -24.84
C THR H 188 -1.89 -22.67 -24.26
N ASP H 189 -1.56 -21.78 -23.35
CA ASP H 189 -0.23 -21.75 -22.77
C ASP H 189 -0.14 -22.75 -21.61
N PRO H 190 0.92 -23.56 -21.53
CA PRO H 190 1.04 -24.52 -20.43
C PRO H 190 1.34 -23.85 -19.09
N ILE H 191 0.77 -24.42 -18.02
CA ILE H 191 0.85 -23.81 -16.70
C ILE H 191 1.17 -24.87 -15.64
N ILE H 192 1.21 -26.14 -16.05
CA ILE H 192 1.68 -27.20 -15.16
C ILE H 192 2.04 -28.40 -16.02
N ILE H 193 3.05 -29.14 -15.57
CA ILE H 193 3.30 -30.52 -15.95
C ILE H 193 3.19 -31.34 -14.68
N SER H 194 2.66 -32.55 -14.81
CA SER H 194 2.62 -33.43 -13.64
C SER H 194 2.43 -34.86 -14.16
N HIS H 195 2.43 -35.83 -13.24
CA HIS H 195 2.38 -37.22 -13.66
C HIS H 195 1.46 -38.01 -12.77
N SER H 196 1.09 -39.20 -13.26
CA SER H 196 0.15 -40.06 -12.55
C SER H 196 0.88 -41.01 -11.61
N SER H 197 0.09 -41.73 -10.83
CA SER H 197 0.59 -42.49 -9.70
C SER H 197 0.12 -43.93 -9.82
N GLY H 198 1.03 -44.84 -10.14
CA GLY H 198 0.66 -46.25 -10.16
C GLY H 198 1.49 -47.09 -11.10
N THR H 199 2.55 -46.49 -11.66
CA THR H 199 3.54 -47.20 -12.44
C THR H 199 4.84 -47.28 -11.63
N THR H 200 5.74 -48.13 -12.09
CA THR H 200 7.06 -48.25 -11.46
C THR H 200 8.18 -47.93 -12.44
N GLY H 201 7.85 -47.47 -13.65
CA GLY H 201 8.81 -47.05 -14.62
C GLY H 201 8.89 -45.54 -14.75
N MET H 202 9.42 -45.11 -15.90
CA MET H 202 9.41 -43.72 -16.28
C MET H 202 7.96 -43.24 -16.43
N PRO H 203 7.47 -42.36 -15.56
CA PRO H 203 6.10 -41.87 -15.72
C PRO H 203 5.98 -40.99 -16.95
N LYS H 204 4.74 -40.87 -17.43
CA LYS H 204 4.44 -39.95 -18.52
C LYS H 204 4.20 -38.54 -17.97
N ALA H 205 4.83 -37.55 -18.61
CA ALA H 205 4.69 -36.16 -18.21
C ALA H 205 3.47 -35.54 -18.89
N VAL H 206 2.51 -35.07 -18.09
CA VAL H 206 1.25 -34.57 -18.61
C VAL H 206 1.14 -33.07 -18.38
N PRO H 207 1.31 -32.25 -19.42
CA PRO H 207 1.09 -30.82 -19.28
C PRO H 207 -0.39 -30.46 -19.37
N HIS H 208 -0.76 -29.38 -18.69
CA HIS H 208 -2.07 -28.78 -18.87
C HIS H 208 -1.92 -27.29 -19.12
N THR H 209 -2.87 -26.74 -19.87
CA THR H 209 -2.83 -25.32 -20.20
C THR H 209 -3.71 -24.49 -19.27
N HIS H 210 -3.55 -23.17 -19.44
CA HIS H 210 -4.36 -22.15 -18.78
C HIS H 210 -5.86 -22.45 -18.82
N GLN H 211 -6.33 -22.95 -19.96
CA GLN H 211 -7.75 -23.23 -20.12
C GLN H 211 -8.15 -24.64 -19.71
N THR H 212 -7.27 -25.66 -19.87
CA THR H 212 -7.70 -27.03 -19.66
C THR H 212 -7.81 -27.40 -18.18
N LEU H 213 -6.88 -26.95 -17.34
CA LEU H 213 -6.85 -27.42 -15.97
C LEU H 213 -8.14 -27.07 -15.23
N LEU H 214 -8.82 -25.99 -15.63
CA LEU H 214 -10.00 -25.53 -14.93
C LEU H 214 -11.25 -25.51 -15.82
N TYR H 215 -11.19 -26.10 -17.03
CA TYR H 215 -12.31 -25.94 -17.96
C TYR H 215 -13.61 -26.48 -17.37
N ALA H 216 -13.59 -27.69 -16.79
CA ALA H 216 -14.82 -28.29 -16.26
C ALA H 216 -15.49 -27.39 -15.21
N GLN H 217 -14.71 -26.80 -14.31
CA GLN H 217 -15.28 -25.97 -13.27
C GLN H 217 -15.76 -24.64 -13.81
N LEU H 218 -14.98 -24.02 -14.69
CA LEU H 218 -15.43 -22.76 -15.27
C LEU H 218 -16.67 -22.99 -16.13
N HIS H 219 -16.77 -24.15 -16.77
CA HIS H 219 -17.96 -24.50 -17.51
C HIS H 219 -19.16 -24.64 -16.59
N ARG H 220 -19.00 -25.33 -15.46
CA ARG H 220 -20.10 -25.49 -14.53
C ARG H 220 -20.50 -24.14 -13.96
N LEU H 221 -19.50 -23.33 -13.61
CA LEU H 221 -19.79 -22.01 -13.08
C LEU H 221 -20.59 -21.17 -14.08
N LYS H 222 -20.23 -21.25 -15.38
CA LYS H 222 -20.93 -20.43 -16.38
C LYS H 222 -22.40 -20.82 -16.49
N LEU H 223 -22.75 -22.05 -16.08
CA LEU H 223 -24.14 -22.44 -15.94
C LEU H 223 -24.66 -22.32 -14.50
N SER H 224 -23.82 -21.90 -13.55
CA SER H 224 -24.12 -21.76 -12.13
C SER H 224 -24.36 -23.10 -11.43
N VAL H 225 -24.01 -24.21 -12.08
CA VAL H 225 -24.13 -25.54 -11.48
C VAL H 225 -23.13 -25.73 -10.33
N GLY H 226 -23.63 -26.22 -9.21
CA GLY H 226 -22.82 -26.56 -8.06
C GLY H 226 -23.52 -26.10 -6.80
N GLY H 227 -23.15 -26.74 -5.68
CA GLY H 227 -23.53 -26.26 -4.37
C GLY H 227 -22.45 -25.39 -3.74
N SER H 228 -22.69 -25.01 -2.49
CA SER H 228 -21.72 -24.20 -1.74
C SER H 228 -20.79 -25.15 -0.99
N MET H 229 -19.52 -25.12 -1.36
CA MET H 229 -18.55 -26.09 -0.84
C MET H 229 -18.14 -25.82 0.60
N GLY H 230 -18.30 -24.60 1.09
CA GLY H 230 -17.83 -24.25 2.42
C GLY H 230 -16.36 -24.56 2.54
N ARG H 231 -15.99 -25.06 3.72
CA ARG H 231 -14.59 -25.39 3.99
C ARG H 231 -14.17 -26.62 3.21
N LEU H 232 -13.06 -26.49 2.50
CA LEU H 232 -12.62 -27.47 1.53
C LEU H 232 -11.32 -28.12 1.98
N LEU H 233 -11.33 -29.43 2.16
CA LEU H 233 -10.16 -30.17 2.58
C LEU H 233 -9.57 -30.88 1.37
N VAL H 234 -8.31 -30.57 1.05
CA VAL H 234 -7.64 -31.20 -0.08
C VAL H 234 -6.64 -32.24 0.42
N ALA H 235 -7.08 -33.50 0.54
CA ALA H 235 -6.21 -34.60 0.90
C ALA H 235 -5.75 -35.38 -0.33
N LEU H 236 -5.64 -34.70 -1.45
CA LEU H 236 -5.04 -35.28 -2.65
C LEU H 236 -3.53 -35.16 -2.59
N PRO H 237 -2.82 -36.08 -3.25
CA PRO H 237 -1.38 -35.93 -3.41
C PRO H 237 -1.06 -34.61 -4.12
N GLY H 238 -0.41 -33.71 -3.39
CA GLY H 238 0.01 -32.43 -3.94
C GLY H 238 0.67 -32.50 -5.32
N ASN H 239 1.32 -33.61 -5.63
CA ASN H 239 2.01 -33.69 -6.91
C ASN H 239 1.06 -33.96 -8.08
N HIS H 240 -0.22 -34.16 -7.79
CA HIS H 240 -1.21 -34.43 -8.80
C HIS H 240 -1.88 -33.13 -9.25
N ASN H 241 -2.13 -32.99 -10.56
CA ASN H 241 -2.67 -31.72 -11.04
C ASN H 241 -4.05 -31.44 -10.48
N ALA H 242 -4.79 -32.49 -10.07
CA ALA H 242 -6.11 -32.31 -9.45
C ALA H 242 -6.04 -31.52 -8.15
N ALA H 243 -4.92 -31.60 -7.42
CA ALA H 243 -4.83 -30.89 -6.16
C ALA H 243 -4.67 -29.40 -6.40
N MET H 244 -3.93 -29.05 -7.46
CA MET H 244 -3.78 -27.64 -7.82
C MET H 244 -5.09 -27.10 -8.36
N SER H 245 -5.81 -27.89 -9.17
CA SER H 245 -7.04 -27.35 -9.72
C SER H 245 -8.10 -27.24 -8.64
N VAL H 246 -8.18 -28.21 -7.72
CA VAL H 246 -9.19 -28.12 -6.69
C VAL H 246 -8.90 -26.95 -5.79
N MET H 247 -7.61 -26.72 -5.53
CA MET H 247 -7.17 -25.59 -4.73
C MET H 247 -7.56 -24.26 -5.38
N MET H 248 -7.14 -24.04 -6.62
CA MET H 248 -7.50 -22.81 -7.34
C MET H 248 -9.00 -22.57 -7.31
N PHE H 249 -9.80 -23.61 -7.62
CA PHE H 249 -11.25 -23.42 -7.66
C PHE H 249 -11.78 -23.00 -6.29
N GLY H 250 -11.31 -23.63 -5.22
CA GLY H 250 -11.72 -23.24 -3.89
C GLY H 250 -11.41 -21.79 -3.60
N LEU H 251 -10.21 -21.34 -3.97
CA LEU H 251 -9.84 -19.94 -3.80
C LEU H 251 -10.80 -19.05 -4.57
N LEU H 252 -10.89 -19.26 -5.89
CA LEU H 252 -11.79 -18.53 -6.76
C LEU H 252 -13.23 -18.50 -6.23
N LEU H 253 -13.70 -19.60 -5.67
CA LEU H 253 -15.06 -19.65 -5.17
C LEU H 253 -15.16 -19.23 -3.72
N ASP H 254 -14.09 -18.69 -3.14
CA ASP H 254 -14.07 -18.19 -1.76
C ASP H 254 -14.33 -19.30 -0.74
N SER H 255 -13.83 -20.52 -1.05
CA SER H 255 -13.79 -21.57 -0.04
C SER H 255 -12.46 -21.53 0.72
N PRO H 256 -12.48 -21.51 2.05
CA PRO H 256 -11.26 -21.83 2.79
C PRO H 256 -10.74 -23.19 2.35
N VAL H 257 -9.47 -23.27 1.97
CA VAL H 257 -8.93 -24.56 1.56
C VAL H 257 -7.74 -24.93 2.45
N TYR H 258 -7.70 -26.20 2.81
CA TYR H 258 -6.70 -26.81 3.69
C TYR H 258 -5.97 -27.83 2.87
N LEU H 259 -4.65 -27.66 2.71
CA LEU H 259 -3.83 -28.56 1.89
C LEU H 259 -3.22 -29.60 2.82
N GLN H 260 -3.67 -30.86 2.69
CA GLN H 260 -3.31 -31.95 3.58
C GLN H 260 -2.30 -32.84 2.89
N SER H 261 -1.02 -32.76 3.29
CA SER H 261 0.00 -33.50 2.57
C SER H 261 -0.16 -35.00 2.75
N SER H 262 -0.50 -35.44 3.95
CA SER H 262 -0.50 -36.87 4.25
C SER H 262 -1.79 -37.52 3.73
N GLN H 263 -1.64 -38.54 2.89
CA GLN H 263 -2.79 -39.32 2.44
C GLN H 263 -3.10 -40.49 3.37
N ARG H 264 -2.26 -40.75 4.39
CA ARG H 264 -2.54 -41.76 5.40
C ARG H 264 -3.85 -41.45 6.12
N GLY H 265 -4.80 -42.39 6.06
CA GLY H 265 -6.17 -42.10 6.48
C GLY H 265 -6.28 -41.45 7.84
N SER H 266 -5.48 -41.91 8.79
CA SER H 266 -5.55 -41.36 10.15
C SER H 266 -5.21 -39.87 10.19
N ASP H 267 -4.27 -39.43 9.36
CA ASP H 267 -3.85 -38.03 9.40
C ASP H 267 -4.86 -37.12 8.72
N VAL H 268 -5.47 -37.59 7.62
CA VAL H 268 -6.64 -36.91 7.05
C VAL H 268 -7.75 -36.84 8.09
N LEU H 269 -8.01 -37.96 8.78
CA LEU H 269 -9.03 -37.95 9.81
C LEU H 269 -8.70 -36.94 10.91
N ASP H 270 -7.40 -36.74 11.21
CA ASP H 270 -7.01 -35.74 12.21
C ASP H 270 -7.30 -34.32 11.71
N ALA H 271 -7.08 -34.07 10.42
CA ALA H 271 -7.41 -32.77 9.85
C ALA H 271 -8.92 -32.57 9.66
N ILE H 272 -9.69 -33.64 9.41
CA ILE H 272 -11.13 -33.48 9.38
C ILE H 272 -11.64 -32.91 10.72
N GLU H 273 -11.11 -33.42 11.85
CA GLU H 273 -11.60 -32.93 13.15
C GLU H 273 -11.06 -31.54 13.49
N LYS H 274 -9.83 -31.24 13.07
CA LYS H 274 -9.26 -29.92 13.31
C LYS H 274 -10.01 -28.90 12.47
N PHE H 275 -9.86 -29.01 11.14
CA PHE H 275 -10.33 -28.01 10.19
C PHE H 275 -11.85 -28.02 10.00
N LYS H 276 -12.50 -29.17 10.23
CA LYS H 276 -13.94 -29.36 10.07
C LYS H 276 -14.44 -28.98 8.66
N PRO H 277 -13.98 -29.67 7.62
CA PRO H 277 -14.40 -29.30 6.26
C PRO H 277 -15.85 -29.66 5.98
N THR H 278 -16.47 -28.88 5.09
CA THR H 278 -17.76 -29.27 4.50
C THR H 278 -17.55 -30.22 3.33
N THR H 279 -16.53 -29.98 2.54
CA THR H 279 -16.24 -30.80 1.37
C THR H 279 -14.84 -31.37 1.51
N VAL H 280 -14.70 -32.65 1.20
CA VAL H 280 -13.41 -33.35 1.27
C VAL H 280 -13.05 -33.86 -0.12
N PHE H 281 -11.81 -33.64 -0.52
CA PHE H 281 -11.29 -34.14 -1.77
C PHE H 281 -10.19 -35.14 -1.46
N GLY H 282 -10.34 -36.37 -1.95
CA GLY H 282 -9.34 -37.37 -1.69
C GLY H 282 -9.23 -38.32 -2.87
N PHE H 283 -8.28 -39.25 -2.76
CA PHE H 283 -8.20 -40.37 -3.67
C PHE H 283 -8.85 -41.60 -3.06
N SER H 284 -8.99 -42.63 -3.91
CA SER H 284 -9.57 -43.91 -3.51
C SER H 284 -8.82 -44.53 -2.33
N GLY H 285 -7.48 -44.58 -2.42
CA GLY H 285 -6.68 -45.20 -1.37
C GLY H 285 -6.91 -44.58 0.00
N THR H 286 -6.91 -43.24 0.07
CA THR H 286 -7.19 -42.54 1.32
C THR H 286 -8.58 -42.88 1.87
N TYR H 287 -9.62 -42.72 1.05
CA TYR H 287 -10.96 -43.02 1.51
C TYR H 287 -11.09 -44.45 2.00
N GLY H 288 -10.34 -45.39 1.40
CA GLY H 288 -10.34 -46.75 1.89
C GLY H 288 -9.87 -46.84 3.33
N GLN H 289 -8.76 -46.18 3.65
CA GLN H 289 -8.27 -46.22 5.02
C GLN H 289 -9.19 -45.47 5.95
N ILE H 290 -9.92 -44.47 5.45
CA ILE H 290 -10.84 -43.76 6.33
C ILE H 290 -12.05 -44.64 6.66
N ALA H 291 -12.54 -45.40 5.68
CA ALA H 291 -13.76 -46.18 5.90
C ALA H 291 -13.53 -47.35 6.85
N THR H 292 -12.40 -48.05 6.71
CA THR H 292 -12.04 -49.15 7.61
C THR H 292 -11.38 -48.65 8.91
N SER H 293 -11.46 -47.36 9.20
CA SER H 293 -11.01 -46.87 10.49
C SER H 293 -12.17 -46.88 11.47
N ASP H 294 -11.84 -46.72 12.73
CA ASP H 294 -12.86 -46.63 13.76
C ASP H 294 -13.31 -45.18 13.82
N LEU H 295 -14.46 -44.89 13.22
CA LEU H 295 -14.98 -43.55 13.19
C LEU H 295 -15.90 -43.23 14.37
N SER H 296 -16.04 -44.16 15.32
CA SER H 296 -16.84 -43.92 16.50
C SER H 296 -16.34 -42.69 17.29
N THR H 297 -15.01 -42.57 17.39
CA THR H 297 -14.38 -41.48 18.13
C THR H 297 -14.26 -40.21 17.31
N ARG H 298 -14.16 -40.33 15.98
CA ARG H 298 -13.97 -39.22 15.07
C ARG H 298 -15.21 -38.33 14.99
N ASP H 299 -15.01 -37.07 14.64
CA ASP H 299 -16.10 -36.09 14.47
C ASP H 299 -16.18 -35.70 12.98
N MET H 300 -17.04 -36.40 12.24
CA MET H 300 -17.28 -36.10 10.83
C MET H 300 -18.50 -35.22 10.61
N SER H 301 -19.10 -34.70 11.68
CA SER H 301 -20.38 -34.02 11.56
C SER H 301 -20.33 -32.80 10.63
N SER H 302 -19.14 -32.25 10.37
CA SER H 302 -19.07 -31.09 9.48
C SER H 302 -19.30 -31.48 8.03
N ILE H 303 -19.02 -32.74 7.66
CA ILE H 303 -18.94 -33.13 6.26
C ILE H 303 -20.33 -33.15 5.62
N GLU H 304 -20.40 -32.70 4.36
CA GLU H 304 -21.61 -32.82 3.57
C GLU H 304 -21.36 -33.50 2.24
N ALA H 305 -20.09 -33.68 1.85
CA ALA H 305 -19.73 -34.03 0.50
C ALA H 305 -18.31 -34.57 0.48
N TYR H 306 -18.12 -35.68 -0.22
CA TYR H 306 -16.78 -36.13 -0.60
C TYR H 306 -16.69 -36.15 -2.11
N TYR H 307 -15.50 -35.90 -2.61
CA TYR H 307 -15.20 -36.06 -4.02
C TYR H 307 -14.00 -36.99 -4.14
N ASN H 308 -14.09 -37.92 -5.07
CA ASN H 308 -12.99 -38.78 -5.44
C ASN H 308 -12.54 -38.40 -6.86
N THR H 309 -11.23 -38.33 -7.06
CA THR H 309 -10.71 -37.91 -8.36
C THR H 309 -10.10 -39.05 -9.19
N GLY H 310 -9.54 -40.07 -8.52
CA GLY H 310 -8.86 -41.13 -9.24
C GLY H 310 -9.70 -42.32 -9.65
N ASP H 311 -9.11 -43.51 -9.52
CA ASP H 311 -9.87 -44.75 -9.62
C ASP H 311 -11.09 -44.67 -8.72
N ALA H 312 -12.21 -45.23 -9.19
CA ALA H 312 -13.43 -45.29 -8.42
C ALA H 312 -13.18 -45.90 -7.05
N ALA H 313 -13.78 -45.31 -6.03
CA ALA H 313 -13.71 -45.86 -4.69
C ALA H 313 -14.54 -47.12 -4.60
N HIS H 314 -14.17 -48.00 -3.67
CA HIS H 314 -14.96 -49.19 -3.43
C HIS H 314 -16.27 -48.82 -2.76
N GLU H 315 -17.39 -49.32 -3.32
CA GLU H 315 -18.72 -48.89 -2.89
C GLU H 315 -18.97 -49.22 -1.42
N ALA H 316 -18.32 -50.28 -0.92
CA ALA H 316 -18.43 -50.59 0.51
C ALA H 316 -17.93 -49.42 1.34
N HIS H 317 -16.77 -48.87 0.99
CA HIS H 317 -16.22 -47.69 1.68
C HIS H 317 -17.19 -46.50 1.60
N ILE H 318 -17.63 -46.16 0.38
CA ILE H 318 -18.59 -45.08 0.18
C ILE H 318 -19.77 -45.22 1.14
N ARG H 319 -20.24 -46.45 1.35
CA ARG H 319 -21.43 -46.62 2.18
C ARG H 319 -21.17 -46.32 3.65
N VAL H 320 -19.95 -46.54 4.16
CA VAL H 320 -19.70 -46.06 5.53
C VAL H 320 -19.52 -44.55 5.53
N LEU H 321 -18.86 -44.00 4.49
CA LEU H 321 -18.63 -42.55 4.41
C LEU H 321 -19.94 -41.76 4.34
N VAL H 322 -20.88 -42.18 3.49
CA VAL H 322 -22.07 -41.36 3.27
C VAL H 322 -23.03 -41.46 4.46
N ALA H 323 -22.66 -42.27 5.45
CA ALA H 323 -23.42 -42.35 6.69
C ALA H 323 -23.07 -41.22 7.65
N GLN H 324 -21.91 -40.58 7.46
CA GLN H 324 -21.47 -39.45 8.27
C GLN H 324 -22.09 -38.14 7.79
N GLY H 325 -22.16 -37.16 8.71
CA GLY H 325 -22.53 -35.80 8.37
C GLY H 325 -24.01 -35.63 8.09
N SER H 326 -24.30 -34.73 7.16
CA SER H 326 -25.65 -34.27 6.82
C SER H 326 -25.52 -33.44 5.56
N HIS H 327 -26.63 -33.31 4.82
CA HIS H 327 -26.59 -32.48 3.63
C HIS H 327 -27.95 -31.85 3.39
N GLU H 328 -27.99 -30.88 2.50
CA GLU H 328 -29.23 -30.21 2.15
C GLU H 328 -29.79 -30.80 0.87
N GLU H 329 -31.12 -30.93 0.81
CA GLU H 329 -31.79 -31.33 -0.41
C GLU H 329 -33.06 -30.52 -0.57
N ILE H 330 -33.71 -30.72 -1.71
CA ILE H 330 -34.91 -29.96 -2.04
C ILE H 330 -36.11 -30.62 -1.38
N GLY H 331 -36.81 -29.86 -0.56
CA GLY H 331 -37.91 -30.40 0.22
C GLY H 331 -39.23 -30.31 -0.49
N PRO H 332 -40.26 -30.91 0.12
CA PRO H 332 -41.60 -30.85 -0.50
C PRO H 332 -42.07 -29.45 -0.82
N ASP H 333 -41.62 -28.45 -0.08
CA ASP H 333 -41.99 -27.05 -0.35
C ASP H 333 -40.96 -26.32 -1.20
N PHE H 334 -39.97 -27.04 -1.73
CA PHE H 334 -38.97 -26.51 -2.66
C PHE H 334 -37.99 -25.59 -1.97
N LYS H 335 -38.02 -25.54 -0.67
CA LYS H 335 -36.97 -24.90 0.11
C LYS H 335 -35.96 -25.96 0.53
N PRO H 336 -34.73 -25.57 0.91
CA PRO H 336 -33.75 -26.56 1.36
C PRO H 336 -34.16 -27.20 2.69
N VAL H 337 -33.65 -28.39 2.92
CA VAL H 337 -33.88 -29.09 4.18
C VAL H 337 -32.68 -29.98 4.44
N ARG H 338 -32.20 -29.96 5.69
CA ARG H 338 -31.07 -30.77 6.08
C ARG H 338 -31.52 -32.20 6.37
N VAL H 339 -30.71 -33.15 5.93
CA VAL H 339 -31.01 -34.57 6.12
C VAL H 339 -29.73 -35.31 6.48
N PRO H 340 -29.86 -36.40 7.22
CA PRO H 340 -28.66 -37.12 7.67
C PRO H 340 -27.85 -37.69 6.51
N GLY H 341 -26.55 -37.83 6.73
CA GLY H 341 -25.66 -38.41 5.77
C GLY H 341 -25.18 -37.41 4.72
N SER H 342 -24.11 -37.78 4.05
CA SER H 342 -23.44 -36.90 3.10
C SER H 342 -23.47 -37.52 1.71
N VAL H 343 -22.85 -36.84 0.75
CA VAL H 343 -22.88 -37.22 -0.65
C VAL H 343 -21.45 -37.48 -1.13
N PHE H 344 -21.19 -38.69 -1.62
CA PHE H 344 -19.88 -39.04 -2.16
C PHE H 344 -19.97 -39.10 -3.68
N THR H 345 -19.03 -38.44 -4.36
CA THR H 345 -19.08 -38.31 -5.81
C THR H 345 -17.79 -38.85 -6.42
N ASP H 346 -17.92 -39.96 -7.15
CA ASP H 346 -16.86 -40.44 -8.02
C ASP H 346 -16.78 -39.53 -9.24
N GLY H 347 -15.72 -38.72 -9.32
CA GLY H 347 -15.20 -38.31 -10.61
C GLY H 347 -14.32 -39.43 -11.14
N LEU H 348 -14.40 -39.67 -12.44
CA LEU H 348 -13.61 -40.72 -13.04
C LEU H 348 -12.62 -40.08 -14.00
N GLY H 349 -11.76 -39.26 -13.40
CA GLY H 349 -10.74 -38.54 -14.13
C GLY H 349 -9.38 -39.20 -14.02
N SER H 350 -8.49 -38.73 -14.87
CA SER H 350 -7.10 -39.12 -14.87
C SER H 350 -6.24 -37.86 -14.88
N SER H 351 -4.91 -38.04 -14.83
CA SER H 351 -4.01 -36.92 -15.04
C SER H 351 -4.28 -36.28 -16.40
N GLU H 352 -4.58 -37.10 -17.41
CA GLU H 352 -4.72 -36.57 -18.76
C GLU H 352 -5.99 -35.77 -18.93
N THR H 353 -7.09 -36.20 -18.31
CA THR H 353 -8.40 -35.60 -18.58
C THR H 353 -8.86 -34.60 -17.54
N GLY H 354 -8.09 -34.40 -16.46
CA GLY H 354 -8.61 -33.69 -15.30
C GLY H 354 -9.61 -34.60 -14.61
N TYR H 355 -10.25 -34.08 -13.55
CA TYR H 355 -11.30 -34.92 -13.00
C TYR H 355 -12.60 -34.54 -13.70
N SER H 356 -13.72 -34.69 -13.02
CA SER H 356 -15.01 -34.60 -13.72
C SER H 356 -14.97 -35.68 -14.80
N ILE H 357 -15.43 -35.39 -16.03
CA ILE H 357 -15.64 -36.37 -17.10
C ILE H 357 -16.87 -37.22 -16.80
N PHE H 358 -16.84 -37.98 -15.70
CA PHE H 358 -17.96 -38.80 -15.25
C PHE H 358 -18.27 -38.45 -13.81
N HIS H 359 -19.52 -38.07 -13.52
CA HIS H 359 -19.99 -38.09 -12.13
C HIS H 359 -20.61 -39.45 -11.81
N ASN H 360 -20.36 -39.93 -10.61
CA ASN H 360 -21.14 -41.02 -10.02
C ASN H 360 -21.50 -40.61 -8.59
N GLY H 361 -22.76 -40.21 -8.39
CA GLY H 361 -23.19 -39.68 -7.11
C GLY H 361 -23.73 -40.76 -6.17
N HIS H 362 -23.36 -40.66 -4.89
CA HIS H 362 -23.77 -41.62 -3.88
C HIS H 362 -24.24 -40.88 -2.64
N LYS H 363 -25.35 -41.34 -2.06
CA LYS H 363 -25.86 -40.80 -0.82
C LYS H 363 -26.49 -41.94 -0.04
N PRO H 364 -26.77 -41.74 1.25
CA PRO H 364 -27.34 -42.84 2.04
C PRO H 364 -28.59 -43.39 1.37
N GLY H 365 -28.64 -44.72 1.27
CA GLY H 365 -29.73 -45.41 0.64
C GLY H 365 -29.54 -45.70 -0.83
N SER H 366 -28.79 -44.85 -1.55
CA SER H 366 -28.74 -44.91 -3.01
C SER H 366 -28.20 -46.28 -3.46
N ALA H 367 -28.48 -46.60 -4.74
CA ALA H 367 -28.32 -47.94 -5.26
C ALA H 367 -26.90 -48.18 -5.78
N SER H 368 -26.53 -49.46 -5.83
CA SER H 368 -25.26 -49.88 -6.41
C SER H 368 -25.21 -49.54 -7.89
N PHE H 369 -24.09 -48.96 -8.31
CA PHE H 369 -23.80 -48.79 -9.72
C PHE H 369 -23.23 -50.05 -10.34
N GLY H 370 -22.69 -50.96 -9.51
CA GLY H 370 -22.01 -52.12 -10.04
C GLY H 370 -20.78 -51.69 -10.78
N ARG H 371 -20.71 -51.97 -12.08
CA ARG H 371 -19.59 -51.50 -12.91
C ARG H 371 -20.01 -50.37 -13.82
N CYS H 372 -21.21 -49.83 -13.61
CA CYS H 372 -21.71 -48.72 -14.40
C CYS H 372 -21.00 -47.43 -14.00
N ILE H 373 -20.50 -46.72 -15.00
CA ILE H 373 -19.84 -45.43 -14.82
C ILE H 373 -20.73 -44.27 -15.22
N GLY H 374 -21.73 -44.50 -16.05
CA GLY H 374 -22.69 -43.47 -16.43
C GLY H 374 -22.29 -42.76 -17.69
N LYS H 375 -22.84 -41.62 -17.89
CA LYS H 375 -22.51 -40.92 -19.12
C LYS H 375 -21.47 -39.84 -18.86
N PRO H 376 -20.65 -39.49 -19.85
CA PRO H 376 -19.71 -38.37 -19.69
C PRO H 376 -20.46 -37.07 -19.46
N MET H 377 -19.74 -36.07 -18.95
CA MET H 377 -20.38 -34.76 -18.80
C MET H 377 -20.52 -34.08 -20.15
N SER H 378 -21.43 -33.10 -20.19
CA SER H 378 -21.88 -32.53 -21.46
C SER H 378 -20.72 -32.01 -22.31
N PHE H 379 -19.68 -31.48 -21.68
CA PHE H 379 -18.60 -30.91 -22.48
C PHE H 379 -17.69 -31.97 -23.07
N ALA H 380 -17.63 -33.14 -22.45
CA ALA H 380 -16.80 -34.24 -22.91
C ALA H 380 -17.64 -35.20 -23.73
N GLN H 381 -16.97 -36.20 -24.29
CA GLN H 381 -17.62 -37.11 -25.21
C GLN H 381 -16.78 -38.38 -25.23
N ALA H 382 -17.41 -39.52 -24.98
CA ALA H 382 -16.72 -40.79 -24.78
C ALA H 382 -17.27 -41.85 -25.72
N ALA H 383 -16.37 -42.74 -26.16
CA ALA H 383 -16.71 -43.82 -27.08
C ALA H 383 -16.19 -45.15 -26.56
N VAL H 384 -16.85 -46.22 -26.97
CA VAL H 384 -16.31 -47.58 -26.88
C VAL H 384 -15.82 -47.92 -28.29
N LEU H 385 -14.51 -48.03 -28.46
CA LEU H 385 -13.90 -48.01 -29.78
C LEU H 385 -13.50 -49.40 -30.23
N SER H 386 -13.71 -49.69 -31.50
CA SER H 386 -13.19 -50.88 -32.12
C SER H 386 -11.71 -50.69 -32.42
N GLU H 387 -11.07 -51.76 -32.90
CA GLU H 387 -9.63 -51.70 -33.15
C GLU H 387 -9.25 -50.73 -34.26
N ASP H 388 -10.18 -50.36 -35.14
CA ASP H 388 -9.90 -49.36 -36.15
C ASP H 388 -10.50 -48.00 -35.80
N GLY H 389 -10.76 -47.74 -34.51
CA GLY H 389 -11.21 -46.45 -34.07
C GLY H 389 -12.68 -46.17 -34.21
N ARG H 390 -13.47 -47.17 -34.57
CA ARG H 390 -14.87 -46.79 -34.75
C ARG H 390 -15.68 -47.13 -33.52
N PRO H 391 -16.57 -46.22 -33.11
CA PRO H 391 -17.48 -46.53 -32.01
C PRO H 391 -18.34 -47.75 -32.30
N LEU H 392 -18.63 -48.55 -31.23
CA LEU H 392 -19.32 -49.83 -31.23
C LEU H 392 -20.78 -49.70 -30.80
N PRO H 393 -21.65 -50.55 -31.32
CA PRO H 393 -23.04 -50.55 -30.87
C PRO H 393 -23.12 -51.00 -29.42
N ALA H 394 -24.14 -50.51 -28.73
CA ALA H 394 -24.40 -50.90 -27.35
C ALA H 394 -24.26 -52.40 -27.19
N GLY H 395 -23.58 -52.81 -26.13
CA GLY H 395 -23.48 -54.20 -25.81
C GLY H 395 -22.21 -54.88 -26.29
N GLU H 396 -21.34 -54.18 -26.98
CA GLU H 396 -20.07 -54.77 -27.35
C GLU H 396 -18.95 -54.12 -26.55
N VAL H 397 -17.85 -54.87 -26.44
CA VAL H 397 -16.69 -54.52 -25.62
C VAL H 397 -15.63 -53.91 -26.53
N GLY H 398 -15.11 -52.76 -26.13
CA GLY H 398 -14.00 -52.13 -26.82
C GLY H 398 -13.17 -51.22 -25.93
N ARG H 399 -12.34 -50.39 -26.54
CA ARG H 399 -11.44 -49.52 -25.80
C ARG H 399 -12.16 -48.22 -25.47
N LEU H 400 -12.27 -47.91 -24.17
CA LEU H 400 -12.80 -46.63 -23.75
C LEU H 400 -11.92 -45.50 -24.24
N GLY H 401 -12.53 -44.55 -24.93
CA GLY H 401 -11.84 -43.35 -25.36
C GLY H 401 -12.63 -42.14 -24.94
N VAL H 402 -11.90 -41.02 -24.76
CA VAL H 402 -12.50 -39.74 -24.40
C VAL H 402 -11.93 -38.64 -25.29
N ARG H 403 -12.81 -37.77 -25.77
CA ARG H 403 -12.44 -36.43 -26.22
C ARG H 403 -12.98 -35.43 -25.21
N SER H 404 -12.20 -34.40 -24.95
CA SER H 404 -12.67 -33.37 -24.04
C SER H 404 -11.83 -32.10 -24.18
N PRO H 405 -12.43 -30.91 -24.02
CA PRO H 405 -11.62 -29.70 -23.85
C PRO H 405 -10.89 -29.64 -22.52
N THR H 406 -11.06 -30.63 -21.65
CA THR H 406 -10.26 -30.74 -20.45
C THR H 406 -9.00 -31.56 -20.68
N LEU H 407 -8.73 -31.93 -21.92
CA LEU H 407 -7.73 -32.93 -22.20
C LEU H 407 -6.39 -32.25 -22.44
N THR H 408 -5.31 -32.94 -22.05
CA THR H 408 -3.99 -32.40 -22.27
C THR H 408 -3.71 -32.28 -23.78
N PRO H 409 -2.81 -31.39 -24.18
CA PRO H 409 -2.36 -31.35 -25.58
C PRO H 409 -1.40 -32.48 -25.94
N GLY H 410 -1.04 -33.35 -25.01
CA GLY H 410 -0.10 -34.41 -25.32
C GLY H 410 1.10 -34.45 -24.39
N TYR H 411 1.66 -35.65 -24.22
CA TYR H 411 2.74 -35.85 -23.27
C TYR H 411 3.96 -34.98 -23.59
N TRP H 412 4.55 -34.41 -22.53
CA TRP H 412 5.66 -33.49 -22.67
C TRP H 412 6.90 -34.18 -23.24
N ASN H 413 7.41 -33.61 -24.33
CA ASN H 413 8.60 -34.06 -25.07
C ASN H 413 8.49 -35.51 -25.52
N ASP H 414 7.26 -36.03 -25.67
CA ASP H 414 7.08 -37.41 -26.07
C ASP H 414 5.80 -37.52 -26.90
N SER H 415 5.88 -37.03 -28.16
CA SER H 415 4.80 -37.18 -29.13
C SER H 415 4.62 -38.63 -29.59
N LEU H 416 5.66 -39.45 -29.54
CA LEU H 416 5.52 -40.84 -29.97
C LEU H 416 4.53 -41.59 -29.10
N THR H 417 4.70 -41.47 -27.77
CA THR H 417 3.81 -42.13 -26.84
C THR H 417 2.39 -41.59 -26.96
N TRP H 418 2.26 -40.26 -26.90
CA TRP H 418 0.97 -39.59 -27.05
C TRP H 418 0.12 -40.22 -28.13
N HIS H 419 0.66 -40.34 -29.34
CA HIS H 419 -0.18 -40.80 -30.44
C HIS H 419 -0.40 -42.31 -30.42
N LYS H 420 0.46 -43.07 -29.76
CA LYS H 420 0.12 -44.45 -29.47
C LYS H 420 -1.06 -44.56 -28.52
N LEU H 421 -1.36 -43.52 -27.75
CA LEU H 421 -2.47 -43.56 -26.81
C LEU H 421 -3.71 -42.88 -27.37
N ARG H 422 -3.74 -42.65 -28.68
CA ARG H 422 -4.91 -42.11 -29.34
C ARG H 422 -5.38 -43.10 -30.42
N LEU H 423 -6.66 -42.99 -30.74
CA LEU H 423 -7.33 -43.92 -31.62
C LEU H 423 -8.64 -43.29 -32.11
N GLY H 424 -8.81 -43.14 -33.42
CA GLY H 424 -9.98 -42.53 -34.01
C GLY H 424 -10.36 -41.18 -33.45
N GLY H 425 -9.37 -40.40 -33.01
CA GLY H 425 -9.61 -39.06 -32.52
C GLY H 425 -9.75 -38.95 -31.03
N TYR H 426 -9.87 -40.09 -30.33
CA TYR H 426 -10.04 -40.14 -28.88
C TYR H 426 -8.73 -40.44 -28.19
N TRP H 427 -8.63 -40.04 -26.93
CA TRP H 427 -7.53 -40.44 -26.07
C TRP H 427 -7.89 -41.75 -25.36
N LEU H 428 -7.06 -42.78 -25.50
CA LEU H 428 -7.33 -44.06 -24.85
C LEU H 428 -7.07 -43.94 -23.35
N THR H 429 -8.08 -44.21 -22.54
CA THR H 429 -7.90 -44.17 -21.09
C THR H 429 -7.25 -45.44 -20.56
N GLY H 430 -6.96 -46.43 -21.42
CA GLY H 430 -6.45 -47.70 -20.99
C GLY H 430 -7.48 -48.75 -20.58
N ASP H 431 -8.77 -48.43 -20.59
CA ASP H 431 -9.75 -49.35 -20.08
C ASP H 431 -10.55 -50.01 -21.20
N LEU H 432 -11.26 -51.07 -20.83
CA LEU H 432 -12.18 -51.77 -21.71
C LEU H 432 -13.59 -51.64 -21.13
N ALA H 433 -14.56 -51.35 -21.99
CA ALA H 433 -15.86 -50.92 -21.54
C ALA H 433 -16.92 -51.33 -22.56
N MET H 434 -18.17 -51.08 -22.18
CA MET H 434 -19.34 -51.32 -23.00
C MET H 434 -20.43 -50.37 -22.55
N GLN H 435 -21.42 -50.17 -23.42
CA GLN H 435 -22.58 -49.34 -23.11
C GLN H 435 -23.83 -50.20 -23.12
N ASP H 436 -24.84 -49.77 -22.37
CA ASP H 436 -26.18 -50.33 -22.48
C ASP H 436 -27.00 -49.47 -23.47
N ALA H 437 -28.32 -49.73 -23.56
CA ALA H 437 -29.16 -49.03 -24.54
C ALA H 437 -29.24 -47.53 -24.27
N GLU H 438 -29.26 -47.12 -23.00
CA GLU H 438 -29.32 -45.71 -22.62
C GLU H 438 -28.00 -44.97 -22.80
N GLY H 439 -26.91 -45.66 -23.10
CA GLY H 439 -25.63 -45.02 -23.32
C GLY H 439 -24.74 -44.84 -22.12
N ASN H 440 -25.08 -45.40 -20.95
CA ASN H 440 -24.14 -45.45 -19.84
C ASN H 440 -23.02 -46.41 -20.18
N PHE H 441 -21.81 -46.02 -19.84
CA PHE H 441 -20.64 -46.89 -19.97
C PHE H 441 -20.54 -47.81 -18.76
N TYR H 442 -19.79 -48.90 -18.94
CA TYR H 442 -19.50 -49.87 -17.88
C TYR H 442 -18.02 -50.19 -17.92
N HIS H 443 -17.33 -50.09 -16.78
CA HIS H 443 -15.92 -50.48 -16.73
C HIS H 443 -15.83 -51.98 -16.57
N LEU H 444 -15.12 -52.64 -17.50
CA LEU H 444 -14.91 -54.07 -17.41
C LEU H 444 -13.54 -54.36 -16.81
N ASP H 445 -12.48 -53.90 -17.47
CA ASP H 445 -11.14 -54.23 -16.99
C ASP H 445 -10.12 -53.36 -17.70
N ARG H 446 -8.89 -53.34 -17.18
CA ARG H 446 -7.79 -52.75 -17.92
C ARG H 446 -7.57 -53.54 -19.21
N ALA H 447 -7.24 -52.84 -20.28
CA ALA H 447 -6.97 -53.51 -21.57
C ALA H 447 -5.92 -54.61 -21.48
N PRO H 448 -4.79 -54.47 -20.78
CA PRO H 448 -3.86 -55.61 -20.70
C PRO H 448 -4.42 -56.79 -19.91
N ASP H 449 -5.23 -56.54 -18.91
CA ASP H 449 -5.74 -57.64 -18.09
C ASP H 449 -6.82 -58.46 -18.80
N ALA H 450 -7.09 -58.33 -20.09
CA ALA H 450 -8.02 -59.22 -20.77
C ALA H 450 -7.28 -60.35 -21.48
N ILE H 451 -7.92 -61.52 -21.49
CA ILE H 451 -7.39 -62.75 -22.05
C ILE H 451 -8.45 -63.34 -22.95
N ARG H 452 -8.12 -63.55 -24.22
CA ARG H 452 -9.03 -64.21 -25.14
C ARG H 452 -8.80 -65.72 -25.07
N THR H 453 -9.82 -66.45 -24.66
CA THR H 453 -9.77 -67.90 -24.58
C THR H 453 -10.86 -68.44 -25.50
N GLU H 454 -10.75 -69.72 -25.86
CA GLU H 454 -11.79 -70.35 -26.67
C GLU H 454 -13.17 -70.22 -26.04
N ALA H 455 -13.24 -70.02 -24.72
CA ALA H 455 -14.49 -69.96 -23.99
C ALA H 455 -15.07 -68.54 -23.90
N GLY H 456 -14.30 -67.50 -24.23
CA GLY H 456 -14.77 -66.14 -24.17
C GLY H 456 -13.66 -65.20 -23.73
N ILE H 457 -14.05 -63.97 -23.37
CA ILE H 457 -13.08 -62.99 -22.88
C ILE H 457 -12.95 -63.13 -21.37
N VAL H 458 -11.77 -63.49 -20.92
CA VAL H 458 -11.49 -63.58 -19.49
C VAL H 458 -10.91 -62.24 -19.04
N PHE H 459 -11.63 -61.54 -18.16
CA PHE H 459 -11.13 -60.31 -17.56
C PHE H 459 -10.42 -60.64 -16.25
N SER H 460 -9.08 -60.62 -16.28
CA SER H 460 -8.25 -61.00 -15.14
C SER H 460 -8.75 -60.42 -13.81
N THR H 461 -8.94 -59.10 -13.75
CA THR H 461 -9.27 -58.46 -12.48
C THR H 461 -10.67 -58.85 -11.99
N ARG H 462 -11.65 -58.97 -12.91
CA ARG H 462 -13.00 -59.33 -12.49
C ARG H 462 -13.08 -60.78 -12.01
N THR H 463 -12.35 -61.69 -12.70
CA THR H 463 -12.30 -63.09 -12.27
C THR H 463 -11.59 -63.23 -10.93
N GLU H 464 -10.50 -62.47 -10.72
CA GLU H 464 -9.81 -62.50 -9.43
C GLU H 464 -10.75 -62.01 -8.33
N GLU H 465 -11.38 -60.86 -8.56
CA GLU H 465 -12.20 -60.26 -7.52
C GLU H 465 -13.42 -61.11 -7.21
N LEU H 466 -13.91 -61.88 -8.20
CA LEU H 466 -15.05 -62.73 -7.93
C LEU H 466 -14.63 -63.97 -7.13
N LEU H 467 -13.47 -64.53 -7.42
CA LEU H 467 -13.00 -65.68 -6.64
C LEU H 467 -12.72 -65.29 -5.20
N LEU H 468 -12.09 -64.14 -4.98
CA LEU H 468 -11.84 -63.73 -3.62
C LEU H 468 -13.13 -63.34 -2.92
N ALA H 469 -14.16 -62.93 -3.67
CA ALA H 469 -15.40 -62.53 -3.01
C ALA H 469 -16.26 -63.72 -2.65
N SER H 470 -15.89 -64.92 -3.10
CA SER H 470 -16.68 -66.14 -3.00
C SER H 470 -15.98 -67.26 -2.25
N LEU H 471 -14.66 -67.36 -2.34
CA LEU H 471 -13.90 -68.48 -1.78
C LEU H 471 -13.07 -68.02 -0.59
N PRO H 472 -13.56 -68.19 0.64
CA PRO H 472 -12.80 -67.71 1.81
C PRO H 472 -11.44 -68.37 1.97
N GLU H 473 -11.28 -69.62 1.53
CA GLU H 473 -9.99 -70.30 1.56
C GLU H 473 -8.85 -69.49 0.91
N LEU H 474 -9.18 -68.61 -0.04
CA LEU H 474 -8.16 -67.93 -0.83
C LEU H 474 -7.70 -66.67 -0.11
N ALA H 475 -6.43 -66.36 -0.24
CA ALA H 475 -5.87 -65.12 0.28
C ALA H 475 -5.50 -64.14 -0.82
N ASP H 476 -4.94 -64.64 -1.93
CA ASP H 476 -4.80 -63.86 -3.15
C ASP H 476 -4.98 -64.79 -4.35
N CYS H 477 -5.10 -64.19 -5.53
CA CYS H 477 -4.96 -64.98 -6.75
C CYS H 477 -4.60 -64.08 -7.91
N THR H 478 -3.95 -64.70 -8.88
CA THR H 478 -3.54 -64.06 -10.11
C THR H 478 -4.12 -64.86 -11.26
N VAL H 479 -4.83 -64.21 -12.16
CA VAL H 479 -5.12 -64.81 -13.45
C VAL H 479 -4.02 -64.39 -14.42
N THR H 480 -3.47 -65.38 -15.13
CA THR H 480 -2.42 -65.13 -16.09
C THR H 480 -2.73 -65.94 -17.32
N ALA H 481 -1.96 -65.73 -18.39
CA ALA H 481 -2.24 -66.40 -19.66
C ALA H 481 -1.00 -67.10 -20.19
N ILE H 482 -1.21 -68.26 -20.78
CA ILE H 482 -0.21 -68.92 -21.62
C ILE H 482 -0.89 -69.42 -22.89
N ALA H 483 -0.18 -69.29 -24.01
CA ALA H 483 -0.53 -69.97 -25.26
C ALA H 483 0.77 -70.33 -25.97
N GLU H 484 0.65 -70.92 -27.15
CA GLU H 484 1.81 -71.21 -27.97
C GLU H 484 2.55 -69.91 -28.28
N GLU H 485 3.86 -70.03 -28.48
CA GLU H 485 4.65 -68.85 -28.82
C GLU H 485 4.32 -68.42 -30.25
N GLY H 486 3.77 -67.21 -30.38
CA GLY H 486 3.29 -66.75 -31.66
C GLY H 486 1.85 -66.25 -31.64
N VAL H 487 0.94 -67.01 -31.03
CA VAL H 487 -0.46 -66.60 -31.00
C VAL H 487 -0.56 -65.31 -30.20
N ARG H 488 -1.40 -64.40 -30.69
CA ARG H 488 -1.68 -63.12 -30.04
C ARG H 488 -3.09 -63.19 -29.49
N ALA H 489 -3.22 -63.29 -28.17
CA ALA H 489 -4.52 -63.46 -27.54
C ALA H 489 -4.94 -62.26 -26.69
N ASP H 490 -4.15 -61.19 -26.68
CA ASP H 490 -4.50 -59.94 -26.01
C ASP H 490 -5.64 -59.26 -26.75
N TRP H 491 -5.87 -57.98 -26.42
CA TRP H 491 -7.00 -57.29 -27.01
C TRP H 491 -6.78 -56.97 -28.49
N ASP H 492 -5.54 -56.68 -28.89
CA ASP H 492 -5.23 -56.44 -30.31
C ASP H 492 -5.19 -57.72 -31.15
N GLY H 493 -5.07 -58.89 -30.52
CA GLY H 493 -4.72 -60.09 -31.25
C GLY H 493 -5.88 -60.81 -31.96
N ASP H 494 -5.48 -61.79 -32.75
CA ASP H 494 -6.37 -62.62 -33.55
C ASP H 494 -6.50 -64.05 -33.00
N GLY H 495 -5.66 -64.43 -32.05
CA GLY H 495 -5.62 -65.78 -31.54
C GLY H 495 -6.33 -65.94 -30.20
N VAL H 496 -5.95 -66.99 -29.49
CA VAL H 496 -6.60 -67.38 -28.25
C VAL H 496 -5.54 -67.99 -27.34
N ALA H 497 -5.68 -67.77 -26.04
CA ALA H 497 -4.80 -68.36 -25.03
C ALA H 497 -5.62 -69.17 -24.03
N GLU H 498 -4.90 -69.74 -23.06
CA GLU H 498 -5.50 -70.36 -21.89
C GLU H 498 -5.22 -69.52 -20.65
N ALA H 499 -6.26 -69.34 -19.82
CA ALA H 499 -6.14 -68.56 -18.59
C ALA H 499 -5.85 -69.49 -17.41
N TYR H 500 -4.79 -69.19 -16.67
CA TYR H 500 -4.38 -69.93 -15.49
C TYR H 500 -4.57 -69.09 -14.23
N VAL H 501 -5.16 -69.68 -13.20
CA VAL H 501 -5.26 -69.03 -11.89
C VAL H 501 -4.18 -69.60 -10.98
N LEU H 502 -3.44 -68.72 -10.32
CA LEU H 502 -2.51 -69.13 -9.27
C LEU H 502 -3.14 -68.80 -7.91
N LEU H 503 -3.45 -69.84 -7.14
CA LEU H 503 -4.17 -69.71 -5.87
C LEU H 503 -3.21 -69.71 -4.69
N GLN H 504 -3.46 -68.80 -3.76
CA GLN H 504 -2.69 -68.67 -2.53
C GLN H 504 -3.65 -68.79 -1.36
N PHE H 505 -3.49 -69.83 -0.54
CA PHE H 505 -4.50 -70.15 0.45
C PHE H 505 -4.22 -69.48 1.79
N THR H 506 -5.30 -69.12 2.48
CA THR H 506 -5.18 -68.56 3.82
C THR H 506 -4.94 -69.69 4.81
N ASP H 507 -4.13 -69.46 5.83
CA ASP H 507 -3.64 -70.61 6.59
C ASP H 507 -4.77 -71.29 7.37
N GLY H 508 -4.63 -72.61 7.52
CA GLY H 508 -5.64 -73.44 8.14
C GLY H 508 -6.84 -73.73 7.26
N ALA H 509 -6.71 -73.59 5.95
CA ALA H 509 -7.83 -73.82 5.04
C ALA H 509 -7.67 -75.15 4.34
N ARG H 510 -8.72 -75.97 4.40
CA ARG H 510 -8.76 -77.19 3.60
C ARG H 510 -8.66 -76.85 2.11
N GLU H 511 -7.68 -77.43 1.43
CA GLU H 511 -7.51 -77.22 -0.01
C GLU H 511 -8.27 -78.30 -0.78
N PRO H 512 -9.31 -77.96 -1.55
CA PRO H 512 -10.04 -78.99 -2.31
C PRO H 512 -9.11 -79.83 -3.19
N GLY H 513 -9.53 -81.07 -3.43
CA GLY H 513 -8.69 -81.96 -4.22
C GLY H 513 -8.54 -81.46 -5.65
N ASP H 514 -9.67 -81.07 -6.25
CA ASP H 514 -9.74 -80.60 -7.63
C ASP H 514 -9.84 -79.08 -7.59
N LEU H 515 -8.70 -78.41 -7.75
CA LEU H 515 -8.69 -76.95 -7.72
C LEU H 515 -9.48 -76.38 -8.90
N THR H 516 -9.17 -76.85 -10.11
CA THR H 516 -9.72 -76.26 -11.33
C THR H 516 -11.25 -76.25 -11.35
N GLY H 517 -11.89 -77.37 -11.02
CA GLY H 517 -13.35 -77.40 -11.03
C GLY H 517 -13.99 -76.62 -9.91
N TRP H 518 -13.25 -76.39 -8.82
CA TRP H 518 -13.75 -75.60 -7.70
C TRP H 518 -13.76 -74.12 -8.04
N VAL H 519 -12.69 -73.66 -8.70
CA VAL H 519 -12.64 -72.29 -9.22
C VAL H 519 -13.73 -72.09 -10.25
N ASN H 520 -13.78 -72.98 -11.25
CA ASN H 520 -14.74 -72.85 -12.33
C ASN H 520 -16.19 -73.00 -11.85
N GLU H 521 -16.42 -73.64 -10.71
CA GLU H 521 -17.78 -73.65 -10.17
C GLU H 521 -18.25 -72.23 -9.83
N VAL H 522 -17.38 -71.46 -9.16
CA VAL H 522 -17.73 -70.10 -8.77
C VAL H 522 -17.96 -69.25 -10.01
N LEU H 523 -17.07 -69.37 -11.01
CA LEU H 523 -17.18 -68.55 -12.22
C LEU H 523 -18.48 -68.85 -12.96
N ALA H 524 -18.82 -70.13 -13.14
CA ALA H 524 -20.01 -70.48 -13.90
C ALA H 524 -21.30 -70.00 -13.22
N GLY H 525 -21.29 -69.85 -11.89
CA GLY H 525 -22.50 -69.36 -11.25
C GLY H 525 -22.78 -67.91 -11.48
N GLN H 526 -21.83 -67.19 -12.07
CA GLN H 526 -21.97 -65.78 -12.39
C GLN H 526 -22.05 -65.53 -13.89
N GLY H 527 -21.84 -66.57 -14.71
CA GLY H 527 -21.79 -66.43 -16.15
C GLY H 527 -20.41 -66.22 -16.72
N PHE H 528 -19.37 -66.37 -15.93
CA PHE H 528 -18.04 -66.01 -16.37
C PHE H 528 -17.42 -67.12 -17.21
N PRO H 529 -16.57 -66.77 -18.17
CA PRO H 529 -15.73 -67.77 -18.84
C PRO H 529 -14.94 -68.56 -17.82
N PRO H 530 -14.91 -69.88 -17.95
CA PRO H 530 -14.08 -70.70 -17.06
C PRO H 530 -12.60 -70.59 -17.42
N VAL H 531 -11.76 -70.99 -16.45
CA VAL H 531 -10.32 -71.05 -16.66
C VAL H 531 -9.94 -72.48 -16.99
N THR H 532 -8.82 -72.63 -17.68
CA THR H 532 -8.37 -73.97 -18.06
C THR H 532 -7.75 -74.71 -16.87
N ARG H 533 -6.94 -74.02 -16.07
CA ARG H 533 -6.21 -74.68 -14.98
C ARG H 533 -6.01 -73.70 -13.82
N ALA H 534 -6.46 -74.11 -12.63
CA ALA H 534 -6.26 -73.35 -11.40
C ALA H 534 -5.28 -74.12 -10.54
N LEU H 535 -4.14 -73.50 -10.23
CA LEU H 535 -3.05 -74.15 -9.52
C LEU H 535 -2.73 -73.42 -8.24
N ARG H 536 -1.90 -74.06 -7.42
CA ARG H 536 -1.49 -73.52 -6.13
C ARG H 536 -0.04 -73.05 -6.24
N MET H 537 0.18 -71.75 -6.10
CA MET H 537 1.54 -71.25 -5.98
C MET H 537 1.99 -71.34 -4.53
N ASP H 538 3.28 -71.59 -4.33
CA ASP H 538 3.77 -71.89 -2.99
C ASP H 538 4.05 -70.62 -2.17
N SER H 539 3.32 -69.54 -2.46
CA SER H 539 3.49 -68.23 -1.81
C SER H 539 4.94 -67.74 -1.89
#